data_9MIA
#
_entry.id   9MIA
#
_cell.length_a   1.00
_cell.length_b   1.00
_cell.length_c   1.00
_cell.angle_alpha   90.00
_cell.angle_beta   90.00
_cell.angle_gamma   90.00
#
_symmetry.space_group_name_H-M   'P 1'
#
loop_
_entity.id
_entity.type
_entity.pdbx_description
1 polymer 'RM20A3 heavy chain Fv'
2 polymer '206-3G08 heavy chain Fv'
3 polymer 'RM20A3 light chain Fv'
4 polymer '206-3G08 lambda chain Fv'
5 polymer 'GT1.1 v4.1 SOSIP gp120'
6 polymer 'Envelope glycoprotein gp160'
7 branched 2-acetamido-2-deoxy-beta-D-glucopyranose-(1-4)-2-acetamido-2-deoxy-beta-D-glucopyranose
8 branched alpha-D-mannopyranose-(1-3)-beta-D-mannopyranose-(1-4)-2-acetamido-2-deoxy-beta-D-glucopyranose-(1-4)-2-acetamido-2-deoxy-beta-D-glucopyranose
9 non-polymer 2-acetamido-2-deoxy-beta-D-glucopyranose
#
loop_
_entity_poly.entity_id
_entity_poly.type
_entity_poly.pdbx_seq_one_letter_code
_entity_poly.pdbx_strand_id
1 'polypeptide(L)'
;EVQLVETGGGLVQPGGSLKLSCRASGYTFSSFAMSWVRQAPGKGLEWVSLINDRGGLTFYVDSVKGRFTISRDNSKNTLS
LQMHSLRDGDTAVYYCATGGMSSALQSSKYYFDFWGQGALVTVSS
;
G,J,O
2 'polypeptide(L)'
;QVQLVQSGAEVKKPGASVKVSCKASGYTFTGHYMHWVRQAPGQGLEWMGWINPYSSGTNYAQNFQGRVTMTRDTSITTAY
MELSRLRSDDTAVYYCARAPDYGDRWDFDYWGQGTLVTVSS
;
H,K,P
3 'polypeptide(L)'
;ALTQPPSVSGSPGQSVTISCTGTSSDIGSYNYVSWYQQHPGKAPKLMIYDVTQRPSGVSDRFSGSKSGNTASLTISGLQA
DDEADYYCSAYAGRQTFYIFGGGTRLTVLGQPKASPTVTLFPPSSEEL
;
I,M,Q
4 'polypeptide(L)'
;QSALTQPPSASGSPGQSVTISCTGTSSDVGGYNYVSWYQQHPGKAPKVIIYEVSKRPSGVPDRFSGSKSGNTASLTVSGL
QADDEADYYCSSYEVFGTGTKVTVL
;
L,N,R
5 'polypeptide(L)'
;MDAMKRGLCCVLLLCGAVFVSPSQEIHARFRRGARAENLWVTVYYGVPVWKDAETTLFCASDAKAYETKKHNVWATHACV
PTDPNPQEIHLENVTEEFNMWKNNMVEQMHTDIISLWDQSLKPCVKLTPLCVTLQCTNVTNNITDDMRGELKNCSFNMTT
ELRDKRQKVHALFYKLDIVPINENQNTSYRLINCNTAAITQACPKVSFEPIPIHYCAPAGFAILKCKDKKFNGTGPCPSV
STVQCTHGIKPVVSTQLLLNGSLAEEEVMIRSKDIRNNAKNILVQFNTPVQINCTRPNNNTRKSIRIGPGQWFYATGDII
GDIRQAHCNVSKATWNETLGKVVKQLRKHFGNNTIIRFANSSGGDLEVTTHSFNCGGEFFYCDTSGLFNSTWISNTSVQG
SNSTGSNDSITLPCRIKQIINMWQRIGQAMYAPPIQGVIRCVSNITGLILTRDGGSTDSTTETFRPSGGDMRDNWRSELY
KYKVVKIEPLGVAPTRCKRRVVGRRRRRR
;
A,C,E
6 'polypeptide(L)'
;AVGIGAVFLGFLGAAGSTMGAASMTLTVQARNLLSGIVQQQSNLLRAPEAQQHLLKLTVWGIKQLQARVLAVERYLRDQQ
LLGIWGCSGKLICCTNVPWNSSWSNRNLSEIWDNMTWLQWDKEISNYTQIIYGLLEESQNQQEKNEQDLLALD
;
B,D,F
#
loop_
_chem_comp.id
_chem_comp.type
_chem_comp.name
_chem_comp.formula
BMA D-saccharide, beta linking beta-D-mannopyranose 'C6 H12 O6'
MAN D-saccharide, alpha linking alpha-D-mannopyranose 'C6 H12 O6'
NAG D-saccharide, beta linking 2-acetamido-2-deoxy-beta-D-glucopyranose 'C8 H15 N O6'
#
# COMPACT_ATOMS: atom_id res chain seq x y z
N GLU A 1 -30.74 -37.93 -38.00
CA GLU A 1 -31.51 -38.05 -36.73
C GLU A 1 -32.22 -36.74 -36.37
N VAL A 2 -31.62 -35.61 -36.76
CA VAL A 2 -32.15 -34.29 -36.44
C VAL A 2 -33.57 -34.18 -36.98
N GLN A 3 -34.54 -34.09 -36.09
CA GLN A 3 -35.96 -34.05 -36.42
C GLN A 3 -36.53 -32.73 -35.93
N LEU A 4 -36.88 -31.85 -36.87
CA LEU A 4 -37.62 -30.62 -36.60
C LEU A 4 -39.09 -30.80 -36.98
N VAL A 5 -40.00 -30.43 -36.08
CA VAL A 5 -41.43 -30.68 -36.25
C VAL A 5 -42.19 -29.42 -35.85
N GLU A 6 -42.73 -28.70 -36.83
CA GLU A 6 -43.51 -27.50 -36.55
C GLU A 6 -44.98 -27.84 -36.30
N THR A 7 -45.60 -27.00 -35.48
CA THR A 7 -47.02 -27.07 -35.17
C THR A 7 -47.54 -25.65 -35.00
N GLY A 8 -48.82 -25.55 -34.66
CA GLY A 8 -49.48 -24.27 -34.51
C GLY A 8 -49.90 -23.63 -35.81
N GLY A 9 -49.70 -24.30 -36.95
CA GLY A 9 -50.03 -23.73 -38.24
C GLY A 9 -51.46 -24.02 -38.64
N GLY A 10 -52.09 -23.06 -39.32
CA GLY A 10 -53.48 -23.19 -39.70
C GLY A 10 -53.96 -22.04 -40.56
N LEU A 11 -55.12 -21.48 -40.22
CA LEU A 11 -55.75 -20.40 -40.96
C LEU A 11 -56.16 -19.30 -40.00
N VAL A 12 -56.06 -18.06 -40.46
CA VAL A 12 -56.36 -16.87 -39.66
C VAL A 12 -56.80 -15.76 -40.60
N GLN A 13 -57.34 -14.70 -40.03
CA GLN A 13 -57.85 -13.54 -40.74
C GLN A 13 -56.84 -12.41 -40.70
N PRO A 14 -56.97 -11.39 -41.56
CA PRO A 14 -56.13 -10.20 -41.43
C PRO A 14 -56.23 -9.61 -40.03
N GLY A 15 -55.10 -9.12 -39.52
CA GLY A 15 -55.02 -8.71 -38.14
C GLY A 15 -54.85 -9.84 -37.14
N GLY A 16 -54.78 -11.09 -37.60
CA GLY A 16 -54.64 -12.21 -36.70
C GLY A 16 -53.34 -12.22 -35.95
N SER A 17 -53.31 -13.03 -34.89
CA SER A 17 -52.16 -13.18 -33.99
C SER A 17 -51.86 -14.68 -33.92
N LEU A 18 -50.99 -15.16 -34.80
CA LEU A 18 -50.75 -16.59 -34.97
C LEU A 18 -49.40 -16.98 -34.37
N LYS A 19 -49.39 -18.05 -33.58
CA LYS A 19 -48.21 -18.60 -32.92
C LYS A 19 -47.86 -19.97 -33.51
N LEU A 20 -46.65 -20.10 -34.06
CA LEU A 20 -46.09 -21.39 -34.46
C LEU A 20 -45.03 -21.83 -33.46
N SER A 21 -44.85 -23.15 -33.36
CA SER A 21 -43.86 -23.74 -32.48
C SER A 21 -43.18 -24.91 -33.16
N CYS A 22 -41.85 -24.86 -33.22
CA CYS A 22 -41.02 -25.89 -33.83
C CYS A 22 -40.30 -26.65 -32.72
N ARG A 23 -40.52 -27.96 -32.65
CA ARG A 23 -39.88 -28.83 -31.67
C ARG A 23 -38.70 -29.52 -32.33
N ALA A 24 -37.57 -29.55 -31.64
CA ALA A 24 -36.33 -30.08 -32.16
C ALA A 24 -35.92 -31.31 -31.38
N SER A 25 -35.30 -32.26 -32.08
CA SER A 25 -34.73 -33.43 -31.41
C SER A 25 -33.57 -33.95 -32.25
N GLY A 26 -32.71 -34.75 -31.62
CA GLY A 26 -31.60 -35.38 -32.29
C GLY A 26 -30.29 -34.62 -32.23
N TYR A 27 -30.26 -33.45 -31.61
CA TYR A 27 -29.03 -32.67 -31.48
C TYR A 27 -29.18 -31.72 -30.30
N THR A 28 -28.07 -31.07 -29.95
CA THR A 28 -28.06 -30.11 -28.85
C THR A 28 -28.73 -28.83 -29.33
N PHE A 29 -29.94 -28.56 -28.81
CA PHE A 29 -30.70 -27.41 -29.27
C PHE A 29 -30.01 -26.10 -28.90
N SER A 30 -29.52 -26.00 -27.68
CA SER A 30 -28.91 -24.76 -27.18
C SER A 30 -27.59 -24.43 -27.85
N SER A 31 -27.01 -25.34 -28.63
CA SER A 31 -25.72 -25.12 -29.26
C SER A 31 -25.82 -24.51 -30.66
N PHE A 32 -27.02 -24.37 -31.21
CA PHE A 32 -27.21 -23.91 -32.59
C PHE A 32 -28.16 -22.72 -32.62
N ALA A 33 -27.89 -21.81 -33.55
CA ALA A 33 -28.83 -20.74 -33.86
C ALA A 33 -29.95 -21.29 -34.74
N MET A 34 -31.11 -20.64 -34.68
CA MET A 34 -32.28 -21.08 -35.42
C MET A 34 -32.82 -19.92 -36.25
N SER A 35 -33.48 -20.27 -37.36
CA SER A 35 -34.10 -19.29 -38.24
C SER A 35 -35.48 -19.76 -38.64
N TRP A 36 -36.31 -18.79 -39.04
CA TRP A 36 -37.56 -19.04 -39.73
C TRP A 36 -37.45 -18.49 -41.14
N VAL A 37 -37.80 -19.33 -42.12
CA VAL A 37 -37.75 -19.00 -43.53
C VAL A 37 -39.11 -19.39 -44.11
N ARG A 38 -39.67 -18.53 -44.98
CA ARG A 38 -40.99 -18.76 -45.53
C ARG A 38 -40.94 -18.85 -47.04
N GLN A 39 -41.90 -19.61 -47.59
CA GLN A 39 -42.06 -19.82 -49.02
C GLN A 39 -43.52 -19.62 -49.38
N ALA A 40 -43.82 -18.60 -50.16
CA ALA A 40 -45.18 -18.43 -50.63
C ALA A 40 -45.54 -19.57 -51.57
N PRO A 41 -46.84 -19.89 -51.71
CA PRO A 41 -47.22 -21.04 -52.55
C PRO A 41 -46.70 -20.96 -53.98
N GLY A 42 -46.64 -19.78 -54.58
CA GLY A 42 -46.19 -19.60 -55.94
C GLY A 42 -44.85 -18.93 -56.14
N LYS A 43 -44.08 -18.70 -55.08
CA LYS A 43 -42.80 -18.00 -55.14
C LYS A 43 -41.71 -18.90 -54.55
N GLY A 44 -40.51 -18.33 -54.44
CA GLY A 44 -39.37 -19.03 -53.86
C GLY A 44 -39.27 -18.80 -52.36
N LEU A 45 -38.06 -19.01 -51.85
CA LEU A 45 -37.79 -18.94 -50.42
C LEU A 45 -37.52 -17.50 -50.01
N GLU A 46 -37.96 -17.14 -48.81
CA GLU A 46 -37.66 -15.84 -48.21
C GLU A 46 -37.30 -16.05 -46.75
N TRP A 47 -36.17 -15.51 -46.32
CA TRP A 47 -35.79 -15.55 -44.92
C TRP A 47 -36.63 -14.57 -44.12
N VAL A 48 -37.10 -15.01 -42.96
CA VAL A 48 -38.02 -14.23 -42.12
C VAL A 48 -37.33 -13.73 -40.86
N SER A 49 -36.72 -14.63 -40.09
CA SER A 49 -36.17 -14.22 -38.80
C SER A 49 -35.04 -15.15 -38.38
N LEU A 50 -34.22 -14.65 -37.46
CA LEU A 50 -33.05 -15.35 -36.94
C LEU A 50 -32.94 -15.11 -35.45
N ILE A 51 -32.66 -16.18 -34.69
CA ILE A 51 -32.41 -16.10 -33.26
C ILE A 51 -31.13 -16.88 -32.96
N ASN A 52 -30.30 -16.33 -32.07
CA ASN A 52 -29.01 -16.93 -31.76
C ASN A 52 -29.19 -18.13 -30.82
N ASP A 53 -28.07 -18.77 -30.49
CA ASP A 53 -28.09 -19.99 -29.69
C ASP A 53 -28.58 -19.75 -28.27
N ARG A 54 -28.36 -18.56 -27.71
CA ARG A 54 -28.80 -18.25 -26.35
C ARG A 54 -30.16 -17.58 -26.30
N GLY A 55 -30.75 -17.24 -27.45
CA GLY A 55 -32.05 -16.60 -27.46
C GLY A 55 -32.06 -15.15 -27.03
N GLY A 56 -30.93 -14.45 -27.13
CA GLY A 56 -30.82 -13.07 -26.68
C GLY A 56 -30.74 -12.07 -27.82
N LEU A 57 -30.34 -12.53 -29.01
CA LEU A 57 -30.19 -11.69 -30.19
C LEU A 57 -31.19 -12.17 -31.24
N THR A 58 -32.04 -11.26 -31.70
CA THR A 58 -33.07 -11.57 -32.69
C THR A 58 -32.96 -10.59 -33.85
N PHE A 59 -33.16 -11.11 -35.06
CA PHE A 59 -33.08 -10.33 -36.29
C PHE A 59 -34.28 -10.66 -37.17
N TYR A 60 -34.78 -9.64 -37.88
CA TYR A 60 -35.98 -9.78 -38.70
C TYR A 60 -35.77 -9.03 -40.01
N VAL A 61 -36.54 -9.41 -41.03
CA VAL A 61 -36.62 -8.59 -42.25
C VAL A 61 -37.47 -7.36 -41.96
N ASP A 62 -37.19 -6.28 -42.69
CA ASP A 62 -37.89 -5.02 -42.49
C ASP A 62 -39.40 -5.18 -42.63
N SER A 63 -39.84 -6.05 -43.55
CA SER A 63 -41.27 -6.19 -43.82
C SER A 63 -42.04 -6.78 -42.64
N VAL A 64 -41.36 -7.42 -41.68
CA VAL A 64 -42.02 -8.05 -40.54
C VAL A 64 -41.41 -7.58 -39.23
N LYS A 65 -40.52 -6.59 -39.29
CA LYS A 65 -39.65 -6.28 -38.15
C LYS A 65 -40.44 -5.88 -36.92
N GLY A 66 -41.52 -5.13 -37.09
CA GLY A 66 -42.36 -4.70 -35.99
C GLY A 66 -43.57 -5.57 -35.69
N ARG A 67 -43.70 -6.71 -36.37
CA ARG A 67 -44.88 -7.58 -36.25
C ARG A 67 -44.56 -8.98 -35.77
N PHE A 68 -43.41 -9.53 -36.17
CA PHE A 68 -43.02 -10.88 -35.83
C PHE A 68 -42.12 -10.87 -34.60
N THR A 69 -42.11 -11.98 -33.87
CA THR A 69 -41.30 -12.11 -32.66
C THR A 69 -40.83 -13.55 -32.59
N ILE A 70 -39.54 -13.76 -32.82
CA ILE A 70 -38.91 -15.06 -32.70
C ILE A 70 -38.51 -15.24 -31.25
N SER A 71 -38.59 -16.47 -30.75
CA SER A 71 -38.21 -16.75 -29.38
C SER A 71 -37.84 -18.22 -29.28
N ARG A 72 -37.16 -18.58 -28.20
CA ARG A 72 -36.70 -19.94 -28.02
C ARG A 72 -36.67 -20.28 -26.54
N ASP A 73 -36.88 -21.56 -26.26
CA ASP A 73 -36.70 -22.13 -24.92
C ASP A 73 -35.77 -23.32 -25.08
N ASN A 74 -34.63 -23.26 -24.40
CA ASN A 74 -33.57 -24.24 -24.57
C ASN A 74 -33.73 -25.44 -23.66
N SER A 75 -34.54 -25.32 -22.60
CA SER A 75 -34.83 -26.47 -21.75
C SER A 75 -35.84 -27.39 -22.43
N LYS A 76 -36.86 -26.81 -23.05
CA LYS A 76 -37.90 -27.57 -23.73
C LYS A 76 -37.57 -27.86 -25.19
N ASN A 77 -36.46 -27.31 -25.71
CA ASN A 77 -36.04 -27.51 -27.10
C ASN A 77 -37.05 -26.96 -28.09
N THR A 78 -37.72 -25.85 -27.75
CA THR A 78 -38.82 -25.32 -28.56
C THR A 78 -38.47 -23.94 -29.10
N LEU A 79 -38.53 -23.80 -30.43
CA LEU A 79 -38.43 -22.52 -31.11
C LEU A 79 -39.86 -22.07 -31.36
N SER A 80 -40.10 -20.77 -31.30
CA SER A 80 -41.45 -20.26 -31.50
C SER A 80 -41.43 -18.95 -32.27
N LEU A 81 -42.52 -18.71 -32.99
CA LEU A 81 -42.70 -17.49 -33.77
C LEU A 81 -44.11 -16.96 -33.54
N GLN A 82 -44.21 -15.77 -32.96
CA GLN A 82 -45.48 -15.08 -32.73
C GLN A 82 -45.59 -13.94 -33.73
N MET A 83 -46.57 -14.04 -34.64
CA MET A 83 -46.81 -12.99 -35.63
C MET A 83 -48.10 -12.27 -35.27
N HIS A 84 -48.02 -10.95 -35.14
CA HIS A 84 -49.16 -10.08 -34.90
C HIS A 84 -49.44 -9.27 -36.16
N SER A 85 -50.70 -8.82 -36.29
CA SER A 85 -51.13 -7.98 -37.39
C SER A 85 -50.79 -8.61 -38.75
N LEU A 86 -51.15 -9.88 -38.90
CA LEU A 86 -50.82 -10.61 -40.11
C LEU A 86 -51.48 -9.99 -41.34
N ARG A 87 -50.69 -9.87 -42.40
CA ARG A 87 -51.07 -9.24 -43.66
C ARG A 87 -51.24 -10.30 -44.74
N ASP A 88 -51.87 -9.89 -45.84
CA ASP A 88 -52.11 -10.83 -46.94
C ASP A 88 -50.81 -11.35 -47.54
N GLY A 89 -49.75 -10.55 -47.48
CA GLY A 89 -48.45 -11.00 -47.98
C GLY A 89 -47.76 -12.05 -47.14
N ASP A 90 -48.31 -12.37 -45.96
CA ASP A 90 -47.70 -13.33 -45.06
C ASP A 90 -48.18 -14.76 -45.28
N THR A 91 -49.01 -15.00 -46.29
CA THR A 91 -49.45 -16.36 -46.62
C THR A 91 -48.27 -17.15 -47.16
N ALA A 92 -47.92 -18.25 -46.48
CA ALA A 92 -46.74 -19.01 -46.89
C ALA A 92 -46.62 -20.28 -46.06
N VAL A 93 -45.77 -21.19 -46.52
CA VAL A 93 -45.27 -22.29 -45.71
C VAL A 93 -44.07 -21.75 -44.93
N TYR A 94 -44.15 -21.79 -43.60
CA TYR A 94 -43.07 -21.36 -42.73
C TYR A 94 -42.28 -22.59 -42.31
N TYR A 95 -40.96 -22.51 -42.40
CA TYR A 95 -40.05 -23.57 -42.01
C TYR A 95 -39.16 -23.05 -40.90
N CYS A 96 -38.90 -23.90 -39.91
CA CYS A 96 -37.87 -23.66 -38.92
C CYS A 96 -36.62 -24.39 -39.38
N ALA A 97 -35.46 -23.79 -39.13
CA ALA A 97 -34.21 -24.37 -39.59
C ALA A 97 -33.12 -24.07 -38.59
N THR A 98 -32.13 -24.95 -38.55
CA THR A 98 -30.97 -24.78 -37.69
C THR A 98 -29.86 -24.09 -38.47
N GLY A 99 -29.34 -23.01 -37.92
CA GLY A 99 -28.27 -22.25 -38.52
C GLY A 99 -28.70 -20.83 -38.87
N GLY A 100 -27.74 -20.10 -39.41
CA GLY A 100 -27.89 -18.70 -39.75
C GLY A 100 -26.90 -17.79 -39.06
N MET A 101 -26.31 -18.24 -37.96
CA MET A 101 -25.26 -17.50 -37.26
C MET A 101 -24.68 -18.43 -36.22
N SER A 102 -23.62 -17.97 -35.57
CA SER A 102 -23.00 -18.70 -34.48
C SER A 102 -22.28 -17.68 -33.60
N SER A 103 -21.88 -18.14 -32.42
CA SER A 103 -21.19 -17.25 -31.51
C SER A 103 -19.74 -17.06 -31.97
N ALA A 104 -19.06 -16.11 -31.33
CA ALA A 104 -17.68 -15.80 -31.72
C ALA A 104 -16.76 -16.99 -31.51
N LEU A 105 -17.10 -17.89 -30.58
CA LEU A 105 -16.26 -19.02 -30.23
C LEU A 105 -16.46 -20.24 -31.13
N GLN A 106 -17.35 -20.17 -32.11
CA GLN A 106 -17.63 -21.27 -33.03
C GLN A 106 -17.25 -20.85 -34.45
N SER A 107 -17.23 -21.83 -35.34
CA SER A 107 -17.01 -21.53 -36.75
C SER A 107 -18.27 -20.91 -37.36
N SER A 108 -18.08 -20.21 -38.48
CA SER A 108 -19.19 -19.53 -39.12
C SER A 108 -20.21 -20.55 -39.62
N LYS A 109 -21.48 -20.28 -39.36
CA LYS A 109 -22.59 -21.07 -39.84
C LYS A 109 -23.60 -20.19 -40.57
N TYR A 110 -23.11 -19.45 -41.56
CA TYR A 110 -23.96 -18.56 -42.37
C TYR A 110 -24.71 -19.36 -43.44
N TYR A 111 -25.51 -20.31 -42.98
CA TYR A 111 -26.32 -21.16 -43.83
C TYR A 111 -27.29 -21.91 -42.93
N PHE A 112 -28.30 -22.50 -43.55
CA PHE A 112 -29.33 -23.25 -42.84
C PHE A 112 -29.04 -24.73 -43.07
N ASP A 113 -28.61 -25.42 -42.02
CA ASP A 113 -28.11 -26.78 -42.15
C ASP A 113 -29.24 -27.80 -42.20
N PHE A 114 -30.14 -27.74 -41.22
CA PHE A 114 -31.24 -28.66 -41.09
C PHE A 114 -32.54 -27.88 -41.17
N TRP A 115 -33.60 -28.57 -41.61
CA TRP A 115 -34.87 -27.92 -41.95
C TRP A 115 -36.02 -28.71 -41.36
N GLY A 116 -37.18 -28.05 -41.30
CA GLY A 116 -38.39 -28.65 -40.77
C GLY A 116 -39.35 -29.08 -41.87
N GLN A 117 -40.42 -29.76 -41.45
CA GLN A 117 -41.42 -30.23 -42.40
C GLN A 117 -42.11 -29.06 -43.09
N GLY A 118 -42.34 -27.98 -42.36
CA GLY A 118 -43.07 -26.82 -42.85
C GLY A 118 -44.47 -26.74 -42.26
N ALA A 119 -45.02 -25.53 -42.28
CA ALA A 119 -46.33 -25.27 -41.69
C ALA A 119 -47.04 -24.21 -42.52
N LEU A 120 -48.19 -24.56 -43.07
CA LEU A 120 -48.92 -23.66 -43.95
C LEU A 120 -49.65 -22.61 -43.12
N VAL A 121 -49.60 -21.36 -43.57
CA VAL A 121 -50.30 -20.24 -42.94
C VAL A 121 -51.01 -19.47 -44.04
N THR A 122 -52.33 -19.37 -43.92
CA THR A 122 -53.19 -18.68 -44.88
C THR A 122 -53.85 -17.49 -44.18
N VAL A 123 -53.47 -16.29 -44.57
CA VAL A 123 -54.04 -15.07 -43.99
C VAL A 123 -55.28 -14.70 -44.78
N GLN B 1 36.47 -17.99 -0.79
CA GLN B 1 37.10 -19.27 -1.19
C GLN B 1 36.72 -20.36 -0.19
N VAL B 2 36.14 -21.44 -0.69
CA VAL B 2 35.78 -22.58 0.15
C VAL B 2 37.04 -23.38 0.45
N GLN B 3 37.26 -23.66 1.73
CA GLN B 3 38.43 -24.43 2.16
C GLN B 3 38.04 -25.41 3.26
N LEU B 4 38.72 -26.55 3.25
CA LEU B 4 38.64 -27.54 4.31
C LEU B 4 40.06 -27.86 4.75
N VAL B 5 40.35 -27.67 6.03
CA VAL B 5 41.69 -27.85 6.58
C VAL B 5 41.60 -28.90 7.67
N GLN B 6 42.30 -30.02 7.48
CA GLN B 6 42.28 -31.14 8.40
C GLN B 6 43.51 -31.13 9.30
N SER B 7 43.42 -31.86 10.41
CA SER B 7 44.54 -31.99 11.32
C SER B 7 45.67 -32.79 10.68
N GLY B 8 46.85 -32.70 11.28
CA GLY B 8 48.02 -33.35 10.73
C GLY B 8 48.05 -34.85 10.98
N ALA B 9 49.02 -35.49 10.36
CA ALA B 9 49.12 -36.95 10.42
C ALA B 9 49.38 -37.42 11.84
N GLU B 10 48.92 -38.64 12.14
CA GLU B 10 49.05 -39.21 13.47
C GLU B 10 49.52 -40.66 13.42
N VAL B 11 50.19 -41.06 14.50
CA VAL B 11 50.70 -42.40 14.71
C VAL B 11 50.01 -42.94 15.95
N LYS B 12 49.33 -44.09 15.82
CA LYS B 12 48.59 -44.68 16.93
C LYS B 12 48.95 -46.16 17.05
N LYS B 13 48.76 -46.68 18.30
CA LYS B 13 48.87 -48.11 18.57
C LYS B 13 47.48 -48.77 18.52
N PRO B 14 47.39 -50.07 18.24
CA PRO B 14 46.08 -50.73 18.29
C PRO B 14 45.45 -50.62 19.68
N GLY B 15 44.14 -50.38 19.69
CA GLY B 15 43.37 -50.21 20.91
C GLY B 15 43.15 -48.77 21.31
N ALA B 16 43.93 -47.84 20.77
CA ALA B 16 43.76 -46.43 21.04
C ALA B 16 42.58 -45.88 20.25
N SER B 17 42.24 -44.62 20.53
CA SER B 17 41.28 -43.86 19.75
C SER B 17 41.99 -42.71 19.03
N VAL B 18 41.48 -42.36 17.86
CA VAL B 18 42.02 -41.24 17.07
C VAL B 18 40.86 -40.34 16.69
N LYS B 19 41.04 -39.04 16.86
CA LYS B 19 40.03 -38.03 16.55
C LYS B 19 40.61 -37.04 15.54
N VAL B 20 40.02 -36.99 14.34
CA VAL B 20 40.46 -36.16 13.25
C VAL B 20 39.47 -35.02 13.07
N SER B 21 39.97 -33.80 13.06
CA SER B 21 39.16 -32.61 12.87
C SER B 21 39.20 -32.15 11.41
N CYS B 22 38.23 -31.30 11.07
CA CYS B 22 38.15 -30.70 9.73
C CYS B 22 37.51 -29.33 9.90
N LYS B 23 38.32 -28.28 9.79
CA LYS B 23 37.87 -26.91 9.89
C LYS B 23 37.41 -26.45 8.51
N ALA B 24 36.19 -25.93 8.43
CA ALA B 24 35.60 -25.50 7.17
C ALA B 24 35.51 -23.98 7.13
N SER B 25 35.64 -23.43 5.93
CA SER B 25 35.50 -21.99 5.75
C SER B 25 35.03 -21.70 4.33
N GLY B 26 34.46 -20.51 4.15
CA GLY B 26 34.04 -20.02 2.86
C GLY B 26 32.61 -20.32 2.47
N TYR B 27 31.82 -20.93 3.34
CA TYR B 27 30.43 -21.25 3.01
C TYR B 27 29.63 -21.38 4.30
N THR B 28 28.32 -21.45 4.15
CA THR B 28 27.44 -21.67 5.29
C THR B 28 27.58 -23.13 5.74
N PHE B 29 28.08 -23.32 6.97
CA PHE B 29 28.43 -24.65 7.44
C PHE B 29 27.21 -25.55 7.52
N THR B 30 26.09 -25.03 8.05
CA THR B 30 24.89 -25.83 8.26
C THR B 30 24.15 -26.17 6.97
N GLY B 31 24.57 -25.61 5.83
CA GLY B 31 23.87 -25.80 4.57
C GLY B 31 24.36 -26.93 3.68
N HIS B 32 25.40 -27.66 4.08
CA HIS B 32 25.96 -28.75 3.28
C HIS B 32 26.32 -29.90 4.20
N TYR B 33 26.02 -31.12 3.76
CA TYR B 33 26.41 -32.29 4.53
C TYR B 33 27.91 -32.47 4.47
N MET B 34 28.49 -32.97 5.57
CA MET B 34 29.91 -33.28 5.62
C MET B 34 30.08 -34.78 5.57
N HIS B 35 30.94 -35.26 4.69
CA HIS B 35 31.18 -36.69 4.50
C HIS B 35 32.62 -37.00 4.86
N TRP B 36 32.82 -38.18 5.46
CA TRP B 36 34.14 -38.70 5.76
C TRP B 36 34.37 -39.94 4.91
N VAL B 37 35.49 -39.93 4.20
CA VAL B 37 35.89 -40.98 3.26
C VAL B 37 37.36 -41.29 3.55
N ARG B 38 37.70 -42.57 3.64
CA ARG B 38 39.08 -42.98 3.88
C ARG B 38 39.63 -43.73 2.68
N GLN B 39 40.94 -43.60 2.47
CA GLN B 39 41.64 -44.33 1.41
C GLN B 39 42.92 -44.90 1.99
N ALA B 40 43.00 -46.23 2.08
CA ALA B 40 44.24 -46.85 2.51
C ALA B 40 45.28 -46.70 1.41
N PRO B 41 46.58 -46.64 1.76
CA PRO B 41 47.60 -46.46 0.72
C PRO B 41 47.57 -47.60 -0.30
N GLY B 42 47.57 -47.23 -1.58
CA GLY B 42 47.59 -48.19 -2.67
C GLY B 42 46.24 -48.80 -3.02
N GLN B 43 45.19 -48.49 -2.28
CA GLN B 43 43.85 -49.01 -2.53
C GLN B 43 42.92 -47.88 -2.94
N GLY B 44 41.67 -48.22 -3.19
CA GLY B 44 40.67 -47.26 -3.64
C GLY B 44 40.02 -46.50 -2.50
N LEU B 45 38.96 -45.79 -2.84
CA LEU B 45 38.25 -44.92 -1.90
C LEU B 45 37.18 -45.73 -1.17
N GLU B 46 37.09 -45.51 0.14
CA GLU B 46 36.08 -46.13 0.98
C GLU B 46 35.34 -45.03 1.73
N TRP B 47 34.03 -44.96 1.54
CA TRP B 47 33.20 -43.99 2.24
C TRP B 47 32.94 -44.46 3.66
N MET B 48 33.12 -43.57 4.63
CA MET B 48 32.94 -43.90 6.04
C MET B 48 31.61 -43.43 6.59
N GLY B 49 31.13 -42.26 6.18
CA GLY B 49 29.88 -41.79 6.75
C GLY B 49 29.64 -40.33 6.41
N TRP B 50 28.50 -39.83 6.89
CA TRP B 50 28.20 -38.41 6.80
C TRP B 50 27.62 -37.92 8.11
N ILE B 51 27.77 -36.62 8.33
CA ILE B 51 27.14 -35.88 9.41
C ILE B 51 26.41 -34.69 8.83
N ASN B 52 25.21 -34.46 9.34
CA ASN B 52 24.42 -33.29 9.00
C ASN B 52 24.85 -32.17 9.94
N PRO B 53 25.61 -31.16 9.49
CA PRO B 53 26.10 -30.15 10.43
C PRO B 53 25.01 -29.27 11.00
N TYR B 54 23.78 -29.34 10.50
CA TYR B 54 22.68 -28.54 11.02
C TYR B 54 21.95 -29.28 12.14
N SER B 55 21.40 -30.46 11.81
CA SER B 55 20.67 -31.24 12.79
C SER B 55 21.59 -32.02 13.73
N SER B 56 22.86 -32.22 13.36
CA SER B 56 23.86 -33.02 14.06
C SER B 56 23.68 -34.52 13.78
N GLY B 57 22.68 -34.92 13.00
CA GLY B 57 22.47 -36.34 12.75
C GLY B 57 23.60 -36.92 11.92
N THR B 58 23.82 -38.23 12.09
CA THR B 58 24.93 -38.93 11.47
C THR B 58 24.42 -40.20 10.77
N ASN B 59 25.27 -40.73 9.90
CA ASN B 59 25.02 -41.99 9.23
C ASN B 59 26.37 -42.64 8.96
N TYR B 60 26.57 -43.85 9.47
CA TYR B 60 27.83 -44.56 9.37
C TYR B 60 27.67 -45.78 8.47
N ALA B 61 28.74 -46.13 7.76
CA ALA B 61 28.77 -47.35 6.99
C ALA B 61 28.81 -48.55 7.92
N GLN B 62 28.29 -49.69 7.44
CA GLN B 62 28.22 -50.88 8.26
C GLN B 62 29.60 -51.38 8.67
N ASN B 63 30.64 -51.10 7.87
CA ASN B 63 31.99 -51.50 8.25
C ASN B 63 32.48 -50.77 9.48
N PHE B 64 31.96 -49.56 9.73
CA PHE B 64 32.41 -48.70 10.82
C PHE B 64 31.36 -48.50 11.91
N GLN B 65 30.12 -48.94 11.68
CA GLN B 65 29.07 -48.79 12.67
C GLN B 65 29.47 -49.47 13.97
N GLY B 66 29.41 -48.73 15.07
CA GLY B 66 29.81 -49.20 16.37
C GLY B 66 31.21 -48.79 16.78
N ARG B 67 32.04 -48.34 15.84
CA ARG B 67 33.39 -47.86 16.11
C ARG B 67 33.59 -46.38 15.83
N VAL B 68 32.86 -45.82 14.88
CA VAL B 68 33.09 -44.45 14.41
C VAL B 68 32.01 -43.55 15.00
N THR B 69 32.42 -42.37 15.44
CA THR B 69 31.53 -41.33 15.92
C THR B 69 31.86 -40.04 15.17
N MET B 70 30.83 -39.33 14.70
CA MET B 70 31.00 -38.05 14.04
C MET B 70 30.24 -36.97 14.80
N THR B 71 30.89 -35.82 14.97
CA THR B 71 30.38 -34.71 15.75
C THR B 71 30.66 -33.43 14.98
N ARG B 72 30.02 -32.34 15.38
CA ARG B 72 30.26 -31.05 14.76
C ARG B 72 30.15 -29.96 15.81
N ASP B 73 30.79 -28.82 15.51
CA ASP B 73 30.70 -27.62 16.32
C ASP B 73 30.49 -26.45 15.36
N THR B 74 29.30 -25.86 15.41
CA THR B 74 28.96 -24.76 14.52
C THR B 74 29.52 -23.42 15.01
N SER B 75 29.96 -23.34 16.27
CA SER B 75 30.53 -22.10 16.76
C SER B 75 31.91 -21.87 16.15
N ILE B 76 32.75 -22.91 16.10
CA ILE B 76 34.07 -22.84 15.48
C ILE B 76 34.09 -23.51 14.10
N THR B 77 32.94 -23.88 13.56
CA THR B 77 32.78 -24.42 12.20
C THR B 77 33.78 -25.56 11.96
N THR B 78 33.64 -26.62 12.75
CA THR B 78 34.56 -27.75 12.68
C THR B 78 33.79 -29.06 12.80
N ALA B 79 34.13 -30.02 11.96
CA ALA B 79 33.57 -31.36 12.00
C ALA B 79 34.62 -32.33 12.52
N TYR B 80 34.20 -33.31 13.31
CA TYR B 80 35.11 -34.25 13.94
C TYR B 80 34.67 -35.67 13.64
N MET B 81 35.66 -36.55 13.47
CA MET B 81 35.45 -37.98 13.29
C MET B 81 36.40 -38.72 14.21
N GLU B 82 35.86 -39.62 15.02
CA GLU B 82 36.62 -40.39 16.00
C GLU B 82 36.46 -41.87 15.69
N LEU B 83 37.59 -42.57 15.49
CA LEU B 83 37.64 -44.02 15.41
C LEU B 83 38.26 -44.58 16.69
N SER B 84 37.53 -45.45 17.36
CA SER B 84 38.03 -46.19 18.51
C SER B 84 38.48 -47.58 18.08
N ARG B 85 39.33 -48.18 18.90
CA ARG B 85 39.79 -49.56 18.72
C ARG B 85 40.40 -49.78 17.34
N LEU B 86 41.40 -48.96 17.01
CA LEU B 86 42.08 -49.10 15.72
C LEU B 86 42.74 -50.47 15.60
N ARG B 87 42.93 -50.89 14.35
CA ARG B 87 43.58 -52.14 14.00
C ARG B 87 44.67 -51.85 12.97
N SER B 88 45.38 -52.90 12.56
CA SER B 88 46.55 -52.70 11.69
C SER B 88 46.12 -52.19 10.31
N ASP B 89 45.05 -52.74 9.74
CA ASP B 89 44.60 -52.33 8.43
C ASP B 89 43.95 -50.95 8.41
N ASP B 90 43.66 -50.36 9.58
CA ASP B 90 42.98 -49.08 9.62
C ASP B 90 43.86 -47.91 9.17
N THR B 91 45.14 -48.13 8.91
CA THR B 91 46.01 -47.06 8.43
C THR B 91 45.49 -46.54 7.09
N ALA B 92 45.24 -45.23 7.02
CA ALA B 92 44.70 -44.67 5.79
C ALA B 92 44.79 -43.15 5.83
N VAL B 93 44.48 -42.54 4.68
CA VAL B 93 44.32 -41.10 4.53
C VAL B 93 42.83 -40.82 4.68
N TYR B 94 42.46 -40.15 5.77
CA TYR B 94 41.08 -39.81 6.08
C TYR B 94 40.77 -38.42 5.58
N TYR B 95 39.81 -38.30 4.66
CA TYR B 95 39.41 -37.04 4.05
C TYR B 95 38.03 -36.65 4.56
N CYS B 96 37.86 -35.34 4.78
CA CYS B 96 36.55 -34.72 4.94
C CYS B 96 36.19 -34.06 3.61
N ALA B 97 34.90 -34.11 3.27
CA ALA B 97 34.42 -33.62 1.99
C ALA B 97 33.08 -32.94 2.18
N ARG B 98 32.86 -31.87 1.42
CA ARG B 98 31.63 -31.09 1.51
C ARG B 98 30.72 -31.46 0.35
N ALA B 99 29.49 -31.85 0.67
CA ALA B 99 28.51 -32.12 -0.37
C ALA B 99 28.13 -30.80 -1.07
N PRO B 100 27.81 -30.84 -2.37
CA PRO B 100 27.45 -29.59 -3.06
C PRO B 100 26.23 -28.91 -2.49
N ASP B 101 25.33 -29.63 -1.82
CA ASP B 101 24.16 -29.01 -1.23
C ASP B 101 23.74 -29.84 -0.02
N TYR B 102 22.52 -29.62 0.47
CA TYR B 102 22.05 -30.20 1.73
C TYR B 102 21.64 -31.67 1.57
N GLY B 103 22.62 -32.50 1.25
CA GLY B 103 22.45 -33.93 1.27
C GLY B 103 21.86 -34.57 0.03
N ASP B 104 21.67 -33.80 -1.05
CA ASP B 104 21.07 -34.37 -2.26
C ASP B 104 22.11 -34.97 -3.19
N ARG B 105 23.29 -34.38 -3.26
CA ARG B 105 24.32 -34.75 -4.21
C ARG B 105 25.52 -35.34 -3.48
N TRP B 106 26.07 -36.41 -4.06
CA TRP B 106 27.23 -37.11 -3.54
C TRP B 106 28.50 -36.89 -4.37
N ASP B 107 28.49 -35.93 -5.29
CA ASP B 107 29.69 -35.57 -6.04
C ASP B 107 30.38 -34.47 -5.25
N PHE B 108 31.47 -34.81 -4.57
CA PHE B 108 32.02 -33.92 -3.56
C PHE B 108 32.83 -32.82 -4.23
N ASP B 109 32.36 -31.58 -4.07
CA ASP B 109 32.99 -30.45 -4.74
C ASP B 109 34.32 -30.09 -4.11
N TYR B 110 34.40 -30.13 -2.79
CA TYR B 110 35.59 -29.73 -2.05
C TYR B 110 36.02 -30.85 -1.10
N TRP B 111 37.34 -31.00 -0.96
CA TRP B 111 37.96 -32.00 -0.13
C TRP B 111 39.01 -31.33 0.75
N GLY B 112 39.29 -31.96 1.90
CA GLY B 112 40.38 -31.52 2.72
C GLY B 112 41.71 -32.04 2.18
N GLN B 113 42.77 -31.76 2.94
CA GLN B 113 44.09 -32.20 2.49
C GLN B 113 44.28 -33.70 2.68
N GLY B 114 43.62 -34.28 3.68
CA GLY B 114 43.75 -35.69 4.00
C GLY B 114 44.67 -35.87 5.19
N THR B 115 44.16 -36.53 6.23
CA THR B 115 44.92 -36.79 7.44
C THR B 115 45.42 -38.23 7.38
N LEU B 116 46.73 -38.41 7.33
CA LEU B 116 47.30 -39.75 7.29
C LEU B 116 47.40 -40.25 8.72
N VAL B 117 46.71 -41.36 9.00
CA VAL B 117 46.75 -42.01 10.31
C VAL B 117 47.37 -43.38 10.06
N THR B 118 48.47 -43.66 10.73
CA THR B 118 49.13 -44.96 10.64
C THR B 118 49.03 -45.68 11.98
N VAL B 119 48.67 -46.96 11.92
CA VAL B 119 48.48 -47.81 13.09
C VAL B 119 49.50 -48.93 13.01
N SER B 120 50.36 -49.03 14.03
CA SER B 120 51.39 -50.05 14.05
C SER B 120 51.82 -50.28 15.49
N SER B 121 52.49 -51.41 15.70
CA SER B 121 53.01 -51.78 17.01
C SER B 121 54.48 -51.38 17.15
N ALA C 1 -33.04 -9.19 -53.57
CA ALA C 1 -33.15 -10.55 -54.06
C ALA C 1 -32.09 -10.82 -55.12
N LEU C 2 -31.77 -12.10 -55.32
CA LEU C 2 -30.81 -12.53 -56.33
C LEU C 2 -31.54 -12.98 -57.59
N THR C 3 -30.91 -12.73 -58.74
CA THR C 3 -31.45 -13.14 -60.03
C THR C 3 -30.87 -14.50 -60.40
N GLN C 4 -31.75 -15.45 -60.73
CA GLN C 4 -31.37 -16.83 -60.98
C GLN C 4 -32.16 -17.33 -62.19
N PRO C 5 -31.55 -18.10 -63.10
CA PRO C 5 -32.28 -18.54 -64.31
C PRO C 5 -33.55 -19.30 -63.94
N PRO C 6 -34.69 -19.04 -64.61
CA PRO C 6 -35.93 -19.70 -64.15
C PRO C 6 -35.91 -21.20 -64.32
N SER C 7 -35.28 -21.73 -65.37
CA SER C 7 -35.22 -23.18 -65.56
C SER C 7 -34.04 -23.54 -66.45
N VAL C 8 -33.51 -24.74 -66.23
CA VAL C 8 -32.46 -25.33 -67.06
C VAL C 8 -32.82 -26.78 -67.33
N SER C 9 -32.15 -27.36 -68.32
CA SER C 9 -32.35 -28.76 -68.68
C SER C 9 -31.03 -29.42 -69.03
N GLY C 10 -30.99 -30.74 -68.85
CA GLY C 10 -29.82 -31.54 -69.18
C GLY C 10 -30.17 -33.00 -69.30
N SER C 11 -29.53 -33.69 -70.25
CA SER C 11 -29.74 -35.11 -70.43
C SER C 11 -29.00 -35.91 -69.37
N PRO C 12 -29.44 -37.14 -69.05
CA PRO C 12 -28.76 -37.91 -68.01
C PRO C 12 -27.30 -38.14 -68.35
N GLY C 13 -26.45 -38.11 -67.32
CA GLY C 13 -25.03 -38.25 -67.50
C GLY C 13 -24.31 -36.99 -67.94
N GLN C 14 -25.03 -35.95 -68.33
CA GLN C 14 -24.45 -34.68 -68.71
C GLN C 14 -24.30 -33.82 -67.45
N SER C 15 -23.63 -32.68 -67.59
CA SER C 15 -23.35 -31.77 -66.50
C SER C 15 -23.95 -30.40 -66.80
N VAL C 16 -24.63 -29.82 -65.81
CA VAL C 16 -25.31 -28.54 -65.93
C VAL C 16 -24.64 -27.60 -64.94
N THR C 17 -24.79 -26.29 -65.18
CA THR C 17 -24.18 -25.26 -64.33
C THR C 17 -25.24 -24.19 -64.13
N ILE C 18 -26.02 -24.35 -63.06
CA ILE C 18 -26.97 -23.31 -62.66
C ILE C 18 -26.18 -22.08 -62.23
N SER C 19 -26.66 -20.90 -62.61
CA SER C 19 -25.99 -19.64 -62.33
C SER C 19 -26.80 -18.83 -61.33
N CYS C 20 -26.19 -17.74 -60.84
CA CYS C 20 -26.81 -16.93 -59.80
C CYS C 20 -26.08 -15.61 -59.74
N THR C 21 -26.80 -14.50 -59.87
CA THR C 21 -26.20 -13.18 -59.98
C THR C 21 -26.72 -12.30 -58.86
N GLY C 22 -25.79 -11.59 -58.20
CA GLY C 22 -26.14 -10.70 -57.11
C GLY C 22 -25.35 -9.41 -57.19
N THR C 23 -25.73 -8.48 -56.31
CA THR C 23 -25.05 -7.19 -56.23
C THR C 23 -23.66 -7.41 -55.62
N SER C 24 -22.85 -6.34 -55.59
CA SER C 24 -21.51 -6.46 -55.02
C SER C 24 -21.52 -6.44 -53.49
N SER C 25 -22.58 -5.90 -52.88
CA SER C 25 -22.66 -5.84 -51.43
C SER C 25 -22.89 -7.20 -50.77
N ASP C 26 -23.30 -8.24 -51.53
CA ASP C 26 -23.63 -9.53 -50.94
C ASP C 26 -22.77 -10.68 -51.46
N ILE C 27 -22.85 -11.05 -52.74
CA ILE C 27 -22.01 -12.13 -53.24
C ILE C 27 -20.56 -11.65 -53.37
N GLY C 28 -20.36 -10.40 -53.73
CA GLY C 28 -19.03 -9.87 -53.95
C GLY C 28 -18.35 -9.30 -52.73
N SER C 29 -19.01 -9.35 -51.57
CA SER C 29 -18.46 -8.85 -50.32
C SER C 29 -18.20 -9.94 -49.30
N TYR C 30 -18.96 -11.04 -49.35
CA TYR C 30 -18.85 -12.15 -48.41
C TYR C 30 -18.76 -13.45 -49.18
N ASN C 31 -17.90 -14.35 -48.71
CA ASN C 31 -17.75 -15.68 -49.30
C ASN C 31 -18.68 -16.69 -48.61
N TYR C 32 -19.96 -16.33 -48.53
CA TYR C 32 -20.98 -17.16 -47.88
C TYR C 32 -22.17 -17.26 -48.84
N VAL C 33 -22.05 -18.14 -49.83
CA VAL C 33 -23.12 -18.44 -50.76
C VAL C 33 -23.41 -19.92 -50.64
N SER C 34 -24.66 -20.25 -50.32
CA SER C 34 -25.11 -21.62 -50.14
C SER C 34 -26.22 -21.95 -51.14
N TRP C 35 -26.32 -23.23 -51.47
CA TRP C 35 -27.29 -23.75 -52.43
C TRP C 35 -28.15 -24.82 -51.79
N TYR C 36 -29.45 -24.75 -52.07
CA TYR C 36 -30.46 -25.66 -51.53
C TYR C 36 -31.24 -26.33 -52.65
N GLN C 37 -31.59 -27.60 -52.43
CA GLN C 37 -32.38 -28.40 -53.35
C GLN C 37 -33.70 -28.75 -52.67
N GLN C 38 -34.81 -28.34 -53.27
CA GLN C 38 -36.15 -28.60 -52.75
C GLN C 38 -36.91 -29.44 -53.77
N HIS C 39 -37.26 -30.67 -53.39
CA HIS C 39 -38.17 -31.46 -54.20
C HIS C 39 -39.61 -30.97 -53.98
N PRO C 40 -40.49 -31.10 -54.98
CA PRO C 40 -41.89 -30.70 -54.75
C PRO C 40 -42.51 -31.49 -53.61
N GLY C 41 -43.19 -30.77 -52.72
CA GLY C 41 -43.86 -31.37 -51.58
C GLY C 41 -43.01 -31.53 -50.34
N LYS C 42 -41.70 -31.26 -50.42
CA LYS C 42 -40.77 -31.38 -49.30
C LYS C 42 -40.11 -30.03 -49.04
N ALA C 43 -39.29 -29.99 -48.00
CA ALA C 43 -38.60 -28.79 -47.57
C ALA C 43 -37.17 -28.79 -48.12
N PRO C 44 -36.53 -27.62 -48.25
CA PRO C 44 -35.20 -27.56 -48.86
C PRO C 44 -34.18 -28.41 -48.11
N LYS C 45 -33.05 -28.61 -48.76
CA LYS C 45 -31.93 -29.35 -48.19
C LYS C 45 -30.64 -28.70 -48.66
N LEU C 46 -29.71 -28.49 -47.74
CA LEU C 46 -28.48 -27.74 -48.02
C LEU C 46 -27.55 -28.62 -48.84
N MET C 47 -27.55 -28.42 -50.16
CA MET C 47 -26.59 -29.08 -51.02
C MET C 47 -25.18 -28.54 -50.80
N ILE C 48 -25.01 -27.22 -50.72
CA ILE C 48 -23.68 -26.62 -50.61
C ILE C 48 -23.75 -25.41 -49.69
N TYR C 49 -22.65 -25.16 -48.98
CA TYR C 49 -22.48 -23.99 -48.14
C TYR C 49 -21.07 -23.44 -48.34
N ASP C 50 -20.91 -22.14 -48.08
CA ASP C 50 -19.59 -21.49 -48.16
C ASP C 50 -19.00 -21.61 -49.56
N VAL C 51 -19.87 -21.56 -50.56
CA VAL C 51 -19.54 -21.52 -51.99
C VAL C 51 -19.11 -22.90 -52.46
N THR C 52 -18.04 -23.45 -51.88
CA THR C 52 -17.40 -24.66 -52.41
C THR C 52 -17.50 -25.88 -51.49
N GLN C 53 -18.27 -25.83 -50.40
CA GLN C 53 -18.23 -26.85 -49.36
C GLN C 53 -19.56 -27.59 -49.28
N ARG C 54 -19.47 -28.91 -49.12
CA ARG C 54 -20.62 -29.82 -49.17
C ARG C 54 -20.94 -30.36 -47.78
N PRO C 55 -22.21 -30.37 -47.35
CA PRO C 55 -22.54 -31.10 -46.12
C PRO C 55 -22.27 -32.58 -46.31
N SER C 56 -21.93 -33.25 -45.21
CA SER C 56 -21.75 -34.69 -45.24
C SER C 56 -23.02 -35.37 -45.77
N GLY C 57 -22.85 -36.58 -46.30
CA GLY C 57 -23.94 -37.28 -46.94
C GLY C 57 -24.31 -36.80 -48.33
N VAL C 58 -23.74 -35.68 -48.79
CA VAL C 58 -24.07 -35.13 -50.10
C VAL C 58 -23.05 -35.64 -51.11
N SER C 59 -23.55 -36.13 -52.25
CA SER C 59 -22.70 -36.74 -53.25
C SER C 59 -21.71 -35.73 -53.81
N ASP C 60 -20.54 -36.23 -54.24
CA ASP C 60 -19.51 -35.38 -54.82
C ASP C 60 -19.94 -34.75 -56.14
N ARG C 61 -21.03 -35.25 -56.76
CA ARG C 61 -21.47 -34.74 -58.04
C ARG C 61 -21.88 -33.27 -58.00
N PHE C 62 -22.15 -32.72 -56.83
CA PHE C 62 -22.56 -31.34 -56.67
C PHE C 62 -21.35 -30.51 -56.26
N SER C 63 -21.09 -29.43 -56.99
CA SER C 63 -19.98 -28.55 -56.67
C SER C 63 -20.42 -27.12 -56.91
N GLY C 64 -19.76 -26.19 -56.21
CA GLY C 64 -20.10 -24.78 -56.32
C GLY C 64 -18.86 -23.96 -56.64
N SER C 65 -19.11 -22.70 -57.02
CA SER C 65 -18.01 -21.81 -57.35
C SER C 65 -18.51 -20.38 -57.40
N LYS C 66 -17.57 -19.43 -57.29
CA LYS C 66 -17.86 -18.02 -57.34
C LYS C 66 -16.97 -17.34 -58.37
N SER C 67 -17.46 -16.20 -58.86
CA SER C 67 -16.74 -15.40 -59.86
C SER C 67 -17.26 -13.97 -59.70
N GLY C 68 -16.51 -13.14 -58.98
CA GLY C 68 -16.91 -11.77 -58.76
C GLY C 68 -18.20 -11.69 -57.97
N ASN C 69 -19.26 -11.20 -58.62
CA ASN C 69 -20.58 -11.05 -58.03
C ASN C 69 -21.53 -12.13 -58.52
N THR C 70 -21.01 -13.31 -58.88
CA THR C 70 -21.80 -14.38 -59.47
C THR C 70 -21.38 -15.69 -58.81
N ALA C 71 -22.35 -16.57 -58.61
CA ALA C 71 -22.12 -17.89 -58.07
C ALA C 71 -22.72 -18.92 -59.03
N SER C 72 -22.25 -20.16 -58.90
CA SER C 72 -22.68 -21.21 -59.80
C SER C 72 -22.67 -22.55 -59.08
N LEU C 73 -23.60 -23.42 -59.50
CA LEU C 73 -23.78 -24.78 -59.01
C LEU C 73 -23.60 -25.73 -60.18
N THR C 74 -22.46 -26.41 -60.21
CA THR C 74 -22.15 -27.41 -61.23
C THR C 74 -22.65 -28.77 -60.75
N ILE C 75 -23.67 -29.29 -61.42
CA ILE C 75 -24.26 -30.59 -61.12
C ILE C 75 -23.84 -31.53 -62.25
N SER C 76 -22.89 -32.41 -61.96
CA SER C 76 -22.44 -33.42 -62.91
C SER C 76 -23.20 -34.72 -62.70
N GLY C 77 -23.17 -35.57 -63.72
CA GLY C 77 -23.74 -36.90 -63.58
C GLY C 77 -25.23 -36.89 -63.32
N LEU C 78 -25.98 -36.05 -64.04
CA LEU C 78 -27.40 -35.86 -63.78
C LEU C 78 -28.18 -37.16 -63.77
N GLN C 79 -29.01 -37.33 -62.74
CA GLN C 79 -29.87 -38.48 -62.55
C GLN C 79 -31.32 -38.03 -62.49
N ALA C 80 -32.23 -39.00 -62.65
CA ALA C 80 -33.66 -38.71 -62.61
C ALA C 80 -34.08 -38.12 -61.27
N ASP C 81 -33.38 -38.47 -60.19
CA ASP C 81 -33.74 -38.00 -58.86
C ASP C 81 -33.25 -36.58 -58.55
N ASP C 82 -32.60 -35.92 -59.50
CA ASP C 82 -32.15 -34.54 -59.32
C ASP C 82 -33.22 -33.51 -59.74
N GLU C 83 -34.41 -33.97 -60.13
CA GLU C 83 -35.45 -33.07 -60.62
C GLU C 83 -36.01 -32.28 -59.45
N ALA C 84 -35.47 -31.09 -59.22
CA ALA C 84 -35.85 -30.30 -58.05
C ALA C 84 -35.69 -28.82 -58.34
N ASP C 85 -36.28 -28.00 -57.46
CA ASP C 85 -36.11 -26.55 -57.49
C ASP C 85 -34.88 -26.18 -56.69
N TYR C 86 -33.92 -25.51 -57.33
CA TYR C 86 -32.68 -25.10 -56.70
C TYR C 86 -32.74 -23.63 -56.32
N TYR C 87 -32.22 -23.30 -55.13
CA TYR C 87 -32.26 -21.93 -54.60
C TYR C 87 -30.89 -21.49 -54.14
N CYS C 88 -30.61 -20.20 -54.33
CA CYS C 88 -29.45 -19.52 -53.79
C CYS C 88 -29.77 -18.95 -52.42
N SER C 89 -28.75 -18.80 -51.59
CA SER C 89 -28.84 -18.01 -50.37
C SER C 89 -27.51 -17.32 -50.16
N ALA C 90 -27.54 -15.99 -50.14
CA ALA C 90 -26.36 -15.18 -49.91
C ALA C 90 -26.52 -14.38 -48.62
N TYR C 91 -25.43 -14.31 -47.85
CA TYR C 91 -25.38 -13.45 -46.68
C TYR C 91 -25.04 -12.03 -47.12
N ALA C 92 -25.83 -11.06 -46.68
CA ALA C 92 -25.79 -9.69 -47.22
C ALA C 92 -25.62 -8.64 -46.13
N GLY C 93 -24.93 -8.97 -45.05
CA GLY C 93 -24.56 -8.01 -44.02
C GLY C 93 -25.35 -8.18 -42.74
N ARG C 94 -25.39 -7.09 -41.96
CA ARG C 94 -26.06 -7.05 -40.67
C ARG C 94 -27.40 -6.34 -40.69
N GLN C 95 -27.60 -5.37 -41.60
CA GLN C 95 -28.89 -4.70 -41.70
C GLN C 95 -29.91 -5.55 -42.43
N THR C 96 -29.43 -6.49 -43.24
CA THR C 96 -30.20 -7.59 -43.80
C THR C 96 -29.27 -8.77 -43.77
N PHE C 97 -29.83 -9.98 -43.70
CA PHE C 97 -29.00 -11.17 -43.50
C PHE C 97 -29.01 -12.08 -44.72
N TYR C 98 -30.12 -12.73 -45.03
CA TYR C 98 -30.17 -13.73 -46.09
C TYR C 98 -31.07 -13.28 -47.22
N ILE C 99 -30.53 -13.30 -48.44
CA ILE C 99 -31.28 -13.02 -49.66
C ILE C 99 -31.27 -14.29 -50.50
N PHE C 100 -32.46 -14.72 -50.91
CA PHE C 100 -32.64 -15.89 -51.75
C PHE C 100 -32.93 -15.46 -53.17
N GLY C 101 -32.54 -16.31 -54.12
CA GLY C 101 -32.92 -16.14 -55.49
C GLY C 101 -34.19 -16.91 -55.81
N GLY C 102 -34.63 -16.79 -57.05
CA GLY C 102 -35.76 -17.56 -57.50
C GLY C 102 -35.38 -19.00 -57.72
N GLY C 103 -36.39 -19.84 -57.92
CA GLY C 103 -36.15 -21.24 -58.11
C GLY C 103 -35.74 -21.56 -59.53
N THR C 104 -34.93 -22.60 -59.68
CA THR C 104 -34.50 -23.10 -60.98
C THR C 104 -35.10 -24.49 -61.16
N ARG C 105 -35.93 -24.65 -62.19
CA ARG C 105 -36.53 -25.94 -62.47
C ARG C 105 -35.54 -26.78 -63.26
N LEU C 106 -35.12 -27.90 -62.67
CA LEU C 106 -34.22 -28.85 -63.31
C LEU C 106 -35.05 -30.01 -63.83
N THR C 107 -34.97 -30.27 -65.13
CA THR C 107 -35.63 -31.39 -65.77
C THR C 107 -34.61 -32.32 -66.42
N VAL C 108 -34.93 -33.60 -66.43
CA VAL C 108 -34.06 -34.64 -66.97
C VAL C 108 -34.87 -35.53 -67.89
N ALA D 3 30.76 -52.85 -5.41
CA ALA D 3 29.58 -53.15 -6.21
C ALA D 3 29.57 -52.42 -7.56
N LEU D 4 30.55 -51.54 -7.78
CA LEU D 4 30.71 -50.82 -9.04
C LEU D 4 32.08 -51.21 -9.61
N THR D 5 32.12 -52.36 -10.29
CA THR D 5 33.37 -52.85 -10.83
C THR D 5 33.89 -51.92 -11.91
N GLN D 6 35.21 -51.86 -12.03
CA GLN D 6 35.89 -50.99 -12.99
C GLN D 6 37.09 -51.78 -13.51
N PRO D 7 37.56 -51.52 -14.73
CA PRO D 7 38.79 -52.17 -15.18
C PRO D 7 39.94 -51.85 -14.26
N PRO D 8 40.94 -52.74 -14.14
CA PRO D 8 42.10 -52.39 -13.30
C PRO D 8 42.97 -51.31 -13.90
N SER D 9 43.03 -51.21 -15.23
CA SER D 9 43.89 -50.22 -15.87
C SER D 9 43.40 -49.97 -17.29
N ALA D 10 43.70 -48.76 -17.78
CA ALA D 10 43.39 -48.36 -19.14
C ALA D 10 44.61 -47.65 -19.71
N SER D 11 44.68 -47.55 -21.04
CA SER D 11 45.86 -47.01 -21.70
C SER D 11 45.47 -46.29 -22.99
N GLY D 12 46.20 -45.20 -23.28
CA GLY D 12 45.99 -44.43 -24.48
C GLY D 12 47.29 -43.81 -24.95
N SER D 13 47.23 -43.23 -26.17
CA SER D 13 48.33 -42.51 -26.81
C SER D 13 48.00 -41.02 -26.92
N PRO D 14 48.96 -40.10 -26.76
CA PRO D 14 48.62 -38.67 -26.88
C PRO D 14 47.98 -38.34 -28.22
N GLY D 15 46.82 -37.67 -28.14
CA GLY D 15 46.04 -37.29 -29.30
C GLY D 15 44.77 -38.09 -29.49
N GLN D 16 44.78 -39.38 -29.12
CA GLN D 16 43.60 -40.23 -29.29
C GLN D 16 42.74 -40.12 -28.02
N SER D 17 41.76 -41.01 -27.89
CA SER D 17 40.81 -40.98 -26.79
C SER D 17 40.80 -42.31 -26.07
N VAL D 18 40.40 -42.26 -24.80
CA VAL D 18 40.28 -43.44 -23.93
C VAL D 18 38.85 -43.48 -23.41
N THR D 19 38.41 -44.68 -23.04
CA THR D 19 37.07 -44.89 -22.52
C THR D 19 37.17 -45.85 -21.33
N ILE D 20 36.72 -45.38 -20.18
CA ILE D 20 36.66 -46.18 -18.96
C ILE D 20 35.22 -46.59 -18.74
N SER D 21 34.99 -47.82 -18.28
CA SER D 21 33.67 -48.38 -18.08
C SER D 21 33.47 -48.72 -16.62
N CYS D 22 32.28 -48.44 -16.10
CA CYS D 22 31.89 -48.82 -14.75
C CYS D 22 30.66 -49.72 -14.88
N THR D 23 30.71 -50.90 -14.26
CA THR D 23 29.66 -51.89 -14.36
C THR D 23 29.09 -52.16 -12.97
N GLY D 24 27.77 -52.14 -12.87
CA GLY D 24 27.08 -52.27 -11.59
C GLY D 24 26.42 -53.64 -11.48
N THR D 25 26.71 -54.31 -10.37
CA THR D 25 26.11 -55.62 -10.12
C THR D 25 24.59 -55.52 -9.98
N SER D 26 24.11 -54.52 -9.25
CA SER D 26 22.69 -54.36 -9.01
C SER D 26 21.92 -54.16 -10.31
N SER D 27 20.60 -54.28 -10.22
CA SER D 27 19.75 -54.05 -11.38
C SER D 27 19.71 -52.57 -11.71
N ASP D 28 19.05 -52.24 -12.83
CA ASP D 28 18.93 -50.84 -13.23
C ASP D 28 18.15 -50.04 -12.20
N VAL D 29 16.89 -50.44 -11.96
CA VAL D 29 15.94 -49.83 -11.02
C VAL D 29 16.04 -48.31 -10.94
N GLY D 30 16.35 -47.65 -12.06
CA GLY D 30 16.46 -46.21 -12.15
C GLY D 30 17.29 -45.57 -11.05
N GLY D 31 18.31 -46.28 -10.57
CA GLY D 31 19.24 -45.77 -9.56
C GLY D 31 20.51 -45.17 -10.15
N TYR D 32 20.69 -45.21 -11.47
CA TYR D 32 21.92 -44.79 -12.11
C TYR D 32 21.84 -43.36 -12.65
N ASN D 33 20.80 -42.62 -12.28
CA ASN D 33 20.68 -41.23 -12.72
C ASN D 33 21.83 -40.40 -12.18
N TYR D 34 22.27 -40.68 -10.96
CA TYR D 34 23.29 -39.92 -10.26
C TYR D 34 24.56 -40.76 -10.18
N VAL D 35 25.33 -40.73 -11.26
CA VAL D 35 26.64 -41.40 -11.32
C VAL D 35 27.67 -40.34 -11.62
N SER D 36 28.61 -40.15 -10.69
CA SER D 36 29.67 -39.17 -10.79
C SER D 36 31.01 -39.86 -11.00
N TRP D 37 31.98 -39.09 -11.47
CA TRP D 37 33.33 -39.57 -11.72
C TRP D 37 34.33 -38.68 -10.99
N TYR D 38 35.42 -39.28 -10.54
CA TYR D 38 36.47 -38.61 -9.79
C TYR D 38 37.82 -38.90 -10.43
N GLN D 39 38.73 -37.93 -10.32
CA GLN D 39 40.09 -38.02 -10.82
C GLN D 39 41.03 -37.73 -9.67
N GLN D 40 41.91 -38.68 -9.37
CA GLN D 40 42.83 -38.62 -8.23
C GLN D 40 44.25 -38.65 -8.76
N HIS D 41 44.79 -37.47 -9.06
CA HIS D 41 46.21 -37.31 -9.30
C HIS D 41 46.99 -37.84 -8.09
N PRO D 42 47.96 -38.80 -8.28
CA PRO D 42 48.70 -39.35 -7.13
C PRO D 42 49.22 -38.30 -6.15
N GLY D 43 48.83 -38.43 -4.88
CA GLY D 43 49.31 -37.57 -3.81
C GLY D 43 48.29 -36.58 -3.29
N LYS D 44 47.26 -36.26 -4.09
CA LYS D 44 46.29 -35.22 -3.77
C LYS D 44 44.93 -35.88 -3.50
N ALA D 45 43.92 -35.03 -3.28
CA ALA D 45 42.55 -35.44 -3.00
C ALA D 45 41.72 -35.45 -4.28
N PRO D 46 40.83 -36.45 -4.49
CA PRO D 46 40.08 -36.52 -5.75
C PRO D 46 39.37 -35.22 -6.12
N LYS D 47 39.21 -35.00 -7.42
CA LYS D 47 38.44 -33.90 -7.98
C LYS D 47 37.36 -34.49 -8.87
N VAL D 48 36.29 -33.72 -9.10
CA VAL D 48 35.10 -34.22 -9.78
C VAL D 48 35.16 -33.77 -11.24
N ILE D 49 35.09 -34.74 -12.15
CA ILE D 49 35.13 -34.50 -13.59
C ILE D 49 33.74 -34.57 -14.21
N ILE D 50 32.91 -35.54 -13.80
CA ILE D 50 31.55 -35.67 -14.28
C ILE D 50 30.64 -35.84 -13.08
N TYR D 51 29.45 -35.23 -13.15
CA TYR D 51 28.42 -35.41 -12.12
C TYR D 51 27.08 -35.64 -12.81
N GLU D 52 26.33 -36.65 -12.34
CA GLU D 52 25.04 -37.04 -12.95
C GLU D 52 25.21 -37.50 -14.40
N VAL D 53 26.16 -38.40 -14.60
CA VAL D 53 26.39 -39.14 -15.85
C VAL D 53 27.07 -38.28 -16.92
N SER D 54 26.54 -37.08 -17.20
CA SER D 54 27.05 -36.31 -18.34
C SER D 54 26.93 -34.80 -18.09
N LYS D 55 27.21 -34.35 -16.87
CA LYS D 55 27.35 -32.93 -16.57
C LYS D 55 28.78 -32.67 -16.12
N ARG D 56 29.22 -31.43 -16.30
CA ARG D 56 30.60 -31.03 -16.04
C ARG D 56 30.64 -29.89 -15.03
N PRO D 57 31.42 -29.98 -13.95
CA PRO D 57 31.63 -28.80 -13.10
C PRO D 57 32.24 -27.67 -13.90
N SER D 58 31.80 -26.44 -13.61
CA SER D 58 32.37 -25.27 -14.25
C SER D 58 33.88 -25.21 -14.01
N GLY D 59 34.63 -25.07 -15.10
CA GLY D 59 36.08 -25.10 -15.07
C GLY D 59 36.70 -26.43 -15.44
N VAL D 60 35.90 -27.41 -15.86
CA VAL D 60 36.40 -28.73 -16.25
C VAL D 60 36.41 -28.77 -17.78
N PRO D 61 37.50 -29.20 -18.42
CA PRO D 61 37.56 -29.16 -19.88
C PRO D 61 36.59 -30.14 -20.52
N ASP D 62 36.15 -29.78 -21.73
CA ASP D 62 35.16 -30.55 -22.48
C ASP D 62 35.67 -31.95 -22.83
N ARG D 63 36.98 -32.19 -22.71
CA ARG D 63 37.57 -33.51 -23.03
C ARG D 63 36.89 -34.63 -22.26
N PHE D 64 36.69 -34.43 -20.96
CA PHE D 64 36.03 -35.45 -20.13
C PHE D 64 34.53 -35.44 -20.44
N SER D 65 33.99 -36.60 -20.84
CA SER D 65 32.55 -36.67 -21.12
C SER D 65 32.09 -38.12 -21.01
N GLY D 66 31.13 -38.38 -20.11
CA GLY D 66 30.59 -39.70 -19.92
C GLY D 66 29.13 -39.83 -20.36
N SER D 67 28.72 -41.09 -20.49
CA SER D 67 27.34 -41.45 -20.79
C SER D 67 26.99 -42.72 -20.02
N LYS D 68 25.88 -43.35 -20.40
CA LYS D 68 25.35 -44.49 -19.66
C LYS D 68 24.58 -45.40 -20.61
N SER D 69 24.53 -46.69 -20.27
CA SER D 69 23.77 -47.68 -21.03
C SER D 69 23.35 -48.78 -20.06
N GLY D 70 22.12 -48.68 -19.59
CA GLY D 70 21.57 -49.72 -18.71
C GLY D 70 22.36 -49.80 -17.41
N ASN D 71 22.95 -50.98 -17.17
CA ASN D 71 23.77 -51.16 -15.98
C ASN D 71 25.09 -50.42 -16.10
N THR D 72 25.66 -50.39 -17.30
CA THR D 72 27.00 -49.87 -17.47
C THR D 72 26.95 -48.34 -17.60
N ALA D 73 28.09 -47.70 -17.35
CA ALA D 73 28.19 -46.26 -17.50
C ALA D 73 29.65 -45.91 -17.64
N SER D 74 29.97 -45.06 -18.62
CA SER D 74 31.35 -44.90 -19.04
C SER D 74 31.74 -43.43 -19.14
N LEU D 75 33.04 -43.20 -18.97
CA LEU D 75 33.68 -41.92 -19.20
C LEU D 75 34.50 -42.02 -20.48
N THR D 76 34.66 -40.89 -21.17
CA THR D 76 35.47 -40.80 -22.39
C THR D 76 36.39 -39.61 -22.23
N VAL D 77 37.67 -39.89 -22.04
CA VAL D 77 38.71 -38.86 -21.98
C VAL D 77 39.20 -38.71 -23.42
N SER D 78 38.61 -37.74 -24.14
CA SER D 78 38.91 -37.49 -25.55
C SER D 78 39.87 -36.30 -25.65
N GLY D 79 41.10 -36.58 -26.05
CA GLY D 79 42.14 -35.57 -26.16
C GLY D 79 43.24 -35.77 -25.14
N LEU D 80 43.49 -37.03 -24.82
CA LEU D 80 44.48 -37.48 -23.83
C LEU D 80 45.81 -36.75 -23.94
N GLN D 81 46.18 -36.08 -22.85
CA GLN D 81 47.45 -35.41 -22.64
C GLN D 81 48.34 -36.23 -21.71
N ALA D 82 49.36 -35.60 -21.14
CA ALA D 82 50.27 -36.23 -20.18
C ALA D 82 49.93 -35.92 -18.73
N ASP D 83 49.00 -35.00 -18.49
CA ASP D 83 48.44 -34.73 -17.17
C ASP D 83 47.19 -35.55 -16.88
N ASP D 84 47.09 -36.75 -17.47
CA ASP D 84 45.98 -37.68 -17.27
C ASP D 84 46.42 -38.98 -16.59
N GLU D 85 47.57 -38.97 -15.89
CA GLU D 85 48.02 -40.16 -15.16
C GLU D 85 47.50 -40.05 -13.72
N ALA D 86 46.23 -40.42 -13.58
CA ALA D 86 45.53 -40.35 -12.31
C ALA D 86 44.80 -41.67 -12.06
N ASP D 87 43.99 -41.71 -11.02
CA ASP D 87 43.10 -42.83 -10.73
C ASP D 87 41.67 -42.34 -10.92
N TYR D 88 40.92 -43.00 -11.80
CA TYR D 88 39.56 -42.59 -12.13
C TYR D 88 38.56 -43.52 -11.46
N TYR D 89 37.64 -42.93 -10.68
CA TYR D 89 36.68 -43.69 -9.86
C TYR D 89 35.24 -43.31 -10.18
N CYS D 90 34.38 -44.31 -10.38
CA CYS D 90 32.96 -44.09 -10.58
C CYS D 90 32.24 -44.21 -9.24
N SER D 91 31.31 -43.31 -9.00
CA SER D 91 30.53 -43.27 -7.77
C SER D 91 29.05 -43.21 -8.09
N SER D 92 28.27 -43.96 -7.32
CA SER D 92 26.80 -43.93 -7.30
C SER D 92 26.48 -43.74 -5.82
N TYR D 93 26.29 -42.48 -5.40
CA TYR D 93 26.03 -42.18 -4.00
C TYR D 93 27.25 -42.50 -3.16
N GLU D 94 27.20 -43.58 -2.39
CA GLU D 94 28.24 -43.92 -1.43
C GLU D 94 29.27 -44.91 -1.96
N VAL D 95 28.84 -45.98 -2.63
CA VAL D 95 29.73 -46.79 -3.47
C VAL D 95 30.72 -45.92 -4.24
N PHE D 96 31.97 -46.35 -4.29
CA PHE D 96 33.01 -45.80 -5.14
C PHE D 96 33.40 -46.90 -6.13
N GLY D 97 33.93 -46.52 -7.28
CA GLY D 97 34.38 -47.54 -8.19
C GLY D 97 35.62 -48.25 -7.66
N THR D 98 36.01 -49.32 -8.35
CA THR D 98 37.19 -50.05 -7.92
C THR D 98 38.49 -49.31 -8.26
N GLY D 99 38.50 -48.57 -9.37
CA GLY D 99 39.63 -47.73 -9.75
C GLY D 99 40.29 -48.19 -11.03
N THR D 100 40.55 -47.24 -11.93
CA THR D 100 41.28 -47.45 -13.18
C THR D 100 42.45 -46.49 -13.26
N LYS D 101 43.64 -47.03 -13.45
CA LYS D 101 44.85 -46.22 -13.62
C LYS D 101 45.05 -46.00 -15.12
N VAL D 102 44.92 -44.76 -15.56
CA VAL D 102 45.01 -44.43 -16.98
C VAL D 102 46.48 -44.10 -17.23
N THR D 103 47.17 -44.98 -17.94
CA THR D 103 48.57 -44.75 -18.31
C THR D 103 48.67 -44.06 -19.66
N VAL D 104 49.42 -42.96 -19.69
CA VAL D 104 49.75 -42.27 -20.93
C VAL D 104 50.94 -42.95 -21.57
N LEU D 105 50.88 -43.05 -22.90
CA LEU D 105 51.93 -43.67 -23.70
C LEU D 105 52.60 -42.64 -24.60
N ASN E 38 -9.88 -13.94 -40.61
CA ASN E 38 -10.71 -15.05 -40.13
C ASN E 38 -10.85 -14.98 -38.61
N LEU E 39 -9.73 -15.15 -37.90
CA LEU E 39 -9.68 -15.12 -36.45
C LEU E 39 -8.96 -13.87 -35.96
N TRP E 40 -9.42 -13.36 -34.81
CA TRP E 40 -8.94 -12.11 -34.23
C TRP E 40 -8.61 -12.34 -32.76
N VAL E 41 -7.68 -11.54 -32.26
CA VAL E 41 -7.26 -11.64 -30.86
C VAL E 41 -8.37 -11.08 -29.99
N THR E 42 -8.83 -11.88 -29.03
CA THR E 42 -9.79 -11.45 -28.02
C THR E 42 -9.13 -11.59 -26.66
N VAL E 43 -9.24 -10.54 -25.85
CA VAL E 43 -8.63 -10.46 -24.53
C VAL E 43 -9.67 -10.87 -23.51
N TYR E 44 -9.30 -11.78 -22.60
CA TYR E 44 -10.15 -12.25 -21.51
C TYR E 44 -9.46 -11.93 -20.20
N TYR E 45 -10.23 -11.39 -19.25
CA TYR E 45 -9.76 -11.07 -17.92
C TYR E 45 -10.58 -11.83 -16.90
N GLY E 46 -9.91 -12.56 -16.03
CA GLY E 46 -10.53 -13.50 -15.14
C GLY E 46 -10.28 -14.95 -15.54
N VAL E 47 -9.23 -15.22 -16.29
CA VAL E 47 -8.94 -16.54 -16.82
C VAL E 47 -8.49 -17.46 -15.68
N PRO E 48 -9.05 -18.69 -15.53
CA PRO E 48 -8.61 -19.57 -14.43
C PRO E 48 -7.30 -20.29 -14.74
N VAL E 49 -6.22 -19.51 -14.78
CA VAL E 49 -4.88 -20.00 -15.06
C VAL E 49 -3.96 -19.55 -13.95
N TRP E 50 -2.95 -20.37 -13.65
CA TRP E 50 -2.02 -20.07 -12.58
C TRP E 50 -0.60 -20.51 -12.94
N LYS E 51 0.35 -19.98 -12.18
CA LYS E 51 1.77 -20.27 -12.28
C LYS E 51 2.30 -20.67 -10.90
N ASP E 52 3.40 -21.42 -10.91
CA ASP E 52 4.13 -21.66 -9.68
C ASP E 52 4.62 -20.34 -9.12
N ALA E 53 4.52 -20.16 -7.81
CA ALA E 53 4.96 -18.92 -7.19
C ALA E 53 5.48 -19.16 -5.79
N GLU E 54 6.18 -18.15 -5.28
CA GLU E 54 6.62 -18.08 -3.90
C GLU E 54 6.26 -16.70 -3.39
N THR E 55 5.45 -16.64 -2.34
CA THR E 55 5.00 -15.38 -1.77
C THR E 55 4.99 -15.52 -0.26
N THR E 56 4.56 -14.47 0.43
CA THR E 56 4.46 -14.46 1.88
C THR E 56 3.01 -14.75 2.26
N LEU E 57 2.74 -16.00 2.63
CA LEU E 57 1.42 -16.39 3.09
C LEU E 57 1.19 -15.87 4.50
N PHE E 58 -0.02 -15.42 4.78
CA PHE E 58 -0.33 -14.86 6.09
C PHE E 58 -1.00 -15.94 6.94
N CYS E 59 -1.57 -15.53 8.07
CA CYS E 59 -1.93 -16.42 9.17
C CYS E 59 -3.40 -16.29 9.51
N ALA E 60 -3.99 -17.41 9.92
CA ALA E 60 -5.34 -17.43 10.48
C ALA E 60 -5.35 -18.41 11.64
N SER E 61 -5.91 -17.98 12.78
CA SER E 61 -6.09 -18.84 13.94
C SER E 61 -7.44 -18.56 14.56
N ASP E 62 -8.00 -19.58 15.22
CA ASP E 62 -9.32 -19.48 15.84
C ASP E 62 -9.36 -18.34 16.86
N HIS E 71 -1.17 -14.56 25.11
CA HIS E 71 -0.19 -15.17 25.99
C HIS E 71 0.30 -16.49 25.40
N ASN E 72 0.57 -16.48 24.10
CA ASN E 72 0.91 -17.66 23.34
C ASN E 72 2.24 -17.46 22.62
N VAL E 73 3.00 -18.54 22.44
CA VAL E 73 4.31 -18.43 21.80
C VAL E 73 4.16 -17.95 20.36
N TRP E 74 3.15 -18.44 19.66
CA TRP E 74 2.97 -18.12 18.24
C TRP E 74 2.19 -16.82 18.04
N ALA E 75 2.22 -15.92 19.02
CA ALA E 75 1.57 -14.62 19.01
C ALA E 75 0.06 -14.77 19.10
N THR E 76 -0.57 -15.18 18.00
CA THR E 76 -2.01 -15.43 17.87
C THR E 76 -2.82 -14.13 17.81
N HIS E 77 -2.42 -13.09 18.55
CA HIS E 77 -3.09 -11.80 18.44
C HIS E 77 -2.79 -11.16 17.09
N ALA E 78 -1.53 -11.21 16.67
CA ALA E 78 -1.15 -10.69 15.35
C ALA E 78 -1.80 -11.51 14.25
N CYS E 79 -1.85 -12.82 14.42
CA CYS E 79 -2.45 -13.70 13.43
C CYS E 79 -3.94 -13.37 13.30
N VAL E 80 -4.42 -13.33 12.06
CA VAL E 80 -5.76 -12.87 11.73
C VAL E 80 -6.74 -13.87 12.33
N PRO E 81 -7.93 -13.48 12.80
CA PRO E 81 -8.90 -14.51 13.21
C PRO E 81 -9.40 -15.31 12.01
N THR E 82 -9.63 -16.60 12.25
CA THR E 82 -10.10 -17.51 11.22
C THR E 82 -11.60 -17.26 10.97
N ASP E 83 -12.09 -17.80 9.84
CA ASP E 83 -13.48 -17.63 9.42
C ASP E 83 -14.19 -18.98 9.49
N PRO E 84 -15.40 -19.08 10.03
CA PRO E 84 -16.06 -20.38 10.11
C PRO E 84 -16.41 -20.92 8.74
N ASN E 85 -16.50 -22.26 8.67
CA ASN E 85 -16.87 -23.00 7.45
C ASN E 85 -16.08 -22.56 6.21
N PRO E 86 -14.75 -22.55 6.30
CA PRO E 86 -13.94 -22.03 5.19
C PRO E 86 -14.17 -22.83 3.91
N GLN E 87 -14.27 -22.12 2.80
CA GLN E 87 -14.65 -22.75 1.54
C GLN E 87 -13.53 -23.64 1.00
N GLU E 88 -13.92 -24.80 0.51
CA GLU E 88 -13.07 -25.75 -0.19
C GLU E 88 -13.75 -26.02 -1.53
N ILE E 89 -13.03 -25.83 -2.64
CA ILE E 89 -13.60 -25.99 -3.97
C ILE E 89 -12.82 -27.08 -4.68
N HIS E 90 -13.51 -28.10 -5.17
CA HIS E 90 -12.84 -29.16 -5.91
C HIS E 90 -12.68 -28.76 -7.37
N LEU E 91 -11.45 -28.92 -7.88
CA LEU E 91 -11.13 -28.60 -9.27
C LEU E 91 -11.22 -29.90 -10.03
N GLU E 92 -12.24 -30.03 -10.88
CA GLU E 92 -12.50 -31.27 -11.58
C GLU E 92 -11.80 -31.22 -12.93
N ASN E 93 -11.22 -32.36 -13.32
CA ASN E 93 -10.48 -32.52 -14.57
C ASN E 93 -9.15 -31.79 -14.57
N VAL E 94 -8.64 -31.43 -13.39
CA VAL E 94 -7.36 -30.74 -13.24
C VAL E 94 -6.37 -31.72 -12.63
N THR E 95 -5.22 -31.88 -13.29
CA THR E 95 -4.09 -32.63 -12.76
C THR E 95 -2.96 -31.63 -12.55
N GLU E 96 -2.46 -31.53 -11.32
CA GLU E 96 -1.45 -30.54 -10.97
C GLU E 96 -0.23 -31.25 -10.39
N GLU E 97 0.96 -30.87 -10.84
CA GLU E 97 2.17 -31.40 -10.25
C GLU E 97 2.43 -30.78 -8.89
N PHE E 98 2.83 -31.63 -7.94
CA PHE E 98 3.15 -31.22 -6.58
C PHE E 98 4.54 -31.72 -6.24
N ASN E 99 5.34 -30.86 -5.61
CA ASN E 99 6.60 -31.25 -4.99
C ASN E 99 6.59 -30.81 -3.53
N MET E 100 6.57 -31.77 -2.61
CA MET E 100 6.73 -31.41 -1.20
C MET E 100 8.15 -30.97 -0.90
N TRP E 101 9.12 -31.52 -1.62
CA TRP E 101 10.54 -31.32 -1.32
C TRP E 101 11.09 -30.02 -1.89
N LYS E 102 10.25 -29.20 -2.54
CA LYS E 102 10.61 -27.86 -2.98
C LYS E 102 9.50 -26.88 -2.63
N ASN E 103 8.77 -27.16 -1.56
CA ASN E 103 7.62 -26.36 -1.16
C ASN E 103 8.08 -25.22 -0.27
N ASN E 104 7.87 -23.98 -0.72
CA ASN E 104 8.30 -22.82 0.05
C ASN E 104 7.44 -22.57 1.28
N MET E 105 6.33 -23.30 1.43
CA MET E 105 5.53 -23.18 2.66
C MET E 105 6.28 -23.74 3.84
N VAL E 106 7.14 -24.74 3.62
CA VAL E 106 7.91 -25.32 4.71
C VAL E 106 8.98 -24.33 5.17
N GLU E 107 9.67 -23.70 4.22
CA GLU E 107 10.69 -22.72 4.60
C GLU E 107 10.06 -21.51 5.30
N GLN E 108 8.91 -21.06 4.80
CA GLN E 108 8.25 -19.94 5.46
C GLN E 108 7.80 -20.32 6.87
N MET E 109 7.26 -21.53 7.04
CA MET E 109 6.84 -21.95 8.36
C MET E 109 8.03 -22.05 9.31
N HIS E 110 9.16 -22.54 8.81
CA HIS E 110 10.37 -22.65 9.64
C HIS E 110 10.81 -21.27 10.11
N THR E 111 10.89 -20.33 9.18
CA THR E 111 11.30 -18.97 9.53
C THR E 111 10.30 -18.33 10.50
N ASP E 112 9.00 -18.54 10.26
CA ASP E 112 7.99 -17.92 11.10
C ASP E 112 8.02 -18.48 12.51
N ILE E 113 8.18 -19.79 12.66
CA ILE E 113 8.22 -20.36 14.01
C ILE E 113 9.46 -19.87 14.76
N ILE E 114 10.61 -19.82 14.09
CA ILE E 114 11.81 -19.33 14.77
C ILE E 114 11.64 -17.87 15.18
N SER E 115 11.12 -17.03 14.27
CA SER E 115 10.93 -15.62 14.59
C SER E 115 9.91 -15.44 15.71
N LEU E 116 8.83 -16.22 15.71
CA LEU E 116 7.85 -16.12 16.78
C LEU E 116 8.45 -16.53 18.11
N TRP E 117 9.31 -17.55 18.11
CA TRP E 117 9.98 -17.95 19.34
C TRP E 117 10.87 -16.84 19.87
N ASP E 118 11.64 -16.18 18.98
CA ASP E 118 12.48 -15.07 19.41
C ASP E 118 11.64 -13.92 19.94
N GLN E 119 10.52 -13.63 19.28
CA GLN E 119 9.65 -12.53 19.70
C GLN E 119 9.03 -12.83 21.07
N SER E 120 8.66 -14.09 21.30
CA SER E 120 8.13 -14.47 22.61
C SER E 120 9.19 -14.35 23.69
N LEU E 121 10.45 -14.64 23.35
CA LEU E 121 11.52 -14.59 24.35
C LEU E 121 12.01 -13.18 24.64
N LYS E 122 11.87 -12.25 23.69
CA LYS E 122 12.40 -10.89 23.86
C LYS E 122 11.98 -10.18 25.15
N PRO E 123 10.69 -10.11 25.52
CA PRO E 123 10.31 -9.34 26.71
C PRO E 123 10.41 -10.08 28.03
N CYS E 124 10.99 -11.28 28.06
CA CYS E 124 11.02 -12.07 29.28
C CYS E 124 12.31 -11.82 30.08
N VAL E 125 12.30 -12.26 31.34
CA VAL E 125 13.39 -11.99 32.26
C VAL E 125 14.67 -12.66 31.78
N LYS E 126 15.75 -11.89 31.71
CA LYS E 126 17.07 -12.42 31.39
C LYS E 126 17.74 -12.92 32.67
N LEU E 127 18.39 -14.09 32.57
CA LEU E 127 19.06 -14.75 33.69
C LEU E 127 20.58 -14.70 33.56
N THR E 128 21.11 -13.66 32.93
CA THR E 128 22.56 -13.47 32.93
C THR E 128 23.20 -13.44 34.32
N PRO E 129 22.55 -12.92 35.39
CA PRO E 129 23.22 -12.99 36.71
C PRO E 129 23.45 -14.41 37.22
N LEU E 130 22.80 -15.42 36.64
CA LEU E 130 22.90 -16.78 37.18
C LEU E 130 24.23 -17.44 36.88
N CYS E 131 25.07 -16.84 36.05
CA CYS E 131 26.40 -17.39 35.76
C CYS E 131 27.33 -17.04 36.91
N VAL E 132 27.18 -17.79 38.00
CA VAL E 132 28.01 -17.71 39.17
C VAL E 132 28.44 -19.13 39.54
N THR E 133 29.43 -19.23 40.41
CA THR E 133 29.85 -20.54 40.88
C THR E 133 28.71 -21.16 41.71
N LEU E 134 28.37 -22.40 41.39
CA LEU E 134 27.37 -23.17 42.10
C LEU E 134 28.07 -24.22 42.94
N GLN E 135 27.58 -24.44 44.15
CA GLN E 135 28.08 -25.48 45.04
C GLN E 135 27.01 -26.56 45.12
N CYS E 136 27.24 -27.68 44.43
CA CYS E 136 26.24 -28.70 44.19
C CYS E 136 26.57 -29.98 44.94
N THR E 137 25.55 -30.54 45.60
CA THR E 137 25.64 -31.82 46.28
C THR E 137 24.53 -32.73 45.76
N ASN E 138 24.60 -34.00 46.11
CA ASN E 138 23.59 -34.96 45.70
C ASN E 138 22.34 -34.78 46.55
N VAL E 139 21.17 -34.97 45.92
CA VAL E 139 19.91 -34.84 46.64
C VAL E 139 19.85 -35.87 47.76
N THR E 140 19.34 -35.45 48.92
CA THR E 140 19.35 -36.25 50.14
C THR E 140 18.02 -36.93 50.42
N ASN E 141 17.01 -36.72 49.59
CA ASN E 141 15.75 -37.43 49.73
C ASN E 141 15.93 -38.90 49.32
N ASN E 142 14.84 -39.64 49.31
CA ASN E 142 14.86 -41.02 48.82
C ASN E 142 14.74 -40.98 47.31
N ILE E 143 15.78 -41.45 46.62
CA ILE E 143 15.90 -41.33 45.17
C ILE E 143 16.04 -42.72 44.58
N THR E 144 15.25 -43.01 43.55
CA THR E 144 15.34 -44.28 42.85
C THR E 144 16.68 -44.38 42.13
N ASP E 145 17.11 -45.63 41.91
CA ASP E 145 18.39 -45.86 41.23
C ASP E 145 18.39 -45.24 39.83
N ASP E 146 17.23 -45.28 39.16
CA ASP E 146 17.09 -44.62 37.85
C ASP E 146 17.51 -43.15 37.90
N MET E 147 17.33 -42.48 39.04
CA MET E 147 17.53 -41.04 39.16
C MET E 147 18.69 -40.68 40.07
N ARG E 148 19.43 -41.66 40.58
CA ARG E 148 20.54 -41.42 41.52
C ARG E 148 21.67 -40.74 40.77
N GLY E 149 21.78 -39.42 40.93
CA GLY E 149 22.79 -38.62 40.28
C GLY E 149 22.32 -37.78 39.11
N GLU E 150 21.04 -37.84 38.77
CA GLU E 150 20.51 -37.01 37.69
C GLU E 150 20.14 -35.61 38.17
N LEU E 151 19.83 -35.46 39.45
CA LEU E 151 19.36 -34.20 40.02
C LEU E 151 20.28 -33.79 41.16
N LYS E 152 20.74 -32.55 41.13
CA LYS E 152 21.69 -32.01 42.10
C LYS E 152 21.10 -30.80 42.82
N ASN E 153 21.46 -30.66 44.09
CA ASN E 153 21.02 -29.54 44.93
C ASN E 153 22.17 -28.53 44.98
N CYS E 154 22.01 -27.41 44.29
CA CYS E 154 23.05 -26.41 44.11
C CYS E 154 22.72 -25.14 44.89
N SER E 155 23.68 -24.66 45.67
CA SER E 155 23.55 -23.41 46.40
C SER E 155 24.44 -22.34 45.75
N PHE E 156 23.98 -21.09 45.82
CA PHE E 156 24.70 -20.00 45.18
C PHE E 156 24.29 -18.66 45.79
N ASN E 157 25.14 -17.66 45.56
CA ASN E 157 24.92 -16.30 46.00
C ASN E 157 24.25 -15.51 44.87
N MET E 158 22.96 -15.24 45.02
CA MET E 158 22.15 -14.55 44.02
C MET E 158 22.04 -13.07 44.37
N THR E 159 21.80 -12.26 43.33
CA THR E 159 21.55 -10.85 43.52
C THR E 159 20.13 -10.64 44.06
N THR E 160 19.87 -9.42 44.52
CA THR E 160 18.57 -9.02 45.06
C THR E 160 18.13 -7.73 44.38
N GLU E 161 16.99 -7.20 44.81
CA GLU E 161 16.51 -5.93 44.29
C GLU E 161 17.42 -4.77 44.65
N LEU E 162 18.25 -4.92 45.68
CA LEU E 162 19.20 -3.89 46.11
C LEU E 162 20.58 -4.31 45.65
N ARG E 163 21.27 -3.40 44.95
CA ARG E 163 22.55 -3.75 44.33
C ARG E 163 23.65 -3.98 45.35
N ASP E 164 23.49 -3.51 46.59
CA ASP E 164 24.49 -3.67 47.63
C ASP E 164 24.25 -4.87 48.53
N LYS E 165 23.24 -5.71 48.22
CA LYS E 165 22.92 -6.89 49.00
C LYS E 165 22.91 -8.12 48.10
N ARG E 166 23.20 -9.26 48.71
CA ARG E 166 23.13 -10.57 48.06
C ARG E 166 22.42 -11.53 48.99
N GLN E 167 21.85 -12.59 48.41
CA GLN E 167 21.12 -13.60 49.15
C GLN E 167 21.74 -14.97 48.87
N LYS E 168 21.75 -15.83 49.89
CA LYS E 168 22.18 -17.21 49.74
C LYS E 168 20.95 -18.05 49.46
N VAL E 169 20.89 -18.67 48.28
CA VAL E 169 19.73 -19.44 47.86
C VAL E 169 20.21 -20.79 47.35
N HIS E 170 19.25 -21.70 47.17
CA HIS E 170 19.53 -23.05 46.69
C HIS E 170 18.42 -23.46 45.75
N ALA E 171 18.82 -24.13 44.66
CA ALA E 171 17.90 -24.62 43.64
C ALA E 171 18.32 -26.01 43.20
N LEU E 172 17.32 -26.80 42.82
CA LEU E 172 17.54 -28.12 42.25
C LEU E 172 17.76 -27.98 40.75
N PHE E 173 18.81 -28.60 40.23
CA PHE E 173 19.16 -28.55 38.82
C PHE E 173 19.39 -29.97 38.30
N TYR E 174 19.03 -30.19 37.04
CA TYR E 174 19.27 -31.50 36.44
C TYR E 174 20.74 -31.63 36.02
N LYS E 175 21.18 -32.88 35.89
CA LYS E 175 22.57 -33.14 35.56
C LYS E 175 22.90 -32.77 34.12
N LEU E 176 21.90 -32.72 33.24
CA LEU E 176 22.10 -32.37 31.84
C LEU E 176 22.08 -30.86 31.61
N ASP E 177 22.27 -30.08 32.68
CA ASP E 177 22.26 -28.62 32.64
C ASP E 177 23.38 -28.03 33.48
N ILE E 178 24.25 -28.87 34.05
CA ILE E 178 25.26 -28.47 35.02
C ILE E 178 26.58 -29.08 34.54
N VAL E 179 27.66 -28.29 34.60
CA VAL E 179 28.96 -28.67 34.10
C VAL E 179 29.96 -28.53 35.24
N PRO E 180 30.84 -29.51 35.47
CA PRO E 180 31.91 -29.30 36.47
C PRO E 180 32.84 -28.17 36.05
N ILE E 181 33.05 -27.21 36.96
CA ILE E 181 33.92 -26.08 36.66
C ILE E 181 35.35 -26.56 36.44
N ASN E 182 35.83 -27.48 37.28
CA ASN E 182 37.18 -28.04 37.15
C ASN E 182 37.14 -29.54 37.36
N GLU E 183 38.15 -30.21 36.78
CA GLU E 183 38.23 -31.67 36.86
C GLU E 183 38.38 -32.15 38.31
N ASN E 184 39.03 -31.35 39.16
CA ASN E 184 39.25 -31.73 40.54
C ASN E 184 37.91 -31.79 41.28
N GLN E 185 37.86 -32.57 42.36
CA GLN E 185 36.64 -32.70 43.17
C GLN E 185 36.56 -31.53 44.14
N ASN E 186 36.20 -30.37 43.57
CA ASN E 186 35.94 -29.16 44.32
C ASN E 186 34.45 -28.97 44.59
N THR E 187 33.58 -29.72 43.92
CA THR E 187 32.13 -29.62 44.06
C THR E 187 31.60 -28.26 43.62
N SER E 188 32.36 -27.53 42.81
CA SER E 188 31.95 -26.26 42.23
C SER E 188 31.54 -26.48 40.79
N TYR E 189 30.35 -26.01 40.41
CA TYR E 189 29.77 -26.31 39.12
C TYR E 189 29.23 -25.02 38.51
N ARG E 190 29.01 -25.04 37.20
CA ARG E 190 28.44 -23.91 36.47
C ARG E 190 27.30 -24.38 35.59
N LEU E 191 26.43 -23.45 35.19
CA LEU E 191 25.42 -23.81 34.21
C LEU E 191 26.08 -24.12 32.87
N ILE E 192 25.40 -24.95 32.08
CA ILE E 192 26.01 -25.48 30.86
C ILE E 192 26.28 -24.40 29.81
N ASN E 193 25.49 -23.34 29.81
CA ASN E 193 25.54 -22.34 28.75
C ASN E 193 26.45 -21.15 29.05
N CYS E 194 26.94 -21.02 30.28
CA CYS E 194 27.60 -19.79 30.71
C CYS E 194 28.80 -19.41 29.86
N ASN E 195 29.46 -20.38 29.23
CA ASN E 195 30.67 -20.09 28.47
C ASN E 195 30.36 -19.65 27.04
N THR E 196 29.23 -20.10 26.48
CA THR E 196 28.93 -19.93 25.07
C THR E 196 27.74 -19.05 24.76
N ALA E 197 26.79 -18.87 25.68
CA ALA E 197 25.55 -18.19 25.34
C ALA E 197 24.90 -17.56 26.56
N ALA E 198 24.23 -16.43 26.32
CA ALA E 198 23.36 -15.81 27.31
C ALA E 198 22.05 -16.59 27.40
N ILE E 199 21.50 -16.62 28.60
CA ILE E 199 20.30 -17.40 28.93
C ILE E 199 19.16 -16.46 29.33
N THR E 200 17.98 -16.72 28.76
CA THR E 200 16.77 -15.95 29.06
C THR E 200 15.71 -16.88 29.63
N GLN E 201 15.04 -16.44 30.70
CA GLN E 201 13.97 -17.24 31.28
C GLN E 201 12.71 -17.09 30.44
N ALA E 202 12.05 -18.21 30.16
CA ALA E 202 10.75 -18.15 29.49
C ALA E 202 9.72 -17.54 30.43
N CYS E 203 8.83 -16.74 29.88
CA CYS E 203 7.76 -16.14 30.68
C CYS E 203 6.84 -17.23 31.19
N PRO E 204 6.59 -17.36 32.50
CA PRO E 204 5.70 -18.44 32.96
C PRO E 204 4.27 -18.32 32.46
N LYS E 205 3.84 -17.13 32.03
CA LYS E 205 2.47 -16.92 31.60
C LYS E 205 2.24 -17.26 30.12
N VAL E 206 3.27 -17.72 29.42
CA VAL E 206 3.18 -18.05 28.00
C VAL E 206 3.18 -19.57 27.89
N SER E 207 2.03 -20.12 27.47
CA SER E 207 1.90 -21.57 27.38
C SER E 207 2.68 -22.11 26.19
N PHE E 208 3.24 -23.30 26.37
CA PHE E 208 3.98 -23.99 25.31
C PHE E 208 3.12 -25.01 24.57
N GLU E 209 1.80 -24.98 24.76
CA GLU E 209 0.93 -25.92 24.07
C GLU E 209 0.81 -25.52 22.60
N PRO E 210 1.16 -26.38 21.64
CA PRO E 210 0.90 -26.03 20.24
C PRO E 210 -0.59 -25.89 19.98
N ILE E 211 -0.94 -24.85 19.24
CA ILE E 211 -2.33 -24.62 18.81
C ILE E 211 -2.37 -24.67 17.29
N PRO E 212 -3.47 -25.11 16.66
CA PRO E 212 -3.48 -25.14 15.20
C PRO E 212 -3.39 -23.74 14.62
N ILE E 213 -2.61 -23.61 13.54
CA ILE E 213 -2.53 -22.38 12.77
C ILE E 213 -2.79 -22.74 11.31
N HIS E 214 -3.28 -21.76 10.56
CA HIS E 214 -3.64 -21.92 9.16
C HIS E 214 -2.85 -20.91 8.34
N TYR E 215 -2.26 -21.37 7.24
CA TYR E 215 -1.55 -20.50 6.31
C TYR E 215 -2.45 -20.18 5.13
N CYS E 216 -2.64 -18.88 4.89
CA CYS E 216 -3.62 -18.37 3.94
C CYS E 216 -2.90 -17.58 2.86
N ALA E 217 -3.39 -17.72 1.61
CA ALA E 217 -2.78 -17.00 0.49
C ALA E 217 -3.32 -15.58 0.44
N PRO E 218 -2.50 -14.58 0.07
CA PRO E 218 -3.04 -13.25 -0.20
C PRO E 218 -3.79 -13.24 -1.52
N ALA E 219 -4.56 -12.16 -1.72
CA ALA E 219 -5.30 -11.99 -2.96
C ALA E 219 -4.37 -12.02 -4.16
N GLY E 220 -4.82 -12.67 -5.23
CA GLY E 220 -3.99 -12.93 -6.39
C GLY E 220 -3.23 -14.23 -6.34
N PHE E 221 -3.28 -14.94 -5.22
CA PHE E 221 -2.62 -16.22 -5.03
C PHE E 221 -3.64 -17.22 -4.52
N ALA E 222 -3.35 -18.50 -4.71
CA ALA E 222 -4.23 -19.58 -4.27
C ALA E 222 -3.40 -20.74 -3.73
N ILE E 223 -3.99 -21.46 -2.79
CA ILE E 223 -3.43 -22.68 -2.24
C ILE E 223 -4.18 -23.85 -2.86
N LEU E 224 -3.43 -24.75 -3.50
CA LEU E 224 -3.95 -25.96 -4.09
C LEU E 224 -3.63 -27.13 -3.16
N LYS E 225 -4.63 -27.95 -2.90
CA LYS E 225 -4.55 -29.07 -1.98
C LYS E 225 -4.75 -30.36 -2.76
N CYS E 226 -3.74 -31.23 -2.74
CA CYS E 226 -3.85 -32.54 -3.34
C CYS E 226 -4.72 -33.43 -2.46
N LYS E 227 -5.81 -33.94 -3.02
CA LYS E 227 -6.75 -34.78 -2.29
C LYS E 227 -6.56 -36.26 -2.57
N ASP E 228 -5.51 -36.63 -3.31
CA ASP E 228 -5.24 -38.03 -3.53
C ASP E 228 -4.79 -38.67 -2.22
N LYS E 229 -5.36 -39.82 -1.90
CA LYS E 229 -5.14 -40.47 -0.62
C LYS E 229 -4.01 -41.48 -0.64
N LYS E 230 -3.34 -41.65 -1.79
CA LYS E 230 -2.20 -42.52 -1.96
C LYS E 230 -1.10 -41.76 -2.67
N PHE E 231 -0.90 -40.52 -2.24
CA PHE E 231 0.02 -39.59 -2.91
C PHE E 231 1.39 -39.75 -2.28
N ASN E 232 2.37 -40.09 -3.11
CA ASN E 232 3.72 -40.38 -2.61
C ASN E 232 4.53 -39.11 -2.39
N GLY E 233 3.93 -37.93 -2.56
CA GLY E 233 4.57 -36.67 -2.21
C GLY E 233 4.95 -35.83 -3.40
N THR E 234 5.47 -36.47 -4.45
CA THR E 234 5.98 -35.80 -5.63
C THR E 234 5.27 -36.37 -6.84
N GLY E 235 4.99 -35.51 -7.82
CA GLY E 235 4.43 -35.95 -9.08
C GLY E 235 3.05 -35.35 -9.36
N PRO E 236 2.45 -35.73 -10.48
CA PRO E 236 1.08 -35.28 -10.77
C PRO E 236 0.07 -35.77 -9.75
N CYS E 237 -0.87 -34.88 -9.41
CA CYS E 237 -1.99 -35.16 -8.53
C CYS E 237 -3.26 -35.00 -9.35
N PRO E 238 -4.02 -36.06 -9.63
CA PRO E 238 -5.22 -35.92 -10.46
C PRO E 238 -6.44 -35.42 -9.70
N SER E 239 -6.36 -35.25 -8.38
CA SER E 239 -7.50 -34.86 -7.55
C SER E 239 -7.06 -33.64 -6.74
N VAL E 240 -7.48 -32.47 -7.18
CA VAL E 240 -6.98 -31.20 -6.69
C VAL E 240 -8.16 -30.35 -6.22
N SER E 241 -7.95 -29.58 -5.16
CA SER E 241 -8.92 -28.60 -4.70
C SER E 241 -8.19 -27.30 -4.42
N THR E 242 -8.91 -26.19 -4.42
CA THR E 242 -8.40 -24.90 -3.99
C THR E 242 -9.02 -24.54 -2.65
N VAL E 243 -8.17 -24.02 -1.75
CA VAL E 243 -8.57 -23.67 -0.39
C VAL E 243 -8.20 -22.22 -0.12
N GLN E 244 -8.94 -21.59 0.78
CA GLN E 244 -8.54 -20.28 1.28
C GLN E 244 -7.30 -20.39 2.15
N CYS E 245 -7.22 -21.44 2.96
CA CYS E 245 -6.14 -21.63 3.92
C CYS E 245 -5.91 -23.13 4.08
N THR E 246 -4.77 -23.46 4.68
CA THR E 246 -4.49 -24.84 4.98
C THR E 246 -5.33 -25.29 6.18
N HIS E 247 -5.30 -26.60 6.46
CA HIS E 247 -6.00 -27.10 7.63
C HIS E 247 -5.26 -26.63 8.89
N GLY E 248 -5.83 -26.98 10.04
CA GLY E 248 -5.20 -26.59 11.29
C GLY E 248 -3.95 -27.42 11.52
N ILE E 249 -2.79 -26.77 11.45
CA ILE E 249 -1.50 -27.43 11.61
C ILE E 249 -0.93 -26.96 12.95
N LYS E 250 -0.70 -27.90 13.85
CA LYS E 250 -0.09 -27.58 15.13
C LYS E 250 1.42 -27.60 14.98
N PRO E 251 2.15 -26.50 15.25
CA PRO E 251 3.61 -26.56 15.06
C PRO E 251 4.29 -27.30 16.20
N VAL E 252 4.09 -28.61 16.23
CA VAL E 252 4.65 -29.45 17.29
C VAL E 252 6.12 -29.65 16.99
N VAL E 253 6.96 -29.38 17.99
CA VAL E 253 8.41 -29.51 17.87
C VAL E 253 8.80 -30.82 18.52
N SER E 254 9.33 -31.75 17.73
CA SER E 254 9.77 -33.04 18.25
C SER E 254 10.73 -33.65 17.25
N THR E 255 11.48 -34.64 17.71
CA THR E 255 12.37 -35.42 16.85
C THR E 255 12.01 -36.90 16.93
N GLN E 256 12.31 -37.60 15.84
CA GLN E 256 12.16 -39.05 15.65
C GLN E 256 10.73 -39.56 15.57
N LEU E 257 9.79 -38.93 16.29
CA LEU E 257 8.38 -39.25 16.23
C LEU E 257 7.62 -37.97 15.89
N LEU E 258 6.69 -38.07 14.96
CA LEU E 258 5.78 -36.97 14.65
C LEU E 258 4.56 -37.11 15.53
N LEU E 259 4.29 -36.07 16.34
CA LEU E 259 3.22 -36.11 17.34
C LEU E 259 2.10 -35.17 16.95
N ASN E 260 0.86 -35.60 17.23
CA ASN E 260 -0.34 -34.79 17.05
C ASN E 260 -0.44 -34.24 15.62
N GLY E 261 -0.06 -35.07 14.64
CA GLY E 261 -0.12 -34.69 13.24
C GLY E 261 -1.33 -35.28 12.54
N SER E 262 -1.27 -35.24 11.21
CA SER E 262 -2.32 -35.79 10.37
C SER E 262 -2.05 -37.27 10.12
N LEU E 263 -3.13 -38.04 9.99
CA LEU E 263 -3.06 -39.46 9.70
C LEU E 263 -3.29 -39.72 8.22
N ALA E 264 -2.67 -40.79 7.73
CA ALA E 264 -2.93 -41.23 6.37
C ALA E 264 -4.35 -41.79 6.28
N GLU E 265 -5.00 -41.52 5.15
CA GLU E 265 -6.42 -41.86 5.04
C GLU E 265 -6.65 -43.36 5.02
N GLU E 266 -5.85 -44.11 4.28
CA GLU E 266 -6.04 -45.56 4.13
C GLU E 266 -4.84 -46.37 4.58
N GLU E 267 -3.64 -46.09 4.05
CA GLU E 267 -2.46 -46.92 4.27
C GLU E 267 -1.30 -46.07 4.75
N VAL E 268 -0.33 -46.71 5.39
CA VAL E 268 0.88 -46.03 5.82
C VAL E 268 1.60 -45.53 4.59
N MET E 269 2.01 -44.25 4.61
CA MET E 269 2.66 -43.61 3.49
C MET E 269 4.14 -43.45 3.77
N ILE E 270 4.98 -43.85 2.82
CA ILE E 270 6.43 -43.71 2.88
C ILE E 270 6.82 -42.66 1.85
N ARG E 271 7.39 -41.54 2.32
CA ARG E 271 7.74 -40.42 1.45
C ARG E 271 9.22 -40.10 1.63
N SER E 272 9.94 -39.99 0.52
CA SER E 272 11.35 -39.64 0.55
C SER E 272 11.68 -38.91 -0.74
N LYS E 273 12.55 -37.90 -0.64
CA LYS E 273 12.93 -37.15 -1.83
C LYS E 273 13.65 -38.05 -2.82
N ASP E 274 14.47 -38.97 -2.32
CA ASP E 274 15.12 -39.97 -3.16
C ASP E 274 15.31 -41.20 -2.28
N ILE E 275 14.48 -42.23 -2.50
CA ILE E 275 14.52 -43.41 -1.67
C ILE E 275 15.83 -44.20 -1.83
N ARG E 276 16.58 -43.95 -2.91
CA ARG E 276 17.89 -44.54 -3.11
C ARG E 276 19.01 -43.74 -2.45
N ASN E 277 18.72 -42.57 -1.90
CA ASN E 277 19.71 -41.68 -1.31
C ASN E 277 19.59 -41.78 0.21
N ASN E 278 20.61 -42.40 0.85
CA ASN E 278 20.57 -42.57 2.29
C ASN E 278 20.84 -41.29 3.05
N ALA E 279 21.22 -40.20 2.38
CA ALA E 279 21.41 -38.92 3.04
C ALA E 279 20.11 -38.16 3.24
N LYS E 280 19.00 -38.64 2.68
CA LYS E 280 17.69 -38.01 2.82
C LYS E 280 16.82 -38.83 3.75
N ASN E 281 15.97 -38.13 4.48
CA ASN E 281 15.12 -38.76 5.48
C ASN E 281 13.86 -39.32 4.86
N ILE E 282 13.36 -40.37 5.48
CA ILE E 282 12.13 -41.04 5.08
C ILE E 282 11.07 -40.62 6.09
N LEU E 283 10.00 -40.00 5.59
CA LEU E 283 8.88 -39.59 6.41
C LEU E 283 7.81 -40.66 6.29
N VAL E 284 7.45 -41.24 7.44
CA VAL E 284 6.45 -42.29 7.52
C VAL E 284 5.22 -41.66 8.13
N GLN E 285 4.10 -41.72 7.43
CA GLN E 285 2.83 -41.21 7.91
C GLN E 285 1.93 -42.39 8.22
N PHE E 286 1.48 -42.49 9.47
CA PHE E 286 0.65 -43.60 9.89
C PHE E 286 -0.79 -43.39 9.46
N ASN E 287 -1.50 -44.50 9.25
CA ASN E 287 -2.93 -44.48 9.01
C ASN E 287 -3.75 -44.71 10.28
N THR E 288 -3.08 -45.01 11.41
CA THR E 288 -3.71 -45.18 12.70
C THR E 288 -2.73 -44.57 13.70
N PRO E 289 -3.18 -43.80 14.70
CA PRO E 289 -2.24 -43.24 15.66
C PRO E 289 -1.83 -44.28 16.69
N VAL E 290 -0.64 -44.10 17.26
CA VAL E 290 -0.17 -44.90 18.37
C VAL E 290 -0.15 -44.00 19.59
N GLN E 291 -0.89 -44.37 20.62
CA GLN E 291 -1.02 -43.50 21.79
C GLN E 291 0.22 -43.64 22.66
N ILE E 292 0.80 -42.50 23.04
CA ILE E 292 1.98 -42.46 23.89
C ILE E 292 1.66 -41.61 25.11
N ASN E 293 1.90 -42.19 26.30
CA ASN E 293 1.59 -41.55 27.57
C ASN E 293 2.90 -41.21 28.28
N CYS E 294 3.22 -39.93 28.34
CA CYS E 294 4.47 -39.44 28.92
C CYS E 294 4.17 -38.71 30.22
N THR E 295 4.93 -39.03 31.27
CA THR E 295 4.72 -38.43 32.58
C THR E 295 6.04 -38.02 33.20
N ARG E 296 5.98 -36.93 33.98
CA ARG E 296 7.03 -36.59 34.92
C ARG E 296 6.48 -36.88 36.31
N PRO E 297 6.77 -38.05 36.90
CA PRO E 297 6.05 -38.45 38.11
C PRO E 297 6.26 -37.53 39.30
N ASN E 298 7.41 -36.87 39.39
CA ASN E 298 7.74 -36.05 40.56
C ASN E 298 6.75 -34.92 40.75
N ASN E 299 6.24 -34.77 41.98
CA ASN E 299 5.52 -33.57 42.35
C ASN E 299 6.52 -32.43 42.54
N ASN E 300 6.25 -31.29 41.92
CA ASN E 300 7.22 -30.20 41.83
C ASN E 300 6.64 -28.90 42.34
N THR E 301 7.51 -28.07 42.90
CA THR E 301 7.19 -26.76 43.43
C THR E 301 7.95 -25.70 42.63
N ARG E 302 7.41 -24.49 42.61
CA ARG E 302 8.02 -23.35 41.93
C ARG E 302 8.38 -22.30 42.98
N LYS E 303 9.68 -22.10 43.19
CA LYS E 303 10.18 -21.14 44.16
C LYS E 303 10.57 -19.87 43.42
N SER E 304 10.07 -18.73 43.88
CA SER E 304 10.29 -17.45 43.22
C SER E 304 11.36 -16.68 43.99
N ILE E 305 12.42 -16.29 43.29
CA ILE E 305 13.55 -15.57 43.87
C ILE E 305 13.62 -14.22 43.17
N ARG E 306 13.62 -13.15 43.95
CA ARG E 306 13.75 -11.81 43.38
C ARG E 306 15.22 -11.54 43.09
N ILE E 307 15.55 -11.39 41.81
CA ILE E 307 16.92 -11.18 41.37
C ILE E 307 17.18 -9.74 40.92
N GLY E 308 16.12 -8.96 40.69
CA GLY E 308 16.25 -7.57 40.30
C GLY E 308 15.09 -6.77 40.83
N PRO E 309 15.03 -5.48 40.51
CA PRO E 309 13.92 -4.64 41.01
C PRO E 309 12.55 -5.18 40.68
N GLY E 310 12.38 -5.80 39.51
CA GLY E 310 11.11 -6.40 39.13
C GLY E 310 11.26 -7.70 38.37
N GLN E 311 12.38 -8.39 38.60
CA GLN E 311 12.74 -9.60 37.86
C GLN E 311 12.71 -10.79 38.83
N TRP E 312 11.99 -11.85 38.44
CA TRP E 312 11.88 -13.06 39.24
C TRP E 312 12.50 -14.24 38.50
N PHE E 313 13.24 -15.05 39.24
CA PHE E 313 13.80 -16.30 38.76
C PHE E 313 13.06 -17.45 39.44
N TYR E 314 12.64 -18.44 38.66
CA TYR E 314 11.81 -19.53 39.14
C TYR E 314 12.64 -20.80 39.21
N ALA E 315 12.90 -21.25 40.43
CA ALA E 315 13.70 -22.44 40.71
C ALA E 315 12.81 -23.61 41.08
N THR E 316 13.33 -24.82 40.86
CA THR E 316 12.60 -26.03 41.23
C THR E 316 12.39 -26.10 42.75
N GLY E 317 13.43 -25.78 43.52
CA GLY E 317 13.30 -25.78 44.96
C GLY E 317 13.39 -27.15 45.60
N ASP E 318 12.31 -27.93 45.52
CA ASP E 318 12.27 -29.24 46.15
C ASP E 318 11.21 -30.10 45.48
N ILE E 319 11.16 -31.37 45.90
CA ILE E 319 10.17 -32.34 45.43
C ILE E 319 9.45 -32.89 46.65
N ILE E 320 8.12 -32.88 46.60
CA ILE E 320 7.29 -33.44 47.66
C ILE E 320 7.05 -34.91 47.32
N GLY E 321 7.30 -35.77 48.29
CA GLY E 321 7.22 -37.20 48.05
C GLY E 321 8.52 -37.75 47.50
N ASP E 322 8.40 -38.86 46.79
CA ASP E 322 9.56 -39.56 46.28
C ASP E 322 10.02 -38.94 44.97
N ILE E 323 11.17 -39.39 44.49
CA ILE E 323 11.78 -38.91 43.25
C ILE E 323 11.83 -40.10 42.30
N ARG E 324 11.17 -39.96 41.15
CA ARG E 324 11.06 -41.02 40.16
C ARG E 324 11.35 -40.46 38.77
N GLN E 325 11.82 -41.33 37.89
CA GLN E 325 12.24 -40.93 36.55
C GLN E 325 11.04 -40.67 35.66
N ALA E 326 11.13 -39.60 34.85
CA ALA E 326 10.13 -39.33 33.83
C ALA E 326 10.22 -40.39 32.74
N HIS E 327 9.07 -40.74 32.16
CA HIS E 327 9.07 -41.83 31.19
C HIS E 327 7.86 -41.74 30.29
N CYS E 328 7.91 -42.49 29.18
CA CYS E 328 6.80 -42.61 28.24
C CYS E 328 6.43 -44.07 28.06
N ASN E 329 5.13 -44.35 28.00
CA ASN E 329 4.60 -45.69 27.78
C ASN E 329 3.92 -45.73 26.43
N VAL E 330 4.18 -46.77 25.66
CA VAL E 330 3.42 -47.06 24.44
C VAL E 330 2.95 -48.50 24.49
N SER E 331 1.80 -48.77 23.88
CA SER E 331 1.31 -50.13 23.81
C SER E 331 2.25 -50.99 22.97
N LYS E 332 2.57 -52.18 23.48
CA LYS E 332 3.50 -53.05 22.78
C LYS E 332 2.87 -53.63 21.51
N ALA E 333 1.61 -54.07 21.60
CA ALA E 333 0.96 -54.68 20.45
C ALA E 333 0.67 -53.66 19.38
N THR E 334 0.20 -52.46 19.76
CA THR E 334 -0.11 -51.44 18.77
C THR E 334 1.15 -51.01 18.03
N TRP E 335 2.24 -50.80 18.78
CA TRP E 335 3.50 -50.46 18.16
C TRP E 335 3.99 -51.57 17.24
N ASN E 336 3.77 -52.83 17.63
CA ASN E 336 4.29 -53.93 16.83
C ASN E 336 3.51 -54.07 15.52
N GLU E 337 2.19 -53.88 15.56
CA GLU E 337 1.42 -53.87 14.31
C GLU E 337 1.77 -52.66 13.45
N THR E 338 2.00 -51.51 14.08
CA THR E 338 2.39 -50.33 13.31
C THR E 338 3.73 -50.56 12.60
N LEU E 339 4.70 -51.16 13.30
CA LEU E 339 5.96 -51.47 12.65
C LEU E 339 5.78 -52.52 11.55
N GLY E 340 4.87 -53.48 11.75
CA GLY E 340 4.60 -54.42 10.68
C GLY E 340 4.08 -53.74 9.43
N LYS E 341 3.19 -52.75 9.61
CA LYS E 341 2.69 -52.00 8.46
C LYS E 341 3.79 -51.17 7.80
N VAL E 342 4.65 -50.55 8.61
CA VAL E 342 5.75 -49.77 8.05
C VAL E 342 6.69 -50.66 7.25
N VAL E 343 6.97 -51.86 7.76
CA VAL E 343 7.82 -52.81 7.04
C VAL E 343 7.15 -53.24 5.74
N LYS E 344 5.84 -53.53 5.80
CA LYS E 344 5.10 -53.90 4.60
C LYS E 344 5.21 -52.83 3.52
N GLN E 345 5.18 -51.55 3.92
CA GLN E 345 5.30 -50.47 2.96
C GLN E 345 6.74 -50.26 2.49
N LEU E 346 7.72 -50.46 3.36
CA LEU E 346 9.12 -50.32 2.95
C LEU E 346 9.53 -51.40 1.96
N ARG E 347 8.97 -52.60 2.09
CA ARG E 347 9.29 -53.67 1.14
C ARG E 347 8.85 -53.31 -0.28
N LYS E 348 7.90 -52.41 -0.44
CA LYS E 348 7.51 -51.97 -1.78
C LYS E 348 8.61 -51.17 -2.47
N HIS E 349 9.56 -50.64 -1.71
CA HIS E 349 10.69 -49.89 -2.25
C HIS E 349 12.00 -50.66 -2.21
N PHE E 350 12.17 -51.56 -1.23
CA PHE E 350 13.43 -52.26 -1.01
C PHE E 350 13.39 -53.74 -1.34
N GLY E 351 12.23 -54.29 -1.72
CA GLY E 351 12.12 -55.68 -2.11
C GLY E 351 11.22 -56.50 -1.21
N ASN E 352 10.51 -57.47 -1.79
CA ASN E 352 9.64 -58.32 -1.00
C ASN E 352 10.41 -59.27 -0.10
N ASN E 353 11.68 -59.56 -0.42
CA ASN E 353 12.49 -60.53 0.32
C ASN E 353 13.63 -59.91 1.10
N THR E 354 13.64 -58.58 1.28
CA THR E 354 14.70 -57.91 2.04
C THR E 354 14.31 -57.83 3.51
N ILE E 355 15.28 -58.07 4.38
CA ILE E 355 15.05 -58.02 5.81
C ILE E 355 15.05 -56.56 6.24
N ILE E 356 14.03 -56.15 6.98
CA ILE E 356 13.92 -54.76 7.46
C ILE E 356 14.23 -54.76 8.95
N ARG E 357 15.27 -54.02 9.34
CA ARG E 357 15.70 -53.93 10.73
C ARG E 357 15.55 -52.51 11.22
N PHE E 358 15.06 -52.37 12.45
CA PHE E 358 14.99 -51.09 13.15
C PHE E 358 15.95 -51.13 14.33
N ALA E 359 16.74 -50.06 14.46
CA ALA E 359 17.77 -49.93 15.47
C ALA E 359 17.78 -48.47 15.93
N ASN E 360 18.42 -48.24 17.07
CA ASN E 360 18.40 -46.91 17.66
C ASN E 360 19.36 -45.98 16.92
N SER E 361 19.25 -44.68 17.22
CA SER E 361 20.05 -43.67 16.56
C SER E 361 21.54 -43.93 16.73
N SER E 362 22.29 -43.77 15.64
CA SER E 362 23.72 -44.04 15.64
C SER E 362 24.56 -42.91 16.24
N GLY E 363 24.00 -41.72 16.40
CA GLY E 363 24.80 -40.62 16.90
C GLY E 363 24.08 -39.30 16.73
N GLY E 364 24.78 -38.25 17.15
CA GLY E 364 24.28 -36.88 17.13
C GLY E 364 24.09 -36.35 18.54
N ASP E 365 23.51 -35.16 18.61
CA ASP E 365 23.27 -34.53 19.91
C ASP E 365 22.07 -35.19 20.58
N LEU E 366 21.81 -34.79 21.82
CA LEU E 366 20.72 -35.40 22.58
C LEU E 366 19.38 -35.17 21.91
N GLU E 367 19.21 -34.02 21.23
CA GLU E 367 17.94 -33.73 20.60
C GLU E 367 17.61 -34.69 19.47
N VAL E 368 18.62 -35.33 18.88
CA VAL E 368 18.42 -36.23 17.74
C VAL E 368 18.70 -37.68 18.07
N THR E 369 19.45 -37.98 19.14
CA THR E 369 19.62 -39.35 19.58
C THR E 369 18.45 -39.83 20.42
N THR E 370 17.69 -38.91 21.00
CA THR E 370 16.48 -39.20 21.75
C THR E 370 15.26 -38.61 21.05
N HIS E 371 14.09 -39.02 21.52
CA HIS E 371 12.84 -38.39 21.13
C HIS E 371 12.67 -37.18 22.04
N SER E 372 12.95 -36.00 21.50
CA SER E 372 12.80 -34.77 22.25
C SER E 372 11.42 -34.21 22.01
N PHE E 373 10.81 -33.64 23.04
CA PHE E 373 9.53 -32.97 22.86
C PHE E 373 9.22 -32.10 24.07
N ASN E 374 8.28 -31.19 23.88
CA ASN E 374 7.78 -30.29 24.91
C ASN E 374 6.34 -30.68 25.21
N CYS E 375 6.06 -31.06 26.45
CA CYS E 375 4.69 -31.30 26.87
C CYS E 375 4.52 -30.85 28.31
N GLY E 376 3.39 -30.19 28.57
CA GLY E 376 3.09 -29.70 29.89
C GLY E 376 3.91 -28.51 30.32
N GLY E 377 4.74 -27.97 29.43
CA GLY E 377 5.74 -26.98 29.77
C GLY E 377 7.11 -27.56 30.01
N GLU E 378 7.22 -28.88 30.15
CA GLU E 378 8.50 -29.53 30.41
C GLU E 378 9.07 -30.14 29.13
N PHE E 379 10.39 -30.19 29.07
CA PHE E 379 11.12 -30.73 27.93
C PHE E 379 11.62 -32.12 28.26
N PHE E 380 11.13 -33.12 27.54
CA PHE E 380 11.46 -34.52 27.72
C PHE E 380 12.41 -34.96 26.61
N TYR E 381 13.40 -35.77 26.97
CA TYR E 381 14.32 -36.40 26.03
C TYR E 381 14.26 -37.90 26.32
N CYS E 382 13.44 -38.61 25.54
CA CYS E 382 13.11 -40.00 25.82
C CYS E 382 13.95 -40.97 24.99
N ASP E 383 14.34 -42.07 25.61
CA ASP E 383 15.23 -43.04 24.98
C ASP E 383 14.36 -44.04 24.22
N THR E 384 14.43 -43.99 22.89
CA THR E 384 13.60 -44.80 22.02
C THR E 384 14.29 -46.09 21.60
N SER E 385 15.33 -46.51 22.34
CA SER E 385 16.06 -47.71 21.99
C SER E 385 15.20 -48.97 22.02
N GLY E 386 14.06 -48.93 22.70
CA GLY E 386 13.15 -50.06 22.73
C GLY E 386 12.04 -49.99 21.71
N LEU E 387 11.85 -48.80 21.10
CA LEU E 387 10.91 -48.69 20.00
C LEU E 387 11.49 -49.29 18.72
N PHE E 388 12.79 -49.11 18.50
CA PHE E 388 13.47 -49.55 17.27
C PHE E 388 14.53 -50.56 17.68
N ASN E 389 14.10 -51.81 17.83
CA ASN E 389 14.96 -52.88 18.33
C ASN E 389 14.51 -54.21 17.73
N SER E 390 14.32 -54.27 16.41
CA SER E 390 13.65 -55.44 15.85
C SER E 390 14.08 -55.74 14.44
N THR E 391 14.18 -57.03 14.13
CA THR E 391 14.45 -57.53 12.79
C THR E 391 13.18 -58.18 12.25
N TRP E 392 12.84 -57.83 11.01
CA TRP E 392 11.61 -58.29 10.34
C TRP E 392 12.03 -59.06 9.10
N ILE E 393 11.82 -60.38 9.14
CA ILE E 393 12.09 -61.28 8.02
C ILE E 393 10.79 -61.54 7.28
N SER E 394 10.88 -61.67 5.96
CA SER E 394 9.70 -61.88 5.12
C SER E 394 9.39 -63.37 5.08
N ASN E 395 8.50 -63.80 5.98
CA ASN E 395 8.16 -65.20 6.29
C ASN E 395 6.90 -65.17 7.14
N ASP E 408 0.85 -55.79 27.51
CA ASP E 408 2.10 -55.19 27.99
C ASP E 408 2.32 -53.83 27.36
N SER E 409 3.38 -53.16 27.77
CA SER E 409 3.74 -51.85 27.26
C SER E 409 5.26 -51.72 27.19
N ILE E 410 5.70 -50.77 26.38
CA ILE E 410 7.12 -50.44 26.24
C ILE E 410 7.31 -49.12 26.97
N THR E 411 8.22 -49.12 27.94
CA THR E 411 8.56 -47.95 28.73
C THR E 411 9.88 -47.37 28.23
N LEU E 412 9.85 -46.09 27.88
CA LEU E 412 11.00 -45.34 27.38
C LEU E 412 11.44 -44.41 28.50
N PRO E 413 12.63 -44.57 29.09
CA PRO E 413 13.09 -43.59 30.08
C PRO E 413 13.28 -42.24 29.42
N CYS E 414 12.98 -41.18 30.18
CA CYS E 414 13.11 -39.81 29.71
C CYS E 414 13.88 -38.97 30.70
N ARG E 415 14.82 -38.19 30.18
CA ARG E 415 15.56 -37.21 30.95
C ARG E 415 14.99 -35.82 30.70
N ILE E 416 15.20 -34.93 31.67
CA ILE E 416 14.65 -33.58 31.64
C ILE E 416 15.82 -32.61 31.63
N LYS E 417 15.69 -31.55 30.84
CA LYS E 417 16.54 -30.38 30.95
C LYS E 417 15.68 -29.15 31.19
N GLN E 418 16.24 -28.22 31.96
CA GLN E 418 15.64 -26.92 32.17
C GLN E 418 16.30 -25.83 31.35
N ILE E 419 17.46 -26.10 30.75
CA ILE E 419 18.16 -25.15 29.89
C ILE E 419 18.13 -25.76 28.48
N ILE E 420 17.45 -25.07 27.58
CA ILE E 420 17.16 -25.57 26.25
C ILE E 420 17.73 -24.57 25.26
N ASN E 421 18.34 -25.09 24.20
CA ASN E 421 18.77 -24.30 23.06
C ASN E 421 17.97 -24.84 21.89
N MET E 422 16.85 -24.17 21.62
CA MET E 422 15.97 -24.63 20.55
C MET E 422 16.66 -24.39 19.22
N TRP E 423 16.52 -25.37 18.32
CA TRP E 423 17.10 -25.28 16.99
C TRP E 423 18.62 -25.31 17.17
N GLN E 424 19.37 -24.41 16.55
CA GLN E 424 20.82 -24.40 16.73
C GLN E 424 21.36 -22.97 16.71
N ARG E 425 20.59 -22.02 17.23
CA ARG E 425 21.02 -20.64 17.25
C ARG E 425 22.30 -20.49 18.08
N ILE E 426 22.96 -19.34 17.90
CA ILE E 426 24.27 -19.07 18.50
C ILE E 426 24.11 -17.94 19.53
N GLY E 427 24.56 -18.20 20.75
CA GLY E 427 24.56 -17.18 21.78
C GLY E 427 23.23 -16.88 22.39
N GLN E 428 22.26 -17.78 22.31
CA GLN E 428 20.94 -17.60 22.91
C GLN E 428 20.43 -18.94 23.39
N ALA E 429 20.23 -19.06 24.71
CA ALA E 429 19.61 -20.22 25.33
C ALA E 429 18.42 -19.78 26.15
N MET E 430 17.57 -20.74 26.51
CA MET E 430 16.36 -20.49 27.28
C MET E 430 16.34 -21.39 28.49
N TYR E 431 16.04 -20.79 29.65
CA TYR E 431 15.74 -21.56 30.85
C TYR E 431 14.24 -21.82 30.90
N ALA E 432 13.86 -23.09 31.08
CA ALA E 432 12.47 -23.48 31.18
C ALA E 432 12.07 -23.46 32.64
N PRO E 433 11.17 -22.57 33.09
CA PRO E 433 10.79 -22.58 34.50
C PRO E 433 10.11 -23.89 34.87
N PRO E 434 10.23 -24.32 36.12
CA PRO E 434 9.56 -25.57 36.51
C PRO E 434 8.05 -25.41 36.53
N ILE E 435 7.36 -26.52 36.29
CA ILE E 435 5.91 -26.56 36.31
C ILE E 435 5.49 -27.23 37.62
N GLN E 436 4.61 -26.57 38.36
CA GLN E 436 4.16 -27.12 39.63
C GLN E 436 3.25 -28.31 39.40
N GLY E 437 3.30 -29.27 40.33
CA GLY E 437 2.48 -30.45 40.24
C GLY E 437 3.17 -31.57 39.48
N VAL E 438 2.32 -32.45 38.96
CA VAL E 438 2.76 -33.64 38.23
C VAL E 438 2.23 -33.51 36.81
N ILE E 439 3.09 -33.75 35.82
CA ILE E 439 2.73 -33.62 34.41
C ILE E 439 2.37 -34.99 33.88
N ARG E 440 1.18 -35.07 33.29
CA ARG E 440 0.67 -36.27 32.62
C ARG E 440 0.28 -35.82 31.21
N CYS E 441 0.77 -36.53 30.20
CA CYS E 441 0.65 -36.11 28.81
C CYS E 441 0.24 -37.30 27.96
N VAL E 442 -0.80 -37.13 27.15
CA VAL E 442 -1.27 -38.16 26.22
C VAL E 442 -1.19 -37.58 24.81
N SER E 443 -0.38 -38.21 23.95
CA SER E 443 -0.17 -37.74 22.59
C SER E 443 -0.37 -38.88 21.61
N ASN E 444 -0.63 -38.50 20.35
CA ASN E 444 -0.73 -39.44 19.24
C ASN E 444 0.58 -39.41 18.47
N ILE E 445 1.17 -40.58 18.26
CA ILE E 445 2.26 -40.73 17.30
C ILE E 445 1.61 -41.00 15.96
N THR E 446 1.82 -40.08 15.02
CA THR E 446 1.23 -40.13 13.69
C THR E 446 2.26 -40.34 12.60
N GLY E 447 3.53 -40.52 12.94
CA GLY E 447 4.54 -40.73 11.92
C GLY E 447 5.92 -40.81 12.51
N LEU E 448 6.87 -41.13 11.63
CA LEU E 448 8.28 -41.31 11.97
C LEU E 448 9.15 -40.53 11.00
N ILE E 449 10.33 -40.14 11.48
CA ILE E 449 11.43 -39.66 10.63
C ILE E 449 12.55 -40.69 10.76
N LEU E 450 12.82 -41.41 9.68
CA LEU E 450 13.80 -42.48 9.65
C LEU E 450 14.91 -42.16 8.67
N THR E 451 16.09 -42.70 8.94
CA THR E 451 17.22 -42.65 8.02
C THR E 451 17.68 -44.07 7.76
N ARG E 452 17.91 -44.40 6.49
CA ARG E 452 18.39 -45.71 6.11
C ARG E 452 19.91 -45.76 6.20
N ASP E 453 20.43 -46.84 6.77
CA ASP E 453 21.86 -47.01 6.90
C ASP E 453 22.48 -47.28 5.54
N GLY E 454 23.46 -46.45 5.17
CA GLY E 454 24.18 -46.64 3.93
C GLY E 454 25.45 -47.43 4.13
N GLY E 455 26.11 -47.74 3.02
CA GLY E 455 27.36 -48.46 3.06
C GLY E 455 27.22 -49.89 3.53
N SER E 456 26.05 -50.47 3.36
CA SER E 456 25.80 -51.81 3.87
C SER E 456 26.66 -52.83 3.13
N THR E 457 27.12 -53.84 3.86
CA THR E 457 27.86 -54.97 3.30
C THR E 457 26.99 -56.21 3.18
N ASP E 458 25.69 -56.11 3.47
CA ASP E 458 24.74 -57.20 3.34
C ASP E 458 23.53 -56.66 2.60
N SER E 459 23.37 -57.08 1.34
CA SER E 459 22.32 -56.55 0.49
C SER E 459 20.96 -57.18 0.76
N THR E 460 20.88 -58.18 1.64
CA THR E 460 19.61 -58.81 1.99
C THR E 460 18.92 -58.15 3.19
N THR E 461 19.57 -57.19 3.85
CA THR E 461 19.00 -56.53 5.02
C THR E 461 19.14 -55.02 4.87
N GLU E 462 18.07 -54.30 5.22
CA GLU E 462 18.06 -52.85 5.32
C GLU E 462 17.83 -52.45 6.77
N THR E 463 18.60 -51.47 7.23
CA THR E 463 18.53 -50.99 8.61
C THR E 463 18.09 -49.53 8.61
N PHE E 464 17.06 -49.23 9.41
CA PHE E 464 16.50 -47.90 9.55
C PHE E 464 16.65 -47.45 10.98
N ARG E 465 17.06 -46.20 11.18
CA ARG E 465 17.27 -45.62 12.49
C ARG E 465 16.49 -44.32 12.62
N PRO E 466 16.05 -43.95 13.82
CA PRO E 466 15.42 -42.64 13.98
C PRO E 466 16.37 -41.50 13.68
N SER E 467 15.82 -40.41 13.17
CA SER E 467 16.57 -39.19 12.92
C SER E 467 15.67 -38.01 13.27
N GLY E 468 16.11 -36.82 12.88
CA GLY E 468 15.40 -35.59 13.19
C GLY E 468 16.39 -34.50 13.51
N GLY E 469 15.88 -33.42 14.10
CA GLY E 469 16.65 -32.26 14.44
C GLY E 469 16.50 -31.11 13.49
N ASP E 470 15.99 -31.36 12.29
CA ASP E 470 15.67 -30.33 11.30
C ASP E 470 14.15 -30.31 11.23
N MET E 471 13.54 -29.32 11.85
CA MET E 471 12.09 -29.29 11.99
C MET E 471 11.38 -29.09 10.66
N ARG E 472 12.09 -28.71 9.60
CA ARG E 472 11.46 -28.63 8.29
C ARG E 472 10.97 -29.98 7.82
N ASP E 473 11.56 -31.08 8.31
CA ASP E 473 11.03 -32.41 8.00
C ASP E 473 9.76 -32.72 8.77
N ASN E 474 9.51 -32.03 9.89
CA ASN E 474 8.29 -32.25 10.65
C ASN E 474 7.14 -31.48 10.02
N TRP E 475 7.37 -30.21 9.72
CA TRP E 475 6.36 -29.36 9.15
C TRP E 475 6.12 -29.66 7.68
N ARG E 476 7.10 -30.25 6.99
CA ARG E 476 6.85 -30.80 5.67
C ARG E 476 5.96 -32.03 5.72
N SER E 477 5.79 -32.66 6.90
CA SER E 477 4.88 -33.79 6.99
C SER E 477 3.42 -33.38 7.05
N GLU E 478 3.13 -32.10 7.26
CA GLU E 478 1.79 -31.55 7.25
C GLU E 478 1.50 -30.72 6.01
N LEU E 479 2.50 -30.03 5.48
CA LEU E 479 2.36 -29.18 4.30
C LEU E 479 2.62 -29.93 3.00
N TYR E 480 2.82 -31.25 3.05
CA TYR E 480 3.18 -32.00 1.85
C TYR E 480 2.11 -31.91 0.76
N LYS E 481 0.85 -31.73 1.14
CA LYS E 481 -0.25 -31.75 0.20
C LYS E 481 -0.66 -30.38 -0.31
N TYR E 482 0.03 -29.31 0.13
CA TYR E 482 -0.33 -27.94 -0.21
C TYR E 482 0.72 -27.32 -1.12
N LYS E 483 0.26 -26.55 -2.09
CA LYS E 483 1.09 -25.84 -3.05
C LYS E 483 0.56 -24.43 -3.19
N VAL E 484 1.45 -23.46 -3.36
CA VAL E 484 1.07 -22.06 -3.56
C VAL E 484 1.27 -21.72 -5.04
N VAL E 485 0.25 -21.14 -5.66
CA VAL E 485 0.31 -20.69 -7.04
C VAL E 485 -0.18 -19.25 -7.10
N LYS E 486 0.20 -18.56 -8.17
CA LYS E 486 -0.24 -17.20 -8.45
C LYS E 486 -1.19 -17.22 -9.62
N ILE E 487 -2.20 -16.36 -9.58
CA ILE E 487 -3.27 -16.37 -10.58
C ILE E 487 -2.86 -15.47 -11.74
N GLU E 488 -3.12 -15.94 -12.95
CA GLU E 488 -2.82 -15.22 -14.20
C GLU E 488 -4.16 -14.94 -14.88
N PRO E 489 -4.90 -13.92 -14.43
CA PRO E 489 -6.27 -13.75 -14.91
C PRO E 489 -6.37 -13.24 -16.33
N LEU E 490 -5.28 -12.75 -16.93
CA LEU E 490 -5.30 -12.13 -18.24
C LEU E 490 -4.82 -13.11 -19.29
N GLY E 491 -5.56 -13.20 -20.39
CA GLY E 491 -5.17 -14.11 -21.47
C GLY E 491 -5.76 -13.64 -22.79
N VAL E 492 -5.27 -14.26 -23.86
CA VAL E 492 -5.68 -13.92 -25.22
C VAL E 492 -6.05 -15.21 -25.94
N ALA E 493 -6.99 -15.11 -26.87
CA ALA E 493 -7.40 -16.28 -27.62
C ALA E 493 -8.03 -15.85 -28.94
N PRO E 494 -8.00 -16.69 -29.97
CA PRO E 494 -8.69 -16.33 -31.21
C PRO E 494 -10.19 -16.52 -31.11
N THR E 495 -10.93 -15.54 -31.64
CA THR E 495 -12.37 -15.66 -31.83
C THR E 495 -12.71 -15.00 -33.15
N ARG E 496 -13.97 -15.10 -33.54
CA ARG E 496 -14.45 -14.44 -34.75
C ARG E 496 -14.93 -13.02 -34.52
N CYS E 497 -14.83 -12.50 -33.29
CA CYS E 497 -15.32 -11.17 -32.98
C CYS E 497 -14.24 -10.14 -33.29
N LYS E 498 -14.61 -9.14 -34.08
CA LYS E 498 -13.72 -8.06 -34.47
C LYS E 498 -14.20 -6.76 -33.85
N ARG E 499 -13.26 -5.93 -33.41
CA ARG E 499 -13.60 -4.61 -32.89
C ARG E 499 -14.10 -3.73 -34.02
N ARG E 500 -15.23 -3.05 -33.79
CA ARG E 500 -15.74 -2.10 -34.77
C ARG E 500 -14.81 -0.90 -34.87
N VAL F 7 -17.54 -14.69 -1.89
CA VAL F 7 -16.80 -14.32 -3.09
C VAL F 7 -15.97 -15.53 -3.52
N PHE F 8 -15.19 -16.06 -2.57
CA PHE F 8 -14.32 -17.20 -2.83
C PHE F 8 -15.05 -18.36 -3.50
N LEU F 9 -16.33 -18.56 -3.19
CA LEU F 9 -17.05 -19.72 -3.67
C LEU F 9 -17.04 -19.77 -5.19
N GLY F 10 -16.75 -20.95 -5.74
CA GLY F 10 -16.64 -21.12 -7.17
C GLY F 10 -15.30 -20.73 -7.77
N PHE F 11 -14.35 -20.28 -6.94
CA PHE F 11 -13.07 -19.80 -7.47
C PHE F 11 -12.31 -20.93 -8.16
N LEU F 12 -11.79 -20.63 -9.35
CA LEU F 12 -11.02 -21.56 -10.17
C LEU F 12 -11.79 -22.86 -10.49
N GLY F 13 -13.11 -22.86 -10.31
CA GLY F 13 -13.87 -24.09 -10.52
C GLY F 13 -13.80 -24.58 -11.95
N ALA F 14 -13.79 -23.66 -12.91
CA ALA F 14 -13.69 -23.98 -14.32
C ALA F 14 -12.26 -24.07 -14.81
N ALA F 15 -11.29 -24.21 -13.90
CA ALA F 15 -9.90 -24.40 -14.29
C ALA F 15 -9.72 -25.64 -15.18
N GLY F 16 -10.47 -26.69 -14.89
CA GLY F 16 -10.48 -27.90 -15.69
C GLY F 16 -11.55 -27.96 -16.74
N SER F 17 -12.36 -26.92 -16.89
CA SER F 17 -13.41 -26.87 -17.89
C SER F 17 -12.85 -26.36 -19.21
N THR F 18 -13.65 -26.48 -20.26
CA THR F 18 -13.23 -26.00 -21.56
C THR F 18 -13.18 -24.48 -21.55
N MET F 19 -12.43 -23.90 -22.49
CA MET F 19 -12.26 -22.45 -22.49
C MET F 19 -13.59 -21.74 -22.69
N GLY F 20 -14.45 -22.29 -23.54
CA GLY F 20 -15.77 -21.71 -23.71
C GLY F 20 -16.58 -21.73 -22.43
N ALA F 21 -16.66 -22.91 -21.79
CA ALA F 21 -17.37 -23.02 -20.52
C ALA F 21 -16.71 -22.18 -19.44
N ALA F 22 -15.38 -22.10 -19.45
CA ALA F 22 -14.64 -21.36 -18.44
C ALA F 22 -14.61 -19.85 -18.68
N SER F 23 -15.11 -19.38 -19.83
CA SER F 23 -15.17 -17.95 -20.11
C SER F 23 -16.44 -17.29 -19.58
N MET F 24 -17.38 -18.08 -19.04
CA MET F 24 -18.59 -17.54 -18.44
C MET F 24 -18.47 -17.35 -16.93
N THR F 25 -17.30 -17.63 -16.35
CA THR F 25 -17.05 -17.49 -14.93
C THR F 25 -15.95 -16.47 -14.65
N LEU F 26 -15.72 -15.54 -15.57
CA LEU F 26 -14.61 -14.60 -15.43
C LEU F 26 -14.76 -13.69 -14.22
N THR F 27 -16.00 -13.38 -13.84
CA THR F 27 -16.21 -12.51 -12.69
C THR F 27 -15.81 -13.19 -11.40
N VAL F 28 -15.83 -14.52 -11.37
CA VAL F 28 -15.50 -15.25 -10.15
C VAL F 28 -14.01 -15.14 -9.88
N GLN F 29 -13.18 -15.22 -10.92
CA GLN F 29 -11.75 -15.01 -10.74
C GLN F 29 -11.42 -13.54 -10.56
N ALA F 30 -12.13 -12.66 -11.27
CA ALA F 30 -11.87 -11.23 -11.17
C ALA F 30 -12.11 -10.71 -9.76
N ARG F 31 -13.17 -11.20 -9.10
CA ARG F 31 -13.48 -10.71 -7.76
C ARG F 31 -12.54 -11.24 -6.69
N ASN F 32 -11.69 -12.22 -7.01
CA ASN F 32 -10.77 -12.81 -6.04
C ASN F 32 -9.32 -12.33 -6.22
N LEU F 33 -9.11 -11.28 -7.02
CA LEU F 33 -7.78 -10.72 -7.20
C LEU F 33 -7.48 -9.61 -6.21
N LEU F 34 -8.52 -8.98 -5.66
CA LEU F 34 -8.38 -7.86 -4.72
C LEU F 34 -8.78 -8.32 -3.33
N SER F 35 -7.99 -7.95 -2.33
CA SER F 35 -8.24 -8.28 -0.93
C SER F 35 -9.69 -8.06 -0.50
N THR F 58 6.56 -6.00 15.67
CA THR F 58 5.81 -7.08 15.03
C THR F 58 5.96 -6.95 13.51
N VAL F 59 6.95 -7.66 12.96
CA VAL F 59 7.19 -7.63 11.52
C VAL F 59 6.03 -8.26 10.75
N TRP F 60 5.21 -9.08 11.39
CA TRP F 60 4.09 -9.70 10.69
C TRP F 60 3.00 -8.69 10.35
N GLY F 61 3.01 -7.51 10.99
CA GLY F 61 2.14 -6.44 10.57
C GLY F 61 2.68 -5.62 9.41
N ILE F 62 3.91 -5.87 9.00
CA ILE F 62 4.51 -5.22 7.84
C ILE F 62 4.50 -6.14 6.63
N LYS F 63 4.93 -7.39 6.83
CA LYS F 63 5.01 -8.34 5.71
C LYS F 63 3.63 -8.56 5.10
N GLN F 64 2.61 -8.75 5.94
CA GLN F 64 1.27 -8.91 5.42
C GLN F 64 0.84 -7.65 4.69
N LEU F 65 1.22 -6.49 5.22
CA LEU F 65 0.89 -5.24 4.55
C LEU F 65 1.56 -5.19 3.19
N GLN F 66 2.82 -5.65 3.12
CA GLN F 66 3.50 -5.68 1.84
C GLN F 66 2.76 -6.57 0.86
N ALA F 67 2.25 -7.72 1.35
CA ALA F 67 1.51 -8.60 0.47
C ALA F 67 0.27 -7.89 -0.06
N ARG F 68 -0.41 -7.14 0.80
CA ARG F 68 -1.60 -6.41 0.35
C ARG F 68 -1.20 -5.41 -0.71
N VAL F 69 -0.09 -4.69 -0.47
CA VAL F 69 0.36 -3.70 -1.44
C VAL F 69 0.69 -4.40 -2.74
N LEU F 70 1.35 -5.57 -2.65
CA LEU F 70 1.72 -6.31 -3.85
C LEU F 70 0.50 -6.63 -4.68
N ALA F 71 -0.58 -7.08 -4.01
CA ALA F 71 -1.78 -7.45 -4.76
C ALA F 71 -2.30 -6.27 -5.54
N VAL F 72 -2.30 -5.09 -4.91
CA VAL F 72 -2.83 -3.90 -5.56
C VAL F 72 -2.03 -3.63 -6.82
N GLU F 73 -0.69 -3.70 -6.72
CA GLU F 73 0.13 -3.36 -7.88
C GLU F 73 -0.17 -4.32 -9.01
N ARG F 74 -0.31 -5.61 -8.70
CA ARG F 74 -0.56 -6.58 -9.75
C ARG F 74 -1.88 -6.26 -10.43
N TYR F 75 -2.90 -5.98 -9.62
CA TYR F 75 -4.21 -5.64 -10.18
C TYR F 75 -4.08 -4.43 -11.08
N LEU F 76 -3.40 -3.39 -10.59
CA LEU F 76 -3.32 -2.17 -11.37
C LEU F 76 -2.56 -2.41 -12.65
N ARG F 77 -1.51 -3.24 -12.60
CA ARG F 77 -0.75 -3.49 -13.81
C ARG F 77 -1.62 -4.15 -14.85
N ASP F 78 -2.43 -5.12 -14.43
CA ASP F 78 -3.30 -5.78 -15.39
C ASP F 78 -4.33 -4.78 -15.92
N GLN F 79 -4.86 -3.94 -15.02
CA GLN F 79 -5.82 -2.94 -15.47
C GLN F 79 -5.13 -1.96 -16.41
N GLN F 80 -3.87 -1.64 -16.12
CA GLN F 80 -3.13 -0.74 -16.98
C GLN F 80 -2.99 -1.34 -18.36
N LEU F 81 -2.74 -2.66 -18.44
CA LEU F 81 -2.66 -3.31 -19.75
C LEU F 81 -3.98 -3.14 -20.48
N LEU F 82 -5.08 -3.39 -19.77
CA LEU F 82 -6.39 -3.27 -20.38
C LEU F 82 -6.68 -1.84 -20.81
N GLY F 83 -6.06 -0.86 -20.14
CA GLY F 83 -6.27 0.52 -20.54
C GLY F 83 -5.42 0.95 -21.70
N ILE F 84 -4.20 0.41 -21.82
CA ILE F 84 -3.37 0.78 -22.97
C ILE F 84 -3.91 0.08 -24.21
N TRP F 85 -4.52 -1.08 -24.04
CA TRP F 85 -5.37 -1.68 -25.05
C TRP F 85 -6.75 -1.02 -24.94
N GLY F 86 -7.61 -1.24 -25.92
CA GLY F 86 -8.94 -0.67 -25.86
C GLY F 86 -9.91 -1.51 -25.06
N CYS F 87 -9.49 -1.98 -23.87
CA CYS F 87 -10.23 -3.00 -23.13
C CYS F 87 -10.53 -2.56 -21.69
N SER F 88 -10.47 -1.26 -21.41
CA SER F 88 -10.71 -0.78 -20.04
C SER F 88 -12.15 -1.06 -19.64
N GLY F 89 -12.33 -1.62 -18.45
CA GLY F 89 -13.64 -1.88 -17.92
C GLY F 89 -14.35 -3.10 -18.45
N LYS F 90 -13.66 -3.93 -19.24
CA LYS F 90 -14.26 -5.11 -19.86
C LYS F 90 -13.56 -6.37 -19.38
N LEU F 91 -14.32 -7.46 -19.29
CA LEU F 91 -13.77 -8.79 -19.05
C LEU F 91 -13.60 -9.59 -20.33
N ILE F 92 -14.41 -9.31 -21.35
CA ILE F 92 -14.25 -9.85 -22.69
C ILE F 92 -14.12 -8.66 -23.62
N CYS F 93 -13.02 -8.59 -24.36
CA CYS F 93 -12.69 -7.45 -25.20
C CYS F 93 -12.25 -7.94 -26.57
N CYS F 94 -12.93 -7.45 -27.61
CA CYS F 94 -12.59 -7.78 -28.98
C CYS F 94 -11.67 -6.70 -29.54
N THR F 95 -10.72 -7.10 -30.38
CA THR F 95 -9.65 -6.23 -30.85
C THR F 95 -9.54 -6.33 -32.37
N ASN F 96 -8.64 -5.53 -32.94
CA ASN F 96 -8.37 -5.52 -34.37
C ASN F 96 -7.05 -6.21 -34.75
N VAL F 97 -6.45 -6.97 -33.83
CA VAL F 97 -5.23 -7.71 -34.14
C VAL F 97 -5.61 -9.01 -34.83
N PRO F 98 -5.19 -9.27 -36.07
CA PRO F 98 -5.49 -10.58 -36.67
C PRO F 98 -4.72 -11.67 -35.93
N TRP F 99 -5.36 -12.84 -35.82
CA TRP F 99 -4.64 -14.00 -35.30
C TRP F 99 -3.66 -14.50 -36.36
N ASN F 100 -2.49 -14.95 -35.90
CA ASN F 100 -1.44 -15.50 -36.75
C ASN F 100 -1.40 -17.00 -36.53
N SER F 101 -1.42 -17.76 -37.64
CA SER F 101 -1.35 -19.21 -37.53
C SER F 101 -0.03 -19.68 -36.93
N SER F 102 1.03 -18.87 -37.01
CA SER F 102 2.27 -19.21 -36.33
C SER F 102 2.04 -19.32 -34.83
N TRP F 103 1.25 -18.42 -34.26
CA TRP F 103 0.91 -18.51 -32.84
C TRP F 103 0.14 -19.78 -32.54
N SER F 104 -0.81 -20.13 -33.40
CA SER F 104 -1.62 -21.33 -33.22
C SER F 104 -2.46 -21.64 -34.45
N ASN F 105 -2.36 -22.87 -34.95
CA ASN F 105 -3.14 -23.34 -36.10
C ASN F 105 -4.41 -24.09 -35.71
N ARG F 106 -4.70 -24.24 -34.41
CA ARG F 106 -5.84 -25.03 -33.99
C ARG F 106 -7.15 -24.34 -34.39
N ASN F 107 -8.17 -25.15 -34.67
CA ASN F 107 -9.48 -24.61 -35.00
C ASN F 107 -10.10 -23.95 -33.76
N LEU F 108 -11.31 -23.42 -33.95
CA LEU F 108 -12.04 -22.86 -32.81
C LEU F 108 -12.62 -23.95 -31.94
N SER F 109 -13.08 -25.05 -32.56
CA SER F 109 -13.61 -26.17 -31.79
C SER F 109 -12.53 -26.85 -30.96
N GLU F 110 -11.29 -26.82 -31.42
CA GLU F 110 -10.17 -27.43 -30.71
C GLU F 110 -9.57 -26.51 -29.66
N ILE F 111 -10.06 -25.27 -29.55
CA ILE F 111 -9.62 -24.32 -28.54
C ILE F 111 -10.72 -24.09 -27.51
N TRP F 112 -11.94 -23.85 -27.96
CA TRP F 112 -13.03 -23.47 -27.07
C TRP F 112 -13.84 -24.66 -26.55
N ASP F 113 -13.95 -25.73 -27.35
CA ASP F 113 -14.77 -26.87 -26.98
C ASP F 113 -13.98 -28.08 -26.49
N ASN F 114 -12.73 -28.26 -26.93
CA ASN F 114 -11.93 -29.43 -26.59
C ASN F 114 -10.63 -29.08 -25.85
N MET F 115 -10.56 -27.91 -25.20
CA MET F 115 -9.31 -27.46 -24.60
C MET F 115 -9.61 -26.57 -23.39
N THR F 116 -8.69 -26.62 -22.42
CA THR F 116 -8.76 -25.81 -21.21
C THR F 116 -7.84 -24.61 -21.31
N TRP F 117 -8.03 -23.64 -20.40
CA TRP F 117 -7.22 -22.43 -20.44
C TRP F 117 -5.78 -22.68 -19.98
N LEU F 118 -5.55 -23.65 -19.10
CA LEU F 118 -4.17 -23.93 -18.69
C LEU F 118 -3.34 -24.48 -19.83
N GLN F 119 -3.91 -25.38 -20.63
CA GLN F 119 -3.20 -25.92 -21.79
C GLN F 119 -2.92 -24.82 -22.81
N TRP F 120 -3.92 -23.97 -23.04
CA TRP F 120 -3.77 -22.85 -23.95
C TRP F 120 -2.70 -21.89 -23.48
N ASP F 121 -2.65 -21.62 -22.18
CA ASP F 121 -1.65 -20.71 -21.67
C ASP F 121 -0.27 -21.33 -21.74
N LYS F 122 -0.18 -22.66 -21.64
CA LYS F 122 1.13 -23.29 -21.75
C LYS F 122 1.67 -23.20 -23.17
N GLU F 123 0.82 -23.48 -24.16
CA GLU F 123 1.25 -23.30 -25.54
C GLU F 123 1.58 -21.83 -25.86
N ILE F 124 0.71 -20.90 -25.47
CA ILE F 124 0.82 -19.51 -25.95
C ILE F 124 1.64 -18.63 -25.00
N SER F 125 2.23 -19.20 -23.94
CA SER F 125 3.26 -18.49 -23.20
C SER F 125 4.39 -18.03 -24.09
N ASN F 126 4.67 -18.79 -25.15
CA ASN F 126 5.83 -18.54 -26.00
C ASN F 126 5.59 -17.30 -26.86
N TYR F 127 4.33 -16.97 -27.15
CA TYR F 127 3.95 -15.93 -28.09
C TYR F 127 3.27 -14.74 -27.43
N THR F 128 3.07 -14.80 -26.11
CA THR F 128 2.25 -13.80 -25.41
C THR F 128 2.76 -12.38 -25.64
N GLN F 129 4.07 -12.16 -25.59
CA GLN F 129 4.56 -10.80 -25.67
C GLN F 129 4.52 -10.21 -27.06
N ILE F 130 4.51 -11.05 -28.11
CA ILE F 130 4.29 -10.54 -29.46
C ILE F 130 2.86 -10.07 -29.62
N ILE F 131 1.90 -10.87 -29.12
CA ILE F 131 0.50 -10.48 -29.18
C ILE F 131 0.28 -9.22 -28.36
N TYR F 132 0.91 -9.14 -27.18
CA TYR F 132 0.77 -7.97 -26.33
C TYR F 132 1.34 -6.73 -27.00
N GLY F 133 2.47 -6.86 -27.69
CA GLY F 133 3.01 -5.72 -28.41
C GLY F 133 2.12 -5.28 -29.56
N LEU F 134 1.60 -6.23 -30.33
CA LEU F 134 0.69 -5.87 -31.41
C LEU F 134 -0.57 -5.21 -30.87
N LEU F 135 -1.07 -5.71 -29.74
CA LEU F 135 -2.23 -5.12 -29.10
C LEU F 135 -1.94 -3.68 -28.65
N GLU F 136 -0.77 -3.49 -28.03
CA GLU F 136 -0.38 -2.18 -27.52
C GLU F 136 -0.09 -1.17 -28.62
N GLU F 137 0.66 -1.57 -29.65
CA GLU F 137 1.29 -0.59 -30.53
C GLU F 137 0.42 -0.24 -31.72
N SER F 138 0.20 -1.20 -32.62
CA SER F 138 -0.47 -0.84 -33.86
C SER F 138 -1.93 -0.48 -33.61
N GLN F 139 -2.69 -1.39 -33.01
CA GLN F 139 -4.13 -1.26 -33.10
C GLN F 139 -4.66 -0.15 -32.22
N ASN F 140 -4.28 -0.12 -30.94
CA ASN F 140 -4.90 0.86 -30.05
C ASN F 140 -4.41 2.28 -30.34
N GLN F 141 -3.11 2.47 -30.54
CA GLN F 141 -2.66 3.84 -30.77
C GLN F 141 -3.06 4.35 -32.15
N GLN F 142 -3.15 3.47 -33.15
CA GLN F 142 -3.63 3.96 -34.43
C GLN F 142 -5.12 4.21 -34.40
N GLU F 143 -5.88 3.37 -33.69
CA GLU F 143 -7.31 3.62 -33.55
C GLU F 143 -7.55 4.91 -32.77
N LYS F 144 -6.80 5.14 -31.70
CA LYS F 144 -6.99 6.34 -30.89
C LYS F 144 -6.65 7.59 -31.68
N ASN F 145 -5.60 7.54 -32.51
CA ASN F 145 -5.27 8.69 -33.32
C ASN F 145 -6.32 8.91 -34.41
N GLU F 146 -6.86 7.83 -34.97
CA GLU F 146 -7.91 7.96 -35.98
C GLU F 146 -9.20 8.52 -35.39
N GLN F 147 -9.55 8.17 -34.15
CA GLN F 147 -10.67 8.85 -33.49
C GLN F 147 -10.34 10.31 -33.20
N ASP F 148 -9.08 10.61 -32.85
CA ASP F 148 -8.70 12.00 -32.68
C ASP F 148 -8.89 12.81 -33.96
N LEU F 149 -8.66 12.18 -35.11
CA LEU F 149 -8.83 12.88 -36.39
C LEU F 149 -10.25 12.84 -36.93
N LEU F 150 -11.02 11.80 -36.64
CA LEU F 150 -12.42 11.80 -37.05
C LEU F 150 -13.24 12.81 -36.26
N ALA F 151 -12.89 13.04 -35.00
CA ALA F 151 -13.65 13.93 -34.14
C ALA F 151 -13.51 15.40 -34.52
N LEU F 152 -12.58 15.76 -35.40
CA LEU F 152 -12.40 17.16 -35.81
C LEU F 152 -12.89 17.42 -37.23
N ASP F 153 -13.49 16.43 -37.89
CA ASP F 153 -14.03 16.61 -39.24
C ASP F 153 -15.14 17.64 -39.21
N GLU G 1 7.22 24.08 -56.53
CA GLU G 1 8.07 22.85 -56.59
C GLU G 1 7.25 21.57 -56.51
N VAL G 2 6.11 21.64 -55.80
CA VAL G 2 5.24 20.49 -55.59
C VAL G 2 4.82 19.93 -56.95
N GLN G 3 5.29 18.72 -57.26
CA GLN G 3 5.05 18.08 -58.55
C GLN G 3 4.29 16.77 -58.28
N LEU G 4 3.03 16.74 -58.70
CA LEU G 4 2.20 15.54 -58.70
C LEU G 4 2.12 14.99 -60.13
N VAL G 5 2.35 13.69 -60.29
CA VAL G 5 2.45 13.05 -61.61
C VAL G 5 1.68 11.74 -61.56
N GLU G 6 0.51 11.70 -62.20
CA GLU G 6 -0.27 10.47 -62.26
C GLU G 6 0.13 9.60 -63.43
N THR G 7 -0.03 8.29 -63.24
CA THR G 7 0.20 7.28 -64.25
C THR G 7 -0.83 6.17 -64.06
N GLY G 8 -0.72 5.13 -64.89
CA GLY G 8 -1.65 4.03 -64.88
C GLY G 8 -2.95 4.30 -65.61
N GLY G 9 -3.09 5.47 -66.23
CA GLY G 9 -4.33 5.83 -66.90
C GLY G 9 -4.34 5.36 -68.35
N GLY G 10 -5.53 4.96 -68.82
CA GLY G 10 -5.66 4.44 -70.16
C GLY G 10 -7.10 4.13 -70.53
N LEU G 11 -7.33 2.95 -71.10
CA LEU G 11 -8.65 2.53 -71.56
C LEU G 11 -8.95 1.13 -71.03
N VAL G 12 -10.22 0.90 -70.72
CA VAL G 12 -10.69 -0.36 -70.13
C VAL G 12 -12.14 -0.56 -70.53
N GLN G 13 -12.64 -1.77 -70.30
CA GLN G 13 -13.99 -2.17 -70.63
C GLN G 13 -14.87 -2.13 -69.39
N PRO G 14 -16.20 -2.15 -69.54
CA PRO G 14 -17.07 -2.30 -68.37
C PRO G 14 -16.69 -3.54 -67.57
N GLY G 15 -16.77 -3.42 -66.25
CA GLY G 15 -16.27 -4.45 -65.36
C GLY G 15 -14.76 -4.44 -65.17
N GLY G 16 -14.05 -3.51 -65.78
CA GLY G 16 -12.61 -3.46 -65.66
C GLY G 16 -12.14 -3.16 -64.25
N SER G 17 -10.86 -3.42 -64.02
CA SER G 17 -10.19 -3.24 -62.73
C SER G 17 -8.95 -2.38 -63.00
N LEU G 18 -9.09 -1.07 -62.90
CA LEU G 18 -8.06 -0.12 -63.31
C LEU G 18 -7.38 0.48 -62.09
N LYS G 19 -6.04 0.49 -62.10
CA LYS G 19 -5.20 1.05 -61.04
C LYS G 19 -4.47 2.29 -61.54
N LEU G 20 -4.69 3.44 -60.88
CA LEU G 20 -3.90 4.65 -61.09
C LEU G 20 -2.94 4.86 -59.93
N SER G 21 -1.83 5.54 -60.23
CA SER G 21 -0.83 5.85 -59.22
C SER G 21 -0.29 7.26 -59.43
N CYS G 22 -0.37 8.08 -58.38
CA CYS G 22 0.09 9.46 -58.38
C CYS G 22 1.36 9.54 -57.55
N ARG G 23 2.45 9.98 -58.17
CA ARG G 23 3.74 10.17 -57.51
C ARG G 23 3.89 11.63 -57.13
N ALA G 24 4.34 11.88 -55.91
CA ALA G 24 4.45 13.21 -55.35
C ALA G 24 5.91 13.55 -55.11
N SER G 25 6.25 14.83 -55.29
CA SER G 25 7.58 15.31 -54.94
C SER G 25 7.49 16.78 -54.61
N GLY G 26 8.52 17.29 -53.91
CA GLY G 26 8.62 18.69 -53.56
C GLY G 26 8.06 19.07 -52.21
N TYR G 27 7.49 18.12 -51.47
CA TYR G 27 6.96 18.40 -50.14
C TYR G 27 6.91 17.11 -49.35
N THR G 28 6.61 17.23 -48.06
CA THR G 28 6.50 16.07 -47.18
C THR G 28 5.19 15.36 -47.48
N PHE G 29 5.28 14.18 -48.09
CA PHE G 29 4.08 13.46 -48.50
C PHE G 29 3.27 13.01 -47.30
N SER G 30 3.92 12.47 -46.28
CA SER G 30 3.24 11.92 -45.11
C SER G 30 2.58 12.99 -44.25
N SER G 31 2.84 14.27 -44.49
CA SER G 31 2.28 15.35 -43.68
C SER G 31 0.95 15.89 -44.20
N PHE G 32 0.51 15.45 -45.38
CA PHE G 32 -0.69 15.98 -46.02
C PHE G 32 -1.67 14.87 -46.35
N ALA G 33 -2.95 15.19 -46.25
CA ALA G 33 -3.99 14.32 -46.77
C ALA G 33 -4.09 14.47 -48.28
N MET G 34 -4.58 13.42 -48.94
CA MET G 34 -4.68 13.40 -50.39
C MET G 34 -6.10 13.05 -50.80
N SER G 35 -6.50 13.53 -51.98
CA SER G 35 -7.82 13.26 -52.54
C SER G 35 -7.68 12.90 -54.01
N TRP G 36 -8.70 12.20 -54.51
CA TRP G 36 -8.92 12.02 -55.93
C TRP G 36 -10.20 12.71 -56.31
N VAL G 37 -10.13 13.54 -57.36
CA VAL G 37 -11.24 14.31 -57.88
C VAL G 37 -11.30 14.05 -59.38
N ARG G 38 -12.50 13.85 -59.93
CA ARG G 38 -12.66 13.52 -61.33
C ARG G 38 -13.49 14.56 -62.05
N GLN G 39 -13.23 14.70 -63.36
CA GLN G 39 -13.92 15.62 -64.24
C GLN G 39 -14.30 14.87 -65.51
N ALA G 40 -15.59 14.71 -65.74
CA ALA G 40 -16.02 14.11 -66.99
C ALA G 40 -15.68 15.04 -68.15
N PRO G 41 -15.51 14.50 -69.37
CA PRO G 41 -15.10 15.36 -70.50
C PRO G 41 -16.02 16.56 -70.74
N GLY G 42 -17.33 16.40 -70.54
CA GLY G 42 -18.29 17.46 -70.77
C GLY G 42 -18.93 18.07 -69.55
N LYS G 43 -18.47 17.74 -68.34
CA LYS G 43 -19.07 18.22 -67.09
C LYS G 43 -17.99 18.93 -66.26
N GLY G 44 -18.37 19.31 -65.05
CA GLY G 44 -17.47 19.94 -64.11
C GLY G 44 -16.74 18.95 -63.23
N LEU G 45 -16.26 19.44 -62.09
CA LEU G 45 -15.45 18.66 -61.18
C LEU G 45 -16.35 17.87 -60.23
N GLU G 46 -15.92 16.65 -59.89
CA GLU G 46 -16.58 15.84 -58.89
C GLU G 46 -15.54 15.21 -57.98
N TRP G 47 -15.71 15.37 -56.67
CA TRP G 47 -14.82 14.72 -55.71
C TRP G 47 -15.14 13.23 -55.65
N VAL G 48 -14.09 12.41 -55.63
CA VAL G 48 -14.20 10.95 -55.68
C VAL G 48 -13.84 10.31 -54.35
N SER G 49 -12.65 10.62 -53.82
CA SER G 49 -12.20 9.94 -52.62
C SER G 49 -11.20 10.79 -51.85
N LEU G 50 -11.05 10.46 -50.57
CA LEU G 50 -10.17 11.16 -49.64
C LEU G 50 -9.45 10.16 -48.76
N ILE G 51 -8.15 10.35 -48.56
CA ILE G 51 -7.34 9.55 -47.65
C ILE G 51 -6.54 10.49 -46.77
N ASN G 52 -6.44 10.17 -45.48
CA ASN G 52 -5.76 11.03 -44.53
C ASN G 52 -4.25 10.89 -44.65
N ASP G 53 -3.54 11.67 -43.82
CA ASP G 53 -2.08 11.74 -43.91
C ASP G 53 -1.41 10.41 -43.54
N ARG G 54 -2.02 9.62 -42.66
CA ARG G 54 -1.45 8.33 -42.25
C ARG G 54 -1.96 7.16 -43.07
N GLY G 55 -2.93 7.38 -43.96
CA GLY G 55 -3.45 6.30 -44.78
C GLY G 55 -4.34 5.32 -44.05
N GLY G 56 -4.96 5.72 -42.95
CA GLY G 56 -5.78 4.84 -42.15
C GLY G 56 -7.27 5.14 -42.25
N LEU G 57 -7.62 6.36 -42.67
CA LEU G 57 -9.00 6.80 -42.81
C LEU G 57 -9.26 7.11 -44.27
N THR G 58 -10.26 6.44 -44.85
CA THR G 58 -10.62 6.60 -46.25
C THR G 58 -12.09 6.95 -46.37
N PHE G 59 -12.41 7.86 -47.29
CA PHE G 59 -13.78 8.31 -47.53
C PHE G 59 -14.05 8.32 -49.03
N TYR G 60 -15.29 7.97 -49.40
CA TYR G 60 -15.69 7.86 -50.79
C TYR G 60 -17.07 8.45 -50.98
N VAL G 61 -17.39 8.83 -52.22
CA VAL G 61 -18.77 9.16 -52.57
C VAL G 61 -19.58 7.87 -52.67
N ASP G 62 -20.88 7.99 -52.39
CA ASP G 62 -21.77 6.83 -52.40
C ASP G 62 -21.73 6.10 -53.74
N SER G 63 -21.59 6.83 -54.83
CA SER G 63 -21.64 6.22 -56.16
C SER G 63 -20.47 5.28 -56.43
N VAL G 64 -19.38 5.39 -55.66
CA VAL G 64 -18.19 4.56 -55.88
C VAL G 64 -17.77 3.87 -54.59
N LYS G 65 -18.61 3.97 -53.54
CA LYS G 65 -18.15 3.62 -52.19
C LYS G 65 -17.73 2.16 -52.09
N GLY G 66 -18.44 1.25 -52.77
CA GLY G 66 -18.12 -0.16 -52.76
C GLY G 66 -17.26 -0.65 -53.90
N ARG G 67 -16.75 0.25 -54.74
CA ARG G 67 -15.99 -0.12 -55.94
C ARG G 67 -14.59 0.44 -55.97
N PHE G 68 -14.38 1.64 -55.44
CA PHE G 68 -13.09 2.32 -55.47
C PHE G 68 -12.37 2.07 -54.15
N THR G 69 -11.04 2.13 -54.20
CA THR G 69 -10.20 1.91 -53.03
C THR G 69 -9.01 2.84 -53.14
N ILE G 70 -8.97 3.86 -52.30
CA ILE G 70 -7.86 4.79 -52.21
C ILE G 70 -6.84 4.20 -51.25
N SER G 71 -5.56 4.42 -51.53
CA SER G 71 -4.51 3.90 -50.68
C SER G 71 -3.28 4.77 -50.87
N ARG G 72 -2.34 4.65 -49.94
CA ARG G 72 -1.14 5.47 -49.99
C ARG G 72 0.03 4.71 -49.38
N ASP G 73 1.22 5.01 -49.88
CA ASP G 73 2.48 4.55 -49.31
C ASP G 73 3.33 5.78 -49.07
N ASN G 74 3.70 6.00 -47.81
CA ASN G 74 4.38 7.21 -47.40
C ASN G 74 5.89 7.11 -47.53
N SER G 75 6.43 5.89 -47.63
CA SER G 75 7.85 5.72 -47.87
C SER G 75 8.17 5.99 -49.34
N LYS G 76 7.34 5.50 -50.25
CA LYS G 76 7.53 5.67 -51.67
C LYS G 76 6.87 6.94 -52.21
N ASN G 77 6.14 7.68 -51.38
CA ASN G 77 5.46 8.91 -51.78
C ASN G 77 4.42 8.67 -52.86
N THR G 78 3.73 7.52 -52.82
CA THR G 78 2.82 7.13 -53.90
C THR G 78 1.39 7.02 -53.37
N LEU G 79 0.49 7.77 -54.01
CA LEU G 79 -0.95 7.65 -53.78
C LEU G 79 -1.47 6.73 -54.88
N SER G 80 -2.47 5.92 -54.57
CA SER G 80 -3.00 5.00 -55.56
C SER G 80 -4.51 4.87 -55.43
N LEU G 81 -5.14 4.56 -56.56
CA LEU G 81 -6.58 4.37 -56.63
C LEU G 81 -6.87 3.11 -57.46
N GLN G 82 -7.48 2.11 -56.83
CA GLN G 82 -7.89 0.88 -57.49
C GLN G 82 -9.40 0.91 -57.64
N MET G 83 -9.88 0.94 -58.88
CA MET G 83 -11.31 0.93 -59.17
C MET G 83 -11.67 -0.42 -59.77
N HIS G 84 -12.64 -1.10 -59.16
CA HIS G 84 -13.20 -2.35 -59.64
C HIS G 84 -14.60 -2.10 -60.17
N SER G 85 -15.04 -2.99 -61.07
CA SER G 85 -16.39 -2.95 -61.64
C SER G 85 -16.70 -1.58 -62.24
N LEU G 86 -15.77 -1.08 -63.06
CA LEU G 86 -15.93 0.24 -63.65
C LEU G 86 -17.17 0.33 -64.53
N ARG G 87 -17.90 1.43 -64.36
CA ARG G 87 -19.16 1.69 -65.04
C ARG G 87 -18.97 2.81 -66.07
N ASP G 88 -19.96 2.93 -66.95
CA ASP G 88 -19.88 3.93 -68.01
C ASP G 88 -19.82 5.35 -67.45
N GLY G 89 -20.42 5.58 -66.28
CA GLY G 89 -20.36 6.88 -65.64
C GLY G 89 -19.01 7.25 -65.07
N ASP G 90 -18.04 6.34 -65.06
CA ASP G 90 -16.72 6.58 -64.50
C ASP G 90 -15.73 7.13 -65.51
N THR G 91 -16.15 7.39 -66.75
CA THR G 91 -15.26 7.98 -67.75
C THR G 91 -14.95 9.43 -67.35
N ALA G 92 -13.66 9.73 -67.15
CA ALA G 92 -13.30 11.06 -66.67
C ALA G 92 -11.78 11.21 -66.64
N VAL G 93 -11.34 12.45 -66.51
CA VAL G 93 -9.97 12.76 -66.13
C VAL G 93 -9.93 12.73 -64.60
N TYR G 94 -9.09 11.85 -64.05
CA TYR G 94 -8.90 11.74 -62.61
C TYR G 94 -7.67 12.53 -62.23
N TYR G 95 -7.78 13.35 -61.19
CA TYR G 95 -6.70 14.15 -60.66
C TYR G 95 -6.44 13.72 -59.22
N CYS G 96 -5.16 13.66 -58.86
CA CYS G 96 -4.75 13.53 -57.47
C CYS G 96 -4.43 14.92 -56.96
N ALA G 97 -4.76 15.17 -55.70
CA ALA G 97 -4.58 16.49 -55.13
C ALA G 97 -4.21 16.36 -53.66
N THR G 98 -3.48 17.35 -53.18
CA THR G 98 -3.09 17.42 -51.77
C THR G 98 -4.11 18.25 -51.02
N GLY G 99 -4.63 17.69 -49.94
CA GLY G 99 -5.60 18.35 -49.09
C GLY G 99 -6.94 17.64 -49.08
N GLY G 100 -7.85 18.21 -48.30
CA GLY G 100 -9.18 17.65 -48.08
C GLY G 100 -9.48 17.38 -46.62
N MET G 101 -8.45 17.24 -45.79
CA MET G 101 -8.61 17.06 -44.35
C MET G 101 -7.24 17.20 -43.73
N SER G 102 -7.21 17.20 -42.40
CA SER G 102 -5.98 17.23 -41.65
C SER G 102 -6.25 16.61 -40.29
N SER G 103 -5.18 16.31 -39.57
CA SER G 103 -5.34 15.71 -38.26
C SER G 103 -5.75 16.79 -37.25
N ALA G 104 -6.12 16.34 -36.06
CA ALA G 104 -6.60 17.26 -35.03
C ALA G 104 -5.52 18.25 -34.62
N LEU G 105 -4.25 17.89 -34.78
CA LEU G 105 -3.12 18.71 -34.36
C LEU G 105 -2.70 19.75 -35.39
N GLN G 106 -3.35 19.82 -36.54
CA GLN G 106 -3.03 20.76 -37.60
C GLN G 106 -4.22 21.69 -37.83
N SER G 107 -3.98 22.74 -38.59
CA SER G 107 -5.06 23.63 -38.98
C SER G 107 -5.92 22.97 -40.05
N SER G 108 -7.15 23.46 -40.18
CA SER G 108 -8.09 22.88 -41.12
C SER G 108 -7.59 23.08 -42.54
N LYS G 109 -7.67 22.02 -43.33
CA LYS G 109 -7.31 22.03 -44.75
C LYS G 109 -8.46 21.48 -45.58
N TYR G 110 -9.65 22.05 -45.39
CA TYR G 110 -10.84 21.64 -46.13
C TYR G 110 -10.86 22.24 -47.54
N TYR G 111 -9.82 21.92 -48.31
CA TYR G 111 -9.66 22.41 -49.67
C TYR G 111 -8.53 21.60 -50.28
N PHE G 112 -8.43 21.66 -51.60
CA PHE G 112 -7.41 20.96 -52.36
C PHE G 112 -6.37 21.99 -52.78
N ASP G 113 -5.18 21.91 -52.18
CA ASP G 113 -4.18 22.95 -52.34
C ASP G 113 -3.40 22.79 -53.64
N PHE G 114 -2.86 21.60 -53.87
CA PHE G 114 -2.04 21.29 -55.03
C PHE G 114 -2.73 20.19 -55.82
N TRP G 115 -2.45 20.16 -57.13
CA TRP G 115 -3.17 19.32 -58.07
C TRP G 115 -2.19 18.62 -59.00
N GLY G 116 -2.68 17.58 -59.66
CA GLY G 116 -1.89 16.80 -60.59
C GLY G 116 -2.21 17.13 -62.04
N GLN G 117 -1.42 16.55 -62.94
CA GLN G 117 -1.62 16.77 -64.37
C GLN G 117 -2.98 16.24 -64.82
N GLY G 118 -3.41 15.12 -64.26
CA GLY G 118 -4.62 14.43 -64.65
C GLY G 118 -4.33 13.19 -65.47
N ALA G 119 -5.32 12.28 -65.47
CA ALA G 119 -5.17 10.99 -66.14
C ALA G 119 -6.52 10.59 -66.72
N LEU G 120 -6.58 10.42 -68.04
CA LEU G 120 -7.83 10.10 -68.71
C LEU G 120 -8.17 8.63 -68.51
N VAL G 121 -9.44 8.35 -68.23
CA VAL G 121 -9.94 6.99 -68.08
C VAL G 121 -11.23 6.89 -68.90
N THR G 122 -11.24 5.97 -69.86
CA THR G 122 -12.38 5.74 -70.75
C THR G 122 -12.90 4.33 -70.51
N VAL G 123 -14.10 4.23 -69.96
CA VAL G 123 -14.71 2.93 -69.70
C VAL G 123 -15.49 2.51 -70.93
N GLN H 1 14.00 31.04 22.24
CA GLN H 1 14.79 32.30 22.08
C GLN H 1 16.26 31.95 21.86
N VAL H 2 16.82 32.44 20.76
CA VAL H 2 18.24 32.23 20.45
C VAL H 2 19.06 33.18 21.31
N GLN H 3 20.05 32.63 22.01
CA GLN H 3 20.93 33.42 22.87
C GLN H 3 22.37 32.96 22.72
N LEU H 4 23.29 33.92 22.84
CA LEU H 4 24.72 33.67 22.92
C LEU H 4 25.24 34.40 24.14
N VAL H 5 25.86 33.67 25.06
CA VAL H 5 26.34 34.19 26.34
C VAL H 5 27.85 33.96 26.39
N GLN H 6 28.61 35.03 26.46
CA GLN H 6 30.07 34.97 26.47
C GLN H 6 30.60 35.14 27.89
N SER H 7 31.85 34.72 28.08
CA SER H 7 32.51 34.87 29.37
C SER H 7 32.77 36.34 29.67
N GLY H 8 33.06 36.63 30.93
CA GLY H 8 33.25 37.99 31.37
C GLY H 8 34.60 38.57 30.96
N ALA H 9 34.74 39.87 31.21
CA ALA H 9 35.94 40.58 30.79
C ALA H 9 37.17 40.06 31.50
N GLU H 10 38.33 40.17 30.84
CA GLU H 10 39.58 39.67 31.36
C GLU H 10 40.71 40.69 31.20
N VAL H 11 41.68 40.58 32.09
CA VAL H 11 42.88 41.41 32.12
C VAL H 11 44.06 40.46 31.95
N LYS H 12 44.89 40.69 30.93
CA LYS H 12 46.04 39.82 30.66
C LYS H 12 47.29 40.66 30.45
N LYS H 13 48.46 40.01 30.71
CA LYS H 13 49.76 40.58 30.40
C LYS H 13 50.24 40.10 29.04
N PRO H 14 51.12 40.85 28.35
CA PRO H 14 51.67 40.35 27.09
C PRO H 14 52.41 39.02 27.29
N GLY H 15 52.23 38.12 26.33
CA GLY H 15 52.82 36.80 26.36
C GLY H 15 51.91 35.72 26.90
N ALA H 16 50.85 36.09 27.60
CA ALA H 16 49.89 35.13 28.11
C ALA H 16 48.97 34.66 26.99
N SER H 17 48.13 33.68 27.31
CA SER H 17 47.05 33.23 26.45
C SER H 17 45.71 33.56 27.09
N VAL H 18 44.71 33.85 26.26
CA VAL H 18 43.36 34.14 26.71
C VAL H 18 42.40 33.24 25.93
N LYS H 19 41.46 32.61 26.63
CA LYS H 19 40.46 31.73 26.05
C LYS H 19 39.07 32.23 26.39
N VAL H 20 38.31 32.63 25.37
CA VAL H 20 36.98 33.20 25.51
C VAL H 20 35.97 32.16 25.04
N SER H 21 34.98 31.88 25.88
CA SER H 21 33.91 30.94 25.57
C SER H 21 32.67 31.68 25.08
N CYS H 22 31.78 30.92 24.45
CA CYS H 22 30.51 31.43 23.96
C CYS H 22 29.51 30.28 24.03
N LYS H 23 28.61 30.33 25.01
CA LYS H 23 27.56 29.34 25.20
C LYS H 23 26.37 29.72 24.34
N ALA H 24 25.90 28.80 23.52
CA ALA H 24 24.80 29.05 22.60
C ALA H 24 23.57 28.28 23.06
N SER H 25 22.39 28.87 22.80
CA SER H 25 21.14 28.21 23.12
C SER H 25 20.06 28.68 22.17
N GLY H 26 19.00 27.89 22.06
CA GLY H 26 17.82 28.23 21.30
C GLY H 26 17.82 27.76 19.86
N TYR H 27 18.82 27.02 19.42
CA TYR H 27 18.88 26.56 18.03
C TYR H 27 19.75 25.32 17.96
N THR H 28 19.72 24.66 16.81
CA THR H 28 20.58 23.51 16.57
C THR H 28 22.01 24.00 16.37
N PHE H 29 22.90 23.61 17.28
CA PHE H 29 24.26 24.15 17.30
C PHE H 29 25.02 23.80 16.03
N THR H 30 24.91 22.55 15.59
CA THR H 30 25.68 22.07 14.44
C THR H 30 25.16 22.63 13.11
N GLY H 31 24.04 23.33 13.09
CA GLY H 31 23.43 23.81 11.86
C GLY H 31 23.79 25.21 11.43
N HIS H 32 24.62 25.93 12.19
CA HIS H 32 25.00 27.30 11.85
C HIS H 32 26.48 27.48 12.16
N TYR H 33 27.19 28.17 11.26
CA TYR H 33 28.59 28.47 11.52
C TYR H 33 28.71 29.51 12.62
N MET H 34 29.76 29.38 13.43
CA MET H 34 30.04 30.35 14.48
C MET H 34 31.22 31.21 14.04
N HIS H 35 31.07 32.52 14.13
CA HIS H 35 32.10 33.47 13.71
C HIS H 35 32.57 34.25 14.92
N TRP H 36 33.87 34.56 14.94
CA TRP H 36 34.48 35.41 15.94
C TRP H 36 34.95 36.69 15.28
N VAL H 37 34.51 37.81 15.84
CA VAL H 37 34.78 39.15 15.32
C VAL H 37 35.21 40.00 16.52
N ARG H 38 36.29 40.76 16.37
CA ARG H 38 36.77 41.63 17.44
C ARG H 38 36.65 43.10 17.03
N GLN H 39 36.43 43.95 18.02
CA GLN H 39 36.36 45.39 17.82
C GLN H 39 37.17 46.07 18.92
N ALA H 40 38.29 46.70 18.54
CA ALA H 40 39.05 47.46 19.50
C ALA H 40 38.27 48.73 19.87
N PRO H 41 38.44 49.25 21.10
CA PRO H 41 37.67 50.45 21.48
C PRO H 41 37.96 51.62 20.56
N GLY H 42 36.90 52.26 20.08
CA GLY H 42 37.00 53.42 19.23
C GLY H 42 37.27 53.15 17.76
N GLN H 43 37.46 51.88 17.38
CA GLN H 43 37.73 51.49 16.00
C GLN H 43 36.57 50.65 15.48
N GLY H 44 36.69 50.22 14.23
CA GLY H 44 35.65 49.45 13.57
C GLY H 44 35.73 47.97 13.87
N LEU H 45 34.94 47.20 13.12
CA LEU H 45 34.83 45.78 13.31
C LEU H 45 35.90 45.05 12.52
N GLU H 46 36.53 44.04 13.15
CA GLU H 46 37.53 43.20 12.51
C GLU H 46 37.09 41.76 12.68
N TRP H 47 36.91 41.05 11.57
CA TRP H 47 36.56 39.64 11.59
C TRP H 47 37.80 38.80 11.88
N MET H 48 37.66 37.86 12.82
CA MET H 48 38.77 37.01 13.23
C MET H 48 38.74 35.63 12.59
N GLY H 49 37.56 35.05 12.44
CA GLY H 49 37.51 33.70 11.89
C GLY H 49 36.15 33.08 12.06
N TRP H 50 36.04 31.84 11.56
CA TRP H 50 34.85 31.05 11.79
C TRP H 50 35.24 29.61 12.14
N ILE H 51 34.33 28.95 12.84
CA ILE H 51 34.41 27.52 13.11
C ILE H 51 33.10 26.89 12.69
N ASN H 52 33.21 25.72 12.06
CA ASN H 52 32.07 24.91 11.68
C ASN H 52 31.75 24.03 12.89
N PRO H 53 30.68 24.28 13.65
CA PRO H 53 30.45 23.49 14.86
C PRO H 53 30.07 22.04 14.59
N TYR H 54 29.82 21.66 13.34
CA TYR H 54 29.50 20.29 13.00
C TYR H 54 30.76 19.49 12.67
N SER H 55 31.50 19.93 11.65
CA SER H 55 32.71 19.24 11.25
C SER H 55 33.90 19.58 12.15
N SER H 56 33.84 20.66 12.91
CA SER H 56 34.91 21.22 13.75
C SER H 56 35.92 22.00 12.93
N GLY H 57 35.78 22.08 11.61
CA GLY H 57 36.76 22.80 10.81
C GLY H 57 36.73 24.30 11.11
N THR H 58 37.87 24.94 10.88
CA THR H 58 38.06 26.35 11.21
C THR H 58 38.65 27.10 10.02
N ASN H 59 38.55 28.41 10.09
CA ASN H 59 39.16 29.30 9.11
C ASN H 59 39.51 30.59 9.82
N TYR H 60 40.78 30.97 9.79
CA TYR H 60 41.30 32.13 10.49
C TYR H 60 41.73 33.20 9.48
N ALA H 61 41.58 34.46 9.88
CA ALA H 61 42.09 35.56 9.08
C ALA H 61 43.61 35.57 9.12
N GLN H 62 44.22 36.11 8.07
CA GLN H 62 45.67 36.12 7.97
C GLN H 62 46.32 36.92 9.09
N ASN H 63 45.62 37.92 9.63
CA ASN H 63 46.18 38.68 10.74
C ASN H 63 46.33 37.83 12.00
N PHE H 64 45.52 36.79 12.14
CA PHE H 64 45.49 35.95 13.33
C PHE H 64 45.99 34.53 13.08
N GLN H 65 46.19 34.13 11.82
CA GLN H 65 46.67 32.79 11.51
C GLN H 65 47.99 32.54 12.20
N GLY H 66 48.07 31.43 12.95
CA GLY H 66 49.22 31.07 13.72
C GLY H 66 49.15 31.45 15.19
N ARG H 67 48.23 32.34 15.56
CA ARG H 67 48.02 32.74 16.95
C ARG H 67 46.67 32.33 17.51
N VAL H 68 45.64 32.25 16.68
CA VAL H 68 44.27 32.01 17.13
C VAL H 68 43.90 30.57 16.88
N THR H 69 43.23 29.96 17.85
CA THR H 69 42.68 28.61 17.74
C THR H 69 41.20 28.67 18.12
N MET H 70 40.36 28.01 17.33
CA MET H 70 38.93 27.91 17.63
C MET H 70 38.53 26.46 17.77
N THR H 71 37.71 26.19 18.79
CA THR H 71 37.30 24.85 19.16
C THR H 71 35.82 24.90 19.47
N ARG H 72 35.18 23.72 19.56
CA ARG H 72 33.78 23.66 19.92
C ARG H 72 33.54 22.39 20.73
N ASP H 73 32.46 22.41 21.51
CA ASP H 73 31.99 21.26 22.27
C ASP H 73 30.48 21.20 22.07
N THR H 74 30.03 20.17 21.36
CA THR H 74 28.61 20.00 21.06
C THR H 74 27.85 19.38 22.23
N SER H 75 28.55 18.80 23.21
CA SER H 75 27.85 18.24 24.36
C SER H 75 27.30 19.34 25.25
N ILE H 76 28.11 20.37 25.52
CA ILE H 76 27.69 21.53 26.30
C ILE H 76 27.39 22.75 25.42
N THR H 77 27.35 22.57 24.10
CA THR H 77 26.97 23.62 23.14
C THR H 77 27.73 24.92 23.41
N THR H 78 29.06 24.83 23.28
CA THR H 78 29.92 25.98 23.57
C THR H 78 31.02 26.07 22.54
N ALA H 79 31.29 27.27 22.06
CA ALA H 79 32.38 27.55 21.14
C ALA H 79 33.47 28.32 21.88
N TYR H 80 34.72 28.03 21.56
CA TYR H 80 35.86 28.63 22.25
C TYR H 80 36.80 29.24 21.24
N MET H 81 37.42 30.36 21.62
CA MET H 81 38.44 31.04 20.85
C MET H 81 39.59 31.38 21.78
N GLU H 82 40.80 30.97 21.40
CA GLU H 82 42.00 31.18 22.20
C GLU H 82 43.00 31.98 21.39
N LEU H 83 43.44 33.11 21.94
CA LEU H 83 44.55 33.89 21.41
C LEU H 83 45.76 33.72 22.31
N SER H 84 46.86 33.27 21.73
CA SER H 84 48.15 33.19 22.41
C SER H 84 49.00 34.41 22.05
N ARG H 85 49.98 34.68 22.91
CA ARG H 85 50.98 35.74 22.69
C ARG H 85 50.32 37.10 22.44
N LEU H 86 49.47 37.52 23.38
CA LEU H 86 48.81 38.81 23.26
C LEU H 86 49.82 39.95 23.23
N ARG H 87 49.41 41.05 22.63
CA ARG H 87 50.19 42.28 22.53
C ARG H 87 49.34 43.44 23.02
N SER H 88 49.93 44.64 23.01
CA SER H 88 49.26 45.79 23.59
C SER H 88 48.02 46.18 22.79
N ASP H 89 48.11 46.16 21.46
CA ASP H 89 46.99 46.53 20.62
C ASP H 89 45.87 45.49 20.59
N ASP H 90 46.11 44.29 21.14
CA ASP H 90 45.10 43.23 21.09
C ASP H 90 43.91 43.49 21.99
N THR H 91 43.94 44.54 22.81
CA THR H 91 42.80 44.86 23.66
C THR H 91 41.57 45.14 22.80
N ALA H 92 40.49 44.41 23.04
CA ALA H 92 39.29 44.60 22.23
C ALA H 92 38.10 43.89 22.88
N VAL H 93 36.92 44.15 22.31
CA VAL H 93 35.68 43.45 22.63
C VAL H 93 35.54 42.34 21.61
N TYR H 94 35.66 41.09 22.08
CA TYR H 94 35.59 39.91 21.24
C TYR H 94 34.15 39.36 21.27
N TYR H 95 33.51 39.33 20.10
CA TYR H 95 32.14 38.86 19.96
C TYR H 95 32.12 37.52 19.24
N CYS H 96 31.22 36.66 19.68
CA CYS H 96 30.81 35.47 18.93
C CYS H 96 29.48 35.78 18.25
N ALA H 97 29.30 35.24 17.05
CA ALA H 97 28.15 35.55 16.22
C ALA H 97 27.71 34.30 15.49
N ARG H 98 26.40 34.13 15.34
CA ARG H 98 25.82 32.96 14.69
C ARG H 98 25.42 33.33 13.27
N ALA H 99 25.92 32.58 12.30
CA ALA H 99 25.50 32.78 10.92
C ALA H 99 24.03 32.38 10.77
N PRO H 100 23.28 33.04 9.87
CA PRO H 100 21.86 32.66 9.71
C PRO H 100 21.66 31.23 9.25
N ASP H 101 22.63 30.61 8.60
CA ASP H 101 22.49 29.22 8.16
C ASP H 101 23.88 28.60 8.10
N TYR H 102 23.99 27.46 7.44
CA TYR H 102 25.21 26.64 7.45
C TYR H 102 26.28 27.20 6.51
N GLY H 103 26.76 28.40 6.84
CA GLY H 103 27.92 28.97 6.19
C GLY H 103 27.67 29.72 4.90
N ASP H 104 26.42 29.92 4.50
CA ASP H 104 26.13 30.61 3.25
C ASP H 104 26.05 32.12 3.41
N ARG H 105 25.54 32.59 4.54
CA ARG H 105 25.27 34.00 4.77
C ARG H 105 26.18 34.53 5.87
N TRP H 106 26.69 35.75 5.65
CA TRP H 106 27.56 36.44 6.57
C TRP H 106 26.90 37.63 7.26
N ASP H 107 25.56 37.75 7.17
CA ASP H 107 24.84 38.78 7.90
C ASP H 107 24.45 38.15 9.23
N PHE H 108 25.13 38.54 10.30
CA PHE H 108 25.03 37.80 11.56
C PHE H 108 23.75 38.18 12.28
N ASP H 109 22.85 37.20 12.44
CA ASP H 109 21.55 37.48 13.03
C ASP H 109 21.65 37.70 14.52
N TYR H 110 22.48 36.90 15.20
CA TYR H 110 22.61 36.95 16.65
C TYR H 110 24.07 37.15 17.05
N TRP H 111 24.28 37.93 18.11
CA TRP H 111 25.59 38.25 18.64
C TRP H 111 25.60 37.99 20.13
N GLY H 112 26.78 37.73 20.68
CA GLY H 112 26.94 37.65 22.10
C GLY H 112 27.03 39.04 22.72
N GLN H 113 27.27 39.06 24.04
CA GLN H 113 27.35 40.35 24.72
C GLN H 113 28.66 41.06 24.41
N GLY H 114 29.72 40.30 24.15
CA GLY H 114 31.04 40.85 23.90
C GLY H 114 31.92 40.73 25.12
N THR H 115 33.06 40.07 24.98
CA THR H 115 34.00 39.89 26.07
C THR H 115 35.12 40.92 25.91
N LEU H 116 35.23 41.82 26.87
CA LEU H 116 36.28 42.83 26.82
C LEU H 116 37.55 42.23 27.40
N VAL H 117 38.59 42.17 26.58
CA VAL H 117 39.91 41.67 26.99
C VAL H 117 40.85 42.86 26.87
N THR H 118 41.49 43.22 27.97
CA THR H 118 42.47 44.29 27.99
C THR H 118 43.85 43.73 28.28
N VAL H 119 44.83 44.15 27.50
CA VAL H 119 46.21 43.71 27.60
C VAL H 119 47.06 44.91 27.96
N SER H 120 47.76 44.83 29.09
CA SER H 120 48.59 45.93 29.56
C SER H 120 49.64 45.38 30.51
N SER H 121 50.67 46.18 30.74
CA SER H 121 51.75 45.82 31.64
C SER H 121 51.53 46.43 33.03
N ALA I 1 -25.11 18.83 -55.32
CA ALA I 1 -24.32 19.75 -56.14
C ALA I 1 -24.74 21.19 -55.89
N LEU I 2 -23.84 22.12 -56.20
CA LEU I 2 -24.10 23.54 -56.07
C LEU I 2 -24.51 24.12 -57.42
N THR I 3 -25.39 25.12 -57.38
CA THR I 3 -25.85 25.82 -58.57
C THR I 3 -24.98 27.05 -58.78
N GLN I 4 -24.43 27.20 -59.98
CA GLN I 4 -23.48 28.24 -60.31
C GLN I 4 -23.82 28.79 -61.70
N PRO I 5 -23.74 30.11 -61.92
CA PRO I 5 -24.14 30.64 -63.24
C PRO I 5 -23.30 30.03 -64.36
N PRO I 6 -23.92 29.63 -65.49
CA PRO I 6 -23.13 28.92 -66.51
C PRO I 6 -22.02 29.75 -67.13
N SER I 7 -22.24 31.07 -67.31
CA SER I 7 -21.20 31.91 -67.88
C SER I 7 -21.44 33.36 -67.49
N VAL I 8 -20.35 34.12 -67.40
CA VAL I 8 -20.38 35.56 -67.17
C VAL I 8 -19.39 36.22 -68.12
N SER I 9 -19.51 37.53 -68.27
CA SER I 9 -18.62 38.31 -69.11
C SER I 9 -18.29 39.64 -68.46
N GLY I 10 -17.13 40.19 -68.82
CA GLY I 10 -16.69 41.48 -68.34
C GLY I 10 -15.59 42.07 -69.21
N SER I 11 -15.62 43.38 -69.40
CA SER I 11 -14.59 44.06 -70.18
C SER I 11 -13.32 44.20 -69.36
N PRO I 12 -12.15 44.32 -70.01
CA PRO I 12 -10.90 44.44 -69.26
C PRO I 12 -10.92 45.65 -68.33
N GLY I 13 -10.31 45.48 -67.16
CA GLY I 13 -10.31 46.52 -66.14
C GLY I 13 -11.57 46.62 -65.32
N GLN I 14 -12.64 45.94 -65.71
CA GLN I 14 -13.88 45.92 -64.96
C GLN I 14 -13.81 44.79 -63.93
N SER I 15 -14.80 44.74 -63.04
CA SER I 15 -14.87 43.77 -61.97
C SER I 15 -16.14 42.94 -62.10
N VAL I 16 -16.01 41.63 -61.96
CA VAL I 16 -17.10 40.68 -62.09
C VAL I 16 -17.25 39.99 -60.73
N THR I 17 -18.44 39.43 -60.49
CA THR I 17 -18.75 38.77 -59.22
C THR I 17 -19.49 37.47 -59.58
N ILE I 18 -18.71 36.40 -59.76
CA ILE I 18 -19.32 35.08 -59.94
C ILE I 18 -20.03 34.68 -58.66
N SER I 19 -21.20 34.07 -58.80
CA SER I 19 -22.03 33.69 -57.67
C SER I 19 -22.08 32.17 -57.54
N CYS I 20 -22.65 31.71 -56.43
CA CYS I 20 -22.67 30.27 -56.13
C CYS I 20 -23.69 30.04 -55.04
N THR I 21 -24.66 29.16 -55.27
CA THR I 21 -25.78 28.96 -54.36
C THR I 21 -25.81 27.50 -53.92
N GLY I 22 -25.97 27.30 -52.60
CA GLY I 22 -26.02 25.97 -52.04
C GLY I 22 -27.09 25.87 -50.98
N THR I 23 -27.31 24.64 -50.52
CA THR I 23 -28.28 24.37 -49.47
C THR I 23 -27.74 24.91 -48.14
N SER I 24 -28.56 24.88 -47.10
CA SER I 24 -28.12 25.36 -45.79
C SER I 24 -27.21 24.38 -45.07
N SER I 25 -27.28 23.09 -45.43
CA SER I 25 -26.44 22.09 -44.79
C SER I 25 -24.97 22.18 -45.15
N ASP I 26 -24.61 22.93 -46.20
CA ASP I 26 -23.21 22.97 -46.67
C ASP I 26 -22.61 24.36 -46.64
N ILE I 27 -23.09 25.31 -47.46
CA ILE I 27 -22.53 26.66 -47.41
C ILE I 27 -22.97 27.38 -46.15
N GLY I 28 -24.20 27.13 -45.69
CA GLY I 28 -24.75 27.81 -44.55
C GLY I 28 -24.46 27.17 -43.21
N SER I 29 -23.72 26.05 -43.20
CA SER I 29 -23.37 25.35 -41.99
C SER I 29 -21.87 25.38 -41.69
N TYR I 30 -21.04 25.47 -42.72
CA TYR I 30 -19.59 25.47 -42.59
C TYR I 30 -19.01 26.64 -43.36
N ASN I 31 -18.00 27.30 -42.77
CA ASN I 31 -17.30 28.40 -43.42
C ASN I 31 -16.09 27.89 -44.20
N TYR I 32 -16.33 26.90 -45.06
CA TYR I 32 -15.27 26.26 -45.87
C TYR I 32 -15.78 26.21 -47.31
N VAL I 33 -15.68 27.34 -48.01
CA VAL I 33 -16.01 27.44 -49.42
C VAL I 33 -14.74 27.90 -50.14
N SER I 34 -14.30 27.10 -51.10
CA SER I 34 -13.10 27.38 -51.87
C SER I 34 -13.45 27.51 -53.35
N TRP I 35 -12.62 28.28 -54.06
CA TRP I 35 -12.80 28.56 -55.48
C TRP I 35 -11.56 28.15 -56.26
N TYR I 36 -11.78 27.51 -57.41
CA TYR I 36 -10.74 26.99 -58.28
C TYR I 36 -10.88 27.57 -59.69
N GLN I 37 -9.74 27.83 -60.32
CA GLN I 37 -9.66 28.32 -61.69
C GLN I 37 -8.97 27.27 -62.55
N GLN I 38 -9.66 26.78 -63.58
CA GLN I 38 -9.15 25.78 -64.49
C GLN I 38 -9.10 26.37 -65.89
N HIS I 39 -7.88 26.51 -66.45
CA HIS I 39 -7.75 26.86 -67.85
C HIS I 39 -8.01 25.62 -68.71
N PRO I 40 -8.52 25.79 -69.94
CA PRO I 40 -8.70 24.62 -70.81
C PRO I 40 -7.38 23.89 -71.04
N GLY I 41 -7.42 22.56 -70.90
CA GLY I 41 -6.26 21.73 -71.11
C GLY I 41 -5.39 21.53 -69.90
N LYS I 42 -5.65 22.23 -68.79
CA LYS I 42 -4.86 22.14 -67.56
C LYS I 42 -5.79 21.72 -66.41
N ALA I 43 -5.19 21.52 -65.25
CA ALA I 43 -5.89 21.09 -64.05
C ALA I 43 -6.21 22.29 -63.17
N PRO I 44 -7.22 22.19 -62.29
CA PRO I 44 -7.62 23.36 -61.50
C PRO I 44 -6.49 23.89 -60.64
N LYS I 45 -6.72 25.10 -60.11
CA LYS I 45 -5.78 25.76 -59.22
C LYS I 45 -6.58 26.51 -58.18
N LEU I 46 -6.19 26.39 -56.91
CA LEU I 46 -6.94 26.94 -55.79
C LEU I 46 -6.74 28.45 -55.75
N MET I 47 -7.71 29.19 -56.31
CA MET I 47 -7.69 30.64 -56.19
C MET I 47 -7.98 31.09 -54.77
N ILE I 48 -8.98 30.50 -54.11
CA ILE I 48 -9.39 30.93 -52.77
C ILE I 48 -9.80 29.72 -51.96
N TYR I 49 -9.57 29.81 -50.64
CA TYR I 49 -9.99 28.81 -49.68
C TYR I 49 -10.55 29.52 -48.45
N ASP I 50 -11.42 28.84 -47.72
CA ASP I 50 -11.98 29.36 -46.47
C ASP I 50 -12.73 30.67 -46.70
N VAL I 51 -13.38 30.76 -47.87
CA VAL I 51 -14.28 31.85 -48.26
C VAL I 51 -13.46 33.08 -48.64
N THR I 52 -12.67 33.62 -47.71
CA THR I 52 -12.01 34.91 -47.90
C THR I 52 -10.48 34.85 -47.98
N GLN I 53 -9.87 33.67 -48.06
CA GLN I 53 -8.43 33.53 -47.90
C GLN I 53 -7.80 33.02 -49.20
N ARG I 54 -6.65 33.60 -49.54
CA ARG I 54 -5.95 33.40 -50.80
C ARG I 54 -4.69 32.58 -50.60
N PRO I 55 -4.42 31.54 -51.41
CA PRO I 55 -3.11 30.90 -51.35
C PRO I 55 -2.03 31.90 -51.77
N SER I 56 -0.84 31.71 -51.22
CA SER I 56 0.29 32.55 -51.62
C SER I 56 0.51 32.44 -53.13
N GLY I 57 1.17 33.46 -53.69
CA GLY I 57 1.34 33.56 -55.13
C GLY I 57 0.10 33.99 -55.90
N VAL I 58 -1.06 34.10 -55.26
CA VAL I 58 -2.30 34.47 -55.95
C VAL I 58 -2.49 35.97 -55.80
N SER I 59 -2.79 36.63 -56.92
CA SER I 59 -2.91 38.08 -56.93
C SER I 59 -4.05 38.55 -56.05
N ASP I 60 -3.90 39.76 -55.50
CA ASP I 60 -4.92 40.36 -54.64
C ASP I 60 -6.23 40.62 -55.39
N ARG I 61 -6.21 40.60 -56.74
CA ARG I 61 -7.39 40.92 -57.52
C ARG I 61 -8.54 39.94 -57.28
N PHE I 62 -8.27 38.77 -56.74
CA PHE I 62 -9.28 37.75 -56.49
C PHE I 62 -9.68 37.82 -55.03
N SER I 63 -10.99 37.93 -54.77
CA SER I 63 -11.49 37.97 -53.41
C SER I 63 -12.78 37.15 -53.36
N GLY I 64 -13.10 36.66 -52.15
CA GLY I 64 -14.29 35.86 -51.96
C GLY I 64 -15.13 36.41 -50.83
N SER I 65 -16.36 35.89 -50.75
CA SER I 65 -17.27 36.34 -49.70
C SER I 65 -18.44 35.38 -49.60
N LYS I 66 -19.13 35.42 -48.46
CA LYS I 66 -20.29 34.59 -48.20
C LYS I 66 -21.45 35.47 -47.73
N SER I 67 -22.66 34.94 -47.93
CA SER I 67 -23.89 35.62 -47.55
C SER I 67 -24.93 34.52 -47.36
N GLY I 68 -25.16 34.11 -46.12
CA GLY I 68 -26.12 33.07 -45.83
C GLY I 68 -25.72 31.75 -46.46
N ASN I 69 -26.50 31.31 -47.44
CA ASN I 69 -26.27 30.06 -48.16
C ASN I 69 -25.71 30.31 -49.55
N THR I 70 -24.99 31.42 -49.73
CA THR I 70 -24.49 31.85 -51.03
C THR I 70 -23.05 32.30 -50.86
N ALA I 71 -22.22 32.01 -51.87
CA ALA I 71 -20.84 32.45 -51.91
C ALA I 71 -20.60 33.19 -53.22
N SER I 72 -19.53 33.99 -53.24
CA SER I 72 -19.24 34.81 -54.39
C SER I 72 -17.73 35.00 -54.52
N LEU I 73 -17.30 35.14 -55.78
CA LEU I 73 -15.92 35.36 -56.20
C LEU I 73 -15.86 36.68 -56.96
N THR I 74 -15.34 37.71 -56.31
CA THR I 74 -15.16 39.03 -56.91
C THR I 74 -13.78 39.07 -57.57
N ILE I 75 -13.78 39.13 -58.90
CA ILE I 75 -12.56 39.22 -59.70
C ILE I 75 -12.50 40.64 -60.24
N SER I 76 -11.62 41.45 -59.67
CA SER I 76 -11.38 42.81 -60.13
C SER I 76 -10.22 42.85 -61.11
N GLY I 77 -10.16 43.93 -61.88
CA GLY I 77 -9.01 44.14 -62.76
C GLY I 77 -8.86 43.07 -63.82
N LEU I 78 -9.97 42.68 -64.46
CA LEU I 78 -9.98 41.57 -65.40
C LEU I 78 -8.93 41.72 -66.49
N GLN I 79 -8.19 40.63 -66.73
CA GLN I 79 -7.16 40.55 -67.75
C GLN I 79 -7.48 39.43 -68.71
N ALA I 80 -6.81 39.46 -69.87
CA ALA I 80 -7.03 38.43 -70.89
C ALA I 80 -6.69 37.05 -70.37
N ASP I 81 -5.76 36.93 -69.42
CA ASP I 81 -5.33 35.65 -68.91
C ASP I 81 -6.27 35.06 -67.85
N ASP I 82 -7.38 35.73 -67.53
CA ASP I 82 -8.36 35.22 -66.59
C ASP I 82 -9.42 34.36 -67.27
N GLU I 83 -9.32 34.12 -68.57
CA GLU I 83 -10.32 33.38 -69.32
C GLU I 83 -10.25 31.91 -68.92
N ALA I 84 -11.06 31.51 -67.94
CA ALA I 84 -10.99 30.16 -67.40
C ALA I 84 -12.35 29.73 -66.86
N ASP I 85 -12.47 28.42 -66.62
CA ASP I 85 -13.64 27.85 -65.98
C ASP I 85 -13.45 27.89 -64.47
N TYR I 86 -14.36 28.56 -63.77
CA TYR I 86 -14.30 28.70 -62.32
C TYR I 86 -15.26 27.72 -61.65
N TYR I 87 -14.80 27.10 -60.55
CA TYR I 87 -15.57 26.09 -59.84
C TYR I 87 -15.64 26.41 -58.35
N CYS I 88 -16.78 26.07 -57.75
CA CYS I 88 -16.99 26.09 -56.32
C CYS I 88 -16.62 24.75 -55.72
N SER I 89 -16.23 24.77 -54.45
CA SER I 89 -16.13 23.55 -53.66
C SER I 89 -16.55 23.88 -52.24
N ALA I 90 -17.61 23.21 -51.76
CA ALA I 90 -18.11 23.38 -50.41
C ALA I 90 -17.96 22.08 -49.64
N TYR I 91 -17.55 22.20 -48.37
CA TYR I 91 -17.53 21.07 -47.46
C TYR I 91 -18.92 20.88 -46.89
N ALA I 92 -19.44 19.65 -46.96
CA ALA I 92 -20.85 19.37 -46.68
C ALA I 92 -21.03 18.27 -45.64
N GLY I 93 -20.11 18.14 -44.69
CA GLY I 93 -20.26 17.25 -43.56
C GLY I 93 -19.36 16.03 -43.64
N ARG I 94 -19.76 14.99 -42.90
CA ARG I 94 -19.01 13.74 -42.81
C ARG I 94 -19.59 12.62 -43.64
N GLN I 95 -20.92 12.60 -43.86
CA GLN I 95 -21.52 11.58 -44.70
C GLN I 95 -21.27 11.85 -46.18
N THR I 96 -21.02 13.10 -46.52
CA THR I 96 -20.48 13.52 -47.81
C THR I 96 -19.52 14.64 -47.48
N PHE I 97 -18.51 14.84 -48.34
CA PHE I 97 -17.44 15.76 -48.01
C PHE I 97 -17.45 16.99 -48.93
N TYR I 98 -17.12 16.83 -50.21
CA TYR I 98 -16.97 17.96 -51.12
C TYR I 98 -18.01 17.92 -52.22
N ILE I 99 -18.72 19.04 -52.36
CA ILE I 99 -19.69 19.23 -53.44
C ILE I 99 -19.18 20.38 -54.30
N PHE I 100 -19.10 20.14 -55.60
CA PHE I 100 -18.66 21.12 -56.58
C PHE I 100 -19.87 21.66 -57.33
N GLY I 101 -19.76 22.91 -57.78
CA GLY I 101 -20.73 23.48 -58.68
C GLY I 101 -20.31 23.30 -60.12
N GLY I 102 -21.16 23.76 -61.02
CA GLY I 102 -20.82 23.74 -62.42
C GLY I 102 -19.80 24.80 -62.76
N GLY I 103 -19.25 24.72 -63.96
CA GLY I 103 -18.24 25.66 -64.37
C GLY I 103 -18.85 26.97 -64.84
N THR I 104 -18.10 28.05 -64.64
CA THR I 104 -18.49 29.38 -65.10
C THR I 104 -17.50 29.81 -66.17
N ARG I 105 -17.99 30.04 -67.38
CA ARG I 105 -17.13 30.48 -68.47
C ARG I 105 -16.93 31.99 -68.36
N LEU I 106 -15.68 32.40 -68.15
CA LEU I 106 -15.31 33.81 -68.08
C LEU I 106 -14.70 34.19 -69.42
N THR I 107 -15.28 35.20 -70.06
CA THR I 107 -14.77 35.75 -71.31
C THR I 107 -14.43 37.22 -71.13
N VAL I 108 -13.40 37.65 -71.87
CA VAL I 108 -12.90 39.02 -71.81
C VAL I 108 -12.74 39.55 -73.22
N ALA J 3 39.00 47.33 2.76
CA ALA J 3 38.75 47.27 1.33
C ALA J 3 37.36 47.78 0.94
N LEU J 4 36.53 48.08 1.94
CA LEU J 4 35.20 48.64 1.73
C LEU J 4 35.16 50.01 2.41
N THR J 5 35.67 51.02 1.71
CA THR J 5 35.74 52.36 2.27
C THR J 5 34.35 52.91 2.50
N GLN J 6 34.23 53.75 3.52
CA GLN J 6 32.97 54.35 3.93
C GLN J 6 33.29 55.79 4.35
N PRO J 7 32.35 56.73 4.24
CA PRO J 7 32.60 58.06 4.77
C PRO J 7 32.91 58.01 6.25
N PRO J 8 33.68 58.96 6.78
CA PRO J 8 33.92 58.95 8.23
C PRO J 8 32.70 59.34 9.04
N SER J 9 31.82 60.18 8.49
CA SER J 9 30.65 60.63 9.23
C SER J 9 29.58 61.13 8.26
N ALA J 10 28.33 61.04 8.70
CA ALA J 10 27.18 61.53 7.95
C ALA J 10 26.28 62.29 8.92
N SER J 11 25.40 63.12 8.37
CA SER J 11 24.58 63.99 9.19
C SER J 11 23.23 64.25 8.54
N GLY J 12 22.18 64.33 9.38
CA GLY J 12 20.84 64.62 8.92
C GLY J 12 20.07 65.40 9.96
N SER J 13 18.87 65.86 9.54
CA SER J 13 17.91 66.58 10.38
C SER J 13 16.66 65.74 10.60
N PRO J 14 16.03 65.77 11.78
CA PRO J 14 14.81 64.95 11.98
C PRO J 14 13.75 65.26 10.94
N GLY J 15 13.24 64.20 10.30
CA GLY J 15 12.24 64.29 9.26
C GLY J 15 12.77 64.04 7.85
N GLN J 16 14.01 64.43 7.58
CA GLN J 16 14.58 64.23 6.25
C GLN J 16 15.26 62.86 6.20
N SER J 17 16.05 62.60 5.15
CA SER J 17 16.67 61.31 4.93
C SER J 17 18.18 61.49 4.77
N VAL J 18 18.90 60.41 5.08
CA VAL J 18 20.36 60.35 4.97
C VAL J 18 20.70 59.19 4.06
N THR J 19 21.88 59.26 3.45
CA THR J 19 22.36 58.23 2.55
C THR J 19 23.84 57.99 2.84
N ILE J 20 24.17 56.75 3.20
CA ILE J 20 25.54 56.32 3.45
C ILE J 20 25.99 55.51 2.25
N SER J 21 27.25 55.68 1.84
CA SER J 21 27.80 55.02 0.67
C SER J 21 28.97 54.14 1.09
N CYS J 22 29.05 52.95 0.49
CA CYS J 22 30.17 52.04 0.67
C CYS J 22 30.80 51.81 -0.69
N THR J 23 32.11 52.01 -0.78
CA THR J 23 32.84 51.92 -2.04
C THR J 23 33.88 50.83 -1.93
N GLY J 24 33.93 49.95 -2.93
CA GLY J 24 34.80 48.79 -2.93
C GLY J 24 35.95 48.97 -3.89
N THR J 25 37.17 48.76 -3.38
CA THR J 25 38.36 48.87 -4.22
C THR J 25 38.35 47.83 -5.33
N SER J 26 37.99 46.59 -5.00
CA SER J 26 38.01 45.50 -5.97
C SER J 26 37.05 45.78 -7.12
N SER J 27 37.20 44.99 -8.18
CA SER J 27 36.32 45.11 -9.33
C SER J 27 34.93 44.58 -8.98
N ASP J 28 33.99 44.74 -9.92
CA ASP J 28 32.64 44.26 -9.70
C ASP J 28 32.62 42.75 -9.54
N VAL J 29 33.07 42.03 -10.58
CA VAL J 29 33.16 40.57 -10.67
C VAL J 29 31.99 39.84 -10.00
N GLY J 30 30.80 40.43 -10.05
CA GLY J 30 29.59 39.86 -9.47
C GLY J 30 29.75 39.35 -8.05
N GLY J 31 30.61 39.99 -7.26
CA GLY J 31 30.81 39.66 -5.85
C GLY J 31 29.98 40.51 -4.90
N TYR J 32 29.22 41.48 -5.40
CA TYR J 32 28.51 42.42 -4.57
C TYR J 32 27.04 42.03 -4.37
N ASN J 33 26.66 40.82 -4.76
CA ASN J 33 25.29 40.36 -4.55
C ASN J 33 24.95 40.31 -3.07
N TYR J 34 25.92 39.93 -2.24
CA TYR J 34 25.74 39.72 -0.82
C TYR J 34 26.46 40.83 -0.07
N VAL J 35 25.79 41.98 0.04
CA VAL J 35 26.29 43.12 0.81
C VAL J 35 25.27 43.44 1.89
N SER J 36 25.68 43.30 3.15
CA SER J 36 24.84 43.53 4.32
C SER J 36 25.28 44.81 5.03
N TRP J 37 24.38 45.31 5.87
CA TRP J 37 24.61 46.52 6.65
C TRP J 37 24.35 46.22 8.12
N TYR J 38 25.10 46.89 8.99
CA TYR J 38 25.02 46.71 10.43
C TYR J 38 24.88 48.07 11.10
N GLN J 39 24.18 48.07 12.23
CA GLN J 39 23.95 49.26 13.05
C GLN J 39 24.41 48.94 14.46
N GLN J 40 25.37 49.74 14.95
CA GLN J 40 26.00 49.53 16.25
C GLN J 40 25.71 50.74 17.14
N HIS J 41 24.59 50.68 17.85
CA HIS J 41 24.32 51.61 18.93
C HIS J 41 25.47 51.56 19.94
N PRO J 42 26.13 52.73 20.27
CA PRO J 42 27.27 52.70 21.21
C PRO J 42 27.03 51.89 22.47
N GLY J 43 27.90 50.90 22.73
CA GLY J 43 27.86 50.09 23.93
C GLY J 43 27.37 48.67 23.72
N LYS J 44 26.63 48.41 22.64
CA LYS J 44 25.99 47.12 22.39
C LYS J 44 26.68 46.45 21.19
N ALA J 45 26.13 45.30 20.79
CA ALA J 45 26.62 44.50 19.68
C ALA J 45 25.85 44.82 18.40
N PRO J 46 26.51 44.89 17.24
CA PRO J 46 25.81 45.29 16.00
C PRO J 46 24.55 44.47 15.73
N LYS J 47 23.59 45.11 15.06
CA LYS J 47 22.37 44.47 14.59
C LYS J 47 22.30 44.68 13.08
N VAL J 48 21.55 43.81 12.39
CA VAL J 48 21.52 43.77 10.94
C VAL J 48 20.29 44.52 10.45
N ILE J 49 20.52 45.54 9.61
CA ILE J 49 19.45 46.35 9.05
C ILE J 49 19.12 45.95 7.61
N ILE J 50 20.13 45.66 6.80
CA ILE J 50 19.95 45.21 5.42
C ILE J 50 20.81 43.98 5.20
N TYR J 51 20.29 43.01 4.44
CA TYR J 51 21.04 41.83 4.04
C TYR J 51 20.80 41.58 2.56
N GLU J 52 21.88 41.31 1.82
CA GLU J 52 21.84 41.12 0.35
C GLU J 52 21.31 42.36 -0.36
N VAL J 53 21.92 43.50 -0.03
CA VAL J 53 21.75 44.78 -0.71
C VAL J 53 20.42 45.47 -0.37
N SER J 54 19.30 44.76 -0.49
CA SER J 54 18.00 45.41 -0.35
C SER J 54 16.95 44.46 0.23
N LYS J 55 17.33 43.63 1.20
CA LYS J 55 16.38 42.84 1.97
C LYS J 55 16.45 43.28 3.42
N ARG J 56 15.34 43.07 4.15
CA ARG J 56 15.18 43.54 5.52
C ARG J 56 14.88 42.37 6.45
N PRO J 57 15.62 42.18 7.55
CA PRO J 57 15.19 41.21 8.56
C PRO J 57 13.80 41.54 9.08
N SER J 58 13.00 40.50 9.31
CA SER J 58 11.68 40.68 9.89
C SER J 58 11.79 41.41 11.23
N GLY J 59 11.02 42.49 11.36
CA GLY J 59 11.07 43.35 12.52
C GLY J 59 11.91 44.60 12.36
N VAL J 60 12.43 44.87 11.16
CA VAL J 60 13.25 46.04 10.89
C VAL J 60 12.36 47.05 10.16
N PRO J 61 12.33 48.33 10.57
CA PRO J 61 11.40 49.27 9.94
C PRO J 61 11.80 49.58 8.50
N ASP J 62 10.78 49.90 7.70
CA ASP J 62 10.93 50.16 6.28
C ASP J 62 11.85 51.36 6.00
N ARG J 63 12.12 52.20 7.02
CA ARG J 63 12.98 53.37 6.85
C ARG J 63 14.33 53.01 6.27
N PHE J 64 14.96 51.97 6.80
CA PHE J 64 16.26 51.53 6.30
C PHE J 64 16.07 50.83 4.95
N SER J 65 16.75 51.32 3.91
CA SER J 65 16.63 50.67 2.60
C SER J 65 17.84 51.01 1.76
N GLY J 66 18.59 49.99 1.32
CA GLY J 66 19.76 50.18 0.50
C GLY J 66 19.60 49.65 -0.92
N SER J 67 20.53 50.09 -1.78
CA SER J 67 20.61 49.62 -3.15
C SER J 67 22.10 49.54 -3.53
N LYS J 68 22.37 49.40 -4.83
CA LYS J 68 23.72 49.18 -5.31
C LYS J 68 23.87 49.75 -6.71
N SER J 69 25.11 50.12 -7.07
CA SER J 69 25.42 50.63 -8.39
C SER J 69 26.89 50.28 -8.67
N GLY J 70 27.10 49.19 -9.40
CA GLY J 70 28.45 48.81 -9.79
C GLY J 70 29.30 48.48 -8.57
N ASN J 71 30.38 49.25 -8.41
CA ASN J 71 31.25 49.06 -7.25
C ASN J 71 30.60 49.59 -5.99
N THR J 72 29.86 50.69 -6.10
CA THR J 72 29.34 51.35 -4.91
C THR J 72 28.04 50.67 -4.46
N ALA J 73 27.69 50.88 -3.20
CA ALA J 73 26.44 50.34 -2.65
C ALA J 73 26.08 51.15 -1.43
N SER J 74 24.83 51.56 -1.33
CA SER J 74 24.44 52.57 -0.37
C SER J 74 23.21 52.17 0.43
N LEU J 75 23.13 52.72 1.63
CA LEU J 75 21.97 52.64 2.50
C LEU J 75 21.30 54.00 2.51
N THR J 76 19.97 54.00 2.72
CA THR J 76 19.17 55.21 2.82
C THR J 76 18.32 55.08 4.07
N VAL J 77 18.66 55.87 5.09
CA VAL J 77 17.88 55.97 6.32
C VAL J 77 16.89 57.10 6.08
N SER J 78 15.68 56.75 5.61
CA SER J 78 14.64 57.70 5.27
C SER J 78 13.64 57.77 6.42
N GLY J 79 13.61 58.90 7.12
CA GLY J 79 12.75 59.11 8.26
C GLY J 79 13.53 59.23 9.56
N LEU J 80 14.73 59.78 9.45
CA LEU J 80 15.69 59.95 10.55
C LEU J 80 15.04 60.47 11.83
N GLN J 81 15.17 59.66 12.89
CA GLN J 81 14.76 59.96 14.25
C GLN J 81 15.99 60.31 15.10
N ALA J 82 15.82 60.25 16.43
CA ALA J 82 16.91 60.50 17.38
C ALA J 82 17.54 59.21 17.91
N ASP J 83 16.95 58.05 17.62
CA ASP J 83 17.53 56.74 17.90
C ASP J 83 18.35 56.20 16.73
N ASP J 84 18.95 57.10 15.93
CA ASP J 84 19.81 56.75 14.81
C ASP J 84 21.26 57.21 15.01
N GLU J 85 21.68 57.44 16.27
CA GLU J 85 23.07 57.82 16.55
C GLU J 85 23.84 56.54 16.85
N ALA J 86 24.22 55.85 15.76
CA ALA J 86 24.93 54.59 15.84
C ALA J 86 26.12 54.62 14.89
N ASP J 87 26.79 53.49 14.73
CA ASP J 87 27.85 53.32 13.74
C ASP J 87 27.35 52.34 12.69
N TYR J 88 27.33 52.77 11.42
CA TYR J 88 26.79 51.98 10.34
C TYR J 88 27.94 51.38 9.51
N TYR J 89 27.94 50.05 9.36
CA TYR J 89 29.04 49.33 8.71
C TYR J 89 28.53 48.48 7.55
N CYS J 90 29.21 48.58 6.40
CA CYS J 90 28.91 47.74 5.25
C CYS J 90 29.81 46.52 5.27
N SER J 91 29.23 45.36 4.97
CA SER J 91 29.95 44.09 4.94
C SER J 91 29.69 43.38 3.63
N SER J 92 30.76 42.78 3.10
CA SER J 92 30.73 41.86 1.94
C SER J 92 31.48 40.63 2.47
N TYR J 93 30.72 39.66 2.97
CA TYR J 93 31.32 38.45 3.53
C TYR J 93 32.09 38.80 4.80
N GLU J 94 33.42 38.81 4.73
CA GLU J 94 34.27 38.98 5.90
C GLU J 94 34.76 40.41 6.10
N VAL J 95 35.20 41.10 5.05
CA VAL J 95 35.33 42.56 5.07
C VAL J 95 34.18 43.22 5.81
N PHE J 96 34.50 44.22 6.63
CA PHE J 96 33.55 45.12 7.25
C PHE J 96 33.83 46.51 6.70
N GLY J 97 32.84 47.38 6.71
CA GLY J 97 33.11 48.73 6.26
C GLY J 97 34.00 49.46 7.25
N THR J 98 34.43 50.66 6.85
CA THR J 98 35.28 51.44 7.73
C THR J 98 34.49 52.08 8.87
N GLY J 99 33.24 52.45 8.63
CA GLY J 99 32.33 52.97 9.66
C GLY J 99 31.93 54.40 9.40
N THR J 100 30.63 54.67 9.53
CA THR J 100 30.06 56.01 9.44
C THR J 100 29.24 56.30 10.69
N LYS J 101 29.56 57.40 11.35
CA LYS J 101 28.82 57.85 12.53
C LYS J 101 27.74 58.82 12.05
N VAL J 102 26.48 58.43 12.20
CA VAL J 102 25.36 59.22 11.72
C VAL J 102 24.95 60.10 12.89
N THR J 103 25.23 61.41 12.78
CA THR J 103 24.83 62.36 13.80
C THR J 103 23.46 62.96 13.49
N VAL J 104 22.58 62.90 14.48
CA VAL J 104 21.27 63.56 14.41
C VAL J 104 21.43 65.01 14.81
N LEU J 105 20.72 65.87 14.08
CA LEU J 105 20.73 67.32 14.32
C LEU J 105 19.36 67.79 14.80
N ASN K 38 -13.41 26.73 -32.35
CA ASN K 38 -12.25 26.46 -33.18
C ASN K 38 -11.38 25.37 -32.54
N LEU K 39 -10.82 25.67 -31.37
CA LEU K 39 -9.97 24.75 -30.64
C LEU K 39 -10.66 24.28 -29.36
N TRP K 40 -10.38 23.03 -29.00
CA TRP K 40 -11.02 22.34 -27.89
C TRP K 40 -9.96 21.70 -27.01
N VAL K 41 -10.28 21.56 -25.73
CA VAL K 41 -9.36 20.97 -24.77
C VAL K 41 -9.28 19.47 -25.03
N THR K 42 -8.07 18.97 -25.23
CA THR K 42 -7.80 17.54 -25.36
C THR K 42 -6.87 17.13 -24.25
N VAL K 43 -7.22 16.04 -23.56
CA VAL K 43 -6.48 15.53 -22.42
C VAL K 43 -5.55 14.45 -22.91
N TYR K 44 -4.28 14.54 -22.51
CA TYR K 44 -3.25 13.55 -22.84
C TYR K 44 -2.71 12.96 -21.55
N TYR K 45 -2.57 11.64 -21.51
CA TYR K 45 -2.02 10.92 -20.38
C TYR K 45 -0.80 10.14 -20.84
N GLY K 46 0.31 10.34 -20.15
CA GLY K 46 1.60 9.86 -20.57
C GLY K 46 2.51 10.94 -21.08
N VAL K 47 2.27 12.19 -20.70
CA VAL K 47 3.02 13.34 -21.21
C VAL K 47 4.44 13.32 -20.63
N PRO K 48 5.50 13.47 -21.46
CA PRO K 48 6.87 13.46 -20.90
C PRO K 48 7.27 14.79 -20.26
N VAL K 49 6.62 15.09 -19.14
CA VAL K 49 6.84 16.32 -18.37
C VAL K 49 7.16 15.93 -16.94
N TRP K 50 8.00 16.74 -16.29
CA TRP K 50 8.41 16.48 -14.93
C TRP K 50 8.55 17.76 -14.13
N LYS K 51 8.59 17.59 -12.81
CA LYS K 51 8.77 18.65 -11.83
C LYS K 51 9.92 18.29 -10.90
N ASP K 52 10.51 19.32 -10.29
CA ASP K 52 11.45 19.08 -9.21
C ASP K 52 10.74 18.38 -8.06
N ALA K 53 11.39 17.40 -7.46
CA ALA K 53 10.77 16.66 -6.36
C ALA K 53 11.81 16.20 -5.36
N GLU K 54 11.31 15.81 -4.19
CA GLU K 54 12.09 15.16 -3.16
C GLU K 54 11.29 13.95 -2.69
N THR K 55 11.88 12.76 -2.82
CA THR K 55 11.22 11.53 -2.45
C THR K 55 12.24 10.62 -1.79
N THR K 56 11.82 9.42 -1.42
CA THR K 56 12.69 8.42 -0.80
C THR K 56 13.13 7.46 -1.89
N LEU K 57 14.36 7.65 -2.38
CA LEU K 57 14.94 6.75 -3.36
C LEU K 57 15.38 5.47 -2.68
N PHE K 58 15.18 4.34 -3.36
CA PHE K 58 15.53 3.04 -2.78
C PHE K 58 16.90 2.63 -3.30
N CYS K 59 17.25 1.37 -3.06
CA CYS K 59 18.62 0.87 -3.15
C CYS K 59 18.72 -0.29 -4.13
N ALA K 60 19.86 -0.36 -4.81
CA ALA K 60 20.20 -1.53 -5.63
C ALA K 60 21.69 -1.80 -5.45
N SER K 61 22.02 -3.07 -5.18
CA SER K 61 23.41 -3.51 -5.09
C SER K 61 23.56 -4.85 -5.77
N ASP K 62 24.76 -5.11 -6.27
CA ASP K 62 25.06 -6.36 -7.00
C ASP K 62 24.76 -7.58 -6.13
N HIS K 71 26.76 -9.76 5.73
CA HIS K 71 27.77 -9.44 6.72
C HIS K 71 28.47 -8.14 6.34
N ASN K 72 27.68 -7.15 5.94
CA ASN K 72 28.18 -5.89 5.42
C ASN K 72 27.58 -4.73 6.22
N VAL K 73 28.34 -3.63 6.34
CA VAL K 73 27.86 -2.49 7.12
C VAL K 73 26.62 -1.89 6.49
N TRP K 74 26.58 -1.82 5.16
CA TRP K 74 25.47 -1.17 4.47
C TRP K 74 24.31 -2.13 4.23
N ALA K 75 24.18 -3.17 5.05
CA ALA K 75 23.13 -4.19 5.00
C ALA K 75 23.30 -5.07 3.78
N THR K 76 22.96 -4.56 2.60
CA THR K 76 23.08 -5.21 1.29
C THR K 76 22.00 -6.29 1.08
N HIS K 77 21.63 -7.02 2.14
CA HIS K 77 20.52 -7.97 2.02
C HIS K 77 19.20 -7.24 1.85
N ALA K 78 18.99 -6.18 2.64
CA ALA K 78 17.78 -5.37 2.51
C ALA K 78 17.76 -4.66 1.16
N CYS K 79 18.92 -4.16 0.72
CA CYS K 79 19.01 -3.48 -0.55
C CYS K 79 18.67 -4.43 -1.68
N VAL K 80 17.89 -3.95 -2.64
CA VAL K 80 17.32 -4.78 -3.71
C VAL K 80 18.47 -5.27 -4.57
N PRO K 81 18.44 -6.46 -5.16
CA PRO K 81 19.51 -6.80 -6.11
C PRO K 81 19.42 -5.96 -7.38
N THR K 82 20.59 -5.63 -7.91
CA THR K 82 20.70 -4.83 -9.11
C THR K 82 20.34 -5.67 -10.34
N ASP K 83 20.09 -5.00 -11.47
CA ASP K 83 19.70 -5.63 -12.72
C ASP K 83 20.81 -5.45 -13.74
N PRO K 84 21.21 -6.49 -14.48
CA PRO K 84 22.30 -6.31 -15.45
C PRO K 84 21.89 -5.38 -16.58
N ASN K 85 22.91 -4.75 -17.17
CA ASN K 85 22.77 -3.84 -18.32
C ASN K 85 21.68 -2.78 -18.12
N PRO K 86 21.73 -2.04 -17.00
CA PRO K 86 20.65 -1.09 -16.70
C PRO K 86 20.51 -0.03 -17.79
N GLN K 87 19.28 0.28 -18.14
CA GLN K 87 19.02 1.16 -19.27
C GLN K 87 19.41 2.59 -18.97
N GLU K 88 20.04 3.23 -19.94
CA GLU K 88 20.37 4.65 -19.93
C GLU K 88 19.77 5.22 -21.21
N ILE K 89 18.95 6.28 -21.09
CA ILE K 89 18.29 6.87 -22.24
C ILE K 89 18.72 8.32 -22.35
N HIS K 90 19.24 8.70 -23.51
CA HIS K 90 19.65 10.09 -23.73
C HIS K 90 18.45 10.93 -24.14
N LEU K 91 18.26 12.06 -23.45
CA LEU K 91 17.18 12.99 -23.74
C LEU K 91 17.76 14.06 -24.66
N GLU K 92 17.35 14.04 -25.92
CA GLU K 92 17.90 14.94 -26.92
C GLU K 92 17.06 16.19 -26.99
N ASN K 93 17.73 17.34 -27.12
CA ASN K 93 17.11 18.66 -27.19
C ASN K 93 16.53 19.10 -25.85
N VAL K 94 16.96 18.48 -24.75
CA VAL K 94 16.50 18.82 -23.40
C VAL K 94 17.65 19.49 -22.67
N THR K 95 17.39 20.68 -22.13
CA THR K 95 18.30 21.39 -21.24
C THR K 95 17.65 21.45 -19.88
N GLU K 96 18.31 20.91 -18.86
CA GLU K 96 17.74 20.82 -17.52
C GLU K 96 18.65 21.52 -16.53
N GLU K 97 18.08 22.34 -15.65
CA GLU K 97 18.86 22.96 -14.59
C GLU K 97 19.19 21.93 -13.51
N PHE K 98 20.44 21.97 -13.06
CA PHE K 98 20.93 21.10 -11.99
C PHE K 98 21.56 21.96 -10.91
N ASN K 99 21.25 21.62 -9.66
CA ASN K 99 21.94 22.18 -8.49
C ASN K 99 22.47 21.02 -7.64
N MET K 100 23.80 20.87 -7.58
CA MET K 100 24.36 19.90 -6.64
C MET K 100 24.19 20.36 -5.20
N TRP K 101 24.20 21.67 -4.96
CA TRP K 101 24.23 22.22 -3.62
C TRP K 101 22.84 22.29 -2.97
N LYS K 102 21.80 21.81 -3.65
CA LYS K 102 20.47 21.66 -3.09
C LYS K 102 19.88 20.30 -3.45
N ASN K 103 20.75 19.31 -3.63
CA ASN K 103 20.36 17.99 -4.07
C ASN K 103 19.98 17.14 -2.85
N ASN K 104 18.72 16.70 -2.79
CA ASN K 104 18.26 15.91 -1.66
C ASN K 104 18.81 14.49 -1.67
N MET K 105 19.47 14.08 -2.75
CA MET K 105 20.11 12.76 -2.76
C MET K 105 21.28 12.73 -1.79
N VAL K 106 21.95 13.85 -1.58
CA VAL K 106 23.06 13.91 -0.65
C VAL K 106 22.57 13.78 0.77
N GLU K 107 21.48 14.49 1.11
CA GLU K 107 20.94 14.40 2.47
C GLU K 107 20.39 13.00 2.73
N GLN K 108 19.73 12.40 1.74
CA GLN K 108 19.23 11.04 1.93
C GLN K 108 20.38 10.06 2.11
N MET K 109 21.44 10.20 1.31
CA MET K 109 22.58 9.31 1.46
C MET K 109 23.23 9.47 2.83
N HIS K 110 23.33 10.70 3.31
CA HIS K 110 23.92 10.94 4.63
C HIS K 110 23.11 10.25 5.71
N THR K 111 21.79 10.44 5.68
CA THR K 111 20.92 9.80 6.67
C THR K 111 20.99 8.28 6.56
N ASP K 112 21.01 7.76 5.33
CA ASP K 112 21.02 6.31 5.14
C ASP K 112 22.32 5.69 5.64
N ILE K 113 23.45 6.33 5.37
CA ILE K 113 24.72 5.76 5.83
C ILE K 113 24.79 5.80 7.36
N ILE K 114 24.34 6.89 7.98
CA ILE K 114 24.37 6.94 9.45
C ILE K 114 23.46 5.87 10.04
N SER K 115 22.24 5.74 9.49
CA SER K 115 21.30 4.74 10.00
C SER K 115 21.82 3.33 9.80
N LEU K 116 22.44 3.06 8.65
CA LEU K 116 23.01 1.73 8.40
C LEU K 116 24.14 1.43 9.37
N TRP K 117 24.95 2.45 9.69
CA TRP K 117 26.02 2.26 10.67
C TRP K 117 25.45 1.91 12.04
N ASP K 118 24.41 2.63 12.45
CA ASP K 118 23.78 2.32 13.74
C ASP K 118 23.18 0.93 13.75
N GLN K 119 22.53 0.54 12.64
CA GLN K 119 21.92 -0.78 12.55
C GLN K 119 22.97 -1.88 12.59
N SER K 120 24.13 -1.65 11.94
CA SER K 120 25.21 -2.62 12.01
C SER K 120 25.76 -2.74 13.42
N LEU K 121 25.80 -1.61 14.16
CA LEU K 121 26.37 -1.64 15.51
C LEU K 121 25.42 -2.22 16.55
N LYS K 122 24.10 -2.14 16.33
CA LYS K 122 23.13 -2.58 17.33
C LYS K 122 23.33 -4.00 17.86
N PRO K 123 23.50 -5.04 17.04
CA PRO K 123 23.60 -6.40 17.58
C PRO K 123 24.99 -6.82 18.02
N CYS K 124 25.97 -5.93 18.06
CA CYS K 124 27.34 -6.30 18.38
C CYS K 124 27.62 -6.15 19.88
N VAL K 125 28.73 -6.76 20.31
CA VAL K 125 29.07 -6.83 21.73
C VAL K 125 29.33 -5.43 22.27
N LYS K 126 28.67 -5.11 23.39
CA LYS K 126 28.91 -3.85 24.10
C LYS K 126 30.08 -4.02 25.07
N LEU K 127 30.95 -3.00 25.11
CA LEU K 127 32.16 -3.01 25.94
C LEU K 127 32.05 -2.03 27.11
N THR K 128 30.84 -1.81 27.61
CA THR K 128 30.69 -1.04 28.84
C THR K 128 31.51 -1.57 30.02
N PRO K 129 31.73 -2.88 30.21
CA PRO K 129 32.59 -3.29 31.35
C PRO K 129 34.03 -2.79 31.25
N LEU K 130 34.49 -2.32 30.08
CA LEU K 130 35.90 -1.96 29.93
C LEU K 130 36.25 -0.65 30.60
N CYS K 131 35.27 0.10 31.10
CA CYS K 131 35.54 1.34 31.83
C CYS K 131 35.96 1.00 33.25
N VAL K 132 37.22 0.57 33.38
CA VAL K 132 37.86 0.28 34.63
C VAL K 132 39.21 0.99 34.63
N THR K 133 39.83 1.07 35.80
CA THR K 133 41.16 1.64 35.88
C THR K 133 42.14 0.74 35.15
N LEU K 134 42.94 1.34 34.27
CA LEU K 134 43.98 0.65 33.53
C LEU K 134 45.33 1.04 34.10
N GLN K 135 46.23 0.07 34.21
CA GLN K 135 47.61 0.31 34.65
C GLN K 135 48.50 0.12 33.44
N CYS K 136 48.98 1.25 32.89
CA CYS K 136 49.65 1.29 31.60
C CYS K 136 51.12 1.62 31.76
N THR K 137 51.96 0.86 31.06
CA THR K 137 53.39 1.10 30.98
C THR K 137 53.79 1.20 29.52
N ASN K 138 55.03 1.63 29.27
CA ASN K 138 55.53 1.74 27.92
C ASN K 138 55.90 0.36 27.39
N VAL K 139 55.67 0.15 26.09
CA VAL K 139 55.99 -1.12 25.47
C VAL K 139 57.49 -1.37 25.58
N THR K 140 57.85 -2.63 25.88
CA THR K 140 59.23 -3.01 26.17
C THR K 140 59.94 -3.66 25.00
N ASN K 141 59.27 -3.85 23.87
CA ASN K 141 59.91 -4.35 22.67
C ASN K 141 60.83 -3.27 22.09
N ASN K 142 61.42 -3.57 20.94
CA ASN K 142 62.22 -2.57 20.22
C ASN K 142 61.28 -1.69 19.41
N ILE K 143 61.24 -0.41 19.74
CA ILE K 143 60.27 0.54 19.20
C ILE K 143 61.02 1.67 18.52
N THR K 144 60.63 1.98 17.29
CA THR K 144 61.22 3.09 16.57
C THR K 144 60.88 4.41 17.24
N ASP K 145 61.74 5.41 17.04
CA ASP K 145 61.51 6.72 17.66
C ASP K 145 60.18 7.31 17.21
N ASP K 146 59.80 7.08 15.96
CA ASP K 146 58.49 7.50 15.46
C ASP K 146 57.34 7.02 16.35
N MET K 147 57.50 5.87 16.99
CA MET K 147 56.43 5.21 17.73
C MET K 147 56.68 5.16 19.24
N ARG K 148 57.77 5.75 19.71
CA ARG K 148 58.16 5.69 21.12
C ARG K 148 57.17 6.52 21.93
N GLY K 149 56.21 5.86 22.57
CA GLY K 149 55.18 6.49 23.36
C GLY K 149 53.82 6.56 22.73
N GLU K 150 53.64 6.02 21.53
CA GLU K 150 52.32 6.00 20.89
C GLU K 150 51.50 4.80 21.34
N LEU K 151 52.15 3.71 21.74
CA LEU K 151 51.49 2.47 22.10
C LEU K 151 51.86 2.09 23.53
N LYS K 152 50.85 1.80 24.34
CA LYS K 152 51.01 1.49 25.76
C LYS K 152 50.48 0.09 26.07
N ASN K 153 51.13 -0.58 27.02
CA ASN K 153 50.74 -1.91 27.48
C ASN K 153 49.97 -1.73 28.79
N CYS K 154 48.66 -1.94 28.73
CA CYS K 154 47.76 -1.67 29.85
C CYS K 154 47.22 -2.98 30.42
N SER K 155 47.30 -3.13 31.73
CA SER K 155 46.74 -4.28 32.44
C SER K 155 45.51 -3.84 33.22
N PHE K 156 44.55 -4.77 33.34
CA PHE K 156 43.30 -4.45 34.02
C PHE K 156 42.60 -5.73 34.46
N ASN K 157 41.66 -5.54 35.40
CA ASN K 157 40.83 -6.63 35.93
C ASN K 157 39.53 -6.67 35.13
N MET K 158 39.39 -7.68 34.28
CA MET K 158 38.24 -7.85 33.41
C MET K 158 37.27 -8.85 34.02
N THR K 159 36.01 -8.72 33.63
CA THR K 159 34.99 -9.68 34.03
C THR K 159 35.14 -10.97 33.23
N THR K 160 34.44 -12.01 33.69
CA THR K 160 34.45 -13.32 33.05
C THR K 160 33.00 -13.77 32.85
N GLU K 161 32.85 -14.99 32.33
CA GLU K 161 31.51 -15.56 32.16
C GLU K 161 30.80 -15.80 33.49
N LEU K 162 31.55 -15.90 34.59
CA LEU K 162 31.00 -16.09 35.92
C LEU K 162 31.05 -14.77 36.66
N ARG K 163 29.91 -14.34 37.21
CA ARG K 163 29.82 -13.01 37.81
C ARG K 163 30.62 -12.88 39.10
N ASP K 164 31.00 -14.00 39.72
CA ASP K 164 31.75 -13.99 40.97
C ASP K 164 33.26 -14.14 40.76
N LYS K 165 33.72 -14.13 39.51
CA LYS K 165 35.14 -14.25 39.19
C LYS K 165 35.58 -13.10 38.30
N ARG K 166 36.86 -12.75 38.41
CA ARG K 166 37.51 -11.77 37.56
C ARG K 166 38.84 -12.33 37.09
N GLN K 167 39.32 -11.78 35.98
CA GLN K 167 40.58 -12.20 35.37
C GLN K 167 41.51 -11.00 35.24
N LYS K 168 42.80 -11.23 35.42
CA LYS K 168 43.81 -10.22 35.19
C LYS K 168 44.31 -10.37 33.76
N VAL K 169 44.09 -9.34 32.93
CA VAL K 169 44.46 -9.41 31.52
C VAL K 169 45.22 -8.15 31.16
N HIS K 170 45.83 -8.17 29.99
CA HIS K 170 46.63 -7.05 29.49
C HIS K 170 46.38 -6.91 28.00
N ALA K 171 46.26 -5.66 27.56
CA ALA K 171 46.03 -5.32 26.16
C ALA K 171 46.87 -4.12 25.77
N LEU K 172 47.27 -4.10 24.51
CA LEU K 172 47.98 -2.96 23.93
C LEU K 172 46.96 -1.95 23.43
N PHE K 173 47.15 -0.68 23.81
CA PHE K 173 46.27 0.41 23.42
C PHE K 173 47.08 1.55 22.85
N TYR K 174 46.50 2.25 21.88
CA TYR K 174 47.18 3.40 21.31
C TYR K 174 47.03 4.62 22.24
N LYS K 175 47.95 5.57 22.07
CA LYS K 175 47.96 6.74 22.93
C LYS K 175 46.81 7.68 22.64
N LEU K 176 46.23 7.63 21.44
CA LEU K 176 45.11 8.46 21.06
C LEU K 176 43.77 7.88 21.49
N ASP K 177 43.78 6.94 22.43
CA ASP K 177 42.60 6.25 22.94
C ASP K 177 42.64 6.11 24.45
N ILE K 178 43.65 6.66 25.11
CA ILE K 178 43.93 6.47 26.52
C ILE K 178 44.13 7.85 27.13
N VAL K 179 43.54 8.08 28.30
CA VAL K 179 43.55 9.37 28.97
C VAL K 179 44.13 9.17 30.37
N PRO K 180 45.04 10.02 30.83
CA PRO K 180 45.49 9.93 32.24
C PRO K 180 44.33 10.20 33.19
N ILE K 181 44.12 9.29 34.14
CA ILE K 181 43.05 9.47 35.10
C ILE K 181 43.30 10.69 35.97
N ASN K 182 44.54 10.88 36.42
CA ASN K 182 44.91 12.04 37.23
C ASN K 182 46.24 12.62 36.76
N GLU K 183 46.44 13.91 37.03
CA GLU K 183 47.64 14.60 36.61
C GLU K 183 48.89 13.99 37.25
N ASN K 184 48.77 13.46 38.46
CA ASN K 184 49.92 12.89 39.16
C ASN K 184 50.39 11.64 38.42
N GLN K 185 51.67 11.29 38.62
CA GLN K 185 52.26 10.12 37.98
C GLN K 185 51.91 8.88 38.80
N ASN K 186 50.64 8.48 38.67
CA ASN K 186 50.13 7.26 39.25
C ASN K 186 50.14 6.08 38.25
N THR K 187 50.33 6.36 36.96
CA THR K 187 50.33 5.36 35.91
C THR K 187 48.97 4.67 35.77
N SER K 188 47.91 5.30 36.26
CA SER K 188 46.54 4.79 36.12
C SER K 188 45.84 5.59 35.02
N TYR K 189 45.24 4.87 34.07
CA TYR K 189 44.70 5.51 32.88
C TYR K 189 43.29 4.94 32.62
N ARG K 190 42.52 5.66 31.82
CA ARG K 190 41.17 5.25 31.43
C ARG K 190 41.01 5.36 29.92
N LEU K 191 40.04 4.65 29.37
CA LEU K 191 39.71 4.83 27.97
C LEU K 191 39.17 6.24 27.74
N ILE K 192 39.35 6.73 26.52
CA ILE K 192 39.04 8.13 26.23
C ILE K 192 37.55 8.44 26.34
N ASN K 193 36.69 7.46 26.10
CA ASN K 193 35.25 7.69 26.00
C ASN K 193 34.49 7.47 27.30
N CYS K 194 35.13 6.92 28.33
CA CYS K 194 34.41 6.44 29.51
C CYS K 194 33.60 7.54 30.20
N ASN K 195 34.00 8.80 30.08
CA ASN K 195 33.31 9.86 30.79
C ASN K 195 32.11 10.38 30.01
N THR K 196 32.12 10.28 28.67
CA THR K 196 31.13 10.92 27.83
C THR K 196 30.23 9.97 27.06
N ALA K 197 30.65 8.73 26.80
CA ALA K 197 29.89 7.88 25.89
C ALA K 197 30.12 6.41 26.18
N ALA K 198 29.08 5.62 25.94
CA ALA K 198 29.17 4.16 25.94
C ALA K 198 29.84 3.69 24.66
N ILE K 199 30.59 2.60 24.78
CA ILE K 199 31.41 2.05 23.69
C ILE K 199 30.89 0.67 23.31
N THR K 200 30.75 0.43 22.00
CA THR K 200 30.32 -0.84 21.45
C THR K 200 31.40 -1.41 20.54
N GLN K 201 31.69 -2.70 20.68
CA GLN K 201 32.67 -3.34 19.81
C GLN K 201 32.04 -3.62 18.45
N ALA K 202 32.76 -3.30 17.38
CA ALA K 202 32.30 -3.68 16.05
C ALA K 202 32.38 -5.19 15.89
N CYS K 203 31.41 -5.76 15.21
CA CYS K 203 31.40 -7.20 14.96
C CYS K 203 32.59 -7.55 14.06
N PRO K 204 33.48 -8.48 14.44
CA PRO K 204 34.62 -8.80 13.55
C PRO K 204 34.21 -9.38 12.22
N LYS K 205 33.00 -9.93 12.10
CA LYS K 205 32.57 -10.59 10.87
C LYS K 205 31.95 -9.61 9.87
N VAL K 206 31.89 -8.33 10.19
CA VAL K 206 31.29 -7.32 9.32
C VAL K 206 32.44 -6.52 8.71
N SER K 207 32.62 -6.67 7.39
CA SER K 207 33.73 -6.00 6.72
C SER K 207 33.45 -4.51 6.57
N PHE K 208 34.51 -3.71 6.67
CA PHE K 208 34.43 -2.26 6.50
C PHE K 208 34.78 -1.81 5.10
N GLU K 209 34.86 -2.73 4.14
CA GLU K 209 35.20 -2.37 2.78
C GLU K 209 33.99 -1.69 2.13
N PRO K 210 34.10 -0.45 1.63
CA PRO K 210 32.97 0.12 0.88
C PRO K 210 32.70 -0.68 -0.38
N ILE K 211 31.42 -0.92 -0.64
CA ILE K 211 30.97 -1.60 -1.86
C ILE K 211 30.10 -0.61 -2.65
N PRO K 212 30.06 -0.66 -3.98
CA PRO K 212 29.20 0.29 -4.70
C PRO K 212 27.73 0.04 -4.39
N ILE K 213 26.99 1.13 -4.23
CA ILE K 213 25.54 1.08 -4.09
C ILE K 213 24.95 2.02 -5.13
N HIS K 214 23.71 1.74 -5.52
CA HIS K 214 22.99 2.50 -6.53
C HIS K 214 21.70 3.02 -5.92
N TYR K 215 21.40 4.29 -6.14
CA TYR K 215 20.15 4.90 -5.70
C TYR K 215 19.18 4.94 -6.87
N CYS K 216 18.00 4.37 -6.67
CA CYS K 216 17.01 4.14 -7.71
C CYS K 216 15.74 4.89 -7.37
N ALA K 217 15.09 5.46 -8.40
CA ALA K 217 13.85 6.19 -8.19
C ALA K 217 12.67 5.22 -8.12
N PRO K 218 11.67 5.46 -7.28
CA PRO K 218 10.44 4.67 -7.36
C PRO K 218 9.62 5.05 -8.58
N ALA K 219 8.64 4.22 -8.90
CA ALA K 219 7.76 4.48 -10.03
C ALA K 219 7.05 5.81 -9.86
N GLY K 220 6.92 6.55 -10.97
CA GLY K 220 6.44 7.90 -10.95
C GLY K 220 7.51 8.96 -10.79
N PHE K 221 8.76 8.55 -10.55
CA PHE K 221 9.90 9.44 -10.40
C PHE K 221 11.00 8.98 -11.34
N ALA K 222 11.91 9.90 -11.67
CA ALA K 222 13.02 9.60 -12.55
C ALA K 222 14.27 10.31 -12.06
N ILE K 223 15.42 9.69 -12.35
CA ILE K 223 16.73 10.29 -12.08
C ILE K 223 17.29 10.78 -13.40
N LEU K 224 17.62 12.07 -13.43
CA LEU K 224 18.23 12.72 -14.57
C LEU K 224 19.72 12.88 -14.29
N LYS K 225 20.53 12.51 -15.28
CA LYS K 225 21.98 12.50 -15.18
C LYS K 225 22.52 13.51 -16.17
N CYS K 226 23.24 14.52 -15.67
CA CYS K 226 23.93 15.47 -16.54
C CYS K 226 25.16 14.81 -17.13
N LYS K 227 25.23 14.76 -18.46
CA LYS K 227 26.33 14.14 -19.17
C LYS K 227 27.34 15.14 -19.69
N ASP K 228 27.21 16.41 -19.34
CA ASP K 228 28.19 17.40 -19.74
C ASP K 228 29.47 17.14 -18.98
N LYS K 229 30.60 17.15 -19.71
CA LYS K 229 31.88 16.76 -19.15
C LYS K 229 32.68 17.95 -18.63
N LYS K 230 32.12 19.16 -18.70
CA LYS K 230 32.72 20.37 -18.20
C LYS K 230 31.69 21.12 -17.37
N PHE K 231 30.96 20.37 -16.56
CA PHE K 231 29.83 20.90 -15.81
C PHE K 231 30.33 21.40 -14.46
N ASN K 232 30.11 22.68 -14.19
CA ASN K 232 30.64 23.31 -12.99
C ASN K 232 29.77 23.05 -11.77
N GLY K 233 28.73 22.22 -11.91
CA GLY K 233 27.93 21.78 -10.77
C GLY K 233 26.55 22.37 -10.73
N THR K 234 26.43 23.66 -11.04
CA THR K 234 25.18 24.40 -10.95
C THR K 234 24.90 25.02 -12.30
N GLY K 235 23.62 25.07 -12.68
CA GLY K 235 23.21 25.73 -13.89
C GLY K 235 22.56 24.81 -14.90
N PRO K 236 22.19 25.35 -16.06
CA PRO K 236 21.64 24.50 -17.13
C PRO K 236 22.65 23.47 -17.62
N CYS K 237 22.14 22.27 -17.90
CA CYS K 237 22.89 21.15 -18.47
C CYS K 237 22.26 20.84 -19.82
N PRO K 238 22.93 21.08 -20.95
CA PRO K 238 22.32 20.81 -22.26
C PRO K 238 22.37 19.36 -22.69
N SER K 239 23.04 18.48 -21.94
CA SER K 239 23.23 17.08 -22.31
C SER K 239 22.74 16.24 -21.12
N VAL K 240 21.53 15.70 -21.24
CA VAL K 240 20.82 15.08 -20.14
C VAL K 240 20.42 13.67 -20.55
N SER K 241 20.45 12.74 -19.60
CA SER K 241 19.94 11.40 -19.79
C SER K 241 19.07 11.03 -18.60
N THR K 242 18.19 10.06 -18.79
CA THR K 242 17.42 9.48 -17.70
C THR K 242 17.93 8.08 -17.42
N VAL K 243 18.08 7.76 -16.13
CA VAL K 243 18.61 6.49 -15.67
C VAL K 243 17.62 5.84 -14.71
N GLN K 244 17.66 4.51 -14.65
CA GLN K 244 16.91 3.80 -13.61
C GLN K 244 17.53 4.05 -12.25
N CYS K 245 18.86 4.08 -12.18
CA CYS K 245 19.59 4.21 -10.93
C CYS K 245 20.88 4.95 -11.20
N THR K 246 21.52 5.43 -10.13
CA THR K 246 22.81 6.07 -10.27
C THR K 246 23.88 5.01 -10.54
N HIS K 247 25.09 5.47 -10.85
CA HIS K 247 26.20 4.55 -11.04
C HIS K 247 26.59 3.95 -9.68
N GLY K 248 27.55 3.05 -9.71
CA GLY K 248 28.00 2.45 -8.46
C GLY K 248 28.80 3.44 -7.66
N ILE K 249 28.25 3.87 -6.54
CA ILE K 249 28.88 4.85 -5.66
C ILE K 249 29.31 4.12 -4.40
N LYS K 250 30.60 4.14 -4.12
CA LYS K 250 31.12 3.53 -2.91
C LYS K 250 31.06 4.54 -1.78
N PRO K 251 30.34 4.27 -0.67
CA PRO K 251 30.28 5.31 0.39
C PRO K 251 31.55 5.35 1.21
N VAL K 252 32.63 5.83 0.58
CA VAL K 252 33.93 5.89 1.23
C VAL K 252 33.92 7.07 2.20
N VAL K 253 34.30 6.80 3.44
CA VAL K 253 34.35 7.81 4.50
C VAL K 253 35.79 8.26 4.64
N SER K 254 36.06 9.53 4.34
CA SER K 254 37.40 10.07 4.47
C SER K 254 37.29 11.59 4.54
N THR K 255 38.35 12.23 5.01
CA THR K 255 38.46 13.68 5.02
C THR K 255 39.68 14.12 4.23
N GLN K 256 39.59 15.34 3.69
CA GLN K 256 40.63 16.06 2.96
C GLN K 256 40.99 15.50 1.59
N LEU K 257 40.91 14.18 1.41
CA LEU K 257 41.12 13.52 0.14
C LEU K 257 39.91 12.66 -0.17
N LEU K 258 39.41 12.75 -1.39
CA LEU K 258 38.34 11.88 -1.86
C LEU K 258 38.98 10.64 -2.47
N LEU K 259 38.65 9.47 -1.92
CA LEU K 259 39.27 8.21 -2.31
C LEU K 259 38.28 7.33 -3.05
N ASN K 260 38.79 6.62 -4.06
CA ASN K 260 38.02 5.62 -4.82
C ASN K 260 36.73 6.21 -5.38
N GLY K 261 36.80 7.45 -5.85
CA GLY K 261 35.66 8.14 -6.43
C GLY K 261 35.70 8.14 -7.94
N SER K 262 34.86 9.00 -8.51
CA SER K 262 34.80 9.18 -9.96
C SER K 262 35.82 10.22 -10.40
N LEU K 263 36.35 10.02 -11.60
CA LEU K 263 37.32 10.93 -12.20
C LEU K 263 36.62 11.86 -13.19
N ALA K 264 37.18 13.07 -13.32
CA ALA K 264 36.72 13.99 -14.34
C ALA K 264 37.10 13.47 -15.72
N GLU K 265 36.20 13.66 -16.68
CA GLU K 265 36.39 13.04 -17.98
C GLU K 265 37.58 13.63 -18.73
N GLU K 266 37.74 14.96 -18.72
CA GLU K 266 38.80 15.63 -19.46
C GLU K 266 39.73 16.45 -18.58
N GLU K 267 39.19 17.38 -17.78
CA GLU K 267 39.99 18.34 -17.03
C GLU K 267 39.60 18.32 -15.56
N VAL K 268 40.51 18.82 -14.73
CA VAL K 268 40.22 18.93 -13.30
C VAL K 268 39.08 19.91 -13.12
N MET K 269 38.09 19.53 -12.33
CA MET K 269 36.90 20.33 -12.10
C MET K 269 36.94 20.96 -10.72
N ILE K 270 36.69 22.26 -10.66
CA ILE K 270 36.62 23.03 -9.42
C ILE K 270 35.17 23.42 -9.21
N ARG K 271 34.56 22.91 -8.13
CA ARG K 271 33.15 23.15 -7.85
C ARG K 271 32.99 23.76 -6.46
N SER K 272 32.24 24.86 -6.38
CA SER K 272 31.99 25.51 -5.11
C SER K 272 30.63 26.19 -5.19
N LYS K 273 29.89 26.16 -4.08
CA LYS K 273 28.58 26.79 -4.07
C LYS K 273 28.69 28.29 -4.30
N ASP K 274 29.73 28.90 -3.73
CA ASP K 274 30.03 30.31 -3.98
C ASP K 274 31.54 30.45 -3.86
N ILE K 275 32.22 30.59 -5.00
CA ILE K 275 33.67 30.65 -5.00
C ILE K 275 34.20 31.92 -4.32
N ARG K 276 33.36 32.93 -4.14
CA ARG K 276 33.72 34.13 -3.41
C ARG K 276 33.48 34.00 -1.90
N ASN K 277 32.88 32.90 -1.45
CA ASN K 277 32.53 32.70 -0.05
C ASN K 277 33.53 31.71 0.54
N ASN K 278 34.40 32.21 1.43
CA ASN K 278 35.41 31.35 2.03
C ASN K 278 34.85 30.40 3.08
N ALA K 279 33.58 30.55 3.45
CA ALA K 279 32.96 29.62 4.39
C ALA K 279 32.46 28.34 3.72
N LYS K 280 32.51 28.27 2.39
CA LYS K 280 32.08 27.09 1.65
C LYS K 280 33.30 26.36 1.08
N ASN K 281 33.17 25.04 1.02
CA ASN K 281 34.27 24.20 0.59
C ASN K 281 34.34 24.11 -0.92
N ILE K 282 35.55 23.92 -1.41
CA ILE K 282 35.85 23.76 -2.84
C ILE K 282 36.10 22.28 -3.04
N LEU K 283 35.32 21.66 -3.92
CA LEU K 283 35.47 20.26 -4.27
C LEU K 283 36.25 20.20 -5.57
N VAL K 284 37.40 19.54 -5.53
CA VAL K 284 38.30 19.39 -6.67
C VAL K 284 38.15 17.96 -7.13
N GLN K 285 37.78 17.77 -8.39
CA GLN K 285 37.65 16.44 -8.99
C GLN K 285 38.78 16.28 -9.99
N PHE K 286 39.61 15.26 -9.79
CA PHE K 286 40.75 15.02 -10.66
C PHE K 286 40.31 14.34 -11.94
N ASN K 287 41.07 14.57 -13.01
CA ASN K 287 40.90 13.86 -14.26
C ASN K 287 41.84 12.67 -14.39
N THR K 288 42.77 12.49 -13.43
CA THR K 288 43.68 11.37 -13.38
C THR K 288 43.80 11.02 -11.89
N PRO K 289 43.79 9.75 -11.50
CA PRO K 289 43.93 9.43 -10.08
C PRO K 289 45.38 9.52 -9.65
N VAL K 290 45.58 9.78 -8.36
CA VAL K 290 46.89 9.74 -7.74
C VAL K 290 46.91 8.53 -6.81
N GLN K 291 47.82 7.61 -7.05
CA GLN K 291 47.83 6.37 -6.28
C GLN K 291 48.48 6.63 -4.92
N ILE K 292 47.80 6.19 -3.87
CA ILE K 292 48.28 6.32 -2.49
C ILE K 292 48.35 4.94 -1.87
N ASN K 293 49.51 4.60 -1.32
CA ASN K 293 49.78 3.30 -0.73
C ASN K 293 49.94 3.47 0.78
N CYS K 294 48.94 3.02 1.55
CA CYS K 294 48.92 3.15 2.99
C CYS K 294 49.12 1.79 3.64
N THR K 295 50.00 1.73 4.63
CA THR K 295 50.32 0.48 5.30
C THR K 295 50.38 0.68 6.80
N ARG K 296 49.98 -0.38 7.52
CA ARG K 296 50.27 -0.52 8.94
C ARG K 296 51.35 -1.60 9.06
N PRO K 297 52.63 -1.23 9.14
CA PRO K 297 53.68 -2.26 9.00
C PRO K 297 53.66 -3.33 10.08
N ASN K 298 53.19 -3.01 11.28
CA ASN K 298 53.25 -3.95 12.39
C ASN K 298 52.46 -5.23 12.10
N ASN K 299 53.07 -6.37 12.34
CA ASN K 299 52.34 -7.63 12.38
C ASN K 299 51.56 -7.69 13.68
N ASN K 300 50.26 -8.02 13.58
CA ASN K 300 49.35 -7.89 14.71
C ASN K 300 48.62 -9.20 14.97
N THR K 301 48.30 -9.42 16.23
CA THR K 301 47.56 -10.59 16.71
C THR K 301 46.25 -10.13 17.32
N ARG K 302 45.26 -11.02 17.32
CA ARG K 302 43.95 -10.78 17.90
C ARG K 302 43.74 -11.74 19.06
N LYS K 303 43.72 -11.18 20.27
CA LYS K 303 43.54 -11.96 21.50
C LYS K 303 42.08 -11.86 21.92
N SER K 304 41.45 -13.01 22.16
CA SER K 304 40.03 -13.07 22.49
C SER K 304 39.88 -13.30 23.99
N ILE K 305 39.16 -12.39 24.64
CA ILE K 305 38.94 -12.42 26.09
C ILE K 305 37.44 -12.59 26.30
N ARG K 306 37.05 -13.60 27.06
CA ARG K 306 35.65 -13.80 27.38
C ARG K 306 35.26 -12.86 28.52
N ILE K 307 34.37 -11.92 28.23
CA ILE K 307 33.93 -10.91 29.19
C ILE K 307 32.52 -11.16 29.70
N GLY K 308 31.75 -12.03 29.03
CA GLY K 308 30.41 -12.37 29.45
C GLY K 308 30.09 -13.80 29.07
N PRO K 309 28.86 -14.24 29.34
CA PRO K 309 28.48 -15.62 29.01
C PRO K 309 28.72 -15.98 27.55
N GLY K 310 28.51 -15.04 26.63
CA GLY K 310 28.75 -15.28 25.21
C GLY K 310 29.33 -14.06 24.51
N GLN K 311 30.03 -13.21 25.25
CA GLN K 311 30.55 -11.95 24.74
C GLN K 311 32.07 -12.01 24.76
N TRP K 312 32.68 -11.68 23.61
CA TRP K 312 34.13 -11.68 23.45
C TRP K 312 34.62 -10.27 23.17
N PHE K 313 35.73 -9.91 23.81
CA PHE K 313 36.44 -8.66 23.58
C PHE K 313 37.76 -8.99 22.90
N TYR K 314 38.07 -8.26 21.83
CA TYR K 314 39.23 -8.55 20.99
C TYR K 314 40.29 -7.49 21.23
N ALA K 315 41.39 -7.88 21.86
CA ALA K 315 42.50 -7.01 22.20
C ALA K 315 43.67 -7.22 21.23
N THR K 316 44.50 -6.19 21.10
CA THR K 316 45.68 -6.29 20.25
C THR K 316 46.64 -7.35 20.78
N GLY K 317 46.86 -7.37 22.10
CA GLY K 317 47.74 -8.37 22.68
C GLY K 317 49.21 -8.06 22.56
N ASP K 318 49.79 -8.28 21.37
CA ASP K 318 51.21 -8.08 21.17
C ASP K 318 51.48 -7.88 19.69
N ILE K 319 52.75 -7.57 19.38
CA ILE K 319 53.24 -7.40 18.01
C ILE K 319 54.41 -8.35 17.82
N ILE K 320 54.37 -9.11 16.74
CA ILE K 320 55.45 -10.01 16.37
C ILE K 320 56.41 -9.25 15.49
N GLY K 321 57.69 -9.29 15.83
CA GLY K 321 58.68 -8.50 15.14
C GLY K 321 58.80 -7.11 15.71
N ASP K 322 59.26 -6.20 14.86
CA ASP K 322 59.51 -4.83 15.30
C ASP K 322 58.22 -4.02 15.27
N ILE K 323 58.30 -2.80 15.79
CA ILE K 323 57.17 -1.88 15.87
C ILE K 323 57.54 -0.66 15.02
N ARG K 324 56.73 -0.39 14.00
CA ARG K 324 56.97 0.68 13.05
C ARG K 324 55.70 1.47 12.82
N GLN K 325 55.86 2.74 12.46
CA GLN K 325 54.74 3.65 12.30
C GLN K 325 53.98 3.37 11.01
N ALA K 326 52.65 3.43 11.09
CA ALA K 326 51.82 3.36 9.90
C ALA K 326 52.01 4.61 9.06
N HIS K 327 51.92 4.47 7.74
CA HIS K 327 52.22 5.61 6.88
C HIS K 327 51.60 5.41 5.51
N CYS K 328 51.52 6.51 4.76
CA CYS K 328 51.05 6.50 3.37
C CYS K 328 52.10 7.11 2.46
N ASN K 329 52.29 6.49 1.29
CA ASN K 329 53.21 6.97 0.27
C ASN K 329 52.43 7.43 -0.94
N VAL K 330 52.80 8.59 -1.47
CA VAL K 330 52.29 9.05 -2.76
C VAL K 330 53.47 9.42 -3.64
N SER K 331 53.30 9.26 -4.94
CA SER K 331 54.36 9.66 -5.87
C SER K 331 54.53 11.17 -5.83
N LYS K 332 55.79 11.62 -5.77
CA LYS K 332 56.06 13.04 -5.68
C LYS K 332 55.75 13.74 -6.99
N ALA K 333 56.17 13.15 -8.12
CA ALA K 333 55.96 13.79 -9.41
C ALA K 333 54.49 13.81 -9.78
N THR K 334 53.77 12.71 -9.54
CA THR K 334 52.35 12.66 -9.89
C THR K 334 51.56 13.67 -9.07
N TRP K 335 51.85 13.76 -7.77
CA TRP K 335 51.20 14.75 -6.93
C TRP K 335 51.54 16.17 -7.38
N ASN K 336 52.78 16.38 -7.83
CA ASN K 336 53.19 17.74 -8.20
C ASN K 336 52.50 18.17 -9.50
N GLU K 337 52.36 17.26 -10.47
CA GLU K 337 51.60 17.60 -11.67
C GLU K 337 50.12 17.78 -11.36
N THR K 338 49.58 16.96 -10.46
CA THR K 338 48.18 17.12 -10.09
C THR K 338 47.94 18.48 -9.44
N LEU K 339 48.84 18.91 -8.55
CA LEU K 339 48.71 20.24 -7.96
C LEU K 339 48.87 21.33 -9.00
N GLY K 340 49.76 21.12 -9.99
CA GLY K 340 49.87 22.09 -11.06
C GLY K 340 48.57 22.24 -11.82
N LYS K 341 47.88 21.13 -12.09
CA LYS K 341 46.59 21.20 -12.77
C LYS K 341 45.54 21.88 -11.91
N VAL K 342 45.53 21.59 -10.60
CA VAL K 342 44.57 22.22 -9.70
C VAL K 342 44.80 23.73 -9.66
N VAL K 343 46.07 24.15 -9.63
CA VAL K 343 46.39 25.57 -9.63
C VAL K 343 45.95 26.21 -10.95
N LYS K 344 46.20 25.53 -12.07
CA LYS K 344 45.78 26.03 -13.37
C LYS K 344 44.27 26.27 -13.41
N GLN K 345 43.50 25.38 -12.78
CA GLN K 345 42.06 25.55 -12.75
C GLN K 345 41.61 26.61 -11.75
N LEU K 346 42.30 26.74 -10.61
CA LEU K 346 41.95 27.77 -9.64
C LEU K 346 42.21 29.17 -10.18
N ARG K 347 43.25 29.33 -11.00
CA ARG K 347 43.53 30.64 -11.59
C ARG K 347 42.39 31.12 -12.48
N LYS K 348 41.55 30.21 -12.99
CA LYS K 348 40.40 30.62 -13.78
C LYS K 348 39.36 31.35 -12.94
N HIS K 349 39.39 31.18 -11.62
CA HIS K 349 38.48 31.84 -10.70
C HIS K 349 39.12 32.96 -9.93
N PHE K 350 40.43 32.88 -9.65
CA PHE K 350 41.11 33.82 -8.78
C PHE K 350 42.10 34.73 -9.52
N GLY K 351 42.31 34.53 -10.83
CA GLY K 351 43.18 35.39 -11.61
C GLY K 351 44.37 34.67 -12.19
N ASN K 352 44.79 35.09 -13.39
CA ASN K 352 45.95 34.46 -14.03
C ASN K 352 47.25 34.81 -13.33
N ASN K 353 47.29 35.91 -12.57
CA ASN K 353 48.52 36.38 -11.92
C ASN K 353 48.49 36.27 -10.40
N THR K 354 47.55 35.52 -9.83
CA THR K 354 47.48 35.36 -8.38
C THR K 354 48.30 34.15 -7.96
N ILE K 355 49.02 34.28 -6.86
CA ILE K 355 49.84 33.20 -6.34
C ILE K 355 48.93 32.23 -5.60
N ILE K 356 49.05 30.94 -5.91
CA ILE K 356 48.23 29.90 -5.27
C ILE K 356 49.13 29.15 -4.30
N ARG K 357 48.77 29.16 -3.02
CA ARG K 357 49.54 28.49 -1.98
C ARG K 357 48.70 27.40 -1.35
N PHE K 358 49.33 26.25 -1.11
CA PHE K 358 48.74 25.16 -0.36
C PHE K 358 49.49 24.99 0.95
N ALA K 359 48.71 24.86 2.03
CA ALA K 359 49.22 24.77 3.39
C ALA K 359 48.34 23.79 4.15
N ASN K 360 48.84 23.32 5.29
CA ASN K 360 48.13 22.30 6.04
C ASN K 360 46.95 22.91 6.79
N SER K 361 46.10 22.02 7.32
CA SER K 361 44.89 22.44 8.02
C SER K 361 45.21 23.35 9.20
N SER K 362 44.42 24.41 9.34
CA SER K 362 44.65 25.41 10.38
C SER K 362 44.11 24.99 11.75
N GLY K 363 43.26 23.97 11.81
CA GLY K 363 42.68 23.60 13.09
C GLY K 363 41.52 22.65 12.92
N GLY K 364 40.94 22.29 14.06
CA GLY K 364 39.84 21.34 14.14
C GLY K 364 40.27 20.08 14.86
N ASP K 365 39.36 19.11 14.87
CA ASP K 365 39.63 17.84 15.52
C ASP K 365 40.57 17.01 14.63
N LEU K 366 40.99 15.86 15.17
CA LEU K 366 41.94 15.02 14.44
C LEU K 366 41.33 14.53 13.13
N GLU K 367 40.02 14.32 13.09
CA GLU K 367 39.39 13.81 11.88
C GLU K 367 39.48 14.80 10.73
N VAL K 368 39.64 16.09 11.02
CA VAL K 368 39.66 17.12 9.99
C VAL K 368 41.03 17.78 9.84
N THR K 369 41.90 17.69 10.85
CA THR K 369 43.27 18.17 10.69
C THR K 369 44.15 17.16 9.98
N THR K 370 43.77 15.89 9.98
CA THR K 370 44.45 14.82 9.27
C THR K 370 43.55 14.27 8.18
N HIS K 371 44.15 13.46 7.31
CA HIS K 371 43.41 12.65 6.35
C HIS K 371 43.00 11.39 7.09
N SER K 372 41.73 11.33 7.48
CA SER K 372 41.20 10.17 8.17
C SER K 372 40.60 9.22 7.16
N PHE K 373 40.77 7.93 7.37
CA PHE K 373 40.12 6.95 6.50
C PHE K 373 40.15 5.58 7.15
N ASN K 374 39.31 4.70 6.64
CA ASN K 374 39.22 3.31 7.06
C ASN K 374 39.70 2.43 5.91
N CYS K 375 40.75 1.66 6.14
CA CYS K 375 41.20 0.69 5.16
C CYS K 375 41.70 -0.56 5.87
N GLY K 376 41.33 -1.71 5.33
CA GLY K 376 41.73 -2.98 5.90
C GLY K 376 41.04 -3.34 7.20
N GLY K 377 40.07 -2.52 7.63
CA GLY K 377 39.50 -2.62 8.95
C GLY K 377 40.11 -1.68 9.95
N GLU K 378 41.25 -1.05 9.63
CA GLU K 378 41.93 -0.15 10.53
C GLU K 378 41.65 1.30 10.16
N PHE K 379 41.65 2.17 11.17
CA PHE K 379 41.41 3.59 11.00
C PHE K 379 42.72 4.35 11.06
N PHE K 380 43.06 5.00 9.96
CA PHE K 380 44.29 5.76 9.80
C PHE K 380 43.98 7.24 9.87
N TYR K 381 44.85 7.99 10.54
CA TYR K 381 44.79 9.46 10.60
C TYR K 381 46.16 9.95 10.15
N CYS K 382 46.26 10.30 8.86
CA CYS K 382 47.53 10.59 8.22
C CYS K 382 47.80 12.08 8.14
N ASP K 383 49.05 12.46 8.35
CA ASP K 383 49.45 13.86 8.40
C ASP K 383 49.79 14.31 6.99
N THR K 384 48.94 15.17 6.43
CA THR K 384 49.07 15.61 5.05
C THR K 384 49.84 16.92 4.94
N SER K 385 50.62 17.28 5.96
CA SER K 385 51.38 18.52 5.94
C SER K 385 52.39 18.58 4.81
N GLY K 386 52.77 17.44 4.23
CA GLY K 386 53.69 17.42 3.11
C GLY K 386 53.00 17.37 1.77
N LEU K 387 51.70 17.08 1.75
CA LEU K 387 50.94 17.18 0.52
C LEU K 387 50.65 18.63 0.15
N PHE K 388 50.38 19.46 1.15
CA PHE K 388 49.98 20.85 0.95
C PHE K 388 51.04 21.72 1.63
N ASN K 389 52.13 21.97 0.90
CA ASN K 389 53.28 22.68 1.43
C ASN K 389 53.99 23.44 0.30
N SER K 390 53.24 24.19 -0.50
CA SER K 390 53.83 24.70 -1.73
C SER K 390 53.22 26.01 -2.17
N THR K 391 54.06 26.89 -2.71
CA THR K 391 53.65 28.15 -3.31
C THR K 391 53.83 28.05 -4.82
N TRP K 392 52.82 28.46 -5.56
CA TRP K 392 52.76 28.38 -7.02
C TRP K 392 52.64 29.79 -7.57
N ILE K 393 53.71 30.27 -8.20
CA ILE K 393 53.76 31.59 -8.84
C ILE K 393 53.52 31.40 -10.33
N SER K 394 52.83 32.37 -10.93
CA SER K 394 52.48 32.29 -12.36
C SER K 394 53.65 32.85 -13.16
N ASN K 395 54.53 31.95 -13.60
CA ASN K 395 55.83 32.22 -14.24
C ASN K 395 56.31 30.90 -14.83
N ASP K 408 61.10 9.74 -6.54
CA ASP K 408 60.91 9.89 -5.09
C ASP K 408 59.44 9.78 -4.72
N SER K 409 59.16 9.83 -3.42
CA SER K 409 57.80 9.74 -2.91
C SER K 409 57.68 10.63 -1.69
N ILE K 410 56.43 10.96 -1.36
CA ILE K 410 56.08 11.74 -0.17
C ILE K 410 55.47 10.76 0.81
N THR K 411 56.06 10.68 2.00
CA THR K 411 55.60 9.82 3.07
C THR K 411 54.84 10.65 4.09
N LEU K 412 53.62 10.24 4.37
CA LEU K 412 52.73 10.89 5.32
C LEU K 412 52.64 10.00 6.56
N PRO K 413 53.15 10.41 7.73
CA PRO K 413 52.96 9.58 8.92
C PRO K 413 51.49 9.46 9.26
N CYS K 414 51.10 8.29 9.77
CA CYS K 414 49.72 8.01 10.14
C CYS K 414 49.66 7.44 11.54
N ARG K 415 48.72 7.95 12.33
CA ARG K 415 48.41 7.44 13.64
C ARG K 415 47.15 6.58 13.57
N ILE K 416 47.02 5.67 14.52
CA ILE K 416 45.93 4.71 14.57
C ILE K 416 45.15 4.95 15.85
N LYS K 417 43.82 4.86 15.77
CA LYS K 417 42.96 4.75 16.91
C LYS K 417 42.13 3.48 16.79
N GLN K 418 41.85 2.87 17.95
CA GLN K 418 40.93 1.75 18.04
C GLN K 418 39.57 2.17 18.58
N ILE K 419 39.44 3.37 19.12
CA ILE K 419 38.16 3.89 19.61
C ILE K 419 37.79 5.05 18.70
N ILE K 420 36.70 4.89 17.97
CA ILE K 420 36.29 5.80 16.92
C ILE K 420 34.90 6.31 17.27
N ASN K 421 34.68 7.59 17.06
CA ASN K 421 33.36 8.21 17.16
C ASN K 421 33.08 8.73 15.76
N MET K 422 32.39 7.91 14.98
CA MET K 422 32.10 8.28 13.60
C MET K 422 31.11 9.43 13.59
N TRP K 423 31.34 10.40 12.71
CA TRP K 423 30.48 11.56 12.56
C TRP K 423 30.62 12.36 13.85
N GLN K 424 29.52 12.79 14.49
CA GLN K 424 29.63 13.53 15.74
C GLN K 424 28.48 13.19 16.68
N ARG K 425 28.04 11.93 16.66
CA ARG K 425 26.94 11.51 17.52
C ARG K 425 27.32 11.67 19.00
N ILE K 426 26.31 11.63 19.85
CA ILE K 426 26.46 11.90 21.29
C ILE K 426 26.18 10.62 22.06
N GLY K 427 27.13 10.22 22.90
CA GLY K 427 26.93 9.08 23.77
C GLY K 427 27.06 7.73 23.10
N GLN K 428 27.73 7.65 21.95
CA GLN K 428 27.94 6.38 21.26
C GLN K 428 29.30 6.41 20.59
N ALA K 429 30.18 5.51 21.02
CA ALA K 429 31.48 5.31 20.39
C ALA K 429 31.62 3.84 19.99
N MET K 430 32.60 3.57 19.13
CA MET K 430 32.85 2.23 18.63
C MET K 430 34.31 1.87 18.86
N TYR K 431 34.53 0.66 19.38
CA TYR K 431 35.86 0.08 19.45
C TYR K 431 36.10 -0.72 18.17
N ALA K 432 37.21 -0.45 17.50
CA ALA K 432 37.58 -1.16 16.28
C ALA K 432 38.45 -2.36 16.67
N PRO K 433 38.00 -3.60 16.49
CA PRO K 433 38.86 -4.72 16.85
C PRO K 433 40.12 -4.75 16.01
N PRO K 434 41.23 -5.26 16.54
CA PRO K 434 42.45 -5.31 15.74
C PRO K 434 42.32 -6.31 14.60
N ILE K 435 43.07 -6.03 13.53
CA ILE K 435 43.11 -6.90 12.36
C ILE K 435 44.43 -7.66 12.41
N GLN K 436 44.35 -8.99 12.30
CA GLN K 436 45.55 -9.81 12.34
C GLN K 436 46.36 -9.62 11.06
N GLY K 437 47.67 -9.74 11.21
CA GLY K 437 48.57 -9.60 10.08
C GLY K 437 49.00 -8.16 9.85
N VAL K 438 49.39 -7.91 8.61
CA VAL K 438 49.90 -6.61 8.18
C VAL K 438 48.94 -6.09 7.12
N ILE K 439 48.54 -4.82 7.25
CA ILE K 439 47.58 -4.21 6.34
C ILE K 439 48.35 -3.42 5.30
N ARG K 440 48.06 -3.71 4.04
CA ARG K 440 48.60 -3.02 2.87
C ARG K 440 47.40 -2.57 2.05
N CYS K 441 47.35 -1.28 1.71
CA CYS K 441 46.18 -0.67 1.10
C CYS K 441 46.62 0.20 -0.07
N VAL K 442 45.98 0.01 -1.23
CA VAL K 442 46.24 0.82 -2.42
C VAL K 442 44.93 1.48 -2.82
N SER K 443 44.92 2.83 -2.81
CA SER K 443 43.73 3.59 -3.12
C SER K 443 44.05 4.65 -4.17
N ASN K 444 42.98 5.11 -4.83
CA ASN K 444 43.06 6.21 -5.79
C ASN K 444 42.59 7.48 -5.09
N ILE K 445 43.39 8.54 -5.15
CA ILE K 445 42.93 9.87 -4.79
C ILE K 445 42.33 10.47 -6.04
N THR K 446 41.03 10.75 -5.98
CA THR K 446 40.26 11.27 -7.11
C THR K 446 39.78 12.69 -6.89
N GLY K 447 40.14 13.33 -5.78
CA GLY K 447 39.68 14.68 -5.53
C GLY K 447 40.12 15.17 -4.17
N LEU K 448 39.85 16.46 -3.95
CA LEU K 448 40.20 17.17 -2.73
C LEU K 448 39.00 17.95 -2.21
N ILE K 449 38.98 18.16 -0.90
CA ILE K 449 38.08 19.12 -0.25
C ILE K 449 38.98 20.21 0.34
N LEU K 450 38.91 21.41 -0.22
CA LEU K 450 39.76 22.53 0.15
C LEU K 450 38.92 23.67 0.70
N THR K 451 39.51 24.47 1.57
CA THR K 451 38.91 25.70 2.05
C THR K 451 39.90 26.83 1.77
N ARG K 452 39.39 27.94 1.24
CA ARG K 452 40.21 29.10 0.96
C ARG K 452 40.31 29.97 2.21
N ASP K 453 41.52 30.44 2.49
CA ASP K 453 41.74 31.31 3.65
C ASP K 453 41.14 32.67 3.39
N GLY K 454 40.26 33.11 4.30
CA GLY K 454 39.66 34.42 4.21
C GLY K 454 40.42 35.44 5.04
N GLY K 455 39.99 36.69 4.93
CA GLY K 455 40.60 37.76 5.69
C GLY K 455 42.02 38.06 5.27
N SER K 456 42.39 37.74 4.04
CA SER K 456 43.75 37.92 3.60
C SER K 456 44.12 39.40 3.56
N THR K 457 45.37 39.69 3.90
CA THR K 457 45.94 41.03 3.82
C THR K 457 46.86 41.19 2.62
N ASP K 458 46.94 40.17 1.76
CA ASP K 458 47.73 40.21 0.53
C ASP K 458 46.85 39.70 -0.59
N SER K 459 46.43 40.60 -1.47
CA SER K 459 45.48 40.26 -2.53
C SER K 459 46.14 39.58 -3.72
N THR K 460 47.47 39.45 -3.72
CA THR K 460 48.18 38.76 -4.80
C THR K 460 48.38 37.28 -4.54
N THR K 461 48.01 36.77 -3.36
CA THR K 461 48.18 35.38 -3.01
C THR K 461 46.89 34.82 -2.42
N GLU K 462 46.53 33.61 -2.85
CA GLU K 462 45.42 32.85 -2.28
C GLU K 462 45.98 31.59 -1.63
N THR K 463 45.48 31.28 -0.43
CA THR K 463 45.93 30.13 0.34
C THR K 463 44.77 29.16 0.51
N PHE K 464 45.01 27.89 0.19
CA PHE K 464 44.02 26.82 0.30
C PHE K 464 44.53 25.77 1.26
N ARG K 465 43.65 25.30 2.14
CA ARG K 465 43.99 24.31 3.14
C ARG K 465 43.02 23.14 3.06
N PRO K 466 43.45 21.91 3.41
CA PRO K 466 42.50 20.81 3.45
C PRO K 466 41.41 21.04 4.49
N SER K 467 40.23 20.50 4.20
CA SER K 467 39.11 20.52 5.13
C SER K 467 38.38 19.20 5.01
N GLY K 468 37.20 19.12 5.60
CA GLY K 468 36.40 17.93 5.64
C GLY K 468 35.72 17.78 6.98
N GLY K 469 35.22 16.58 7.24
CA GLY K 469 34.50 16.27 8.45
C GLY K 469 33.01 16.22 8.29
N ASP K 470 32.48 16.82 7.22
CA ASP K 470 31.07 16.76 6.87
C ASP K 470 31.01 15.89 5.63
N MET K 471 30.58 14.63 5.80
CA MET K 471 30.64 13.67 4.71
C MET K 471 29.68 14.00 3.58
N ARG K 472 28.73 14.92 3.78
CA ARG K 472 27.87 15.34 2.68
C ARG K 472 28.67 15.99 1.57
N ASP K 473 29.84 16.56 1.88
CA ASP K 473 30.72 17.08 0.83
C ASP K 473 31.42 15.97 0.07
N ASN K 474 31.55 14.78 0.65
CA ASN K 474 32.18 13.68 -0.05
C ASN K 474 31.18 13.01 -0.99
N TRP K 475 29.99 12.73 -0.48
CA TRP K 475 28.95 12.07 -1.25
C TRP K 475 28.31 13.02 -2.26
N ARG K 476 28.37 14.33 -2.01
CA ARG K 476 28.00 15.29 -3.04
C ARG K 476 29.02 15.32 -4.18
N SER K 477 30.23 14.77 -3.98
CA SER K 477 31.19 14.71 -5.08
C SER K 477 30.88 13.59 -6.07
N GLU K 478 29.99 12.67 -5.73
CA GLU K 478 29.54 11.60 -6.61
C GLU K 478 28.14 11.82 -7.13
N LEU K 479 27.27 12.43 -6.34
CA LEU K 479 25.88 12.70 -6.70
C LEU K 479 25.69 14.04 -7.38
N TYR K 480 26.77 14.77 -7.68
CA TYR K 480 26.65 16.11 -8.24
C TYR K 480 25.92 16.13 -9.58
N LYS K 481 26.00 15.04 -10.34
CA LYS K 481 25.44 14.99 -11.68
C LYS K 481 24.04 14.40 -11.74
N TYR K 482 23.46 14.02 -10.60
CA TYR K 482 22.16 13.37 -10.55
C TYR K 482 21.12 14.29 -9.91
N LYS K 483 19.92 14.25 -10.47
CA LYS K 483 18.77 15.02 -10.00
C LYS K 483 17.56 14.11 -9.98
N VAL K 484 16.69 14.29 -9.00
CA VAL K 484 15.45 13.53 -8.89
C VAL K 484 14.29 14.42 -9.30
N VAL K 485 13.45 13.93 -10.21
CA VAL K 485 12.26 14.63 -10.65
C VAL K 485 11.07 13.68 -10.55
N LYS K 486 9.88 14.27 -10.50
CA LYS K 486 8.62 13.53 -10.48
C LYS K 486 7.93 13.71 -11.82
N ILE K 487 7.26 12.67 -12.30
CA ILE K 487 6.66 12.66 -13.62
C ILE K 487 5.25 13.22 -13.52
N GLU K 488 4.89 14.07 -14.48
CA GLU K 488 3.57 14.70 -14.57
C GLU K 488 2.92 14.20 -15.86
N PRO K 489 2.38 12.98 -15.87
CA PRO K 489 1.95 12.37 -17.13
C PRO K 489 0.68 12.98 -17.71
N LEU K 490 -0.05 13.78 -16.95
CA LEU K 490 -1.35 14.30 -17.36
C LEU K 490 -1.19 15.74 -17.84
N GLY K 491 -1.79 16.05 -18.99
CA GLY K 491 -1.72 17.40 -19.52
C GLY K 491 -2.89 17.66 -20.45
N VAL K 492 -3.05 18.94 -20.79
CA VAL K 492 -4.14 19.41 -21.64
C VAL K 492 -3.54 20.27 -22.75
N ALA K 493 -4.19 20.25 -23.91
CA ALA K 493 -3.70 21.05 -25.03
C ALA K 493 -4.85 21.30 -26.00
N PRO K 494 -4.80 22.38 -26.77
CA PRO K 494 -5.84 22.59 -27.79
C PRO K 494 -5.63 21.71 -29.01
N THR K 495 -6.73 21.13 -29.49
CA THR K 495 -6.76 20.44 -30.77
C THR K 495 -8.08 20.78 -31.45
N ARG K 496 -8.24 20.31 -32.68
CA ARG K 496 -9.50 20.49 -33.40
C ARG K 496 -10.49 19.36 -33.15
N CYS K 497 -10.17 18.39 -32.29
CA CYS K 497 -11.04 17.26 -32.06
C CYS K 497 -12.05 17.62 -30.97
N LYS K 498 -13.32 17.41 -31.27
CA LYS K 498 -14.41 17.68 -30.35
C LYS K 498 -15.09 16.37 -29.96
N ARG K 499 -15.47 16.25 -28.70
CA ARG K 499 -16.21 15.08 -28.25
C ARG K 499 -17.60 15.08 -28.86
N ARG K 500 -18.01 13.94 -29.41
CA ARG K 500 -19.35 13.79 -29.94
C ARG K 500 -20.37 13.83 -28.80
N VAL L 7 10.52 -2.26 -20.29
CA VAL L 7 9.50 -1.23 -20.13
C VAL L 7 10.20 0.12 -20.11
N PHE L 8 11.20 0.25 -19.22
CA PHE L 8 11.95 1.48 -19.07
C PHE L 8 12.48 2.04 -20.40
N LEU L 9 12.82 1.15 -21.35
CA LEU L 9 13.46 1.59 -22.58
C LEU L 9 12.57 2.59 -23.31
N GLY L 10 13.18 3.69 -23.77
CA GLY L 10 12.46 4.75 -24.43
C GLY L 10 11.80 5.74 -23.50
N PHE L 11 11.93 5.58 -22.17
CA PHE L 11 11.25 6.45 -21.24
C PHE L 11 11.73 7.88 -21.37
N LEU L 12 10.77 8.81 -21.41
CA LEU L 12 11.01 10.26 -21.52
C LEU L 12 11.86 10.62 -22.76
N GLY L 13 11.97 9.71 -23.74
CA GLY L 13 12.81 9.98 -24.89
C GLY L 13 12.35 11.18 -25.70
N ALA L 14 11.03 11.35 -25.81
CA ALA L 14 10.43 12.46 -26.52
C ALA L 14 10.21 13.68 -25.63
N ALA L 15 10.89 13.75 -24.49
CA ALA L 15 10.80 14.93 -23.62
C ALA L 15 11.25 16.19 -24.36
N GLY L 16 12.27 16.07 -25.20
CA GLY L 16 12.74 17.16 -26.03
C GLY L 16 12.16 17.21 -27.42
N SER L 17 11.23 16.31 -27.75
CA SER L 17 10.58 16.30 -29.05
C SER L 17 9.39 17.25 -29.05
N THR L 18 8.86 17.49 -30.23
CA THR L 18 7.69 18.34 -30.34
C THR L 18 6.48 17.63 -29.74
N MET L 19 5.45 18.40 -29.38
CA MET L 19 4.30 17.81 -28.71
C MET L 19 3.60 16.79 -29.62
N GLY L 20 3.53 17.09 -30.91
CA GLY L 20 2.95 16.12 -31.84
C GLY L 20 3.74 14.83 -31.88
N ALA L 21 5.06 14.94 -32.07
CA ALA L 21 5.91 13.75 -32.07
C ALA L 21 5.90 13.06 -30.72
N ALA L 22 5.83 13.83 -29.63
CA ALA L 22 5.85 13.27 -28.29
C ALA L 22 4.51 12.73 -27.83
N SER L 23 3.43 12.92 -28.61
CA SER L 23 2.13 12.37 -28.26
C SER L 23 1.92 10.96 -28.79
N MET L 24 2.86 10.43 -29.56
CA MET L 24 2.80 9.06 -30.05
C MET L 24 3.56 8.08 -29.18
N THR L 25 4.13 8.55 -28.06
CA THR L 25 4.89 7.72 -27.13
C THR L 25 4.24 7.70 -25.74
N LEU L 26 2.94 7.99 -25.66
CA LEU L 26 2.28 8.11 -24.36
C LEU L 26 2.29 6.81 -23.59
N THR L 27 2.26 5.67 -24.27
CA THR L 27 2.26 4.39 -23.57
C THR L 27 3.58 4.13 -22.89
N VAL L 28 4.67 4.74 -23.38
CA VAL L 28 5.98 4.52 -22.79
C VAL L 28 6.06 5.18 -21.43
N GLN L 29 5.50 6.38 -21.30
CA GLN L 29 5.46 7.03 -20.00
C GLN L 29 4.39 6.40 -19.10
N ALA L 30 3.26 6.01 -19.70
CA ALA L 30 2.17 5.41 -18.92
C ALA L 30 2.61 4.11 -18.25
N ARG L 31 3.39 3.29 -18.95
CA ARG L 31 3.81 2.01 -18.39
C ARG L 31 4.88 2.15 -17.32
N ASN L 32 5.47 3.33 -17.14
CA ASN L 32 6.53 3.56 -16.16
C ASN L 32 6.05 4.30 -14.92
N LEU L 33 4.73 4.45 -14.74
CA LEU L 33 4.17 5.09 -13.56
C LEU L 33 3.89 4.10 -12.44
N LEU L 34 3.71 2.82 -12.78
CA LEU L 34 3.39 1.77 -11.82
C LEU L 34 4.60 0.87 -11.65
N SER L 35 4.90 0.52 -10.40
CA SER L 35 6.01 -0.38 -10.05
C SER L 35 6.09 -1.62 -10.92
N THR L 58 14.26 -3.20 10.54
CA THR L 58 14.73 -2.71 9.24
C THR L 58 13.71 -1.72 8.68
N VAL L 59 13.95 -0.43 8.95
CA VAL L 59 13.06 0.61 8.46
C VAL L 59 13.09 0.71 6.94
N TRP L 60 14.13 0.21 6.28
CA TRP L 60 14.20 0.27 4.83
C TRP L 60 13.18 -0.64 4.17
N GLY L 61 12.64 -1.61 4.91
CA GLY L 61 11.51 -2.38 4.41
C GLY L 61 10.17 -1.71 4.58
N ILE L 62 10.13 -0.58 5.28
CA ILE L 62 8.91 0.21 5.45
C ILE L 62 8.92 1.42 4.52
N LYS L 63 10.04 2.16 4.50
CA LYS L 63 10.12 3.36 3.69
C LYS L 63 9.91 3.04 2.22
N GLN L 64 10.57 1.98 1.73
CA GLN L 64 10.38 1.58 0.35
C GLN L 64 8.94 1.18 0.12
N LEU L 65 8.33 0.51 1.10
CA LEU L 65 6.93 0.14 0.97
C LEU L 65 6.07 1.39 0.88
N GLN L 66 6.40 2.42 1.68
CA GLN L 66 5.65 3.66 1.61
C GLN L 66 5.77 4.26 0.22
N ALA L 67 6.97 4.19 -0.37
CA ALA L 67 7.15 4.73 -1.71
C ALA L 67 6.26 4.00 -2.69
N ARG L 68 6.18 2.66 -2.55
CA ARG L 68 5.32 1.91 -3.44
C ARG L 68 3.88 2.33 -3.26
N VAL L 69 3.45 2.49 -2.01
CA VAL L 69 2.08 2.91 -1.74
C VAL L 69 1.86 4.28 -2.36
N LEU L 70 2.85 5.17 -2.22
CA LEU L 70 2.71 6.52 -2.75
C LEU L 70 2.47 6.48 -4.25
N ALA L 71 3.22 5.62 -4.96
CA ALA L 71 3.07 5.55 -6.40
C ALA L 71 1.65 5.17 -6.77
N VAL L 72 1.09 4.21 -6.03
CA VAL L 72 -0.26 3.73 -6.33
C VAL L 72 -1.23 4.88 -6.20
N GLU L 73 -1.11 5.65 -5.10
CA GLU L 73 -2.08 6.73 -4.88
C GLU L 73 -2.00 7.74 -6.00
N ARG L 74 -0.77 8.07 -6.44
CA ARG L 74 -0.63 9.06 -7.49
C ARG L 74 -1.31 8.55 -8.75
N TYR L 75 -1.05 7.27 -9.09
CA TYR L 75 -1.66 6.69 -10.27
C TYR L 75 -3.16 6.76 -10.16
N LEU L 76 -3.70 6.37 -9.00
CA LEU L 76 -5.14 6.32 -8.87
C LEU L 76 -5.72 7.72 -8.96
N ARG L 77 -5.02 8.70 -8.40
CA ARG L 77 -5.55 10.06 -8.46
C ARG L 77 -5.65 10.52 -9.89
N ASP L 78 -4.63 10.22 -10.69
CA ASP L 78 -4.69 10.63 -12.09
C ASP L 78 -5.80 9.87 -12.80
N GLN L 79 -5.94 8.58 -12.48
CA GLN L 79 -7.01 7.82 -13.10
C GLN L 79 -8.35 8.35 -12.64
N GLN L 80 -8.43 8.77 -11.38
CA GLN L 80 -9.67 9.34 -10.87
C GLN L 80 -10.01 10.59 -11.64
N LEU L 81 -9.02 11.42 -11.95
CA LEU L 81 -9.29 12.61 -12.75
C LEU L 81 -9.87 12.22 -14.08
N LEU L 82 -9.24 11.22 -14.72
CA LEU L 82 -9.71 10.76 -16.02
C LEU L 82 -11.11 10.19 -15.93
N GLY L 83 -11.48 9.65 -14.77
CA GLY L 83 -12.83 9.11 -14.63
C GLY L 83 -13.87 10.16 -14.33
N ILE L 84 -13.51 11.22 -13.62
CA ILE L 84 -14.49 12.29 -13.37
C ILE L 84 -14.68 13.10 -14.64
N TRP L 85 -13.65 13.18 -15.47
CA TRP L 85 -13.79 13.60 -16.85
C TRP L 85 -14.26 12.38 -17.66
N GLY L 86 -14.67 12.60 -18.89
CA GLY L 86 -15.10 11.48 -19.73
C GLY L 86 -13.94 10.79 -20.43
N CYS L 87 -12.86 10.52 -19.70
CA CYS L 87 -11.60 10.09 -20.30
C CYS L 87 -11.09 8.77 -19.70
N SER L 88 -11.95 8.01 -19.04
CA SER L 88 -11.51 6.77 -18.41
C SER L 88 -11.05 5.77 -19.47
N GLY L 89 -9.88 5.18 -19.25
CA GLY L 89 -9.36 4.17 -20.14
C GLY L 89 -8.71 4.67 -21.40
N LYS L 90 -8.52 5.99 -21.54
CA LYS L 90 -7.96 6.60 -22.74
C LYS L 90 -6.66 7.31 -22.41
N LEU L 91 -5.74 7.32 -23.38
CA LEU L 91 -4.54 8.13 -23.31
C LEU L 91 -4.67 9.45 -24.07
N ILE L 92 -5.51 9.47 -25.10
CA ILE L 92 -5.89 10.69 -25.81
C ILE L 92 -7.40 10.79 -25.71
N CYS L 93 -7.89 11.89 -25.17
CA CYS L 93 -9.30 12.08 -24.88
C CYS L 93 -9.75 13.45 -25.36
N CYS L 94 -10.76 13.47 -26.23
CA CYS L 94 -11.33 14.71 -26.72
C CYS L 94 -12.52 15.10 -25.86
N THR L 95 -12.70 16.40 -25.65
CA THR L 95 -13.67 16.92 -24.70
C THR L 95 -14.51 18.01 -25.37
N ASN L 96 -15.49 18.53 -24.63
CA ASN L 96 -16.37 19.61 -25.09
C ASN L 96 -16.03 20.96 -24.47
N VAL L 97 -14.87 21.11 -23.84
CA VAL L 97 -14.47 22.40 -23.26
C VAL L 97 -13.84 23.23 -24.39
N PRO L 98 -14.39 24.40 -24.73
CA PRO L 98 -13.70 25.24 -25.73
C PRO L 98 -12.38 25.74 -25.17
N TRP L 99 -11.39 25.85 -26.04
CA TRP L 99 -10.15 26.52 -25.65
C TRP L 99 -10.38 28.02 -25.56
N ASN L 100 -9.74 28.64 -24.57
CA ASN L 100 -9.81 30.07 -24.33
C ASN L 100 -8.48 30.69 -24.74
N SER L 101 -8.55 31.75 -25.56
CA SER L 101 -7.33 32.42 -25.98
C SER L 101 -6.58 33.05 -24.81
N SER L 102 -7.27 33.34 -23.71
CA SER L 102 -6.58 33.82 -22.51
C SER L 102 -5.59 32.78 -22.02
N TRP L 103 -5.97 31.50 -22.05
CA TRP L 103 -5.05 30.44 -21.67
C TRP L 103 -3.85 30.39 -22.61
N SER L 104 -4.10 30.54 -23.92
CA SER L 104 -3.03 30.52 -24.91
C SER L 104 -3.53 30.95 -26.28
N ASN L 105 -2.86 31.92 -26.89
CA ASN L 105 -3.17 32.40 -28.23
C ASN L 105 -2.34 31.76 -29.34
N ARG L 106 -1.45 30.83 -29.00
CA ARG L 106 -0.56 30.25 -30.00
C ARG L 106 -1.36 29.40 -30.99
N ASN L 107 -0.88 29.35 -32.24
CA ASN L 107 -1.52 28.52 -33.24
C ASN L 107 -1.30 27.04 -32.91
N LEU L 108 -1.85 26.17 -33.77
CA LEU L 108 -1.61 24.73 -33.61
C LEU L 108 -0.20 24.35 -34.06
N SER L 109 0.29 25.00 -35.12
CA SER L 109 1.64 24.73 -35.58
C SER L 109 2.69 25.18 -34.58
N GLU L 110 2.39 26.21 -33.78
CA GLU L 110 3.32 26.70 -32.78
C GLU L 110 3.21 25.96 -31.46
N ILE L 111 2.29 25.01 -31.35
CA ILE L 111 2.14 24.16 -30.17
C ILE L 111 2.57 22.72 -30.47
N TRP L 112 2.11 22.17 -31.58
CA TRP L 112 2.34 20.77 -31.89
C TRP L 112 3.59 20.53 -32.72
N ASP L 113 3.97 21.47 -33.58
CA ASP L 113 5.10 21.30 -34.47
C ASP L 113 6.36 22.04 -34.05
N ASN L 114 6.24 23.16 -33.32
CA ASN L 114 7.38 23.99 -32.94
C ASN L 114 7.56 24.12 -31.43
N MET L 115 7.02 23.19 -30.64
CA MET L 115 7.02 23.33 -29.19
C MET L 115 7.04 21.97 -28.52
N THR L 116 7.67 21.91 -27.35
CA THR L 116 7.77 20.70 -26.53
C THR L 116 6.74 20.75 -25.40
N TRP L 117 6.53 19.59 -24.77
CA TRP L 117 5.54 19.52 -23.70
C TRP L 117 6.01 20.21 -22.41
N LEU L 118 7.31 20.26 -22.16
CA LEU L 118 7.80 20.94 -20.97
C LEU L 118 7.55 22.44 -21.05
N GLN L 119 7.78 23.04 -22.21
CA GLN L 119 7.52 24.47 -22.40
C GLN L 119 6.03 24.75 -22.26
N TRP L 120 5.20 23.89 -22.86
CA TRP L 120 3.76 24.03 -22.77
C TRP L 120 3.28 23.92 -21.34
N ASP L 121 3.86 22.97 -20.58
CA ASP L 121 3.44 22.81 -19.20
C ASP L 121 3.89 23.99 -18.36
N LYS L 122 5.01 24.62 -18.71
CA LYS L 122 5.45 25.78 -17.95
C LYS L 122 4.53 26.96 -18.17
N GLU L 123 4.16 27.23 -19.43
CA GLU L 123 3.17 28.29 -19.66
C GLU L 123 1.83 27.98 -19.02
N ILE L 124 1.30 26.75 -19.20
CA ILE L 124 -0.09 26.46 -18.83
C ILE L 124 -0.21 25.93 -17.41
N SER L 125 0.88 25.88 -16.63
CA SER L 125 0.76 25.66 -15.19
C SER L 125 -0.14 26.70 -14.54
N ASN L 126 -0.16 27.92 -15.10
CA ASN L 126 -0.87 29.03 -14.50
C ASN L 126 -2.39 28.84 -14.64
N TYR L 127 -2.82 28.11 -15.67
CA TYR L 127 -4.23 28.00 -16.04
C TYR L 127 -4.77 26.59 -15.84
N THR L 128 -3.94 25.64 -15.39
CA THR L 128 -4.31 24.24 -15.35
C THR L 128 -5.58 24.00 -14.54
N GLN L 129 -5.72 24.65 -13.38
CA GLN L 129 -6.85 24.34 -12.52
C GLN L 129 -8.16 24.93 -13.01
N ILE L 130 -8.12 25.99 -13.82
CA ILE L 130 -9.34 26.48 -14.46
C ILE L 130 -9.82 25.49 -15.51
N ILE L 131 -8.89 24.98 -16.32
CA ILE L 131 -9.25 23.99 -17.33
C ILE L 131 -9.76 22.72 -16.66
N TYR L 132 -9.10 22.32 -15.57
CA TYR L 132 -9.52 21.13 -14.84
C TYR L 132 -10.92 21.30 -14.26
N GLY L 133 -11.22 22.48 -13.72
CA GLY L 133 -12.56 22.72 -13.22
C GLY L 133 -13.62 22.71 -14.32
N LEU L 134 -13.32 23.35 -15.46
CA LEU L 134 -14.26 23.32 -16.57
C LEU L 134 -14.47 21.90 -17.07
N LEU L 135 -13.40 21.12 -17.11
CA LEU L 135 -13.48 19.72 -17.52
C LEU L 135 -14.35 18.93 -16.55
N GLU L 136 -14.13 19.14 -15.25
CA GLU L 136 -14.86 18.41 -14.22
C GLU L 136 -16.32 18.81 -14.15
N GLU L 137 -16.63 20.10 -14.19
CA GLU L 137 -17.94 20.57 -13.74
C GLU L 137 -18.95 20.65 -14.88
N SER L 138 -18.72 21.55 -15.83
CA SER L 138 -19.75 21.77 -16.83
C SER L 138 -19.90 20.56 -17.75
N GLN L 139 -18.82 20.16 -18.40
CA GLN L 139 -18.97 19.29 -19.55
C GLN L 139 -19.34 17.87 -19.14
N ASN L 140 -18.58 17.26 -18.22
CA ASN L 140 -18.84 15.85 -17.94
C ASN L 140 -20.13 15.66 -17.17
N GLN L 141 -20.41 16.47 -16.15
CA GLN L 141 -21.64 16.23 -15.40
C GLN L 141 -22.88 16.62 -16.19
N GLN L 142 -22.78 17.62 -17.06
CA GLN L 142 -23.94 17.94 -17.88
C GLN L 142 -24.13 16.89 -18.97
N GLU L 143 -23.04 16.39 -19.54
CA GLU L 143 -23.16 15.31 -20.52
C GLU L 143 -23.72 14.05 -19.88
N LYS L 144 -23.25 13.72 -18.68
CA LYS L 144 -23.72 12.51 -18.01
C LYS L 144 -25.19 12.61 -17.66
N ASN L 145 -25.64 13.79 -17.23
CA ASN L 145 -27.06 13.96 -16.94
C ASN L 145 -27.89 13.92 -18.22
N GLU L 146 -27.36 14.48 -19.31
CA GLU L 146 -28.08 14.43 -20.59
C GLU L 146 -28.18 13.01 -21.13
N GLN L 147 -27.15 12.17 -20.95
CA GLN L 147 -27.30 10.76 -21.28
C GLN L 147 -28.28 10.06 -20.34
N ASP L 148 -28.31 10.45 -19.07
CA ASP L 148 -29.32 9.91 -18.16
C ASP L 148 -30.73 10.22 -18.64
N LEU L 149 -30.93 11.39 -19.23
CA LEU L 149 -32.26 11.77 -19.72
C LEU L 149 -32.56 11.28 -21.13
N LEU L 150 -31.55 11.13 -21.98
CA LEU L 150 -31.81 10.56 -23.31
C LEU L 150 -32.14 9.08 -23.21
N ALA L 151 -31.55 8.37 -22.25
CA ALA L 151 -31.76 6.94 -22.12
C ALA L 151 -33.16 6.55 -21.66
N LEU L 152 -33.97 7.50 -21.20
CA LEU L 152 -35.33 7.21 -20.74
C LEU L 152 -36.40 7.70 -21.72
N ASP L 153 -36.01 8.23 -22.87
CA ASP L 153 -36.98 8.68 -23.87
C ASP L 153 -37.78 7.50 -24.38
N GLU M 1 -53.28 28.89 -12.41
CA GLU M 1 -52.33 30.04 -12.20
C GLU M 1 -51.26 30.10 -13.29
N VAL M 2 -50.90 28.94 -13.84
CA VAL M 2 -49.86 28.84 -14.85
C VAL M 2 -50.23 29.72 -16.04
N GLN M 3 -49.45 30.79 -16.25
CA GLN M 3 -49.72 31.77 -17.29
C GLN M 3 -48.52 31.78 -18.25
N LEU M 4 -48.74 31.29 -19.47
CA LEU M 4 -47.79 31.38 -20.57
C LEU M 4 -48.22 32.51 -21.52
N VAL M 5 -47.28 33.38 -21.88
CA VAL M 5 -47.56 34.58 -22.67
C VAL M 5 -46.49 34.72 -23.74
N GLU M 6 -46.85 34.44 -24.99
CA GLU M 6 -45.91 34.60 -26.09
C GLU M 6 -45.92 36.02 -26.65
N THR M 7 -44.75 36.42 -27.16
CA THR M 7 -44.56 37.70 -27.83
C THR M 7 -43.57 37.49 -28.96
N GLY M 8 -43.24 38.58 -29.65
CA GLY M 8 -42.36 38.55 -30.79
C GLY M 8 -43.02 38.10 -32.08
N GLY M 9 -44.32 37.86 -32.07
CA GLY M 9 -45.01 37.37 -33.25
C GLY M 9 -45.52 38.52 -34.12
N GLY M 10 -45.48 38.30 -35.43
CA GLY M 10 -45.88 39.33 -36.36
C GLY M 10 -45.87 38.85 -37.81
N LEU M 11 -45.27 39.64 -38.70
CA LEU M 11 -45.22 39.34 -40.12
C LEU M 11 -43.79 39.49 -40.62
N VAL M 12 -43.41 38.64 -41.57
CA VAL M 12 -42.06 38.60 -42.13
C VAL M 12 -42.15 38.07 -43.55
N GLN M 13 -41.05 38.20 -44.28
CA GLN M 13 -40.92 37.80 -45.67
C GLN M 13 -40.21 36.46 -45.76
N PRO M 14 -40.29 35.77 -46.90
CA PRO M 14 -39.47 34.57 -47.09
C PRO M 14 -38.00 34.88 -46.87
N GLY M 15 -37.30 33.93 -46.25
CA GLY M 15 -35.94 34.16 -45.81
C GLY M 15 -35.82 34.94 -44.51
N GLY M 16 -36.94 35.31 -43.89
CA GLY M 16 -36.90 36.07 -42.66
C GLY M 16 -36.28 35.31 -41.51
N SER M 17 -35.93 36.06 -40.46
CA SER M 17 -35.30 35.55 -39.24
C SER M 17 -36.14 36.05 -38.08
N LEU M 18 -37.13 35.27 -37.66
CA LEU M 18 -38.13 35.70 -36.68
C LEU M 18 -37.86 35.03 -35.34
N LYS M 19 -37.88 35.83 -34.27
CA LYS M 19 -37.67 35.39 -32.89
C LYS M 19 -38.97 35.56 -32.08
N LEU M 20 -39.49 34.45 -31.53
CA LEU M 20 -40.57 34.48 -30.56
C LEU M 20 -40.03 34.22 -29.17
N SER M 21 -40.76 34.74 -28.16
CA SER M 21 -40.39 34.55 -26.77
C SER M 21 -41.64 34.32 -25.93
N CYS M 22 -41.66 33.22 -25.19
CA CYS M 22 -42.76 32.83 -24.32
C CYS M 22 -42.32 33.02 -22.87
N ARG M 23 -43.05 33.86 -22.14
CA ARG M 23 -42.78 34.13 -20.73
C ARG M 23 -43.73 33.27 -19.89
N ALA M 24 -43.18 32.64 -18.86
CA ALA M 24 -43.91 31.71 -18.02
C ALA M 24 -44.03 32.26 -16.61
N SER M 25 -45.16 31.97 -15.96
CA SER M 25 -45.32 32.31 -14.56
C SER M 25 -46.31 31.34 -13.92
N GLY M 26 -46.27 31.27 -12.60
CA GLY M 26 -47.18 30.44 -11.84
C GLY M 26 -46.67 29.05 -11.51
N TYR M 27 -45.47 28.69 -11.95
CA TYR M 27 -44.90 27.39 -11.64
C TYR M 27 -43.39 27.48 -11.77
N THR M 28 -42.71 26.41 -11.35
CA THR M 28 -41.25 26.34 -11.44
C THR M 28 -40.87 26.08 -12.89
N PHE M 29 -40.30 27.10 -13.54
CA PHE M 29 -39.97 26.99 -14.96
C PHE M 29 -38.90 25.94 -15.20
N SER M 30 -37.85 25.95 -14.39
CA SER M 30 -36.71 25.05 -14.57
C SER M 30 -37.05 23.60 -14.30
N SER M 31 -38.21 23.29 -13.74
CA SER M 31 -38.58 21.92 -13.41
C SER M 31 -39.33 21.20 -14.52
N PHE M 32 -39.70 21.89 -15.60
CA PHE M 32 -40.51 21.32 -16.67
C PHE M 32 -39.83 21.49 -18.02
N ALA M 33 -40.03 20.50 -18.88
CA ALA M 33 -39.65 20.62 -20.28
C ALA M 33 -40.68 21.46 -21.02
N MET M 34 -40.24 22.08 -22.11
CA MET M 34 -41.10 22.96 -22.89
C MET M 34 -41.07 22.54 -24.35
N SER M 35 -42.18 22.82 -25.05
CA SER M 35 -42.29 22.53 -26.48
C SER M 35 -42.90 23.72 -27.20
N TRP M 36 -42.65 23.76 -28.50
CA TRP M 36 -43.36 24.63 -29.43
C TRP M 36 -44.15 23.76 -30.38
N VAL M 37 -45.43 24.09 -30.53
CA VAL M 37 -46.37 23.38 -31.38
C VAL M 37 -47.07 24.42 -32.23
N ARG M 38 -47.25 24.14 -33.53
CA ARG M 38 -47.82 25.12 -34.45
C ARG M 38 -49.10 24.57 -35.08
N GLN M 39 -49.99 25.50 -35.43
CA GLN M 39 -51.26 25.20 -36.08
C GLN M 39 -51.43 26.15 -37.26
N ALA M 40 -51.45 25.60 -38.46
CA ALA M 40 -51.72 26.43 -39.62
C ALA M 40 -53.17 26.93 -39.56
N PRO M 41 -53.48 28.07 -40.20
CA PRO M 41 -54.84 28.62 -40.10
C PRO M 41 -55.95 27.65 -40.51
N GLY M 42 -55.70 26.81 -41.52
CA GLY M 42 -56.69 25.87 -42.01
C GLY M 42 -56.43 24.42 -41.73
N LYS M 43 -55.44 24.08 -40.90
CA LYS M 43 -55.08 22.69 -40.60
C LYS M 43 -55.14 22.46 -39.09
N GLY M 44 -54.71 21.28 -38.68
CA GLY M 44 -54.64 20.91 -37.28
C GLY M 44 -53.32 21.28 -36.64
N LEU M 45 -53.03 20.60 -35.53
CA LEU M 45 -51.84 20.87 -34.73
C LEU M 45 -50.65 20.11 -35.29
N GLU M 46 -49.47 20.73 -35.22
CA GLU M 46 -48.22 20.08 -35.57
C GLU M 46 -47.16 20.43 -34.54
N TRP M 47 -46.50 19.41 -33.99
CA TRP M 47 -45.40 19.65 -33.06
C TRP M 47 -44.18 20.14 -33.82
N VAL M 48 -43.50 21.15 -33.27
CA VAL M 48 -42.38 21.81 -33.92
C VAL M 48 -41.06 21.48 -33.23
N SER M 49 -40.98 21.71 -31.92
CA SER M 49 -39.71 21.54 -31.23
C SER M 49 -39.92 21.24 -29.76
N LEU M 50 -38.89 20.68 -29.14
CA LEU M 50 -38.89 20.27 -27.74
C LEU M 50 -37.55 20.62 -27.11
N ILE M 51 -37.58 21.18 -25.91
CA ILE M 51 -36.39 21.47 -25.11
C ILE M 51 -36.60 20.93 -23.71
N ASN M 52 -35.57 20.33 -23.14
CA ASN M 52 -35.67 19.71 -21.82
C ASN M 52 -35.65 20.76 -20.71
N ASP M 53 -35.76 20.28 -19.48
CA ASP M 53 -35.86 21.19 -18.32
C ASP M 53 -34.57 21.98 -18.09
N ARG M 54 -33.41 21.44 -18.45
CA ARG M 54 -32.14 22.14 -18.27
C ARG M 54 -31.71 22.91 -19.50
N GLY M 55 -32.41 22.80 -20.62
CA GLY M 55 -32.05 23.53 -21.82
C GLY M 55 -30.83 23.01 -22.54
N GLY M 56 -30.49 21.74 -22.36
CA GLY M 56 -29.31 21.15 -22.96
C GLY M 56 -29.61 20.17 -24.09
N LEU M 57 -30.84 19.65 -24.13
CA LEU M 57 -31.28 18.70 -25.13
C LEU M 57 -32.41 19.33 -25.93
N THR M 58 -32.23 19.43 -27.24
CA THR M 58 -33.21 20.03 -28.14
C THR M 58 -33.55 19.04 -29.25
N PHE M 59 -34.84 19.01 -29.62
CA PHE M 59 -35.35 18.12 -30.65
C PHE M 59 -36.26 18.91 -31.59
N TYR M 60 -36.22 18.57 -32.88
CA TYR M 60 -36.96 19.29 -33.90
C TYR M 60 -37.55 18.28 -34.89
N VAL M 61 -38.60 18.71 -35.59
CA VAL M 61 -39.08 17.95 -36.75
C VAL M 61 -38.12 18.13 -37.90
N ASP M 62 -38.06 17.11 -38.78
CA ASP M 62 -37.14 17.14 -39.92
C ASP M 62 -37.36 18.38 -40.78
N SER M 63 -38.61 18.81 -40.93
CA SER M 63 -38.92 19.93 -41.83
C SER M 63 -38.34 21.25 -41.35
N VAL M 64 -37.95 21.36 -40.08
CA VAL M 64 -37.41 22.61 -39.53
C VAL M 64 -36.09 22.37 -38.83
N LYS M 65 -35.54 21.16 -38.97
CA LYS M 65 -34.44 20.73 -38.09
C LYS M 65 -33.21 21.62 -38.24
N GLY M 66 -32.91 22.07 -39.45
CA GLY M 66 -31.77 22.93 -39.71
C GLY M 66 -32.06 24.41 -39.74
N ARG M 67 -33.28 24.83 -39.41
CA ARG M 67 -33.71 26.22 -39.51
C ARG M 67 -34.17 26.81 -38.20
N PHE M 68 -34.81 26.02 -37.34
CA PHE M 68 -35.36 26.50 -36.08
C PHE M 68 -34.36 26.20 -34.96
N THR M 69 -34.44 27.00 -33.90
CA THR M 69 -33.55 26.86 -32.75
C THR M 69 -34.35 27.20 -31.51
N ILE M 70 -34.66 26.18 -30.71
CA ILE M 70 -35.35 26.36 -29.44
C ILE M 70 -34.29 26.64 -28.38
N SER M 71 -34.63 27.48 -27.41
CA SER M 71 -33.70 27.82 -26.35
C SER M 71 -34.50 28.26 -25.14
N ARG M 72 -33.84 28.29 -23.99
CA ARG M 72 -34.52 28.65 -22.76
C ARG M 72 -33.54 29.31 -21.81
N ASP M 73 -34.08 30.21 -20.98
CA ASP M 73 -33.35 30.82 -19.88
C ASP M 73 -34.19 30.60 -18.63
N ASN M 74 -33.61 29.90 -17.66
CA ASN M 74 -34.33 29.47 -16.47
C ASN M 74 -34.32 30.51 -15.37
N SER M 75 -33.40 31.48 -15.43
CA SER M 75 -33.41 32.57 -14.46
C SER M 75 -34.52 33.57 -14.80
N LYS M 76 -34.67 33.88 -16.09
CA LYS M 76 -35.67 34.83 -16.55
C LYS M 76 -37.01 34.17 -16.87
N ASN M 77 -37.10 32.84 -16.80
CA ASN M 77 -38.32 32.10 -17.07
C ASN M 77 -38.79 32.27 -18.51
N THR M 78 -37.85 32.39 -19.46
CA THR M 78 -38.19 32.72 -20.85
C THR M 78 -37.79 31.58 -21.78
N LEU M 79 -38.77 31.08 -22.53
CA LEU M 79 -38.55 30.13 -23.62
C LEU M 79 -38.48 30.97 -24.89
N SER M 80 -37.64 30.57 -25.84
CA SER M 80 -37.51 31.33 -27.07
C SER M 80 -37.34 30.39 -28.27
N LEU M 81 -37.78 30.88 -29.42
CA LEU M 81 -37.66 30.15 -30.68
C LEU M 81 -37.17 31.11 -31.76
N GLN M 82 -35.99 30.83 -32.31
CA GLN M 82 -35.41 31.60 -33.40
C GLN M 82 -35.52 30.77 -34.68
N MET M 83 -36.31 31.26 -35.64
CA MET M 83 -36.48 30.60 -36.92
C MET M 83 -35.76 31.40 -37.99
N HIS M 84 -34.86 30.76 -38.72
CA HIS M 84 -34.16 31.34 -39.85
C HIS M 84 -34.68 30.71 -41.14
N SER M 85 -34.51 31.46 -42.24
CA SER M 85 -34.89 30.98 -43.57
C SER M 85 -36.35 30.53 -43.62
N LEU M 86 -37.23 31.37 -43.09
CA LEU M 86 -38.65 31.02 -43.00
C LEU M 86 -39.25 30.79 -44.38
N ARG M 87 -40.03 29.71 -44.49
CA ARG M 87 -40.66 29.26 -45.72
C ARG M 87 -42.16 29.50 -45.66
N ASP M 88 -42.80 29.42 -46.82
CA ASP M 88 -44.23 29.66 -46.90
C ASP M 88 -45.03 28.65 -46.07
N GLY M 89 -44.51 27.44 -45.90
CA GLY M 89 -45.16 26.43 -45.08
C GLY M 89 -45.11 26.71 -43.59
N ASP M 90 -44.37 27.72 -43.15
CA ASP M 90 -44.22 28.03 -41.74
C ASP M 90 -45.27 29.01 -41.22
N THR M 91 -46.22 29.43 -42.05
CA THR M 91 -47.29 30.31 -41.60
C THR M 91 -48.20 29.56 -40.64
N ALA M 92 -48.32 30.05 -39.40
CA ALA M 92 -49.09 29.32 -38.40
C ALA M 92 -49.18 30.15 -37.12
N VAL M 93 -50.10 29.73 -36.25
CA VAL M 93 -50.10 30.16 -34.86
C VAL M 93 -49.15 29.23 -34.11
N TYR M 94 -48.12 29.80 -33.50
CA TYR M 94 -47.17 29.04 -32.70
C TYR M 94 -47.56 29.17 -31.24
N TYR M 95 -47.58 28.04 -30.54
CA TYR M 95 -47.90 27.96 -29.13
C TYR M 95 -46.70 27.41 -28.39
N CYS M 96 -46.41 27.97 -27.22
CA CYS M 96 -45.48 27.40 -26.28
C CYS M 96 -46.27 26.59 -25.27
N ALA M 97 -45.71 25.46 -24.84
CA ALA M 97 -46.42 24.57 -23.94
C ALA M 97 -45.43 23.92 -22.99
N THR M 98 -45.93 23.57 -21.82
CA THR M 98 -45.14 22.87 -20.81
C THR M 98 -45.35 21.37 -20.96
N GLY M 99 -44.25 20.64 -21.07
CA GLY M 99 -44.27 19.20 -21.20
C GLY M 99 -43.70 18.74 -22.52
N GLY M 100 -43.69 17.42 -22.69
CA GLY M 100 -43.12 16.75 -23.83
C GLY M 100 -42.03 15.77 -23.48
N MET M 101 -41.41 15.91 -22.31
CA MET M 101 -40.40 14.98 -21.82
C MET M 101 -40.13 15.35 -20.38
N SER M 102 -39.32 14.50 -19.72
CA SER M 102 -38.89 14.76 -18.36
C SER M 102 -37.58 14.02 -18.15
N SER M 103 -36.90 14.35 -17.06
CA SER M 103 -35.64 13.70 -16.78
C SER M 103 -35.88 12.30 -16.25
N ALA M 104 -34.80 11.52 -16.14
CA ALA M 104 -34.92 10.14 -15.69
C ALA M 104 -35.47 10.05 -14.27
N LEU M 105 -35.27 11.09 -13.46
CA LEU M 105 -35.67 11.09 -12.06
C LEU M 105 -37.11 11.52 -11.83
N GLN M 106 -37.86 11.83 -12.88
CA GLN M 106 -39.25 12.24 -12.80
C GLN M 106 -40.13 11.23 -13.51
N SER M 107 -41.43 11.35 -13.30
CA SER M 107 -42.38 10.53 -14.02
C SER M 107 -42.51 11.01 -15.46
N SER M 108 -42.97 10.12 -16.33
CA SER M 108 -43.09 10.44 -17.74
C SER M 108 -44.11 11.55 -17.94
N LYS M 109 -43.74 12.53 -18.76
CA LYS M 109 -44.60 13.63 -19.15
C LYS M 109 -44.65 13.74 -20.67
N TYR M 110 -44.99 12.63 -21.33
CA TYR M 110 -45.13 12.59 -22.79
C TYR M 110 -46.46 13.18 -23.25
N TYR M 111 -46.66 14.45 -22.90
CA TYR M 111 -47.86 15.19 -23.25
C TYR M 111 -47.59 16.65 -22.93
N PHE M 112 -48.44 17.52 -23.46
CA PHE M 112 -48.34 18.95 -23.26
C PHE M 112 -49.40 19.35 -22.25
N ASP M 113 -48.97 19.72 -21.04
CA ASP M 113 -49.89 19.92 -19.93
C ASP M 113 -50.54 21.30 -19.99
N PHE M 114 -49.73 22.34 -20.11
CA PHE M 114 -50.19 23.72 -20.11
C PHE M 114 -49.79 24.35 -21.44
N TRP M 115 -50.55 25.37 -21.85
CA TRP M 115 -50.45 25.94 -23.19
C TRP M 115 -50.45 27.45 -23.10
N GLY M 116 -50.02 28.09 -24.18
CA GLY M 116 -49.96 29.53 -24.28
C GLY M 116 -51.09 30.10 -25.11
N GLN M 117 -51.17 31.43 -25.11
CA GLN M 117 -52.21 32.12 -25.88
C GLN M 117 -52.07 31.85 -27.38
N GLY M 118 -50.83 31.78 -27.86
CA GLY M 118 -50.53 31.62 -29.27
C GLY M 118 -50.03 32.92 -29.88
N ALA M 119 -49.31 32.77 -31.00
CA ALA M 119 -48.69 33.89 -31.67
C ALA M 119 -48.71 33.65 -33.17
N LEU M 120 -49.37 34.55 -33.91
CA LEU M 120 -49.54 34.37 -35.34
C LEU M 120 -48.24 34.75 -36.06
N VAL M 121 -47.86 33.94 -37.04
CA VAL M 121 -46.68 34.19 -37.87
C VAL M 121 -47.10 33.99 -39.32
N THR M 122 -46.95 35.05 -40.13
CA THR M 122 -47.31 35.04 -41.55
C THR M 122 -46.03 35.26 -42.37
N VAL M 123 -45.63 34.24 -43.10
CA VAL M 123 -44.43 34.31 -43.93
C VAL M 123 -44.85 34.84 -45.30
N GLN N 1 -11.30 -20.73 33.13
CA GLN N 1 -12.39 -20.76 34.14
C GLN N 1 -12.24 -19.57 35.08
N VAL N 2 -13.29 -18.76 35.18
CA VAL N 2 -13.30 -17.62 36.09
C VAL N 2 -13.53 -18.13 37.50
N GLN N 3 -12.67 -17.72 38.43
CA GLN N 3 -12.78 -18.12 39.83
C GLN N 3 -12.50 -16.95 40.74
N LEU N 4 -13.19 -16.94 41.88
CA LEU N 4 -12.93 -16.00 42.97
C LEU N 4 -12.78 -16.82 44.25
N VAL N 5 -11.63 -16.68 44.90
CA VAL N 5 -11.29 -17.46 46.10
C VAL N 5 -11.06 -16.48 47.23
N GLN N 6 -11.87 -16.58 48.27
CA GLN N 6 -11.81 -15.68 49.42
C GLN N 6 -11.07 -16.35 50.58
N SER N 7 -10.63 -15.52 51.52
CA SER N 7 -9.97 -16.02 52.71
C SER N 7 -10.96 -16.77 53.60
N GLY N 8 -10.42 -17.54 54.54
CA GLY N 8 -11.25 -18.36 55.40
C GLY N 8 -11.95 -17.57 56.50
N ALA N 9 -12.83 -18.27 57.20
CA ALA N 9 -13.66 -17.62 58.22
C ALA N 9 -12.80 -17.08 59.35
N GLU N 10 -13.30 -16.02 60.01
CA GLU N 10 -12.57 -15.36 61.08
C GLU N 10 -13.48 -15.06 62.27
N VAL N 11 -12.86 -15.01 63.44
CA VAL N 11 -13.50 -14.69 64.71
C VAL N 11 -12.83 -13.43 65.22
N LYS N 12 -13.62 -12.39 65.48
CA LYS N 12 -13.10 -11.12 65.96
C LYS N 12 -13.87 -10.63 67.16
N LYS N 13 -13.20 -9.78 67.99
CA LYS N 13 -13.84 -9.08 69.09
C LYS N 13 -14.28 -7.68 68.65
N PRO N 14 -15.28 -7.08 69.29
CA PRO N 14 -15.65 -5.69 68.96
C PRO N 14 -14.47 -4.75 69.16
N GLY N 15 -14.32 -3.80 68.22
CA GLY N 15 -13.25 -2.84 68.23
C GLY N 15 -12.07 -3.20 67.37
N ALA N 16 -11.94 -4.48 66.99
CA ALA N 16 -10.87 -4.92 66.11
C ALA N 16 -11.18 -4.52 64.67
N SER N 17 -10.20 -4.75 63.79
CA SER N 17 -10.37 -4.64 62.36
C SER N 17 -10.26 -6.01 61.71
N VAL N 18 -10.99 -6.22 60.62
CA VAL N 18 -10.95 -7.47 59.86
C VAL N 18 -10.71 -7.12 58.40
N LYS N 19 -9.79 -7.83 57.75
CA LYS N 19 -9.44 -7.61 56.35
C LYS N 19 -9.65 -8.92 55.59
N VAL N 20 -10.58 -8.90 54.64
CA VAL N 20 -10.95 -10.06 53.85
C VAL N 20 -10.42 -9.87 52.44
N SER N 21 -9.68 -10.87 51.94
CA SER N 21 -9.13 -10.88 50.60
C SER N 21 -10.01 -11.65 49.64
N CYS N 22 -9.79 -11.41 48.35
CA CYS N 22 -10.49 -12.12 47.28
C CYS N 22 -9.54 -12.21 46.10
N LYS N 23 -9.00 -13.40 45.86
CA LYS N 23 -8.09 -13.67 44.76
C LYS N 23 -8.93 -14.02 43.54
N ALA N 24 -8.69 -13.33 42.43
CA ALA N 24 -9.44 -13.52 41.20
C ALA N 24 -8.56 -14.20 40.16
N SER N 25 -9.19 -15.01 39.31
CA SER N 25 -8.47 -15.65 38.22
C SER N 25 -9.43 -15.92 37.07
N GLY N 26 -8.86 -16.11 35.88
CA GLY N 26 -9.60 -16.49 34.70
C GLY N 26 -10.09 -15.35 33.84
N TYR N 27 -9.77 -14.10 34.17
CA TYR N 27 -10.23 -12.97 33.38
C TYR N 27 -9.28 -11.79 33.59
N THR N 28 -9.46 -10.76 32.78
CA THR N 28 -8.68 -9.54 32.93
C THR N 28 -9.18 -8.79 34.15
N PHE N 29 -8.32 -8.65 35.16
CA PHE N 29 -8.73 -8.11 36.46
C PHE N 29 -9.21 -6.67 36.33
N THR N 30 -8.49 -5.84 35.58
CA THR N 30 -8.80 -4.43 35.47
C THR N 30 -10.04 -4.15 34.62
N GLY N 31 -10.62 -5.16 33.97
CA GLY N 31 -11.74 -4.97 33.07
C GLY N 31 -13.12 -5.14 33.67
N HIS N 32 -13.24 -5.48 34.95
CA HIS N 32 -14.53 -5.69 35.60
C HIS N 32 -14.49 -5.09 37.00
N TYR N 33 -15.57 -4.42 37.39
CA TYR N 33 -15.66 -3.89 38.74
C TYR N 33 -15.81 -5.02 39.73
N MET N 34 -15.22 -4.85 40.92
CA MET N 34 -15.36 -5.81 42.00
C MET N 34 -16.30 -5.24 43.04
N HIS N 35 -17.30 -6.02 43.45
CA HIS N 35 -18.30 -5.59 44.41
C HIS N 35 -18.20 -6.45 45.65
N TRP N 36 -18.42 -5.84 46.81
CA TRP N 36 -18.49 -6.53 48.08
C TRP N 36 -19.91 -6.42 48.61
N VAL N 37 -20.47 -7.59 48.94
CA VAL N 37 -21.85 -7.75 49.40
C VAL N 37 -21.80 -8.65 50.62
N ARG N 38 -22.49 -8.28 51.69
CA ARG N 38 -22.55 -9.10 52.90
C ARG N 38 -23.96 -9.60 53.14
N GLN N 39 -24.04 -10.79 53.75
CA GLN N 39 -25.32 -11.38 54.13
C GLN N 39 -25.20 -11.92 55.55
N ALA N 40 -25.91 -11.32 56.48
CA ALA N 40 -25.94 -11.85 57.83
C ALA N 40 -26.73 -13.15 57.84
N PRO N 41 -26.41 -14.09 58.75
CA PRO N 41 -27.13 -15.37 58.76
C PRO N 41 -28.63 -15.17 58.98
N GLY N 42 -29.43 -15.81 58.14
CA GLY N 42 -30.87 -15.76 58.24
C GLY N 42 -31.53 -14.54 57.64
N GLN N 43 -30.76 -13.56 57.17
CA GLN N 43 -31.27 -12.33 56.58
C GLN N 43 -30.92 -12.29 55.10
N GLY N 44 -31.33 -11.22 54.44
CA GLY N 44 -31.12 -11.05 53.01
C GLY N 44 -29.76 -10.47 52.68
N LEU N 45 -29.61 -10.10 51.42
CA LEU N 45 -28.35 -9.61 50.89
C LEU N 45 -28.24 -8.10 51.11
N GLU N 46 -27.06 -7.66 51.54
CA GLU N 46 -26.77 -6.24 51.73
C GLU N 46 -25.51 -5.91 50.93
N TRP N 47 -25.62 -4.97 50.00
CA TRP N 47 -24.49 -4.52 49.21
C TRP N 47 -23.63 -3.56 50.04
N MET N 48 -22.32 -3.79 50.04
CA MET N 48 -21.39 -2.97 50.81
C MET N 48 -20.67 -1.94 49.98
N GLY N 49 -20.31 -2.26 48.75
CA GLY N 49 -19.57 -1.30 47.96
C GLY N 49 -18.96 -1.92 46.72
N TRP N 50 -18.29 -1.07 45.94
CA TRP N 50 -17.52 -1.55 44.81
C TRP N 50 -16.17 -0.84 44.77
N ILE N 51 -15.22 -1.51 44.13
CA ILE N 51 -13.90 -0.97 43.80
C ILE N 51 -13.66 -1.17 42.32
N ASN N 52 -13.11 -0.14 41.69
CA ASN N 52 -12.69 -0.19 40.30
C ASN N 52 -11.26 -0.73 40.30
N PRO N 53 -11.01 -1.98 39.90
CA PRO N 53 -9.65 -2.51 39.99
C PRO N 53 -8.67 -1.87 39.04
N TYR N 54 -9.12 -1.04 38.11
CA TYR N 54 -8.23 -0.35 37.18
C TYR N 54 -7.79 0.99 37.75
N SER N 55 -8.75 1.87 38.01
CA SER N 55 -8.44 3.19 38.54
C SER N 55 -8.16 3.18 40.05
N SER N 56 -8.57 2.13 40.76
CA SER N 56 -8.49 1.96 42.21
C SER N 56 -9.61 2.73 42.92
N GLY N 57 -10.47 3.44 42.20
CA GLY N 57 -11.52 4.19 42.87
C GLY N 57 -12.53 3.27 43.52
N THR N 58 -13.18 3.78 44.57
CA THR N 58 -14.10 3.02 45.39
C THR N 58 -15.41 3.77 45.56
N ASN N 59 -16.43 3.03 46.00
CA ASN N 59 -17.73 3.60 46.35
C ASN N 59 -18.33 2.73 47.44
N TYR N 60 -18.64 3.34 48.58
CA TYR N 60 -19.15 2.64 49.75
C TYR N 60 -20.60 3.02 50.00
N ALA N 61 -21.37 2.07 50.53
CA ALA N 61 -22.72 2.36 50.96
C ALA N 61 -22.70 3.24 52.20
N GLN N 62 -23.77 4.03 52.38
CA GLN N 62 -23.83 4.96 53.50
C GLN N 62 -23.79 4.24 54.84
N ASN N 63 -24.26 3.00 54.91
CA ASN N 63 -24.20 2.25 56.16
C ASN N 63 -22.76 1.95 56.57
N PHE N 64 -21.84 1.87 55.60
CA PHE N 64 -20.46 1.50 55.84
C PHE N 64 -19.47 2.65 55.61
N GLN N 65 -19.92 3.75 55.03
CA GLN N 65 -19.04 4.89 54.77
C GLN N 65 -18.41 5.36 56.07
N GLY N 66 -17.08 5.47 56.08
CA GLY N 66 -16.33 5.84 57.24
C GLY N 66 -15.74 4.68 58.02
N ARG N 67 -16.22 3.45 57.78
CA ARG N 67 -15.70 2.25 58.42
C ARG N 67 -15.04 1.28 57.46
N VAL N 68 -15.48 1.23 56.21
CA VAL N 68 -15.03 0.23 55.25
C VAL N 68 -14.02 0.86 54.30
N THR N 69 -12.96 0.13 54.01
CA THR N 69 -11.96 0.52 53.03
C THR N 69 -11.78 -0.64 52.05
N MET N 70 -11.74 -0.32 50.76
CA MET N 70 -11.48 -1.32 49.72
C MET N 70 -10.23 -0.95 48.93
N THR N 71 -9.41 -1.97 48.67
CA THR N 71 -8.12 -1.80 48.03
C THR N 71 -7.97 -2.93 47.01
N ARG N 72 -7.00 -2.78 46.12
CA ARG N 72 -6.72 -3.83 45.14
C ARG N 72 -5.22 -3.89 44.88
N ASP N 73 -4.78 -5.04 44.40
CA ASP N 73 -3.41 -5.27 43.96
C ASP N 73 -3.48 -6.01 42.63
N THR N 74 -3.09 -5.33 41.55
CA THR N 74 -3.14 -5.90 40.22
C THR N 74 -1.94 -6.80 39.94
N SER N 75 -0.88 -6.74 40.75
CA SER N 75 0.25 -7.62 40.54
C SER N 75 -0.09 -9.06 40.93
N ILE N 76 -0.75 -9.23 42.08
CA ILE N 76 -1.20 -10.55 42.53
C ILE N 76 -2.70 -10.75 42.32
N THR N 77 -3.36 -9.85 41.60
CA THR N 77 -4.77 -9.97 41.21
C THR N 77 -5.65 -10.29 42.42
N THR N 78 -5.65 -9.38 43.39
CA THR N 78 -6.38 -9.60 44.63
C THR N 78 -7.08 -8.31 45.06
N ALA N 79 -8.32 -8.44 45.48
CA ALA N 79 -9.10 -7.32 46.03
C ALA N 79 -9.26 -7.52 47.53
N TYR N 80 -9.22 -6.41 48.27
CA TYR N 80 -9.27 -6.46 49.72
C TYR N 80 -10.37 -5.54 50.22
N MET N 81 -11.02 -5.97 51.30
CA MET N 81 -12.03 -5.18 52.00
C MET N 81 -11.74 -5.24 53.49
N GLU N 82 -11.63 -4.08 54.12
CA GLU N 82 -11.31 -3.96 55.55
C GLU N 82 -12.45 -3.24 56.25
N LEU N 83 -13.01 -3.87 57.28
CA LEU N 83 -13.95 -3.24 58.20
C LEU N 83 -13.26 -3.01 59.53
N SER N 84 -13.25 -1.76 59.98
CA SER N 84 -12.77 -1.38 61.29
C SER N 84 -13.95 -1.23 62.25
N ARG N 85 -13.65 -1.32 63.54
CA ARG N 85 -14.62 -1.09 64.62
C ARG N 85 -15.86 -1.99 64.46
N LEU N 86 -15.63 -3.29 64.39
CA LEU N 86 -16.73 -4.23 64.27
C LEU N 86 -17.65 -4.15 65.49
N ARG N 87 -18.90 -4.55 65.27
CA ARG N 87 -19.93 -4.59 66.29
C ARG N 87 -20.58 -5.97 66.28
N SER N 88 -21.54 -6.20 67.18
CA SER N 88 -22.11 -7.53 67.34
C SER N 88 -22.90 -7.94 66.11
N ASP N 89 -23.69 -7.02 65.54
CA ASP N 89 -24.50 -7.35 64.37
C ASP N 89 -23.68 -7.50 63.09
N ASP N 90 -22.40 -7.13 63.10
CA ASP N 90 -21.59 -7.19 61.89
C ASP N 90 -21.25 -8.60 61.46
N THR N 91 -21.59 -9.61 62.26
CA THR N 91 -21.34 -11.00 61.87
C THR N 91 -22.09 -11.33 60.57
N ALA N 92 -21.36 -11.78 59.55
CA ALA N 92 -22.01 -12.07 58.28
C ALA N 92 -21.07 -12.86 57.38
N VAL N 93 -21.62 -13.32 56.26
CA VAL N 93 -20.87 -13.94 55.17
C VAL N 93 -20.60 -12.83 54.16
N TYR N 94 -19.33 -12.46 54.03
CA TYR N 94 -18.88 -11.41 53.14
C TYR N 94 -18.44 -12.02 51.81
N TYR N 95 -19.11 -11.64 50.72
CA TYR N 95 -18.84 -12.15 49.39
C TYR N 95 -18.21 -11.06 48.55
N CYS N 96 -17.25 -11.46 47.71
CA CYS N 96 -16.76 -10.67 46.60
C CYS N 96 -17.43 -11.17 45.33
N ALA N 97 -17.72 -10.25 44.42
CA ALA N 97 -18.46 -10.56 43.21
C ALA N 97 -17.89 -9.76 42.05
N ARG N 98 -17.86 -10.37 40.87
CA ARG N 98 -17.33 -9.74 39.67
C ARG N 98 -18.48 -9.24 38.81
N ALA N 99 -18.47 -7.97 38.47
CA ALA N 99 -19.46 -7.44 37.55
C ALA N 99 -19.24 -8.02 36.16
N PRO N 100 -20.30 -8.21 35.37
CA PRO N 100 -20.11 -8.79 34.02
C PRO N 100 -19.25 -7.92 33.12
N ASP N 101 -19.14 -6.63 33.36
CA ASP N 101 -18.30 -5.77 32.53
C ASP N 101 -17.84 -4.60 33.39
N TYR N 102 -17.33 -3.55 32.75
CA TYR N 102 -16.66 -2.44 33.43
C TYR N 102 -17.67 -1.46 34.04
N GLY N 103 -18.42 -1.97 35.02
CA GLY N 103 -19.27 -1.13 35.84
C GLY N 103 -20.64 -0.81 35.30
N ASP N 104 -21.05 -1.41 34.18
CA ASP N 104 -22.35 -1.11 33.60
C ASP N 104 -23.46 -1.99 34.17
N ARG N 105 -23.15 -3.24 34.47
CA ARG N 105 -24.14 -4.23 34.88
C ARG N 105 -23.90 -4.64 36.33
N TRP N 106 -25.00 -4.78 37.07
CA TRP N 106 -25.00 -5.17 38.46
C TRP N 106 -25.52 -6.58 38.69
N ASP N 107 -25.68 -7.38 37.63
CA ASP N 107 -26.07 -8.79 37.77
C ASP N 107 -24.77 -9.57 37.86
N PHE N 108 -24.43 -10.03 39.06
CA PHE N 108 -23.08 -10.53 39.30
C PHE N 108 -22.96 -11.95 38.77
N ASP N 109 -22.08 -12.11 37.77
CA ASP N 109 -21.95 -13.41 37.11
C ASP N 109 -21.22 -14.41 37.98
N TYR N 110 -20.17 -13.97 38.68
CA TYR N 110 -19.34 -14.84 39.50
C TYR N 110 -19.25 -14.30 40.92
N TRP N 111 -19.24 -15.24 41.88
CA TRP N 111 -19.17 -14.95 43.30
C TRP N 111 -18.06 -15.77 43.92
N GLY N 112 -17.52 -15.29 45.04
CA GLY N 112 -16.59 -16.06 45.81
C GLY N 112 -17.32 -17.07 46.68
N GLN N 113 -16.54 -17.78 47.51
CA GLN N 113 -17.16 -18.78 48.37
C GLN N 113 -17.91 -18.13 49.53
N GLY N 114 -17.46 -16.97 49.98
CA GLY N 114 -18.04 -16.29 51.11
C GLY N 114 -17.21 -16.49 52.35
N THR N 115 -16.76 -15.39 52.96
CA THR N 115 -15.96 -15.43 54.17
C THR N 115 -16.87 -15.16 55.36
N LEU N 116 -17.01 -16.13 56.24
CA LEU N 116 -17.84 -15.96 57.42
C LEU N 116 -17.01 -15.27 58.49
N VAL N 117 -17.45 -14.09 58.91
CA VAL N 117 -16.80 -13.34 59.98
C VAL N 117 -17.82 -13.25 61.10
N THR N 118 -17.44 -13.75 62.27
CA THR N 118 -18.28 -13.70 63.46
C THR N 118 -17.65 -12.78 64.49
N VAL N 119 -18.46 -11.90 65.06
CA VAL N 119 -18.03 -10.92 66.05
C VAL N 119 -18.77 -11.21 67.34
N SER N 120 -18.02 -11.49 68.41
CA SER N 120 -18.62 -11.81 69.70
C SER N 120 -17.60 -11.52 70.80
N SER N 121 -18.10 -11.43 72.02
CA SER N 121 -17.27 -11.19 73.19
C SER N 121 -16.91 -12.51 73.89
N ALA O 1 -48.49 11.24 -39.60
CA ALA O 1 -49.70 11.80 -39.03
C ALA O 1 -50.71 10.70 -38.72
N LEU O 2 -51.63 10.98 -37.81
CA LEU O 2 -52.69 10.06 -37.44
C LEU O 2 -53.97 10.40 -38.20
N THR O 3 -54.74 9.36 -38.52
CA THR O 3 -56.03 9.52 -39.20
C THR O 3 -57.12 9.57 -38.15
N GLN O 4 -57.96 10.60 -38.23
CA GLN O 4 -59.00 10.88 -37.24
C GLN O 4 -60.26 11.30 -37.98
N PRO O 5 -61.45 10.87 -37.55
CA PRO O 5 -62.68 11.22 -38.29
C PRO O 5 -62.86 12.72 -38.39
N PRO O 6 -63.23 13.27 -39.57
CA PRO O 6 -63.28 14.74 -39.67
C PRO O 6 -64.31 15.39 -38.78
N SER O 7 -65.46 14.75 -38.56
CA SER O 7 -66.48 15.34 -37.70
C SER O 7 -67.41 14.24 -37.17
N VAL O 8 -67.95 14.47 -35.98
CA VAL O 8 -68.96 13.62 -35.37
C VAL O 8 -70.05 14.51 -34.79
N SER O 9 -71.19 13.89 -34.48
CA SER O 9 -72.32 14.60 -33.88
C SER O 9 -72.99 13.73 -32.83
N GLY O 10 -73.63 14.40 -31.87
CA GLY O 10 -74.37 13.73 -30.82
C GLY O 10 -75.35 14.67 -30.14
N SER O 11 -76.52 14.14 -29.78
CA SER O 11 -77.53 14.93 -29.08
C SER O 11 -77.15 15.11 -27.61
N PRO O 12 -77.63 16.16 -26.95
CA PRO O 12 -77.26 16.37 -25.55
C PRO O 12 -77.67 15.19 -24.68
N GLY O 13 -76.82 14.89 -23.69
CA GLY O 13 -77.04 13.74 -22.83
C GLY O 13 -76.64 12.40 -23.41
N GLN O 14 -76.33 12.34 -24.70
CA GLN O 14 -75.86 11.12 -25.35
C GLN O 14 -74.34 11.05 -25.21
N SER O 15 -73.77 9.91 -25.60
CA SER O 15 -72.34 9.66 -25.49
C SER O 15 -71.77 9.37 -26.87
N VAL O 16 -70.64 9.99 -27.17
CA VAL O 16 -69.96 9.88 -28.46
C VAL O 16 -68.60 9.24 -28.19
N THR O 17 -68.01 8.65 -29.22
CA THR O 17 -66.71 7.97 -29.11
C THR O 17 -65.90 8.39 -30.34
N ILE O 18 -65.14 9.48 -30.20
CA ILE O 18 -64.21 9.88 -31.25
C ILE O 18 -63.12 8.81 -31.35
N SER O 19 -62.72 8.49 -32.58
CA SER O 19 -61.74 7.45 -32.84
C SER O 19 -60.45 8.07 -33.37
N CYS O 20 -59.41 7.24 -33.47
CA CYS O 20 -58.09 7.73 -33.86
C CYS O 20 -57.25 6.52 -34.24
N THR O 21 -56.69 6.52 -35.45
CA THR O 21 -55.98 5.36 -35.98
C THR O 21 -54.56 5.76 -36.33
N GLY O 22 -53.60 4.93 -35.91
CA GLY O 22 -52.20 5.17 -36.16
C GLY O 22 -51.49 3.89 -36.55
N THR O 23 -50.23 4.07 -36.95
CA THR O 23 -49.39 2.94 -37.33
C THR O 23 -49.01 2.16 -36.06
N SER O 24 -48.36 1.02 -36.24
CA SER O 24 -47.95 0.20 -35.09
C SER O 24 -46.73 0.77 -34.38
N SER O 25 -45.93 1.57 -35.06
CA SER O 25 -44.73 2.14 -34.46
C SER O 25 -45.03 3.22 -33.41
N ASP O 26 -46.25 3.76 -33.36
CA ASP O 26 -46.55 4.87 -32.46
C ASP O 26 -47.65 4.54 -31.45
N ILE O 27 -48.90 4.32 -31.87
CA ILE O 27 -49.95 3.98 -30.91
C ILE O 27 -49.76 2.56 -30.40
N GLY O 28 -49.29 1.65 -31.26
CA GLY O 28 -49.15 0.25 -30.90
C GLY O 28 -47.83 -0.11 -30.27
N SER O 29 -46.93 0.86 -30.08
CA SER O 29 -45.63 0.64 -29.47
C SER O 29 -45.47 1.33 -28.13
N TYR O 30 -46.17 2.45 -27.91
CA TYR O 30 -46.08 3.23 -26.69
C TYR O 30 -47.48 3.51 -26.16
N ASN O 31 -47.64 3.42 -24.85
CA ASN O 31 -48.91 3.72 -24.19
C ASN O 31 -48.97 5.19 -23.78
N TYR O 32 -48.70 6.08 -24.74
CA TYR O 32 -48.68 7.53 -24.52
C TYR O 32 -49.51 8.18 -25.63
N VAL O 33 -50.83 8.15 -25.47
CA VAL O 33 -51.76 8.80 -26.36
C VAL O 33 -52.54 9.80 -25.54
N SER O 34 -52.50 11.06 -25.93
CA SER O 34 -53.18 12.13 -25.24
C SER O 34 -54.17 12.82 -26.17
N TRP O 35 -55.21 13.39 -25.57
CA TRP O 35 -56.30 14.07 -26.28
C TRP O 35 -56.43 15.50 -25.81
N TYR O 36 -56.62 16.41 -26.78
CA TYR O 36 -56.73 17.84 -26.54
C TYR O 36 -58.03 18.37 -27.12
N GLN O 37 -58.62 19.35 -26.41
CA GLN O 37 -59.84 20.03 -26.82
C GLN O 37 -59.52 21.50 -27.06
N GLN O 38 -59.75 21.97 -28.28
CA GLN O 38 -59.50 23.36 -28.67
C GLN O 38 -60.82 24.00 -29.08
N HIS O 39 -61.26 25.00 -28.33
CA HIS O 39 -62.38 25.81 -28.76
C HIS O 39 -61.91 26.80 -29.84
N PRO O 40 -62.79 27.20 -30.76
CA PRO O 40 -62.38 28.21 -31.75
C PRO O 40 -61.94 29.50 -31.08
N GLY O 41 -60.79 30.02 -31.53
CA GLY O 41 -60.25 31.26 -31.00
C GLY O 41 -59.35 31.11 -29.79
N LYS O 42 -59.25 29.91 -29.22
CA LYS O 42 -58.43 29.63 -28.04
C LYS O 42 -57.41 28.55 -28.38
N ALA O 43 -56.54 28.26 -27.42
CA ALA O 43 -55.48 27.27 -27.56
C ALA O 43 -55.91 25.94 -26.97
N PRO O 44 -55.30 24.83 -27.39
CA PRO O 44 -55.75 23.51 -26.92
C PRO O 44 -55.66 23.38 -25.40
N LYS O 45 -56.30 22.33 -24.89
CA LYS O 45 -56.29 22.01 -23.47
C LYS O 45 -56.26 20.49 -23.34
N LEU O 46 -55.40 19.99 -22.47
CA LEU O 46 -55.17 18.55 -22.33
C LEU O 46 -56.35 17.92 -21.61
N MET O 47 -57.27 17.35 -22.38
CA MET O 47 -58.37 16.59 -21.78
C MET O 47 -57.86 15.29 -21.17
N ILE O 48 -57.00 14.54 -21.87
CA ILE O 48 -56.54 13.23 -21.40
C ILE O 48 -55.08 13.05 -21.78
N TYR O 49 -54.36 12.30 -20.94
CA TYR O 49 -52.98 11.91 -21.18
C TYR O 49 -52.82 10.45 -20.77
N ASP O 50 -51.83 9.79 -21.38
CA ASP O 50 -51.50 8.41 -21.05
C ASP O 50 -52.68 7.48 -21.28
N VAL O 51 -53.45 7.79 -22.32
CA VAL O 51 -54.57 6.97 -22.82
C VAL O 51 -55.78 7.12 -21.90
N THR O 52 -55.65 6.75 -20.63
CA THR O 52 -56.79 6.63 -19.72
C THR O 52 -56.78 7.63 -18.56
N GLN O 53 -55.88 8.62 -18.55
CA GLN O 53 -55.67 9.46 -17.37
C GLN O 53 -56.05 10.90 -17.66
N ARG O 54 -56.71 11.53 -16.69
CA ARG O 54 -57.30 12.86 -16.82
C ARG O 54 -56.52 13.88 -16.01
N PRO O 55 -56.19 15.05 -16.56
CA PRO O 55 -55.64 16.11 -15.71
C PRO O 55 -56.68 16.55 -14.69
N SER O 56 -56.20 17.00 -13.54
CA SER O 56 -57.09 17.53 -12.52
C SER O 56 -57.92 18.67 -13.10
N GLY O 57 -59.07 18.94 -12.48
CA GLY O 57 -60.01 19.91 -12.99
C GLY O 57 -60.83 19.46 -14.19
N VAL O 58 -60.53 18.30 -14.78
CA VAL O 58 -61.24 17.81 -15.96
C VAL O 58 -62.36 16.89 -15.50
N SER O 59 -63.56 17.11 -16.02
CA SER O 59 -64.73 16.35 -15.59
C SER O 59 -64.57 14.87 -15.92
N ASP O 60 -65.20 14.03 -15.09
CA ASP O 60 -65.16 12.59 -15.29
C ASP O 60 -65.84 12.15 -16.59
N ARG O 61 -66.64 13.03 -17.22
CA ARG O 61 -67.36 12.67 -18.42
C ARG O 61 -66.45 12.30 -19.59
N PHE O 62 -65.18 12.69 -19.54
CA PHE O 62 -64.22 12.40 -20.60
C PHE O 62 -63.40 11.19 -20.20
N SER O 63 -63.33 10.19 -21.08
CA SER O 63 -62.54 8.99 -20.83
C SER O 63 -61.87 8.59 -22.12
N GLY O 64 -60.75 7.86 -21.98
CA GLY O 64 -60.00 7.40 -23.14
C GLY O 64 -59.76 5.91 -23.07
N SER O 65 -59.30 5.37 -24.21
CA SER O 65 -59.03 3.95 -24.27
C SER O 65 -58.20 3.64 -25.51
N LYS O 66 -57.56 2.47 -25.50
CA LYS O 66 -56.74 2.01 -26.60
C LYS O 66 -57.16 0.60 -26.99
N SER O 67 -56.87 0.25 -28.25
CA SER O 67 -57.18 -1.06 -28.81
C SER O 67 -56.19 -1.27 -29.95
N GLY O 68 -55.12 -2.01 -29.68
CA GLY O 68 -54.12 -2.27 -30.70
C GLY O 68 -53.45 -1.00 -31.15
N ASN O 69 -53.69 -0.63 -32.40
CA ASN O 69 -53.13 0.58 -33.02
C ASN O 69 -54.17 1.68 -33.15
N THR O 70 -55.16 1.70 -32.25
CA THR O 70 -56.28 2.61 -32.32
C THR O 70 -56.53 3.16 -30.92
N ALA O 71 -56.90 4.43 -30.84
CA ALA O 71 -57.27 5.08 -29.59
C ALA O 71 -58.65 5.70 -29.75
N SER O 72 -59.30 5.97 -28.62
CA SER O 72 -60.65 6.49 -28.63
C SER O 72 -60.87 7.39 -27.43
N LEU O 73 -61.74 8.39 -27.63
CA LEU O 73 -62.16 9.37 -26.64
C LEU O 73 -63.67 9.27 -26.48
N THR O 74 -64.10 8.67 -25.37
CA THR O 74 -65.51 8.52 -25.04
C THR O 74 -65.94 9.75 -24.24
N ILE O 75 -66.79 10.58 -24.85
CA ILE O 75 -67.34 11.78 -24.23
C ILE O 75 -68.80 11.47 -23.91
N SER O 76 -69.10 11.26 -22.64
CA SER O 76 -70.45 11.03 -22.18
C SER O 76 -71.07 12.34 -21.70
N GLY O 77 -72.41 12.35 -21.62
CA GLY O 77 -73.10 13.50 -21.05
C GLY O 77 -72.88 14.79 -21.83
N LEU O 78 -72.96 14.71 -23.16
CA LEU O 78 -72.64 15.84 -24.02
C LEU O 78 -73.42 17.09 -23.65
N GLN O 79 -72.69 18.22 -23.56
CA GLN O 79 -73.24 19.52 -23.25
C GLN O 79 -72.92 20.49 -24.38
N ALA O 80 -73.64 21.61 -24.38
CA ALA O 80 -73.44 22.63 -25.42
C ALA O 80 -72.01 23.17 -25.41
N ASP O 81 -71.36 23.18 -24.25
CA ASP O 81 -70.01 23.72 -24.13
C ASP O 81 -68.92 22.77 -24.59
N ASP O 82 -69.27 21.57 -25.08
CA ASP O 82 -68.30 20.62 -25.60
C ASP O 82 -68.02 20.83 -27.10
N GLU O 83 -68.62 21.84 -27.71
CA GLU O 83 -68.47 22.08 -29.15
C GLU O 83 -67.07 22.57 -29.43
N ALA O 84 -66.15 21.65 -29.76
CA ALA O 84 -64.75 22.00 -29.94
C ALA O 84 -64.09 21.05 -30.93
N ASP O 85 -62.91 21.45 -31.39
CA ASP O 85 -62.06 20.61 -32.23
C ASP O 85 -61.19 19.73 -31.34
N TYR O 86 -61.30 18.42 -31.49
CA TYR O 86 -60.53 17.47 -30.70
C TYR O 86 -59.35 16.93 -31.51
N TYR O 87 -58.20 16.80 -30.84
CA TYR O 87 -56.96 16.36 -31.48
C TYR O 87 -56.32 15.23 -30.71
N CYS O 88 -55.70 14.32 -31.46
CA CYS O 88 -54.85 13.25 -30.94
C CYS O 88 -53.42 13.75 -30.85
N SER O 89 -52.66 13.17 -29.92
CA SER O 89 -51.21 13.30 -29.90
C SER O 89 -50.62 11.98 -29.45
N ALA O 90 -49.80 11.38 -30.31
CA ALA O 90 -49.13 10.13 -30.00
C ALA O 90 -47.62 10.34 -29.99
N TYR O 91 -46.96 9.72 -29.01
CA TYR O 91 -45.50 9.69 -28.97
C TYR O 91 -45.01 8.57 -29.88
N ALA O 92 -44.08 8.91 -30.78
CA ALA O 92 -43.68 8.02 -31.88
C ALA O 92 -42.18 7.77 -31.92
N GLY O 93 -41.51 7.78 -30.79
CA GLY O 93 -40.11 7.39 -30.69
C GLY O 93 -39.18 8.57 -30.45
N ARG O 94 -37.91 8.36 -30.79
CA ARG O 94 -36.86 9.35 -30.61
C ARG O 94 -36.46 10.08 -31.88
N GLN O 95 -36.59 9.43 -33.05
CA GLN O 95 -36.28 10.11 -34.31
C GLN O 95 -37.38 11.06 -34.72
N THR O 96 -38.59 10.83 -34.22
CA THR O 96 -39.70 11.77 -34.26
C THR O 96 -40.39 11.61 -32.92
N PHE O 97 -41.06 12.66 -32.45
CA PHE O 97 -41.60 12.66 -31.10
C PHE O 97 -43.13 12.64 -31.11
N TYR O 98 -43.77 13.73 -31.51
CA TYR O 98 -45.22 13.86 -31.40
C TYR O 98 -45.86 13.96 -32.78
N ILE O 99 -46.84 13.09 -33.01
CA ILE O 99 -47.65 13.11 -34.22
C ILE O 99 -49.08 13.40 -33.81
N PHE O 100 -49.67 14.41 -34.45
CA PHE O 100 -51.04 14.82 -34.21
C PHE O 100 -51.93 14.32 -35.34
N GLY O 101 -53.20 14.06 -35.01
CA GLY O 101 -54.20 13.78 -36.01
C GLY O 101 -54.92 15.05 -36.42
N GLY O 102 -55.84 14.90 -37.36
CA GLY O 102 -56.67 16.00 -37.76
C GLY O 102 -57.71 16.32 -36.72
N GLY O 103 -58.37 17.46 -36.89
CA GLY O 103 -59.37 17.87 -35.93
C GLY O 103 -60.69 17.17 -36.17
N THR O 104 -61.43 16.99 -35.08
CA THR O 104 -62.76 16.40 -35.12
C THR O 104 -63.75 17.48 -34.68
N ARG O 105 -64.67 17.83 -35.57
CA ARG O 105 -65.67 18.84 -35.24
C ARG O 105 -66.81 18.17 -34.49
N LEU O 106 -67.01 18.58 -33.23
CA LEU O 106 -68.08 18.08 -32.40
C LEU O 106 -69.20 19.12 -32.40
N THR O 107 -70.40 18.70 -32.80
CA THR O 107 -71.58 19.54 -32.79
C THR O 107 -72.65 18.92 -31.89
N VAL O 108 -73.43 19.81 -31.27
CA VAL O 108 -74.48 19.41 -30.34
C VAL O 108 -75.76 20.15 -30.69
N ALA P 3 -35.94 -1.10 49.77
CA ALA P 3 -36.75 -0.31 48.86
C ALA P 3 -37.39 -1.14 47.75
N LEU P 4 -37.04 -2.43 47.67
CA LEU P 4 -37.62 -3.37 46.70
C LEU P 4 -38.30 -4.47 47.50
N THR P 5 -39.52 -4.20 47.94
CA THR P 5 -40.26 -5.16 48.75
C THR P 5 -40.56 -6.42 47.95
N GLN P 6 -40.61 -7.54 48.65
CA GLN P 6 -40.86 -8.85 48.06
C GLN P 6 -41.75 -9.62 49.03
N PRO P 7 -42.56 -10.56 48.57
CA PRO P 7 -43.31 -11.39 49.51
C PRO P 7 -42.37 -12.12 50.44
N PRO P 8 -42.81 -12.46 51.67
CA PRO P 8 -41.93 -13.24 52.55
C PRO P 8 -41.75 -14.67 52.09
N SER P 9 -42.76 -15.26 51.43
CA SER P 9 -42.67 -16.65 51.01
C SER P 9 -43.65 -16.90 49.87
N ALA P 10 -43.33 -17.90 49.05
CA ALA P 10 -44.17 -18.34 47.96
C ALA P 10 -44.20 -19.87 47.98
N SER P 11 -45.20 -20.45 47.31
CA SER P 11 -45.40 -21.89 47.37
C SER P 11 -46.00 -22.40 46.06
N GLY P 12 -45.57 -23.59 45.66
CA GLY P 12 -46.08 -24.25 44.47
C GLY P 12 -46.08 -25.76 44.63
N SER P 13 -46.70 -26.43 43.64
CA SER P 13 -46.78 -27.89 43.55
C SER P 13 -45.97 -28.38 42.34
N PRO P 14 -45.28 -29.52 42.41
CA PRO P 14 -44.52 -29.98 41.23
C PRO P 14 -45.40 -30.12 40.00
N GLY P 15 -44.94 -29.50 38.90
CA GLY P 15 -45.64 -29.48 37.64
C GLY P 15 -46.28 -28.14 37.29
N GLN P 16 -46.76 -27.41 38.30
CA GLN P 16 -47.40 -26.12 38.05
C GLN P 16 -46.33 -25.02 38.06
N SER P 17 -46.77 -23.76 38.11
CA SER P 17 -45.87 -22.62 38.03
C SER P 17 -46.09 -21.70 39.23
N VAL P 18 -45.04 -20.94 39.56
CA VAL P 18 -45.06 -19.97 40.65
C VAL P 18 -44.67 -18.63 40.07
N THR P 19 -45.10 -17.56 40.75
CA THR P 19 -44.82 -16.20 40.33
C THR P 19 -44.44 -15.38 41.56
N ILE P 20 -43.23 -14.82 41.54
CA ILE P 20 -42.74 -13.95 42.60
C ILE P 20 -42.81 -12.53 42.09
N SER P 21 -43.19 -11.59 42.97
CA SER P 21 -43.37 -10.19 42.61
C SER P 21 -42.41 -9.33 43.42
N CYS P 22 -41.83 -8.32 42.77
CA CYS P 22 -40.98 -7.33 43.42
C CYS P 22 -41.63 -5.98 43.19
N THR P 23 -41.84 -5.23 44.26
CA THR P 23 -42.52 -3.94 44.22
C THR P 23 -41.58 -2.86 44.71
N GLY P 24 -41.48 -1.77 43.95
CA GLY P 24 -40.54 -0.70 44.22
C GLY P 24 -41.27 0.53 44.75
N THR P 25 -40.79 1.03 45.89
CA THR P 25 -41.38 2.23 46.48
C THR P 25 -41.21 3.44 45.57
N SER P 26 -40.02 3.60 44.98
CA SER P 26 -39.74 4.75 44.14
C SER P 26 -40.67 4.79 42.92
N SER P 27 -40.68 5.93 42.25
CA SER P 27 -41.47 6.08 41.04
C SER P 27 -40.84 5.27 39.91
N ASP P 28 -41.54 5.24 38.77
CA ASP P 28 -41.03 4.51 37.62
C ASP P 28 -39.73 5.13 37.12
N VAL P 29 -39.78 6.42 36.73
CA VAL P 29 -38.67 7.23 36.22
C VAL P 29 -37.68 6.44 35.34
N GLY P 30 -38.19 5.47 34.58
CA GLY P 30 -37.39 4.66 33.68
C GLY P 30 -36.13 4.08 34.30
N GLY P 31 -36.16 3.79 35.60
CA GLY P 31 -35.04 3.18 36.31
C GLY P 31 -35.15 1.66 36.40
N TYR P 32 -36.23 1.05 35.92
CA TYR P 32 -36.48 -0.37 36.08
C TYR P 32 -36.07 -1.18 34.86
N ASN P 33 -35.32 -0.57 33.93
CA ASN P 33 -34.84 -1.31 32.77
C ASN P 33 -33.91 -2.44 33.19
N TYR P 34 -33.10 -2.20 34.22
CA TYR P 34 -32.08 -3.13 34.68
C TYR P 34 -32.51 -3.70 36.02
N VAL P 35 -33.36 -4.73 35.96
CA VAL P 35 -33.81 -5.47 37.14
C VAL P 35 -33.40 -6.92 36.94
N SER P 36 -32.54 -7.42 37.83
CA SER P 36 -32.02 -8.78 37.80
C SER P 36 -32.61 -9.58 38.94
N TRP P 37 -32.51 -10.90 38.81
CA TRP P 37 -33.00 -11.84 39.81
C TRP P 37 -31.87 -12.79 40.19
N TYR P 38 -31.88 -13.21 41.46
CA TYR P 38 -30.87 -14.10 42.02
C TYR P 38 -31.55 -15.27 42.71
N GLN P 39 -30.87 -16.41 42.69
CA GLN P 39 -31.33 -17.65 43.33
C GLN P 39 -30.22 -18.12 44.26
N GLN P 40 -30.55 -18.24 45.55
CA GLN P 40 -29.61 -18.59 46.60
C GLN P 40 -30.03 -19.91 47.23
N HIS P 41 -29.57 -21.02 46.65
CA HIS P 41 -29.66 -22.31 47.29
C HIS P 41 -29.00 -22.24 48.67
N PRO P 42 -29.73 -22.62 49.79
CA PRO P 42 -29.13 -22.53 51.14
C PRO P 42 -27.72 -23.08 51.24
N GLY P 43 -26.78 -22.25 51.70
CA GLY P 43 -25.41 -22.65 51.95
C GLY P 43 -24.41 -22.13 50.95
N LYS P 44 -24.85 -21.77 49.74
CA LYS P 44 -23.99 -21.36 48.64
C LYS P 44 -24.16 -19.87 48.37
N ALA P 45 -23.49 -19.38 47.33
CA ALA P 45 -23.51 -17.99 46.90
C ALA P 45 -24.54 -17.79 45.79
N PRO P 46 -25.30 -16.68 45.79
CA PRO P 46 -26.37 -16.51 44.78
C PRO P 46 -25.88 -16.70 43.35
N LYS P 47 -26.80 -17.15 42.49
CA LYS P 47 -26.58 -17.28 41.06
C LYS P 47 -27.66 -16.46 40.36
N VAL P 48 -27.38 -16.05 39.11
CA VAL P 48 -28.23 -15.11 38.38
C VAL P 48 -29.13 -15.90 37.44
N ILE P 49 -30.44 -15.72 37.59
CA ILE P 49 -31.44 -16.39 36.76
C ILE P 49 -31.99 -15.48 35.68
N ILE P 50 -32.25 -14.20 35.99
CA ILE P 50 -32.72 -13.22 35.03
C ILE P 50 -31.85 -11.98 35.15
N TYR P 51 -31.55 -11.34 34.02
CA TYR P 51 -30.84 -10.06 34.00
C TYR P 51 -31.54 -9.14 33.01
N GLU P 52 -31.77 -7.88 33.42
CA GLU P 52 -32.50 -6.88 32.62
C GLU P 52 -33.93 -7.33 32.32
N VAL P 53 -34.63 -7.73 33.37
CA VAL P 53 -36.07 -8.02 33.38
C VAL P 53 -36.40 -9.36 32.73
N SER P 54 -35.92 -9.62 31.52
CA SER P 54 -36.36 -10.79 30.78
C SER P 54 -35.26 -11.34 29.87
N LYS P 55 -34.01 -11.34 30.34
CA LYS P 55 -32.92 -12.03 29.65
C LYS P 55 -32.39 -13.12 30.56
N ARG P 56 -31.79 -14.14 29.95
CA ARG P 56 -31.34 -15.33 30.65
C ARG P 56 -29.84 -15.55 30.42
N PRO P 57 -29.03 -15.73 31.47
CA PRO P 57 -27.65 -16.16 31.25
C PRO P 57 -27.61 -17.48 30.51
N SER P 58 -26.64 -17.61 29.60
CA SER P 58 -26.43 -18.86 28.88
C SER P 58 -26.21 -20.01 29.87
N GLY P 59 -27.00 -21.07 29.72
CA GLY P 59 -26.99 -22.20 30.63
C GLY P 59 -28.07 -22.19 31.67
N VAL P 60 -29.00 -21.24 31.62
CA VAL P 60 -30.11 -21.14 32.57
C VAL P 60 -31.35 -21.70 31.88
N PRO P 61 -32.12 -22.59 32.51
CA PRO P 61 -33.26 -23.18 31.82
C PRO P 61 -34.37 -22.19 31.56
N ASP P 62 -35.11 -22.44 30.48
CA ASP P 62 -36.17 -21.56 30.02
C ASP P 62 -37.30 -21.41 31.06
N ARG P 63 -37.35 -22.30 32.06
CA ARG P 63 -38.39 -22.24 33.10
C ARG P 63 -38.44 -20.89 33.78
N PHE P 64 -37.29 -20.35 34.15
CA PHE P 64 -37.24 -19.03 34.79
C PHE P 64 -37.49 -17.96 33.74
N SER P 65 -38.51 -17.11 33.97
CA SER P 65 -38.78 -16.04 33.01
C SER P 65 -39.56 -14.93 33.70
N GLY P 66 -39.00 -13.72 33.72
CA GLY P 66 -39.64 -12.58 34.33
C GLY P 66 -40.08 -11.51 33.33
N SER P 67 -40.94 -10.62 33.83
CA SER P 67 -41.40 -9.47 33.07
C SER P 67 -41.55 -8.29 34.05
N LYS P 68 -42.23 -7.24 33.60
CA LYS P 68 -42.33 -6.00 34.36
C LYS P 68 -43.64 -5.30 34.02
N SER P 69 -44.14 -4.51 34.98
CA SER P 69 -45.34 -3.71 34.79
C SER P 69 -45.23 -2.49 35.70
N GLY P 70 -44.80 -1.37 35.13
CA GLY P 70 -44.73 -0.13 35.88
C GLY P 70 -43.73 -0.24 37.02
N ASN P 71 -44.24 -0.07 38.24
CA ASN P 71 -43.39 -0.19 39.42
C ASN P 71 -43.05 -1.65 39.69
N THR P 72 -43.99 -2.55 39.45
CA THR P 72 -43.80 -3.94 39.84
C THR P 72 -42.99 -4.68 38.76
N ALA P 73 -42.41 -5.80 39.17
CA ALA P 73 -41.65 -6.63 38.23
C ALA P 73 -41.56 -8.01 38.83
N SER P 74 -41.83 -9.04 38.01
CA SER P 74 -42.06 -10.36 38.54
C SER P 74 -41.26 -11.41 37.79
N LEU P 75 -40.97 -12.50 38.50
CA LEU P 75 -40.39 -13.71 37.96
C LEU P 75 -41.47 -14.78 37.91
N THR P 76 -41.35 -15.70 36.95
CA THR P 76 -42.26 -16.84 36.80
C THR P 76 -41.41 -18.08 36.67
N VAL P 77 -41.42 -18.90 37.72
CA VAL P 77 -40.77 -20.21 37.72
C VAL P 77 -41.81 -21.19 37.22
N SER P 78 -41.81 -21.45 35.90
CA SER P 78 -42.78 -22.32 35.25
C SER P 78 -42.15 -23.69 35.03
N GLY P 79 -42.63 -24.70 35.75
CA GLY P 79 -42.11 -26.05 35.68
C GLY P 79 -41.42 -26.46 36.97
N LEU P 80 -41.91 -25.93 38.07
CA LEU P 80 -41.39 -26.15 39.42
C LEU P 80 -41.03 -27.60 39.70
N GLN P 81 -39.76 -27.81 40.03
CA GLN P 81 -39.17 -29.07 40.46
C GLN P 81 -38.93 -29.05 41.97
N ALA P 82 -38.09 -29.96 42.45
CA ALA P 82 -37.69 -30.04 43.86
C ALA P 82 -36.35 -29.39 44.15
N ASP P 83 -35.60 -28.99 43.11
CA ASP P 83 -34.39 -28.19 43.23
C ASP P 83 -34.66 -26.70 43.14
N ASP P 84 -35.86 -26.26 43.57
CA ASP P 84 -36.25 -24.86 43.59
C ASP P 84 -36.49 -24.34 45.01
N GLU P 85 -35.92 -24.99 46.03
CA GLU P 85 -36.04 -24.53 47.41
C GLU P 85 -34.84 -23.63 47.72
N ALA P 86 -34.95 -22.39 47.25
CA ALA P 86 -33.89 -21.40 47.40
C ALA P 86 -34.49 -20.10 47.91
N ASP P 87 -33.68 -19.05 47.95
CA ASP P 87 -34.13 -17.70 48.26
C ASP P 87 -33.99 -16.86 47.01
N TYR P 88 -35.09 -16.27 46.54
CA TYR P 88 -35.12 -15.50 45.30
C TYR P 88 -35.14 -14.01 45.61
N TYR P 89 -34.17 -13.27 45.06
CA TYR P 89 -33.97 -11.86 45.36
C TYR P 89 -34.00 -11.01 44.09
N CYS P 90 -34.77 -9.91 44.12
CA CYS P 90 -34.80 -8.95 43.03
C CYS P 90 -33.81 -7.84 43.31
N SER P 91 -33.07 -7.43 42.28
CA SER P 91 -32.06 -6.38 42.37
C SER P 91 -32.30 -5.34 41.29
N SER P 92 -32.14 -4.08 41.68
CA SER P 92 -32.10 -2.92 40.77
C SER P 92 -30.81 -2.21 41.17
N TYR P 93 -29.72 -2.52 40.44
CA TYR P 93 -28.42 -1.94 40.75
C TYR P 93 -27.93 -2.46 42.10
N GLU P 94 -27.97 -1.63 43.13
CA GLU P 94 -27.39 -1.94 44.43
C GLU P 94 -28.41 -2.46 45.44
N VAL P 95 -29.60 -1.86 45.54
CA VAL P 95 -30.75 -2.49 46.19
C VAL P 95 -30.84 -3.97 45.86
N PHE P 96 -31.13 -4.78 46.87
CA PHE P 96 -31.48 -6.18 46.74
C PHE P 96 -32.92 -6.33 47.21
N GLY P 97 -33.62 -7.35 46.74
CA GLY P 97 -34.96 -7.56 47.23
C GLY P 97 -34.95 -8.01 48.68
N THR P 98 -36.14 -8.06 49.27
CA THR P 98 -36.23 -8.50 50.66
C THR P 98 -36.05 -10.01 50.80
N GLY P 99 -36.50 -10.78 49.81
CA GLY P 99 -36.29 -12.23 49.77
C GLY P 99 -37.60 -13.00 49.85
N THR P 100 -37.73 -13.99 48.97
CA THR P 100 -38.86 -14.92 48.95
C THR P 100 -38.34 -16.35 49.00
N LYS P 101 -38.82 -17.11 49.98
CA LYS P 101 -38.47 -18.51 50.11
C LYS P 101 -39.53 -19.32 49.38
N VAL P 102 -39.14 -19.98 48.29
CA VAL P 102 -40.08 -20.73 47.46
C VAL P 102 -40.07 -22.15 48.01
N THR P 103 -41.16 -22.54 48.66
CA THR P 103 -41.32 -23.89 49.18
C THR P 103 -41.99 -24.81 48.15
N VAL P 104 -41.34 -25.95 47.89
CA VAL P 104 -41.92 -26.99 47.05
C VAL P 104 -42.85 -27.85 47.90
N LEU P 105 -43.96 -28.23 47.30
CA LEU P 105 -44.97 -29.07 47.94
C LEU P 105 -45.07 -30.43 47.25
N ASN Q 38 -40.88 -0.22 -16.41
CA ASN Q 38 -41.16 1.15 -15.98
C ASN Q 38 -39.91 1.77 -15.38
N LEU Q 39 -39.43 1.22 -14.26
CA LEU Q 39 -38.26 1.70 -13.56
C LEU Q 39 -37.12 0.70 -13.68
N TRP Q 40 -35.91 1.24 -13.73
CA TRP Q 40 -34.68 0.48 -13.98
C TRP Q 40 -33.64 0.86 -12.93
N VAL Q 41 -32.76 -0.09 -12.64
CA VAL Q 41 -31.70 0.14 -11.65
C VAL Q 41 -30.67 1.07 -12.26
N THR Q 42 -30.37 2.17 -11.58
CA THR Q 42 -29.32 3.10 -11.94
C THR Q 42 -28.31 3.14 -10.82
N VAL Q 43 -27.03 3.02 -11.17
CA VAL Q 43 -25.93 2.97 -10.22
C VAL Q 43 -25.36 4.37 -10.09
N TYR Q 44 -25.19 4.83 -8.86
CA TYR Q 44 -24.60 6.13 -8.55
C TYR Q 44 -23.35 5.91 -7.72
N TYR Q 45 -22.27 6.61 -8.07
CA TYR Q 45 -21.01 6.57 -7.36
C TYR Q 45 -20.66 7.97 -6.88
N GLY Q 46 -20.40 8.09 -5.59
CA GLY Q 46 -20.26 9.38 -4.94
C GLY Q 46 -21.43 9.72 -4.06
N VAL Q 47 -22.19 8.74 -3.62
CA VAL Q 47 -23.42 8.96 -2.84
C VAL Q 47 -23.05 9.45 -1.44
N PRO Q 48 -23.67 10.55 -0.92
CA PRO Q 48 -23.31 11.02 0.43
C PRO Q 48 -23.99 10.20 1.53
N VAL Q 49 -23.56 8.96 1.67
CA VAL Q 49 -24.07 8.01 2.66
C VAL Q 49 -22.90 7.48 3.46
N TRP Q 50 -23.15 7.17 4.73
CA TRP Q 50 -22.11 6.68 5.61
C TRP Q 50 -22.66 5.62 6.58
N LYS Q 51 -21.72 4.89 7.17
CA LYS Q 51 -21.98 3.86 8.17
C LYS Q 51 -21.12 4.14 9.40
N ASP Q 52 -21.57 3.61 10.54
CA ASP Q 52 -20.73 3.59 11.72
C ASP Q 52 -19.48 2.76 11.44
N ALA Q 53 -18.33 3.24 11.90
CA ALA Q 53 -17.09 2.52 11.66
C ALA Q 53 -16.10 2.73 12.79
N GLU Q 54 -15.10 1.87 12.81
CA GLU Q 54 -13.95 1.98 13.69
C GLU Q 54 -12.71 1.79 12.84
N THR Q 55 -11.84 2.79 12.81
CA THR Q 55 -10.63 2.76 12.01
C THR Q 55 -9.51 3.39 12.82
N THR Q 56 -8.33 3.48 12.20
CA THR Q 56 -7.16 4.08 12.84
C THR Q 56 -7.04 5.51 12.32
N LEU Q 57 -7.49 6.46 13.14
CA LEU Q 57 -7.36 7.87 12.81
C LEU Q 57 -5.92 8.31 13.01
N PHE Q 58 -5.43 9.17 12.13
CA PHE Q 58 -4.05 9.63 12.21
C PHE Q 58 -4.02 10.99 12.89
N CYS Q 59 -2.87 11.66 12.83
CA CYS Q 59 -2.53 12.77 13.71
C CYS Q 59 -2.19 14.01 12.90
N ALA Q 60 -2.53 15.17 13.45
CA ALA Q 60 -2.10 16.45 12.92
C ALA Q 60 -1.76 17.37 14.09
N SER Q 61 -0.60 18.01 14.03
CA SER Q 61 -0.18 19.00 15.02
C SER Q 61 0.48 20.17 14.32
N ASP Q 62 0.39 21.34 14.95
CA ASP Q 62 0.94 22.57 14.39
C ASP Q 62 2.44 22.43 14.11
N HIS Q 71 11.34 17.09 20.58
CA HIS Q 71 11.69 16.91 21.98
C HIS Q 71 10.42 16.95 22.83
N ASN Q 72 9.39 16.25 22.37
CA ASN Q 72 8.07 16.27 22.97
C ASN Q 72 7.63 14.85 23.30
N VAL Q 73 6.83 14.70 24.36
CA VAL Q 73 6.39 13.36 24.77
C VAL Q 73 5.53 12.73 23.69
N TRP Q 74 4.67 13.52 23.06
CA TRP Q 74 3.73 12.99 22.07
C TRP Q 74 4.34 12.91 20.68
N ALA Q 75 5.67 12.81 20.59
CA ALA Q 75 6.44 12.70 19.36
C ALA Q 75 6.42 14.01 18.59
N THR Q 76 5.29 14.31 17.94
CA THR Q 76 5.02 15.53 17.18
C THR Q 76 5.75 15.54 15.82
N HIS Q 77 6.97 14.98 15.76
CA HIS Q 77 7.66 14.86 14.47
C HIS Q 77 6.96 13.82 13.60
N ALA Q 78 6.59 12.67 14.20
CA ALA Q 78 5.86 11.65 13.46
C ALA Q 78 4.49 12.16 13.06
N CYS Q 79 3.83 12.90 13.95
CA CYS Q 79 2.51 13.44 13.68
C CYS Q 79 2.59 14.41 12.52
N VAL Q 80 1.63 14.33 11.61
CA VAL Q 80 1.64 15.06 10.34
C VAL Q 80 1.51 16.54 10.68
N PRO Q 81 2.11 17.48 9.94
CA PRO Q 81 1.82 18.89 10.21
C PRO Q 81 0.38 19.24 9.84
N THR Q 82 -0.20 20.13 10.65
CA THR Q 82 -1.58 20.57 10.46
C THR Q 82 -1.64 21.54 9.27
N ASP Q 83 -2.85 21.78 8.78
CA ASP Q 83 -3.11 22.67 7.64
C ASP Q 83 -3.86 23.90 8.10
N PRO Q 84 -3.48 25.11 7.69
CA PRO Q 84 -4.20 26.30 8.17
C PRO Q 84 -5.63 26.33 7.65
N ASN Q 85 -6.49 27.01 8.41
CA ASN Q 85 -7.90 27.23 8.07
C ASN Q 85 -8.63 25.93 7.68
N PRO Q 86 -8.55 24.89 8.52
CA PRO Q 86 -9.13 23.59 8.15
C PRO Q 86 -10.63 23.70 7.92
N GLN Q 87 -11.09 23.04 6.87
CA GLN Q 87 -12.48 23.19 6.45
C GLN Q 87 -13.44 22.53 7.43
N GLU Q 88 -14.53 23.22 7.70
CA GLU Q 88 -15.66 22.73 8.48
C GLU Q 88 -16.89 22.91 7.60
N ILE Q 89 -17.66 21.84 7.39
CA ILE Q 89 -18.82 21.90 6.52
C ILE Q 89 -20.04 21.53 7.35
N HIS Q 90 -21.05 22.39 7.35
CA HIS Q 90 -22.28 22.11 8.08
C HIS Q 90 -23.21 21.25 7.23
N LEU Q 91 -23.70 20.16 7.82
CA LEU Q 91 -24.62 19.25 7.15
C LEU Q 91 -26.02 19.66 7.57
N GLU Q 92 -26.77 20.23 6.63
CA GLU Q 92 -28.08 20.78 6.93
C GLU Q 92 -29.12 19.71 6.67
N ASN Q 93 -30.12 19.64 7.56
CA ASN Q 93 -31.21 18.68 7.52
C ASN Q 93 -30.77 17.27 7.86
N VAL Q 94 -29.61 17.11 8.51
CA VAL Q 94 -29.06 15.82 8.89
C VAL Q 94 -29.16 15.72 10.41
N THR Q 95 -29.78 14.64 10.89
CA THR Q 95 -29.80 14.29 12.30
C THR Q 95 -29.04 12.99 12.45
N GLU Q 96 -27.99 12.99 13.27
CA GLU Q 96 -27.11 11.84 13.43
C GLU Q 96 -27.06 11.42 14.88
N GLU Q 97 -27.19 10.11 15.14
CA GLU Q 97 -27.04 9.62 16.49
C GLU Q 97 -25.57 9.63 16.90
N PHE Q 98 -25.32 10.05 18.13
CA PHE Q 98 -23.98 10.10 18.71
C PHE Q 98 -24.01 9.36 20.05
N ASN Q 99 -22.99 8.53 20.27
CA ASN Q 99 -22.72 7.95 21.59
C ASN Q 99 -21.29 8.28 21.99
N MET Q 100 -21.12 9.09 23.03
CA MET Q 100 -19.79 9.30 23.57
C MET Q 100 -19.28 8.06 24.28
N TRP Q 101 -20.18 7.29 24.88
CA TRP Q 101 -19.81 6.17 25.75
C TRP Q 101 -19.48 4.90 24.98
N LYS Q 102 -19.52 4.94 23.65
CA LYS Q 102 -19.07 3.85 22.80
C LYS Q 102 -18.20 4.38 21.66
N ASN Q 103 -17.51 5.49 21.91
CA ASN Q 103 -16.72 6.18 20.89
C ASN Q 103 -15.32 5.57 20.87
N ASN Q 104 -14.94 4.99 19.73
CA ASN Q 104 -13.63 4.37 19.62
C ASN Q 104 -12.50 5.39 19.53
N MET Q 105 -12.81 6.68 19.40
CA MET Q 105 -11.77 7.70 19.42
C MET Q 105 -11.15 7.80 20.80
N VAL Q 106 -11.93 7.52 21.85
CA VAL Q 106 -11.40 7.58 23.21
C VAL Q 106 -10.43 6.42 23.44
N GLU Q 107 -10.81 5.22 23.00
CA GLU Q 107 -9.91 4.07 23.17
C GLU Q 107 -8.64 4.25 22.35
N GLN Q 108 -8.76 4.77 21.13
CA GLN Q 108 -7.57 5.00 20.33
C GLN Q 108 -6.68 6.04 20.97
N MET Q 109 -7.26 7.13 21.49
CA MET Q 109 -6.45 8.14 22.15
C MET Q 109 -5.76 7.58 23.38
N HIS Q 110 -6.45 6.74 24.14
CA HIS Q 110 -5.85 6.14 25.33
C HIS Q 110 -4.64 5.29 24.94
N THR Q 111 -4.82 4.42 23.94
CA THR Q 111 -3.72 3.58 23.48
C THR Q 111 -2.57 4.42 22.94
N ASP Q 112 -2.89 5.47 22.17
CA ASP Q 112 -1.85 6.29 21.57
C ASP Q 112 -1.05 7.05 22.61
N ILE Q 113 -1.72 7.60 23.63
CA ILE Q 113 -0.98 8.34 24.65
C ILE Q 113 -0.09 7.39 25.45
N ILE Q 114 -0.58 6.19 25.78
CA ILE Q 114 0.25 5.25 26.53
C ILE Q 114 1.47 4.83 25.69
N SER Q 115 1.23 4.52 24.41
CA SER Q 115 2.33 4.12 23.54
C SER Q 115 3.34 5.24 23.34
N LEU Q 116 2.86 6.47 23.19
CA LEU Q 116 3.77 7.61 23.05
C LEU Q 116 4.60 7.80 24.30
N TRP Q 117 3.98 7.61 25.47
CA TRP Q 117 4.72 7.71 26.72
C TRP Q 117 5.84 6.66 26.79
N ASP Q 118 5.51 5.42 26.42
CA ASP Q 118 6.52 4.37 26.42
C ASP Q 118 7.64 4.68 25.43
N GLN Q 119 7.28 5.18 24.25
CA GLN Q 119 8.28 5.51 23.23
C GLN Q 119 9.18 6.65 23.69
N SER Q 120 8.62 7.63 24.39
CA SER Q 120 9.43 8.71 24.93
C SER Q 120 10.37 8.20 26.01
N LEU Q 121 9.93 7.22 26.79
CA LEU Q 121 10.76 6.70 27.88
C LEU Q 121 11.85 5.75 27.41
N LYS Q 122 11.64 5.06 26.29
CA LYS Q 122 12.60 4.05 25.82
C LYS Q 122 14.05 4.50 25.72
N PRO Q 123 14.39 5.63 25.08
CA PRO Q 123 15.80 6.00 24.92
C PRO Q 123 16.40 6.76 26.10
N CYS Q 124 15.72 6.89 27.23
CA CYS Q 124 16.21 7.68 28.33
C CYS Q 124 17.01 6.83 29.33
N VAL Q 125 17.75 7.51 30.20
CA VAL Q 125 18.66 6.84 31.13
C VAL Q 125 17.87 5.96 32.10
N LYS Q 126 18.29 4.71 32.22
CA LYS Q 126 17.72 3.79 33.21
C LYS Q 126 18.44 3.97 34.55
N LEU Q 127 17.66 3.98 35.63
CA LEU Q 127 18.17 4.17 36.99
C LEU Q 127 18.10 2.89 37.82
N THR Q 128 18.21 1.73 37.17
CA THR Q 128 18.34 0.48 37.92
C THR Q 128 19.47 0.48 38.96
N PRO Q 129 20.64 1.12 38.74
CA PRO Q 129 21.66 1.11 39.82
C PRO Q 129 21.21 1.78 41.10
N LEU Q 130 20.13 2.58 41.08
CA LEU Q 130 19.75 3.35 42.27
C LEU Q 130 19.11 2.50 43.35
N CYS Q 131 18.82 1.24 43.08
CA CYS Q 131 18.26 0.34 44.09
C CYS Q 131 19.40 -0.15 44.98
N VAL Q 132 19.81 0.73 45.90
CA VAL Q 132 20.81 0.44 46.90
C VAL Q 132 20.26 0.92 48.23
N THR Q 133 20.89 0.50 49.32
CA THR Q 133 20.49 0.98 50.63
C THR Q 133 20.77 2.47 50.74
N LEU Q 134 19.76 3.22 51.18
CA LEU Q 134 19.88 4.65 51.39
C LEU Q 134 19.92 4.91 52.89
N GLN Q 135 20.76 5.85 53.31
CA GLN Q 135 20.84 6.27 54.71
C GLN Q 135 20.25 7.67 54.79
N CYS Q 136 19.03 7.77 55.32
CA CYS Q 136 18.22 8.98 55.25
C CYS Q 136 18.06 9.60 56.62
N THR Q 137 18.25 10.92 56.68
CA THR Q 137 18.02 11.72 57.88
C THR Q 137 17.06 12.84 57.54
N ASN Q 138 16.57 13.52 58.56
CA ASN Q 138 15.66 14.64 58.37
C ASN Q 138 16.45 15.87 57.90
N VAL Q 139 15.82 16.66 57.03
CA VAL Q 139 16.47 17.86 56.52
C VAL Q 139 16.75 18.82 57.68
N THR Q 140 17.93 19.44 57.65
CA THR Q 140 18.41 20.27 58.76
C THR Q 140 18.24 21.76 58.53
N ASN Q 141 17.69 22.16 57.39
CA ASN Q 141 17.37 23.56 57.15
C ASN Q 141 16.16 23.96 57.99
N ASN Q 142 15.70 25.19 57.82
CA ASN Q 142 14.49 25.65 58.47
C ASN Q 142 13.30 25.19 57.65
N ILE Q 143 12.47 24.32 58.24
CA ILE Q 143 11.39 23.64 57.55
C ILE Q 143 10.07 24.00 58.25
N THR Q 144 9.08 24.38 57.46
CA THR Q 144 7.76 24.67 58.00
C THR Q 144 7.12 23.39 58.52
N ASP Q 145 6.20 23.57 59.48
CA ASP Q 145 5.53 22.40 60.07
C ASP Q 145 4.78 21.60 59.01
N ASP Q 146 4.21 22.28 58.01
CA ASP Q 146 3.56 21.61 56.89
C ASP Q 146 4.48 20.59 56.22
N MET Q 147 5.79 20.82 56.23
CA MET Q 147 6.75 20.03 55.49
C MET Q 147 7.71 19.25 56.39
N ARG Q 148 7.53 19.32 57.71
CA ARG Q 148 8.43 18.67 58.67
C ARG Q 148 8.24 17.15 58.56
N GLY Q 149 9.16 16.50 57.86
CA GLY Q 149 9.13 15.06 57.64
C GLY Q 149 8.69 14.61 56.27
N GLU Q 150 8.38 15.54 55.37
CA GLU Q 150 8.01 15.17 54.00
C GLU Q 150 9.23 14.96 53.12
N LEU Q 151 10.35 15.62 53.44
CA LEU Q 151 11.56 15.59 52.63
C LEU Q 151 12.71 15.08 53.47
N LYS Q 152 13.44 14.10 52.93
CA LYS Q 152 14.54 13.43 53.62
C LYS Q 152 15.84 13.58 52.84
N ASN Q 153 16.95 13.69 53.57
CA ASN Q 153 18.28 13.80 53.00
C ASN Q 153 18.94 12.43 53.06
N CYS Q 154 19.07 11.76 51.91
CA CYS Q 154 19.52 10.39 51.83
C CYS Q 154 20.91 10.33 51.18
N SER Q 155 21.82 9.61 51.82
CA SER Q 155 23.16 9.37 51.29
C SER Q 155 23.27 7.92 50.84
N PHE Q 156 24.08 7.71 49.80
CA PHE Q 156 24.23 6.38 49.23
C PHE Q 156 25.52 6.29 48.42
N ASN Q 157 25.93 5.05 48.18
CA ASN Q 157 27.10 4.72 47.38
C ASN Q 157 26.66 4.48 45.94
N MET Q 158 26.96 5.42 45.06
CA MET Q 158 26.56 5.37 43.66
C MET Q 158 27.72 4.87 42.81
N THR Q 159 27.38 4.30 41.66
CA THR Q 159 28.38 3.89 40.68
C THR Q 159 28.93 5.12 39.96
N THR Q 160 30.03 4.91 39.23
CA THR Q 160 30.69 5.95 38.46
C THR Q 160 30.93 5.43 37.04
N GLU Q 161 31.59 6.25 36.22
CA GLU Q 161 31.92 5.83 34.87
C GLU Q 161 32.92 4.68 34.84
N LEU Q 162 33.66 4.46 35.93
CA LEU Q 162 34.62 3.37 36.06
C LEU Q 162 34.01 2.29 36.94
N ARG Q 163 34.00 1.06 36.44
CA ARG Q 163 33.30 -0.02 37.14
C ARG Q 163 33.97 -0.43 38.44
N ASP Q 164 35.25 -0.06 38.63
CA ASP Q 164 35.98 -0.41 39.84
C ASP Q 164 35.99 0.70 40.88
N LYS Q 165 35.23 1.78 40.66
CA LYS Q 165 35.14 2.89 41.60
C LYS Q 165 33.68 3.16 41.95
N ARG Q 166 33.49 3.70 43.15
CA ARG Q 166 32.19 4.15 43.62
C ARG Q 166 32.35 5.53 44.26
N GLN Q 167 31.26 6.27 44.31
CA GLN Q 167 31.22 7.61 44.88
C GLN Q 167 30.18 7.67 45.99
N LYS Q 168 30.49 8.44 47.02
CA LYS Q 168 29.54 8.71 48.10
C LYS Q 168 28.80 10.00 47.76
N VAL Q 169 27.48 9.91 47.56
CA VAL Q 169 26.69 11.06 47.16
C VAL Q 169 25.47 11.13 48.06
N HIS Q 170 24.77 12.27 47.99
CA HIS Q 170 23.59 12.52 48.78
C HIS Q 170 22.57 13.25 47.93
N ALA Q 171 21.32 12.87 48.07
CA ALA Q 171 20.20 13.47 47.35
C ALA Q 171 19.01 13.63 48.28
N LEU Q 172 18.23 14.68 48.00
CA LEU Q 172 16.99 14.93 48.71
C LEU Q 172 15.87 14.15 48.03
N PHE Q 173 15.09 13.41 48.82
CA PHE Q 173 13.98 12.60 48.32
C PHE Q 173 12.72 12.90 49.12
N TYR Q 174 11.58 12.84 48.45
CA TYR Q 174 10.32 13.05 49.13
C TYR Q 174 9.90 11.80 49.91
N LYS Q 175 9.05 12.00 50.91
CA LYS Q 175 8.64 10.89 51.76
C LYS Q 175 7.71 9.92 51.04
N LEU Q 176 7.03 10.37 49.98
CA LEU Q 176 6.12 9.54 49.21
C LEU Q 176 6.85 8.74 48.12
N ASP Q 177 8.16 8.61 48.25
CA ASP Q 177 9.01 7.90 47.29
C ASP Q 177 10.03 7.02 47.99
N ILE Q 178 10.00 6.95 49.32
CA ILE Q 178 11.01 6.30 50.14
C ILE Q 178 10.27 5.37 51.10
N VAL Q 179 10.79 4.16 51.27
CA VAL Q 179 10.16 3.11 52.07
C VAL Q 179 11.17 2.67 53.12
N PRO Q 180 10.78 2.52 54.39
CA PRO Q 180 11.70 1.92 55.37
C PRO Q 180 12.05 0.48 55.00
N ILE Q 181 13.35 0.20 54.96
CA ILE Q 181 13.79 -1.16 54.62
C ILE Q 181 13.33 -2.15 55.69
N ASN Q 182 13.46 -1.78 56.96
CA ASN Q 182 13.03 -2.63 58.06
C ASN Q 182 12.29 -1.81 59.11
N GLU Q 183 11.43 -2.50 59.87
CA GLU Q 183 10.63 -1.83 60.88
C GLU Q 183 11.50 -1.20 61.97
N ASN Q 184 12.66 -1.79 62.26
CA ASN Q 184 13.53 -1.27 63.30
C ASN Q 184 14.09 0.09 62.87
N GLN Q 185 14.49 0.90 63.86
CA GLN Q 185 15.04 2.23 63.60
C GLN Q 185 16.52 2.08 63.26
N ASN Q 186 16.75 1.61 62.03
CA ASN Q 186 18.08 1.51 61.45
C ASN Q 186 18.41 2.71 60.56
N THR Q 187 17.42 3.52 60.20
CA THR Q 187 17.58 4.68 59.33
C THR Q 187 18.05 4.28 57.92
N SER Q 188 17.84 3.02 57.54
CA SER Q 188 18.14 2.54 56.20
C SER Q 188 16.84 2.44 55.41
N TYR Q 189 16.83 3.03 54.21
CA TYR Q 189 15.61 3.16 53.43
C TYR Q 189 15.90 2.76 51.99
N ARG Q 190 14.84 2.46 51.25
CA ARG Q 190 14.93 2.10 49.83
C ARG Q 190 13.93 2.92 49.03
N LEU Q 191 14.16 3.02 47.72
CA LEU Q 191 13.17 3.64 46.86
C LEU Q 191 11.91 2.77 46.83
N ILE Q 192 10.78 3.42 46.57
CA ILE Q 192 9.48 2.75 46.70
C ILE Q 192 9.30 1.64 45.67
N ASN Q 193 9.93 1.75 44.51
CA ASN Q 193 9.68 0.84 43.40
C ASN Q 193 10.64 -0.34 43.32
N CYS Q 194 11.70 -0.35 44.14
CA CYS Q 194 12.79 -1.31 43.95
C CYS Q 194 12.33 -2.76 44.03
N ASN Q 195 11.26 -3.04 44.75
CA ASN Q 195 10.84 -4.43 44.92
C ASN Q 195 9.94 -4.91 43.78
N THR Q 196 9.22 -4.00 43.11
CA THR Q 196 8.20 -4.36 42.15
C THR Q 196 8.48 -3.95 40.71
N ALA Q 197 9.32 -2.94 40.48
CA ALA Q 197 9.45 -2.40 39.12
C ALA Q 197 10.80 -1.74 38.91
N ALA Q 198 11.28 -1.84 37.67
CA ALA Q 198 12.43 -1.08 37.22
C ALA Q 198 12.04 0.37 36.98
N ILE Q 199 12.99 1.27 37.23
CA ILE Q 199 12.77 2.71 37.17
C ILE Q 199 13.65 3.32 36.07
N THR Q 200 13.04 4.19 35.25
CA THR Q 200 13.73 4.88 34.17
C THR Q 200 13.63 6.38 34.40
N GLN Q 201 14.74 7.09 34.22
CA GLN Q 201 14.73 8.55 34.37
C GLN Q 201 14.13 9.17 33.11
N ALA Q 202 13.25 10.14 33.29
CA ALA Q 202 12.74 10.90 32.15
C ALA Q 202 13.85 11.77 31.59
N CYS Q 203 13.89 11.90 30.27
CA CYS Q 203 14.89 12.75 29.63
C CYS Q 203 14.63 14.21 30.02
N PRO Q 204 15.60 14.93 30.57
CA PRO Q 204 15.32 16.34 30.95
C PRO Q 204 14.99 17.23 29.76
N LYS Q 205 15.35 16.85 28.54
CA LYS Q 205 15.12 17.69 27.38
C LYS Q 205 13.74 17.49 26.75
N VAL Q 206 12.90 16.63 27.33
CA VAL Q 206 11.58 16.34 26.81
C VAL Q 206 10.58 17.04 27.72
N SER Q 207 9.89 18.06 27.19
CA SER Q 207 8.96 18.83 27.99
C SER Q 207 7.69 18.04 28.24
N PHE Q 208 7.11 18.23 29.42
CA PHE Q 208 5.86 17.59 29.81
C PHE Q 208 4.66 18.49 29.59
N GLU Q 209 4.81 19.59 28.87
CA GLU Q 209 3.70 20.49 28.62
C GLU Q 209 2.77 19.85 27.58
N PRO Q 210 1.48 19.65 27.89
CA PRO Q 210 0.56 19.17 26.84
C PRO Q 210 0.43 20.20 25.72
N ILE Q 211 0.47 19.71 24.49
CA ILE Q 211 0.27 20.55 23.30
C ILE Q 211 -0.99 20.05 22.59
N PRO Q 212 -1.75 20.90 21.90
CA PRO Q 212 -2.95 20.40 21.22
C PRO Q 212 -2.57 19.44 20.10
N ILE Q 213 -3.35 18.36 19.98
CA ILE Q 213 -3.23 17.43 18.87
C ILE Q 213 -4.61 17.28 18.25
N HIS Q 214 -4.63 16.93 16.97
CA HIS Q 214 -5.84 16.77 16.18
C HIS Q 214 -5.89 15.36 15.64
N TYR Q 215 -7.05 14.71 15.75
CA TYR Q 215 -7.27 13.39 15.18
C TYR Q 215 -8.02 13.53 13.87
N CYS Q 216 -7.43 12.97 12.81
CA CYS Q 216 -7.89 13.15 11.45
C CYS Q 216 -8.28 11.80 10.85
N ALA Q 217 -9.37 11.81 10.06
CA ALA Q 217 -9.82 10.57 9.43
C ALA Q 217 -9.01 10.29 8.16
N PRO Q 218 -8.70 9.03 7.85
CA PRO Q 218 -8.13 8.72 6.54
C PRO Q 218 -9.18 8.83 5.45
N ALA Q 219 -8.70 8.85 4.20
CA ALA Q 219 -9.59 8.91 3.06
C ALA Q 219 -10.56 7.74 3.06
N GLY Q 220 -11.81 8.03 2.69
CA GLY Q 220 -12.89 7.07 2.81
C GLY Q 220 -13.63 7.10 4.13
N PHE Q 221 -13.15 7.89 5.09
CA PHE Q 221 -13.77 8.05 6.40
C PHE Q 221 -13.97 9.53 6.66
N ALA Q 222 -14.89 9.84 7.56
CA ALA Q 222 -15.18 11.22 7.93
C ALA Q 222 -15.45 11.32 9.42
N ILE Q 223 -15.13 12.48 9.98
CA ILE Q 223 -15.42 12.82 11.37
C ILE Q 223 -16.62 13.76 11.37
N LEU Q 224 -17.66 13.36 12.08
CA LEU Q 224 -18.87 14.15 12.27
C LEU Q 224 -18.82 14.79 13.65
N LYS Q 225 -19.12 16.07 13.69
CA LYS Q 225 -19.05 16.88 14.90
C LYS Q 225 -20.45 17.36 15.23
N CYS Q 226 -20.94 16.99 16.40
CA CYS Q 226 -22.22 17.50 16.89
C CYS Q 226 -22.04 18.94 17.35
N LYS Q 227 -22.81 19.85 16.76
CA LYS Q 227 -22.73 21.27 17.07
C LYS Q 227 -23.84 21.72 18.00
N ASP Q 228 -24.65 20.80 18.52
CA ASP Q 228 -25.68 21.17 19.47
C ASP Q 228 -25.00 21.59 20.77
N LYS Q 229 -25.45 22.71 21.32
CA LYS Q 229 -24.80 23.32 22.48
C LYS Q 229 -25.43 22.90 23.80
N LYS Q 230 -26.44 22.03 23.75
CA LYS Q 230 -27.10 21.48 24.92
C LYS Q 230 -27.20 19.97 24.75
N PHE Q 231 -26.11 19.37 24.29
CA PHE Q 231 -26.09 17.96 23.93
C PHE Q 231 -25.68 17.17 25.16
N ASN Q 232 -26.54 16.24 25.58
CA ASN Q 232 -26.31 15.49 26.81
C ASN Q 232 -25.37 14.32 26.60
N GLY Q 233 -24.80 14.16 25.40
CA GLY Q 233 -23.76 13.18 25.15
C GLY Q 233 -24.22 12.04 24.27
N THR Q 234 -25.43 11.55 24.49
CA THR Q 234 -25.97 10.38 23.82
C THR Q 234 -27.29 10.79 23.17
N GLY Q 235 -27.55 10.23 21.98
CA GLY Q 235 -28.82 10.43 21.32
C GLY Q 235 -28.69 11.14 19.98
N PRO Q 236 -29.82 11.40 19.32
CA PRO Q 236 -29.79 12.16 18.07
C PRO Q 236 -29.26 13.58 18.26
N CYS Q 237 -28.47 14.02 17.29
CA CYS Q 237 -27.93 15.38 17.21
C CYS Q 237 -28.49 16.02 15.95
N PRO Q 238 -29.37 17.02 16.03
CA PRO Q 238 -29.94 17.62 14.82
C PRO Q 238 -29.04 18.63 14.13
N SER Q 239 -27.89 18.97 14.70
CA SER Q 239 -26.99 19.99 14.16
C SER Q 239 -25.62 19.34 14.04
N VAL Q 240 -25.26 18.96 12.82
CA VAL Q 240 -24.10 18.12 12.54
C VAL Q 240 -23.22 18.83 11.52
N SER Q 241 -21.91 18.68 11.65
CA SER Q 241 -20.96 19.15 10.67
C SER Q 241 -19.94 18.04 10.40
N THR Q 242 -19.29 18.09 9.26
CA THR Q 242 -18.17 17.21 8.95
C THR Q 242 -16.88 18.03 8.98
N VAL Q 243 -15.85 17.43 9.59
CA VAL Q 243 -14.55 18.07 9.78
C VAL Q 243 -13.46 17.17 9.21
N GLN Q 244 -12.37 17.79 8.78
CA GLN Q 244 -11.18 17.02 8.43
C GLN Q 244 -10.55 16.40 9.66
N CYS Q 245 -10.53 17.15 10.76
CA CYS Q 245 -9.87 16.72 11.99
C CYS Q 245 -10.63 17.32 13.17
N THR Q 246 -10.36 16.78 14.36
CA THR Q 246 -10.95 17.34 15.55
C THR Q 246 -10.26 18.66 15.90
N HIS Q 247 -10.81 19.37 16.88
CA HIS Q 247 -10.19 20.59 17.35
C HIS Q 247 -8.89 20.24 18.09
N GLY Q 248 -8.18 21.28 18.52
CA GLY Q 248 -6.95 21.04 19.25
C GLY Q 248 -7.25 20.53 20.64
N ILE Q 249 -6.92 19.28 20.89
CA ILE Q 249 -7.17 18.60 22.17
C ILE Q 249 -5.83 18.42 22.84
N LYS Q 250 -5.67 19.02 24.02
CA LYS Q 250 -4.45 18.84 24.79
C LYS Q 250 -4.58 17.60 25.65
N PRO Q 251 -3.70 16.59 25.51
CA PRO Q 251 -3.89 15.37 26.34
C PRO Q 251 -3.41 15.60 27.77
N VAL Q 252 -4.17 16.41 28.50
CA VAL Q 252 -3.83 16.75 29.88
C VAL Q 252 -4.18 15.56 30.76
N VAL Q 253 -3.21 15.12 31.56
CA VAL Q 253 -3.39 13.99 32.47
C VAL Q 253 -3.65 14.55 33.85
N SER Q 254 -4.84 14.29 34.38
CA SER Q 254 -5.20 14.74 35.72
C SER Q 254 -6.36 13.90 36.21
N THR Q 255 -6.59 13.95 37.52
CA THR Q 255 -7.73 13.30 38.14
C THR Q 255 -8.56 14.32 38.91
N GLN Q 256 -9.86 14.04 39.01
CA GLN Q 256 -10.87 14.77 39.76
C GLN Q 256 -11.24 16.14 39.19
N LEU Q 257 -10.31 16.84 38.57
CA LEU Q 257 -10.54 18.10 37.89
C LEU Q 257 -10.05 17.98 36.45
N LEU Q 258 -10.86 18.42 35.50
CA LEU Q 258 -10.45 18.49 34.11
C LEU Q 258 -9.82 19.86 33.88
N LEU Q 259 -8.57 19.87 33.44
CA LEU Q 259 -7.80 21.11 33.30
C LEU Q 259 -7.54 21.40 31.83
N ASN Q 260 -7.58 22.71 31.50
CA ASN Q 260 -7.24 23.20 30.16
C ASN Q 260 -8.06 22.49 29.07
N GLY Q 261 -9.33 22.24 29.36
CA GLY Q 261 -10.23 21.60 28.43
C GLY Q 261 -11.15 22.58 27.73
N SER Q 262 -12.18 22.04 27.10
CA SER Q 262 -13.20 22.83 26.43
C SER Q 262 -14.29 23.23 27.42
N LEU Q 263 -14.85 24.41 27.20
CA LEU Q 263 -15.94 24.95 28.01
C LEU Q 263 -17.28 24.72 27.33
N ALA Q 264 -18.31 24.56 28.15
CA ALA Q 264 -19.66 24.48 27.62
C ALA Q 264 -20.08 25.84 27.09
N GLU Q 265 -20.82 25.83 25.98
CA GLU Q 265 -21.11 27.08 25.29
C GLU Q 265 -22.03 27.99 26.10
N GLU Q 266 -23.08 27.42 26.71
CA GLU Q 266 -24.06 28.21 27.45
C GLU Q 266 -24.18 27.81 28.91
N GLU Q 267 -24.45 26.54 29.21
CA GLU Q 267 -24.76 26.07 30.55
C GLU Q 267 -23.85 24.92 30.93
N VAL Q 268 -23.74 24.69 32.24
CA VAL Q 268 -22.97 23.55 32.73
C VAL Q 268 -23.65 22.27 32.26
N MET Q 269 -22.86 21.36 31.70
CA MET Q 269 -23.37 20.11 31.15
C MET Q 269 -23.04 18.95 32.07
N ILE Q 270 -24.04 18.13 32.38
CA ILE Q 270 -23.91 16.94 33.20
C ILE Q 270 -24.10 15.75 32.27
N ARG Q 271 -23.05 14.93 32.12
CA ARG Q 271 -23.07 13.79 31.21
C ARG Q 271 -22.72 12.51 31.97
N SER Q 272 -23.55 11.49 31.81
CA SER Q 272 -23.31 10.20 32.45
C SER Q 272 -23.90 9.11 31.56
N LYS Q 273 -23.21 7.98 31.49
CA LYS Q 273 -23.70 6.87 30.68
C LYS Q 273 -25.04 6.38 31.21
N ASP Q 274 -25.19 6.34 32.54
CA ASP Q 274 -26.46 6.00 33.17
C ASP Q 274 -26.50 6.77 34.49
N ILE Q 275 -27.29 7.83 34.54
CA ILE Q 275 -27.34 8.68 35.72
C ILE Q 275 -27.93 7.95 36.93
N ARG Q 276 -28.63 6.84 36.70
CA ARG Q 276 -29.15 6.01 37.79
C ARG Q 276 -28.14 4.98 38.27
N ASN Q 277 -27.00 4.84 37.60
CA ASN Q 277 -25.98 3.84 37.91
C ASN Q 277 -24.84 4.53 38.63
N ASN Q 278 -24.69 4.25 39.94
CA ASN Q 278 -23.65 4.89 40.72
C ASN Q 278 -22.26 4.34 40.42
N ALA Q 279 -22.15 3.26 39.64
CA ALA Q 279 -20.85 2.74 39.25
C ALA Q 279 -20.24 3.48 38.07
N LYS Q 280 -20.98 4.39 37.44
CA LYS Q 280 -20.49 5.18 36.32
C LYS Q 280 -20.24 6.62 36.75
N ASN Q 281 -19.23 7.23 36.14
CA ASN Q 281 -18.81 8.57 36.51
C ASN Q 281 -19.66 9.61 35.81
N ILE Q 282 -19.79 10.74 36.48
CA ILE Q 282 -20.52 11.90 35.98
C ILE Q 282 -19.47 12.92 35.55
N LEU Q 283 -19.50 13.29 34.28
CA LEU Q 283 -18.60 14.28 33.72
C LEU Q 283 -19.33 15.61 33.70
N VAL Q 284 -18.78 16.60 34.41
CA VAL Q 284 -19.35 17.92 34.52
C VAL Q 284 -18.47 18.82 33.66
N GLN Q 285 -19.08 19.49 32.69
CA GLN Q 285 -18.39 20.45 31.82
C GLN Q 285 -18.87 21.84 32.18
N PHE Q 286 -17.93 22.70 32.57
CA PHE Q 286 -18.25 24.06 32.98
C PHE Q 286 -18.48 24.93 31.77
N ASN Q 287 -19.32 25.96 31.96
CA ASN Q 287 -19.50 27.00 30.96
C ASN Q 287 -18.63 28.22 31.22
N THR Q 288 -17.90 28.24 32.35
CA THR Q 288 -16.97 29.30 32.70
C THR Q 288 -15.80 28.59 33.38
N PRO Q 289 -14.55 28.94 33.09
CA PRO Q 289 -13.44 28.28 33.77
C PRO Q 289 -13.24 28.84 35.16
N VAL Q 290 -12.67 28.00 36.03
CA VAL Q 290 -12.25 28.41 37.37
C VAL Q 290 -10.73 28.40 37.38
N GLN Q 291 -10.13 29.56 37.65
CA GLN Q 291 -8.69 29.67 37.59
C GLN Q 291 -8.07 29.05 38.84
N ILE Q 292 -7.08 28.19 38.64
CA ILE Q 292 -6.37 27.53 39.73
C ILE Q 292 -4.89 27.84 39.58
N ASN Q 293 -4.28 28.35 40.65
CA ASN Q 293 -2.88 28.75 40.67
C ASN Q 293 -2.10 27.81 41.58
N CYS Q 294 -1.29 26.95 40.98
CA CYS Q 294 -0.52 25.93 41.70
C CYS Q 294 0.95 26.29 41.67
N THR Q 295 1.61 26.22 42.83
CA THR Q 295 3.01 26.58 42.95
C THR Q 295 3.76 25.56 43.78
N ARG Q 296 5.03 25.37 43.42
CA ARG Q 296 5.99 24.70 44.29
C ARG Q 296 6.93 25.79 44.81
N PRO Q 297 6.70 26.34 46.01
CA PRO Q 297 7.43 27.55 46.41
C PRO Q 297 8.94 27.37 46.51
N ASN Q 298 9.41 26.17 46.82
CA ASN Q 298 10.82 25.93 47.06
C ASN Q 298 11.66 26.26 45.83
N ASN Q 299 12.73 27.03 46.01
CA ASN Q 299 13.75 27.17 44.99
C ASN Q 299 14.58 25.89 44.96
N ASN Q 300 14.78 25.33 43.76
CA ASN Q 300 15.36 24.01 43.61
C ASN Q 300 16.55 24.04 42.67
N THR Q 301 17.48 23.14 42.94
CA THR Q 301 18.70 22.96 42.16
C THR Q 301 18.70 21.55 41.56
N ARG Q 302 19.41 21.39 40.45
CA ARG Q 302 19.56 20.11 39.76
C ARG Q 302 21.02 19.71 39.81
N LYS Q 303 21.32 18.66 40.56
CA LYS Q 303 22.67 18.14 40.71
C LYS Q 303 22.84 16.94 39.78
N SER Q 304 23.89 16.97 38.98
CA SER Q 304 24.14 15.94 37.98
C SER Q 304 25.22 15.00 38.50
N ILE Q 305 24.89 13.70 38.56
CA ILE Q 305 25.80 12.67 39.05
C ILE Q 305 26.05 11.71 37.90
N ARG Q 306 27.31 11.47 37.59
CA ARG Q 306 27.66 10.52 36.54
C ARG Q 306 27.60 9.11 37.11
N ILE Q 307 26.66 8.31 36.60
CA ILE Q 307 26.44 6.95 37.08
C ILE Q 307 26.94 5.90 36.10
N GLY Q 308 27.24 6.28 34.85
CA GLY Q 308 27.74 5.37 33.87
C GLY Q 308 28.65 6.11 32.91
N PRO Q 309 29.17 5.41 31.88
CA PRO Q 309 30.07 6.06 30.92
C PRO Q 309 29.47 7.31 30.28
N GLY Q 310 28.17 7.31 30.02
CA GLY Q 310 27.49 8.48 29.45
C GLY Q 310 26.11 8.70 30.02
N GLN Q 311 25.89 8.23 31.24
CA GLN Q 311 24.57 8.26 31.88
C GLN Q 311 24.63 9.20 33.08
N TRP Q 312 23.69 10.14 33.14
CA TRP Q 312 23.59 11.10 34.22
C TRP Q 312 22.30 10.90 35.00
N PHE Q 313 22.41 10.98 36.32
CA PHE Q 313 21.27 10.96 37.23
C PHE Q 313 21.13 12.35 37.84
N TYR Q 314 19.91 12.87 37.85
CA TYR Q 314 19.63 14.24 38.28
C TYR Q 314 18.92 14.21 39.62
N ALA Q 315 19.63 14.66 40.65
CA ALA Q 315 19.14 14.69 42.02
C ALA Q 315 18.74 16.11 42.41
N THR Q 316 17.83 16.19 43.40
CA THR Q 316 17.40 17.49 43.90
C THR Q 316 18.57 18.24 44.54
N GLY Q 317 19.38 17.55 45.34
CA GLY Q 317 20.54 18.17 45.94
C GLY Q 317 20.22 19.00 47.18
N ASP Q 318 19.68 20.19 46.99
CA ASP Q 318 19.41 21.09 48.11
C ASP Q 318 18.35 22.11 47.70
N ILE Q 319 17.93 22.91 48.67
CA ILE Q 319 16.97 23.99 48.47
C ILE Q 319 17.61 25.27 48.98
N ILE Q 320 17.57 26.31 48.14
CA ILE Q 320 18.07 27.63 48.50
C ILE Q 320 16.93 28.40 49.14
N GLY Q 321 17.18 28.97 50.30
CA GLY Q 321 16.14 29.64 51.05
C GLY Q 321 15.37 28.66 51.93
N ASP Q 322 14.13 29.04 52.23
CA ASP Q 322 13.31 28.26 53.13
C ASP Q 322 12.64 27.11 52.38
N ILE Q 323 11.98 26.24 53.14
CA ILE Q 323 11.28 25.08 52.61
C ILE Q 323 9.81 25.26 52.94
N ARG Q 324 8.98 25.29 51.90
CA ARG Q 324 7.54 25.54 52.04
C ARG Q 324 6.77 24.53 51.20
N GLN Q 325 5.55 24.25 51.62
CA GLN Q 325 4.72 23.23 50.98
C GLN Q 325 4.15 23.74 49.66
N ALA Q 326 4.15 22.86 48.65
CA ALA Q 326 3.49 23.17 47.39
C ALA Q 326 1.98 23.20 47.60
N HIS Q 327 1.30 24.06 46.85
CA HIS Q 327 -0.13 24.24 47.09
C HIS Q 327 -0.80 24.84 45.87
N CYS Q 328 -2.13 24.75 45.85
CA CYS Q 328 -2.96 25.36 44.81
C CYS Q 328 -3.98 26.29 45.43
N ASN Q 329 -4.20 27.44 44.80
CA ASN Q 329 -5.19 28.42 45.23
C ASN Q 329 -6.29 28.49 44.20
N VAL Q 330 -7.54 28.50 44.67
CA VAL Q 330 -8.68 28.79 43.80
C VAL Q 330 -9.51 29.89 44.46
N SER Q 331 -10.17 30.71 43.65
CA SER Q 331 -11.03 31.74 44.20
C SER Q 331 -12.22 31.09 44.90
N LYS Q 332 -12.53 31.59 46.10
CA LYS Q 332 -13.61 31.01 46.89
C LYS Q 332 -14.97 31.33 46.27
N ALA Q 333 -15.17 32.58 45.85
CA ALA Q 333 -16.47 32.97 45.30
C ALA Q 333 -16.70 32.31 43.95
N THR Q 334 -15.69 32.26 43.09
CA THR Q 334 -15.87 31.66 41.77
C THR Q 334 -16.18 30.18 41.90
N TRP Q 335 -15.46 29.48 42.78
CA TRP Q 335 -15.75 28.07 43.02
C TRP Q 335 -17.15 27.89 43.59
N ASN Q 336 -17.59 28.81 44.45
CA ASN Q 336 -18.89 28.64 45.09
C ASN Q 336 -20.03 28.85 44.09
N GLU Q 337 -19.89 29.83 43.18
CA GLU Q 337 -20.89 29.98 42.13
C GLU Q 337 -20.84 28.81 41.15
N THR Q 338 -19.65 28.29 40.85
CA THR Q 338 -19.55 27.14 39.96
C THR Q 338 -20.25 25.93 40.58
N LEU Q 339 -20.05 25.69 41.88
CA LEU Q 339 -20.75 24.60 42.54
C LEU Q 339 -22.25 24.84 42.57
N GLY Q 340 -22.68 26.10 42.73
CA GLY Q 340 -24.10 26.38 42.66
C GLY Q 340 -24.69 26.01 41.31
N LYS Q 341 -23.97 26.30 40.23
CA LYS Q 341 -24.43 25.93 38.90
C LYS Q 341 -24.46 24.42 38.72
N VAL Q 342 -23.44 23.73 39.23
CA VAL Q 342 -23.41 22.26 39.12
C VAL Q 342 -24.58 21.66 39.88
N VAL Q 343 -24.89 22.19 41.06
CA VAL Q 343 -26.03 21.72 41.84
C VAL Q 343 -27.33 21.98 41.08
N LYS Q 344 -27.46 23.18 40.50
CA LYS Q 344 -28.65 23.51 39.73
C LYS Q 344 -28.87 22.52 38.59
N GLN Q 345 -27.78 22.09 37.95
CA GLN Q 345 -27.91 21.11 36.87
C GLN Q 345 -28.15 19.70 37.39
N LEU Q 346 -27.56 19.32 38.52
CA LEU Q 346 -27.80 17.99 39.08
C LEU Q 346 -29.24 17.82 39.54
N ARG Q 347 -29.87 18.89 40.04
CA ARG Q 347 -31.27 18.80 40.46
C ARG Q 347 -32.19 18.46 39.29
N LYS Q 348 -31.77 18.73 38.05
CA LYS Q 348 -32.58 18.34 36.91
C LYS Q 348 -32.65 16.83 36.73
N HIS Q 349 -31.73 16.09 37.33
CA HIS Q 349 -31.71 14.63 37.28
C HIS Q 349 -32.13 13.98 38.57
N PHE Q 350 -31.89 14.64 39.72
CA PHE Q 350 -32.12 14.04 41.02
C PHE Q 350 -33.28 14.67 41.80
N GLY Q 351 -33.92 15.71 41.26
CA GLY Q 351 -35.07 16.33 41.90
C GLY Q 351 -34.84 17.77 42.31
N ASN Q 352 -35.89 18.58 42.23
CA ASN Q 352 -35.77 19.98 42.62
C ASN Q 352 -35.63 20.15 44.13
N ASN Q 353 -36.04 19.16 44.92
CA ASN Q 353 -36.03 19.25 46.39
C ASN Q 353 -35.02 18.32 47.04
N THR Q 354 -34.08 17.75 46.29
CA THR Q 354 -33.08 16.85 46.87
C THR Q 354 -31.85 17.66 47.28
N ILE Q 355 -31.30 17.32 48.43
CA ILE Q 355 -30.11 18.00 48.94
C ILE Q 355 -28.90 17.45 48.21
N ILE Q 356 -28.06 18.34 47.68
CA ILE Q 356 -26.85 17.94 46.97
C ILE Q 356 -25.66 18.23 47.86
N ARG Q 357 -24.89 17.19 48.20
CA ARG Q 357 -23.73 17.32 49.07
C ARG Q 357 -22.48 16.93 48.30
N PHE Q 358 -21.42 17.70 48.50
CA PHE Q 358 -20.09 17.40 47.98
C PHE Q 358 -19.17 17.08 49.14
N ALA Q 359 -18.42 15.98 49.00
CA ALA Q 359 -17.52 15.47 50.01
C ALA Q 359 -16.29 14.93 49.31
N ASN Q 360 -15.23 14.72 50.09
CA ASN Q 360 -13.96 14.31 49.51
C ASN Q 360 -13.99 12.83 49.14
N SER Q 361 -12.97 12.40 48.39
CA SER Q 361 -12.89 11.03 47.91
C SER Q 361 -12.91 10.03 49.05
N SER Q 362 -13.67 8.96 48.88
CA SER Q 362 -13.83 7.95 49.92
C SER Q 362 -12.68 6.95 49.99
N GLY Q 363 -11.83 6.88 48.97
CA GLY Q 363 -10.76 5.91 48.98
C GLY Q 363 -10.11 5.78 47.62
N GLY Q 364 -9.15 4.87 47.57
CA GLY Q 364 -8.35 4.62 46.39
C GLY Q 364 -6.90 5.02 46.62
N ASP Q 365 -6.12 4.93 45.53
CA ASP Q 365 -4.72 5.29 45.60
C ASP Q 365 -4.58 6.81 45.62
N LEU Q 366 -3.34 7.28 45.80
CA LEU Q 366 -3.11 8.72 45.90
C LEU Q 366 -3.52 9.43 44.62
N GLU Q 367 -3.37 8.77 43.46
CA GLU Q 367 -3.70 9.41 42.21
C GLU Q 367 -5.18 9.73 42.09
N VAL Q 368 -6.04 9.01 42.82
CA VAL Q 368 -7.48 9.19 42.72
C VAL Q 368 -8.09 9.79 43.99
N THR Q 369 -7.41 9.71 45.14
CA THR Q 369 -7.88 10.40 46.33
C THR Q 369 -7.50 11.87 46.32
N THR Q 370 -6.49 12.26 45.56
CA THR Q 370 -6.07 13.63 45.38
C THR Q 370 -6.28 14.05 43.93
N HIS Q 371 -6.16 15.36 43.71
CA HIS Q 371 -6.10 15.92 42.36
C HIS Q 371 -4.65 15.80 41.93
N SER Q 372 -4.36 14.82 41.07
CA SER Q 372 -3.02 14.62 40.56
C SER Q 372 -2.89 15.36 39.25
N PHE Q 373 -1.71 15.95 39.01
CA PHE Q 373 -1.47 16.58 37.72
C PHE Q 373 0.01 16.84 37.56
N ASN Q 374 0.41 17.08 36.32
CA ASN Q 374 1.77 17.44 35.94
C ASN Q 374 1.78 18.88 35.46
N CYS Q 375 2.54 19.74 36.12
CA CYS Q 375 2.72 21.11 35.66
C CYS Q 375 4.15 21.54 35.95
N GLY Q 376 4.75 22.23 34.97
CA GLY Q 376 6.09 22.71 35.11
C GLY Q 376 7.15 21.63 35.04
N GLY Q 377 6.76 20.39 34.77
CA GLY Q 377 7.64 19.24 34.90
C GLY Q 377 7.49 18.51 36.22
N GLU Q 378 6.81 19.11 37.20
CA GLU Q 378 6.63 18.50 38.51
C GLU Q 378 5.25 17.88 38.63
N PHE Q 379 5.17 16.82 39.43
CA PHE Q 379 3.93 16.09 39.67
C PHE Q 379 3.37 16.48 41.02
N PHE Q 380 2.19 17.08 41.02
CA PHE Q 380 1.49 17.56 42.20
C PHE Q 380 0.34 16.61 42.52
N TYR Q 381 0.16 16.34 43.81
CA TYR Q 381 -0.97 15.56 44.32
C TYR Q 381 -1.64 16.43 45.38
N CYS Q 382 -2.69 17.14 44.98
CA CYS Q 382 -3.31 18.18 45.80
C CYS Q 382 -4.55 17.68 46.52
N ASP Q 383 -4.71 18.12 47.75
CA ASP Q 383 -5.79 17.65 48.61
C ASP Q 383 -7.01 18.54 48.37
N THR Q 384 -8.04 17.97 47.74
CA THR Q 384 -9.22 18.72 47.35
C THR Q 384 -10.33 18.63 48.39
N SER Q 385 -9.99 18.27 49.63
CA SER Q 385 -10.99 18.14 50.68
C SER Q 385 -11.72 19.44 50.98
N GLY Q 386 -11.16 20.59 50.59
CA GLY Q 386 -11.81 21.87 50.78
C GLY Q 386 -12.59 22.33 49.57
N LEU Q 387 -12.37 21.70 48.42
CA LEU Q 387 -13.19 21.99 47.25
C LEU Q 387 -14.58 21.35 47.37
N PHE Q 388 -14.63 20.15 47.94
CA PHE Q 388 -15.87 19.37 48.04
C PHE Q 388 -16.15 19.16 49.52
N ASN Q 389 -16.79 20.15 50.13
CA ASN Q 389 -17.02 20.16 51.56
C ASN Q 389 -18.31 20.94 51.86
N SER Q 390 -19.39 20.65 51.15
CA SER Q 390 -20.54 21.55 51.24
C SER Q 390 -21.86 20.82 51.01
N THR Q 391 -22.88 21.26 51.75
CA THR Q 391 -24.25 20.79 51.60
C THR Q 391 -25.08 21.91 50.99
N TRP Q 392 -25.85 21.58 49.96
CA TRP Q 392 -26.68 22.52 49.20
C TRP Q 392 -28.13 22.11 49.36
N ILE Q 393 -28.88 22.93 50.09
CA ILE Q 393 -30.31 22.74 50.30
C ILE Q 393 -31.07 23.63 49.33
N SER Q 394 -32.21 23.14 48.84
CA SER Q 394 -33.01 23.88 47.86
C SER Q 394 -33.94 24.82 48.61
N ASN Q 395 -33.47 26.07 48.77
CA ASN Q 395 -34.07 27.13 49.61
C ASN Q 395 -33.38 28.42 49.23
N ASP Q 408 -11.48 36.17 49.30
CA ASP Q 408 -10.74 35.06 49.90
C ASP Q 408 -10.42 34.00 48.86
N SER Q 409 -9.68 32.98 49.27
CA SER Q 409 -9.30 31.87 48.40
C SER Q 409 -9.28 30.58 49.21
N ILE Q 410 -9.35 29.47 48.48
CA ILE Q 410 -9.26 28.13 49.05
C ILE Q 410 -7.88 27.60 48.67
N THR Q 411 -7.11 27.24 49.69
CA THR Q 411 -5.76 26.69 49.52
C THR Q 411 -5.82 25.18 49.70
N LEU Q 412 -5.33 24.46 48.70
CA LEU Q 412 -5.28 23.00 48.68
C LEU Q 412 -3.82 22.60 48.88
N PRO Q 413 -3.44 21.95 49.99
CA PRO Q 413 -2.05 21.47 50.10
C PRO Q 413 -1.76 20.43 49.05
N CYS Q 414 -0.53 20.44 48.55
CA CYS Q 414 -0.09 19.51 47.53
C CYS Q 414 1.22 18.85 47.93
N ARG Q 415 1.28 17.54 47.74
CA ARG Q 415 2.48 16.76 47.94
C ARG Q 415 3.11 16.46 46.59
N ILE Q 416 4.42 16.22 46.60
CA ILE Q 416 5.20 15.98 45.40
C ILE Q 416 5.79 14.58 45.48
N LYS Q 417 5.80 13.89 44.34
CA LYS Q 417 6.58 12.70 44.16
C LYS Q 417 7.51 12.88 42.97
N GLN Q 418 8.69 12.27 43.08
CA GLN Q 418 9.64 12.19 41.98
C GLN Q 418 9.63 10.84 41.30
N ILE Q 419 9.00 9.82 41.88
CA ILE Q 419 8.87 8.50 41.29
C ILE Q 419 7.39 8.30 40.99
N ILE Q 420 7.08 8.19 39.71
CA ILE Q 420 5.72 8.17 39.21
C ILE Q 420 5.52 6.87 38.45
N ASN Q 421 4.37 6.25 38.65
CA ASN Q 421 3.93 5.11 37.86
C ASN Q 421 2.67 5.58 37.16
N MET Q 422 2.85 6.06 35.93
CA MET Q 422 1.72 6.59 35.18
C MET Q 422 0.79 5.44 34.80
N TRP Q 423 -0.50 5.70 34.92
CA TRP Q 423 -1.53 4.70 34.58
C TRP Q 423 -1.39 3.58 35.60
N GLN Q 424 -1.35 2.31 35.18
CA GLN Q 424 -1.19 1.22 36.14
C GLN Q 424 -0.35 0.10 35.54
N ARG Q 425 0.64 0.44 34.72
CA ARG Q 425 1.49 -0.57 34.10
C ARG Q 425 2.25 -1.36 35.17
N ILE Q 426 2.81 -2.49 34.75
CA ILE Q 426 3.45 -3.45 35.65
C ILE Q 426 4.94 -3.49 35.33
N GLY Q 427 5.76 -3.27 36.35
CA GLY Q 427 7.20 -3.39 36.18
C GLY Q 427 7.88 -2.25 35.48
N GLN Q 428 7.25 -1.07 35.44
CA GLN Q 428 7.84 0.10 34.81
C GLN Q 428 7.42 1.34 35.59
N ALA Q 429 8.40 2.03 36.17
CA ALA Q 429 8.19 3.31 36.84
C ALA Q 429 9.12 4.35 36.22
N MET Q 430 8.82 5.62 36.50
CA MET Q 430 9.59 6.73 35.97
C MET Q 430 10.02 7.63 37.11
N TYR Q 431 11.29 8.01 37.10
CA TYR Q 431 11.80 9.05 37.99
C TYR Q 431 11.67 10.39 37.28
N ALA Q 432 11.06 11.37 37.94
CA ALA Q 432 10.89 12.71 37.40
C ALA Q 432 12.08 13.55 37.84
N PRO Q 433 12.96 14.00 36.95
CA PRO Q 433 14.08 14.83 37.40
C PRO Q 433 13.60 16.13 37.99
N PRO Q 434 14.33 16.70 38.95
CA PRO Q 434 13.89 17.98 39.53
C PRO Q 434 14.00 19.10 38.52
N ILE Q 435 13.14 20.09 38.70
CA ILE Q 435 13.12 21.30 37.86
C ILE Q 435 13.77 22.42 38.66
N GLN Q 436 14.76 23.08 38.06
CA GLN Q 436 15.44 24.16 38.74
C GLN Q 436 14.53 25.38 38.85
N GLY Q 437 14.70 26.13 39.93
CA GLY Q 437 13.92 27.32 40.15
C GLY Q 437 12.65 27.04 40.92
N VAL Q 438 11.68 27.95 40.73
CA VAL Q 438 10.39 27.90 41.40
C VAL Q 438 9.33 27.75 40.32
N ILE Q 439 8.40 26.81 40.52
CA ILE Q 439 7.36 26.53 39.55
C ILE Q 439 6.10 27.28 39.96
N ARG Q 440 5.57 28.05 39.01
CA ARG Q 440 4.33 28.78 39.14
C ARG Q 440 3.47 28.37 37.96
N CYS Q 441 2.23 27.95 38.22
CA CYS Q 441 1.37 27.34 37.22
C CYS Q 441 -0.02 27.94 37.32
N VAL Q 442 -0.58 28.39 36.20
CA VAL Q 442 -1.93 28.92 36.14
C VAL Q 442 -2.72 28.06 35.14
N SER Q 443 -3.77 27.40 35.62
CA SER Q 443 -4.58 26.51 34.80
C SER Q 443 -6.06 26.86 34.94
N ASN Q 444 -6.83 26.44 33.94
CA ASN Q 444 -8.28 26.55 33.95
C ASN Q 444 -8.88 25.22 34.36
N ILE Q 445 -9.75 25.22 35.36
CA ILE Q 445 -10.60 24.09 35.66
C ILE Q 445 -11.83 24.24 34.79
N THR Q 446 -12.03 23.29 33.89
CA THR Q 446 -13.12 23.29 32.92
C THR Q 446 -14.12 22.18 33.16
N GLY Q 447 -13.95 21.38 34.20
CA GLY Q 447 -14.89 20.30 34.45
C GLY Q 447 -14.47 19.45 35.63
N LEU Q 448 -15.36 18.53 35.99
CA LEU Q 448 -15.18 17.62 37.11
C LEU Q 448 -15.50 16.19 36.68
N ILE Q 449 -14.88 15.23 37.37
CA ILE Q 449 -15.26 13.82 37.31
C ILE Q 449 -15.76 13.47 38.70
N LEU Q 450 -17.07 13.21 38.82
CA LEU Q 450 -17.73 12.94 40.09
C LEU Q 450 -18.31 11.53 40.09
N THR Q 451 -18.42 10.94 41.27
CA THR Q 451 -19.12 9.69 41.47
C THR Q 451 -20.18 9.91 42.54
N ARG Q 452 -21.38 9.42 42.28
CA ARG Q 452 -22.48 9.53 43.23
C ARG Q 452 -22.43 8.37 44.22
N ASP Q 453 -22.62 8.70 45.49
CA ASP Q 453 -22.61 7.67 46.53
C ASP Q 453 -23.86 6.82 46.43
N GLY Q 454 -23.66 5.50 46.31
CA GLY Q 454 -24.76 4.56 46.28
C GLY Q 454 -25.07 4.00 47.65
N GLY Q 455 -26.14 3.23 47.71
CA GLY Q 455 -26.53 2.59 48.95
C GLY Q 455 -27.01 3.56 49.99
N SER Q 456 -27.50 4.71 49.58
CA SER Q 456 -27.91 5.74 50.54
C SER Q 456 -29.11 5.27 51.35
N THR Q 457 -29.13 5.66 52.61
CA THR Q 457 -30.24 5.40 53.52
C THR Q 457 -31.10 6.65 53.74
N ASP Q 458 -30.80 7.74 53.02
CA ASP Q 458 -31.57 8.98 53.09
C ASP Q 458 -31.84 9.42 51.66
N SER Q 459 -33.09 9.29 51.23
CA SER Q 459 -33.46 9.56 49.85
C SER Q 459 -33.63 11.05 49.56
N THR Q 460 -33.53 11.91 50.57
CA THR Q 460 -33.63 13.36 50.38
C THR Q 460 -32.29 14.03 50.12
N THR Q 461 -31.17 13.29 50.20
CA THR Q 461 -29.84 13.84 49.99
C THR Q 461 -29.05 12.95 49.04
N GLU Q 462 -28.35 13.60 48.11
CA GLU Q 462 -27.40 12.94 47.22
C GLU Q 462 -26.00 13.45 47.51
N THR Q 463 -25.03 12.54 47.57
CA THR Q 463 -23.65 12.87 47.88
C THR Q 463 -22.78 12.52 46.68
N PHE Q 464 -21.96 13.49 46.26
CA PHE Q 464 -21.05 13.34 45.13
C PHE Q 464 -19.63 13.53 45.62
N ARG Q 465 -18.73 12.68 45.16
CA ARG Q 465 -17.32 12.71 45.54
C ARG Q 465 -16.45 12.76 44.30
N PRO Q 466 -15.26 13.36 44.38
CA PRO Q 466 -14.35 13.30 43.23
C PRO Q 466 -13.91 11.87 42.93
N SER Q 467 -13.66 11.61 41.65
CA SER Q 467 -13.13 10.33 41.21
C SER Q 467 -12.14 10.60 40.08
N GLY Q 468 -11.73 9.54 39.40
CA GLY Q 468 -10.76 9.63 38.33
C GLY Q 468 -9.84 8.43 38.39
N GLY Q 469 -8.73 8.54 37.67
CA GLY Q 469 -7.75 7.49 37.56
C GLY Q 469 -7.81 6.71 36.27
N ASP Q 470 -8.93 6.80 35.55
CA ASP Q 470 -9.10 6.20 34.24
C ASP Q 470 -9.16 7.38 33.28
N MET Q 471 -8.06 7.61 32.56
CA MET Q 471 -7.94 8.80 31.74
C MET Q 471 -8.89 8.79 30.54
N ARG Q 472 -9.51 7.65 30.22
CA ARG Q 472 -10.51 7.64 29.17
C ARG Q 472 -11.70 8.52 29.51
N ASP Q 473 -11.96 8.75 30.80
CA ASP Q 473 -13.01 9.69 31.19
C ASP Q 473 -12.58 11.14 30.98
N ASN Q 474 -11.28 11.41 30.93
CA ASN Q 474 -10.82 12.77 30.70
C ASN Q 474 -10.85 13.10 29.21
N TRP Q 475 -10.33 12.19 28.40
CA TRP Q 475 -10.28 12.38 26.96
C TRP Q 475 -11.64 12.17 26.31
N ARG Q 476 -12.54 11.43 26.95
CA ARG Q 476 -13.92 11.40 26.52
C ARG Q 476 -14.63 12.72 26.80
N SER Q 477 -14.06 13.59 27.66
CA SER Q 477 -14.67 14.90 27.89
C SER Q 477 -14.39 15.88 26.77
N GLU Q 478 -13.44 15.57 25.87
CA GLU Q 478 -13.13 16.38 24.71
C GLU Q 478 -13.62 15.77 23.41
N LEU Q 479 -13.64 14.44 23.32
CA LEU Q 479 -14.07 13.72 22.13
C LEU Q 479 -15.56 13.39 22.15
N TYR Q 480 -16.31 13.88 23.13
CA TYR Q 480 -17.72 13.52 23.26
C TYR Q 480 -18.54 13.93 22.04
N LYS Q 481 -18.13 14.99 21.35
CA LYS Q 481 -18.90 15.54 20.25
C LYS Q 481 -18.48 15.01 18.88
N TYR Q 482 -17.49 14.12 18.82
CA TYR Q 482 -16.95 13.62 17.57
C TYR Q 482 -17.29 12.15 17.37
N LYS Q 483 -17.60 11.79 16.13
CA LYS Q 483 -17.95 10.44 15.72
C LYS Q 483 -17.21 10.14 14.43
N VAL Q 484 -16.76 8.90 14.27
CA VAL Q 484 -16.08 8.45 13.05
C VAL Q 484 -17.06 7.59 12.25
N VAL Q 485 -17.21 7.90 10.97
CA VAL Q 485 -18.04 7.14 10.06
C VAL Q 485 -17.23 6.81 8.81
N LYS Q 486 -17.67 5.78 8.09
CA LYS Q 486 -17.08 5.38 6.83
C LYS Q 486 -18.04 5.72 5.70
N ILE Q 487 -17.50 6.13 4.57
CA ILE Q 487 -18.29 6.62 3.45
C ILE Q 487 -18.68 5.44 2.57
N GLU Q 488 -19.94 5.42 2.13
CA GLU Q 488 -20.50 4.39 1.26
C GLU Q 488 -20.89 5.07 -0.05
N PRO Q 489 -19.91 5.34 -0.94
CA PRO Q 489 -20.20 6.18 -2.10
C PRO Q 489 -21.04 5.49 -3.17
N LEU Q 490 -21.21 4.17 -3.10
CA LEU Q 490 -21.88 3.40 -4.14
C LEU Q 490 -23.32 3.12 -3.72
N GLY Q 491 -24.26 3.35 -4.64
CA GLY Q 491 -25.65 3.08 -4.35
C GLY Q 491 -26.44 2.84 -5.62
N VAL Q 492 -27.66 2.36 -5.44
CA VAL Q 492 -28.55 2.02 -6.55
C VAL Q 492 -29.90 2.67 -6.30
N ALA Q 493 -30.59 3.04 -7.37
CA ALA Q 493 -31.90 3.66 -7.22
C ALA Q 493 -32.69 3.47 -8.52
N PRO Q 494 -34.02 3.48 -8.45
CA PRO Q 494 -34.80 3.40 -9.69
C PRO Q 494 -34.84 4.73 -10.43
N THR Q 495 -34.67 4.66 -11.75
CA THR Q 495 -34.90 5.79 -12.62
C THR Q 495 -35.57 5.27 -13.89
N ARG Q 496 -35.95 6.18 -14.77
CA ARG Q 496 -36.52 5.80 -16.06
C ARG Q 496 -35.48 5.59 -17.14
N CYS Q 497 -34.19 5.70 -16.83
CA CYS Q 497 -33.14 5.57 -17.83
C CYS Q 497 -32.77 4.11 -17.98
N LYS Q 498 -32.80 3.62 -19.22
CA LYS Q 498 -32.46 2.25 -19.56
C LYS Q 498 -31.19 2.24 -20.39
N ARG Q 499 -30.33 1.24 -20.14
CA ARG Q 499 -29.13 1.08 -20.94
C ARG Q 499 -29.50 0.64 -22.34
N ARG Q 500 -28.92 1.29 -23.35
CA ARG Q 500 -29.13 0.89 -24.73
C ARG Q 500 -28.49 -0.46 -24.99
N VAL R 7 -10.40 20.37 -2.09
CA VAL R 7 -11.13 19.16 -2.45
C VAL R 7 -12.19 18.91 -1.39
N PHE R 8 -11.75 18.89 -0.12
CA PHE R 8 -12.65 18.66 1.01
C PHE R 8 -13.88 19.55 0.99
N LEU R 9 -13.75 20.79 0.49
CA LEU R 9 -14.83 21.75 0.58
C LEU R 9 -16.08 21.20 -0.12
N GLY R 10 -17.22 21.33 0.55
CA GLY R 10 -18.48 20.81 0.05
C GLY R 10 -18.71 19.34 0.32
N PHE R 11 -17.78 18.65 1.01
CA PHE R 11 -17.91 17.23 1.22
C PHE R 11 -19.13 16.91 2.07
N LEU R 12 -19.90 15.91 1.62
CA LEU R 12 -21.12 15.45 2.28
C LEU R 12 -22.15 16.56 2.50
N GLY R 13 -22.02 17.69 1.80
CA GLY R 13 -22.92 18.80 2.01
C GLY R 13 -24.37 18.46 1.70
N ALA R 14 -24.58 17.66 0.65
CA ALA R 14 -25.90 17.22 0.24
C ALA R 14 -26.34 15.94 0.93
N ALA R 15 -25.70 15.58 2.04
CA ALA R 15 -26.12 14.41 2.81
C ALA R 15 -27.56 14.54 3.29
N GLY R 16 -27.97 15.76 3.65
CA GLY R 16 -29.33 16.05 4.03
C GLY R 16 -30.22 16.55 2.92
N SER R 17 -29.71 16.64 1.69
CA SER R 17 -30.49 17.09 0.55
C SER R 17 -31.24 15.92 -0.06
N THR R 18 -32.15 16.24 -0.96
CA THR R 18 -32.90 15.20 -1.64
C THR R 18 -31.98 14.43 -2.58
N MET R 19 -32.38 13.21 -2.94
CA MET R 19 -31.50 12.38 -3.77
C MET R 19 -31.25 13.02 -5.12
N GLY R 20 -32.26 13.66 -5.69
CA GLY R 20 -32.05 14.38 -6.94
C GLY R 20 -31.04 15.50 -6.81
N ALA R 21 -31.24 16.36 -5.80
CA ALA R 21 -30.29 17.44 -5.55
C ALA R 21 -28.92 16.91 -5.17
N ALA R 22 -28.88 15.79 -4.42
CA ALA R 22 -27.62 15.22 -3.97
C ALA R 22 -26.92 14.38 -5.03
N SER R 23 -27.55 14.14 -6.19
CA SER R 23 -26.91 13.40 -7.26
C SER R 23 -26.10 14.29 -8.19
N MET R 24 -26.14 15.60 -8.01
CA MET R 24 -25.34 16.54 -8.79
C MET R 24 -24.03 16.91 -8.12
N THR R 25 -23.73 16.31 -6.96
CA THR R 25 -22.50 16.56 -6.22
C THR R 25 -21.66 15.30 -6.08
N LEU R 26 -21.85 14.32 -6.97
CA LEU R 26 -21.16 13.05 -6.83
C LEU R 26 -19.65 13.18 -6.93
N THR R 27 -19.16 14.15 -7.70
CA THR R 27 -17.72 14.31 -7.83
C THR R 27 -17.09 14.80 -6.54
N VAL R 28 -17.87 15.47 -5.68
CA VAL R 28 -17.33 16.00 -4.44
C VAL R 28 -17.04 14.85 -3.48
N GLN R 29 -17.92 13.85 -3.43
CA GLN R 29 -17.65 12.68 -2.61
C GLN R 29 -16.61 11.77 -3.27
N ALA R 30 -16.66 11.66 -4.60
CA ALA R 30 -15.72 10.79 -5.31
C ALA R 30 -14.28 11.26 -5.11
N ARG R 31 -14.04 12.57 -5.12
CA ARG R 31 -12.69 13.08 -4.99
C ARG R 31 -12.14 12.96 -3.57
N ASN R 32 -12.97 12.64 -2.59
CA ASN R 32 -12.56 12.54 -1.19
C ASN R 32 -12.41 11.10 -0.70
N LEU R 33 -12.43 10.13 -1.62
CA LEU R 33 -12.22 8.73 -1.28
C LEU R 33 -10.76 8.32 -1.33
N LEU R 34 -9.94 9.04 -2.10
CA LEU R 34 -8.53 8.73 -2.28
C LEU R 34 -7.70 9.79 -1.56
N SER R 35 -6.66 9.34 -0.85
CA SER R 35 -5.74 10.21 -0.12
C SER R 35 -5.27 11.42 -0.93
N THR R 58 8.96 3.36 15.26
CA THR R 58 7.79 4.24 15.20
C THR R 58 6.66 3.51 14.48
N VAL R 59 5.80 2.86 15.27
CA VAL R 59 4.67 2.13 14.70
C VAL R 59 3.67 3.08 14.04
N TRP R 60 3.67 4.37 14.38
CA TRP R 60 2.75 5.30 13.77
C TRP R 60 3.08 5.56 12.30
N GLY R 61 4.29 5.22 11.87
CA GLY R 61 4.60 5.23 10.44
C GLY R 61 4.17 4.00 9.70
N ILE R 62 3.69 2.98 10.41
CA ILE R 62 3.16 1.76 9.80
C ILE R 62 1.63 1.78 9.81
N LYS R 63 1.04 2.11 10.96
CA LYS R 63 -0.42 2.09 11.07
C LYS R 63 -1.05 3.07 10.09
N GLN R 64 -0.50 4.28 10.00
CA GLN R 64 -1.00 5.25 9.04
C GLN R 64 -0.84 4.72 7.64
N LEU R 65 0.29 4.06 7.37
CA LEU R 65 0.50 3.48 6.05
C LEU R 65 -0.56 2.41 5.78
N GLN R 66 -0.89 1.62 6.80
CA GLN R 66 -1.93 0.61 6.63
C GLN R 66 -3.24 1.28 6.27
N ALA R 67 -3.54 2.40 6.93
CA ALA R 67 -4.78 3.11 6.63
C ALA R 67 -4.79 3.55 5.17
N ARG R 68 -3.65 4.06 4.70
CA ARG R 68 -3.58 4.48 3.31
C ARG R 68 -3.81 3.30 2.39
N VAL R 69 -3.19 2.16 2.72
CA VAL R 69 -3.37 0.97 1.89
C VAL R 69 -4.83 0.56 1.92
N LEU R 70 -5.46 0.64 3.11
CA LEU R 70 -6.85 0.25 3.23
C LEU R 70 -7.71 1.09 2.31
N ALA R 71 -7.46 2.40 2.26
CA ALA R 71 -8.29 3.27 1.43
C ALA R 71 -8.20 2.83 -0.02
N VAL R 72 -6.98 2.49 -0.47
CA VAL R 72 -6.79 2.10 -1.87
C VAL R 72 -7.64 0.87 -2.16
N GLU R 73 -7.59 -0.12 -1.26
CA GLU R 73 -8.31 -1.36 -1.54
C GLU R 73 -9.80 -1.07 -1.64
N ARG R 74 -10.32 -0.22 -0.75
CA ARG R 74 -11.75 0.06 -0.78
C ARG R 74 -12.11 0.71 -2.10
N TYR R 75 -11.29 1.68 -2.52
CA TYR R 75 -11.54 2.36 -3.79
C TYR R 75 -11.53 1.35 -4.91
N LEU R 76 -10.52 0.48 -4.93
CA LEU R 76 -10.40 -0.45 -6.04
C LEU R 76 -11.58 -1.41 -6.04
N ARG R 77 -12.03 -1.83 -4.84
CA ARG R 77 -13.14 -2.76 -4.81
C ARG R 77 -14.38 -2.12 -5.40
N ASP R 78 -14.62 -0.85 -5.08
CA ASP R 78 -15.79 -0.19 -5.64
C ASP R 78 -15.62 -0.05 -7.14
N GLN R 79 -14.40 0.29 -7.58
CA GLN R 79 -14.16 0.41 -9.01
C GLN R 79 -14.32 -0.95 -9.67
N GLN R 80 -13.89 -2.00 -8.97
CA GLN R 80 -14.04 -3.34 -9.51
C GLN R 80 -15.50 -3.66 -9.71
N LEU R 81 -16.36 -3.26 -8.75
CA LEU R 81 -17.79 -3.48 -8.91
C LEU R 81 -18.28 -2.79 -10.15
N LEU R 82 -17.86 -1.53 -10.33
CA LEU R 82 -18.29 -0.76 -11.49
C LEU R 82 -17.77 -1.37 -12.77
N GLY R 83 -16.65 -2.09 -12.71
CA GLY R 83 -16.14 -2.73 -13.91
C GLY R 83 -16.80 -4.05 -14.23
N ILE R 84 -17.23 -4.80 -13.20
CA ILE R 84 -17.92 -6.06 -13.48
C ILE R 84 -19.34 -5.76 -13.95
N TRP R 85 -19.90 -4.63 -13.49
CA TRP R 85 -21.06 -4.03 -14.11
C TRP R 85 -20.58 -3.23 -15.32
N GLY R 86 -21.51 -2.78 -16.15
CA GLY R 86 -21.11 -1.98 -17.30
C GLY R 86 -20.98 -0.50 -16.96
N CYS R 87 -20.32 -0.18 -15.84
CA CYS R 87 -20.34 1.17 -15.28
C CYS R 87 -18.92 1.72 -15.07
N SER R 88 -17.92 1.15 -15.72
CA SER R 88 -16.55 1.61 -15.51
C SER R 88 -16.39 3.04 -16.02
N GLY R 89 -15.78 3.89 -15.20
CA GLY R 89 -15.51 5.25 -15.57
C GLY R 89 -16.68 6.21 -15.47
N LYS R 90 -17.80 5.78 -14.91
CA LYS R 90 -19.01 6.59 -14.81
C LYS R 90 -19.37 6.81 -13.35
N LEU R 91 -19.96 7.98 -13.07
CA LEU R 91 -20.57 8.27 -11.78
C LEU R 91 -22.07 8.04 -11.77
N ILE R 92 -22.71 8.19 -12.92
CA ILE R 92 -24.12 7.83 -13.12
C ILE R 92 -24.14 6.81 -14.25
N CYS R 93 -24.70 5.63 -13.98
CA CYS R 93 -24.67 4.51 -14.91
C CYS R 93 -26.06 3.91 -14.98
N CYS R 94 -26.61 3.83 -16.20
CA CYS R 94 -27.90 3.22 -16.44
C CYS R 94 -27.69 1.77 -16.84
N THR R 95 -28.60 0.89 -16.41
CA THR R 95 -28.45 -0.55 -16.55
C THR R 95 -29.72 -1.14 -17.14
N ASN R 96 -29.70 -2.46 -17.39
CA ASN R 96 -30.83 -3.21 -17.91
C ASN R 96 -31.54 -4.05 -16.85
N VAL R 97 -31.27 -3.83 -15.57
CA VAL R 97 -31.95 -4.57 -14.50
C VAL R 97 -33.29 -3.88 -14.24
N PRO R 98 -34.43 -4.55 -14.40
CA PRO R 98 -35.70 -3.91 -14.04
C PRO R 98 -35.77 -3.72 -12.52
N TRP R 99 -36.37 -2.62 -12.10
CA TRP R 99 -36.66 -2.44 -10.69
C TRP R 99 -37.81 -3.36 -10.28
N ASN R 100 -37.69 -3.91 -9.07
CA ASN R 100 -38.69 -4.79 -8.49
C ASN R 100 -39.43 -4.03 -7.39
N SER R 101 -40.77 -4.05 -7.45
CA SER R 101 -41.55 -3.37 -6.44
C SER R 101 -41.35 -3.97 -5.05
N SER R 102 -40.92 -5.23 -4.97
CA SER R 102 -40.58 -5.81 -3.67
C SER R 102 -39.45 -5.03 -3.02
N TRP R 103 -38.45 -4.63 -3.81
CA TRP R 103 -37.38 -3.81 -3.27
C TRP R 103 -37.90 -2.47 -2.78
N SER R 104 -38.80 -1.85 -3.55
CA SER R 104 -39.37 -0.57 -3.18
C SER R 104 -40.55 -0.20 -4.08
N ASN R 105 -41.69 0.14 -3.48
CA ASN R 105 -42.89 0.56 -4.19
C ASN R 105 -43.04 2.08 -4.29
N ARG R 106 -42.10 2.85 -3.74
CA ARG R 106 -42.23 4.30 -3.73
C ARG R 106 -42.15 4.87 -5.15
N ASN R 107 -42.86 5.96 -5.39
CA ASN R 107 -42.80 6.63 -6.68
C ASN R 107 -41.42 7.26 -6.88
N LEU R 108 -41.25 7.90 -8.04
CA LEU R 108 -40.01 8.62 -8.30
C LEU R 108 -39.98 9.94 -7.53
N SER R 109 -41.13 10.61 -7.40
CA SER R 109 -41.18 11.85 -6.64
C SER R 109 -40.93 11.61 -5.16
N GLU R 110 -41.27 10.44 -4.65
CA GLU R 110 -41.06 10.11 -3.25
C GLU R 110 -39.67 9.57 -2.97
N ILE R 111 -38.85 9.40 -4.01
CA ILE R 111 -37.46 8.96 -3.87
C ILE R 111 -36.50 10.10 -4.19
N TRP R 112 -36.73 10.79 -5.29
CA TRP R 112 -35.79 11.81 -5.76
C TRP R 112 -36.10 13.21 -5.25
N ASP R 113 -37.36 13.52 -5.01
CA ASP R 113 -37.77 14.87 -4.59
C ASP R 113 -38.09 14.99 -3.12
N ASN R 114 -38.55 13.92 -2.46
CA ASN R 114 -38.98 13.96 -1.06
C ASN R 114 -38.17 13.04 -0.15
N MET R 115 -36.95 12.66 -0.55
CA MET R 115 -36.19 11.66 0.20
C MET R 115 -34.69 11.90 0.03
N THR R 116 -33.94 11.56 1.08
CA THR R 116 -32.49 11.67 1.10
C THR R 116 -31.85 10.31 0.84
N TRP R 117 -30.54 10.34 0.54
CA TRP R 117 -29.84 9.08 0.24
C TRP R 117 -29.62 8.22 1.48
N LEU R 118 -29.50 8.82 2.67
CA LEU R 118 -29.32 8.02 3.87
C LEU R 118 -30.57 7.19 4.18
N GLN R 119 -31.75 7.80 4.03
CA GLN R 119 -32.99 7.07 4.25
C GLN R 119 -33.15 5.95 3.23
N TRP R 120 -32.83 6.26 1.97
CA TRP R 120 -32.89 5.26 0.91
C TRP R 120 -31.93 4.12 1.16
N ASP R 121 -30.73 4.43 1.65
CA ASP R 121 -29.77 3.37 1.91
C ASP R 121 -30.19 2.54 3.10
N LYS R 122 -30.91 3.14 4.06
CA LYS R 122 -31.37 2.37 5.20
C LYS R 122 -32.45 1.38 4.79
N GLU R 123 -33.42 1.83 3.98
CA GLU R 123 -34.42 0.88 3.47
C GLU R 123 -33.78 -0.19 2.58
N ILE R 124 -32.91 0.20 1.64
CA ILE R 124 -32.47 -0.73 0.60
C ILE R 124 -31.18 -1.47 0.98
N SER R 125 -30.67 -1.28 2.20
CA SER R 125 -29.64 -2.17 2.72
C SER R 125 -30.07 -3.62 2.68
N ASN R 126 -31.37 -3.86 2.84
CA ASN R 126 -31.90 -5.21 2.97
C ASN R 126 -31.84 -5.94 1.62
N TYR R 127 -31.88 -5.20 0.51
CA TYR R 127 -32.02 -5.74 -0.83
C TYR R 127 -30.77 -5.52 -1.68
N THR R 128 -29.75 -4.84 -1.14
CA THR R 128 -28.60 -4.42 -1.93
C THR R 128 -27.93 -5.59 -2.65
N GLN R 129 -27.75 -6.73 -1.97
CA GLN R 129 -26.99 -7.80 -2.58
C GLN R 129 -27.76 -8.56 -3.65
N ILE R 130 -29.10 -8.53 -3.62
CA ILE R 130 -29.88 -9.09 -4.72
C ILE R 130 -29.73 -8.23 -5.96
N ILE R 131 -29.80 -6.91 -5.79
CA ILE R 131 -29.62 -6.00 -6.92
C ILE R 131 -28.21 -6.12 -7.47
N TYR R 132 -27.23 -6.24 -6.57
CA TYR R 132 -25.84 -6.38 -6.99
C TYR R 132 -25.63 -7.67 -7.77
N GLY R 133 -26.25 -8.77 -7.32
CA GLY R 133 -26.14 -10.01 -8.07
C GLY R 133 -26.80 -9.93 -9.44
N LEU R 134 -27.99 -9.33 -9.51
CA LEU R 134 -28.64 -9.18 -10.81
C LEU R 134 -27.82 -8.30 -11.74
N LEU R 135 -27.21 -7.25 -11.18
CA LEU R 135 -26.35 -6.37 -11.95
C LEU R 135 -25.14 -7.13 -12.47
N GLU R 136 -24.52 -7.93 -11.60
CA GLU R 136 -23.32 -8.67 -11.96
C GLU R 136 -23.59 -9.79 -12.95
N GLU R 137 -24.66 -10.57 -12.74
CA GLU R 137 -24.76 -11.88 -13.40
C GLU R 137 -25.52 -11.79 -14.72
N SER R 138 -26.81 -11.47 -14.67
CA SER R 138 -27.59 -11.56 -15.89
C SER R 138 -27.18 -10.49 -16.89
N GLN R 139 -27.25 -9.22 -16.48
CA GLN R 139 -27.24 -8.16 -17.47
C GLN R 139 -25.87 -7.96 -18.08
N ASN R 140 -24.83 -7.81 -17.26
CA ASN R 140 -23.54 -7.46 -17.84
C ASN R 140 -22.92 -8.63 -18.59
N GLN R 141 -22.95 -9.84 -18.02
CA GLN R 141 -22.32 -10.95 -18.73
C GLN R 141 -23.11 -11.36 -19.96
N GLN R 142 -24.44 -11.24 -19.93
CA GLN R 142 -25.19 -11.56 -21.14
C GLN R 142 -25.01 -10.48 -22.19
N GLU R 143 -24.94 -9.22 -21.78
CA GLU R 143 -24.68 -8.14 -22.73
C GLU R 143 -23.29 -8.28 -23.33
N LYS R 144 -22.29 -8.60 -22.50
CA LYS R 144 -20.93 -8.73 -23.00
C LYS R 144 -20.81 -9.89 -23.97
N ASN R 145 -21.50 -11.01 -23.69
CA ASN R 145 -21.45 -12.12 -24.63
C ASN R 145 -22.20 -11.79 -25.92
N GLU R 146 -23.30 -11.03 -25.81
CA GLU R 146 -24.03 -10.62 -27.01
C GLU R 146 -23.22 -9.65 -27.88
N GLN R 147 -22.45 -8.76 -27.27
CA GLN R 147 -21.52 -7.95 -28.06
C GLN R 147 -20.40 -8.80 -28.66
N ASP R 148 -19.94 -9.83 -27.93
CA ASP R 148 -18.96 -10.75 -28.50
C ASP R 148 -19.51 -11.44 -29.75
N LEU R 149 -20.80 -11.75 -29.76
CA LEU R 149 -21.41 -12.42 -30.91
C LEU R 149 -21.87 -11.46 -32.01
N LEU R 150 -22.26 -10.24 -31.66
CA LEU R 150 -22.60 -9.27 -32.71
C LEU R 150 -21.37 -8.82 -33.47
N ALA R 151 -20.22 -8.75 -32.80
CA ALA R 151 -18.99 -8.25 -33.42
C ALA R 151 -18.42 -9.20 -34.46
N LEU R 152 -18.90 -10.45 -34.55
CA LEU R 152 -18.39 -11.41 -35.52
C LEU R 152 -19.37 -11.66 -36.67
N ASP R 153 -20.50 -10.95 -36.71
CA ASP R 153 -21.46 -11.10 -37.80
C ASP R 153 -20.83 -10.70 -39.11
C1 NAG S . 19.35 -28.38 49.45
C2 NAG S . 18.29 -29.13 50.28
C3 NAG S . 17.67 -28.15 51.25
C4 NAG S . 18.75 -27.51 52.12
C5 NAG S . 19.80 -26.86 51.22
C6 NAG S . 20.98 -26.29 51.98
C7 NAG S . 17.31 -30.91 48.88
C8 NAG S . 16.12 -31.26 48.01
N2 NAG S . 17.27 -29.67 49.42
O3 NAG S . 16.74 -28.86 52.02
O4 NAG S . 18.09 -26.55 52.91
O5 NAG S . 20.30 -27.82 50.32
O6 NAG S . 21.93 -25.80 51.06
O7 NAG S . 18.22 -31.70 49.06
C1 NAG S . 18.18 -26.91 54.30
C2 NAG S . 17.67 -25.71 55.12
C3 NAG S . 17.65 -26.09 56.59
C4 NAG S . 16.82 -27.35 56.79
C5 NAG S . 17.37 -28.47 55.91
C6 NAG S . 16.58 -29.76 55.99
C7 NAG S . 18.17 -23.45 54.22
C8 NAG S . 19.24 -22.41 54.13
N2 NAG S . 18.52 -24.56 54.89
O3 NAG S . 17.13 -25.01 57.31
O4 NAG S . 16.86 -27.65 58.16
O5 NAG S . 17.38 -28.05 54.56
O6 NAG S . 16.62 -30.25 57.30
O7 NAG S . 17.06 -23.27 53.72
C1 NAG T . -0.85 -33.52 21.81
C2 NAG T . 0.12 -32.74 22.70
C3 NAG T . -0.27 -32.92 24.16
C4 NAG T . -1.72 -32.54 24.40
C5 NAG T . -2.59 -33.36 23.46
C6 NAG T . -4.07 -33.02 23.53
C7 NAG T . 2.53 -32.44 22.22
C8 NAG T . 3.82 -33.20 22.06
N2 NAG T . 1.46 -33.22 22.51
O3 NAG T . 0.59 -32.10 24.91
O4 NAG T . -1.96 -32.84 25.76
O5 NAG T . -2.17 -33.15 22.13
O6 NAG T . -4.23 -31.68 23.15
O7 NAG T . 2.48 -31.23 22.09
C1 NAG T . -2.56 -31.70 26.41
C2 NAG T . -3.34 -32.23 27.61
C3 NAG T . -3.96 -31.06 28.36
C4 NAG T . -2.87 -30.08 28.77
C5 NAG T . -2.10 -29.63 27.52
C6 NAG T . -0.92 -28.73 27.82
C7 NAG T . -4.38 -34.47 27.48
C8 NAG T . -5.56 -35.22 26.88
N2 NAG T . -4.35 -33.16 27.18
O3 NAG T . -4.66 -31.55 29.47
O4 NAG T . -3.53 -28.98 29.38
O5 NAG T . -1.59 -30.79 26.87
O6 NAG T . 0.11 -29.49 28.40
O7 NAG T . -3.55 -35.04 28.17
C1 BMA T . -3.03 -28.79 30.72
C2 BMA T . -3.34 -27.36 31.13
C3 BMA T . -2.88 -27.14 32.58
C4 BMA T . -3.54 -28.17 33.49
C5 BMA T . -3.24 -29.59 32.97
C6 BMA T . -3.88 -30.69 33.81
O2 BMA T . -4.73 -27.18 31.02
O3 BMA T . -3.23 -25.82 32.91
O4 BMA T . -3.09 -27.96 34.80
O5 BMA T . -3.63 -29.69 31.62
O6 BMA T . -3.78 -30.32 35.16
C1 MAN T . -2.15 -25.20 33.64
C2 MAN T . -2.74 -23.98 34.37
C3 MAN T . -3.23 -22.96 33.35
C4 MAN T . -2.11 -22.59 32.38
C5 MAN T . -1.54 -23.88 31.75
C6 MAN T . -0.32 -23.58 30.91
O2 MAN T . -1.70 -23.45 35.17
O3 MAN T . -3.70 -21.83 34.06
O4 MAN T . -2.66 -21.74 31.41
O5 MAN T . -1.15 -24.79 32.76
O6 MAN T . 0.15 -24.78 30.36
C1 NAG U . 52.54 -6.35 28.71
C2 NAG U . 53.63 -7.16 27.99
C3 NAG U . 53.44 -8.63 28.31
C4 NAG U . 53.45 -8.84 29.82
C5 NAG U . 52.39 -7.94 30.47
C6 NAG U . 52.40 -8.01 31.98
C7 NAG U . 54.20 -6.01 25.89
C8 NAG U . 53.96 -6.00 24.40
N2 NAG U . 53.54 -6.96 26.57
O3 NAG U . 54.47 -9.34 27.67
O4 NAG U . 53.15 -10.20 30.03
O5 NAG U . 52.62 -6.60 30.09
O6 NAG U . 51.47 -7.08 32.48
O7 NAG U . 54.95 -5.19 26.41
C1 NAG U . 54.28 -10.87 30.63
C2 NAG U . 53.82 -12.27 31.05
C3 NAG U . 55.01 -13.04 31.59
C4 NAG U . 56.13 -13.06 30.57
C5 NAG U . 56.50 -11.63 30.18
C6 NAG U . 57.58 -11.53 29.11
C7 NAG U . 51.48 -12.49 31.84
C8 NAG U . 50.60 -12.28 33.04
N2 NAG U . 52.78 -12.17 32.03
O3 NAG U . 54.58 -14.34 31.92
O4 NAG U . 57.20 -13.77 31.15
O5 NAG U . 55.35 -10.97 29.70
O6 NAG U . 58.76 -12.12 29.59
O7 NAG U . 51.03 -12.92 30.78
C1 NAG V . 39.89 1.66 -2.49
C2 NAG V . 39.81 1.29 -1.01
C3 NAG V . 40.83 0.22 -0.69
C4 NAG V . 40.66 -0.99 -1.60
C5 NAG V . 40.75 -0.52 -3.04
C6 NAG V . 40.51 -1.61 -4.07
C7 NAG V . 39.29 2.91 0.79
C8 NAG V . 39.80 4.15 1.48
N2 NAG V . 40.07 2.46 -0.20
O3 NAG V . 40.63 -0.14 0.65
O4 NAG V . 41.72 -1.86 -1.25
O5 NAG V . 39.78 0.48 -3.26
O6 NAG V . 39.21 -2.11 -3.89
O7 NAG V . 38.25 2.38 1.13
C1 NAG V . 41.20 -3.18 -1.00
C2 NAG V . 42.35 -4.17 -1.25
C3 NAG V . 41.86 -5.58 -0.96
C4 NAG V . 41.33 -5.66 0.46
C5 NAG V . 40.22 -4.61 0.65
C6 NAG V . 39.69 -4.54 2.06
C7 NAG V . 44.05 -3.63 -2.97
C8 NAG V . 44.28 -3.60 -4.47
N2 NAG V . 42.82 -4.05 -2.60
O3 NAG V . 42.92 -6.48 -1.17
O4 NAG V . 40.83 -6.97 0.63
O5 NAG V . 40.75 -3.34 0.32
O6 NAG V . 40.66 -3.91 2.88
O7 NAG V . 44.93 -3.30 -2.19
C1 BMA V . 41.48 -7.62 1.74
C2 BMA V . 40.58 -8.76 2.20
C3 BMA V . 41.29 -9.51 3.35
C4 BMA V . 42.65 -9.99 2.87
C5 BMA V . 43.47 -8.81 2.35
C6 BMA V . 44.86 -9.19 1.83
O2 BMA V . 40.37 -9.60 1.11
O3 BMA V . 40.44 -10.57 3.69
O4 BMA V . 43.28 -10.67 3.94
O5 BMA V . 42.75 -8.12 1.36
O6 BMA V . 45.38 -10.17 2.70
C1 MAN V . 40.38 -10.69 5.13
C2 MAN V . 39.84 -12.09 5.46
C3 MAN V . 38.42 -12.22 4.95
C4 MAN V . 37.55 -11.10 5.51
C5 MAN V . 38.19 -9.75 5.20
C6 MAN V . 37.46 -8.62 5.89
O2 MAN V . 39.92 -12.23 6.86
O3 MAN V . 37.95 -13.49 5.32
O4 MAN V . 36.27 -11.23 4.92
O5 MAN V . 39.53 -9.72 5.67
O6 MAN V . 38.08 -7.40 5.56
C1 NAG W . 22.58 16.23 53.40
C2 NAG W . 22.79 17.74 53.63
C3 NAG W . 24.17 18.12 53.10
C4 NAG W . 25.24 17.27 53.75
C5 NAG W . 24.92 15.79 53.55
C6 NAG W . 25.88 14.85 54.25
C7 NAG W . 20.61 18.86 53.51
C8 NAG W . 19.70 19.67 52.61
N2 NAG W . 21.78 18.51 52.96
O3 NAG W . 24.35 19.49 53.36
O4 NAG W . 26.46 17.61 53.11
O5 NAG W . 23.62 15.53 54.03
O6 NAG W . 25.43 13.53 54.07
O7 NAG W . 20.28 18.59 54.65
C1 NAG W . 27.35 18.22 54.06
C2 NAG W . 28.72 18.36 53.38
C3 NAG W . 29.67 19.09 54.31
C4 NAG W . 29.07 20.43 54.71
C5 NAG W . 27.69 20.21 55.35
C6 NAG W . 26.97 21.49 55.73
C7 NAG W . 29.36 16.55 51.81
C8 NAG W . 29.92 15.15 51.75
N2 NAG W . 29.23 17.05 53.06
O3 NAG W . 30.90 19.24 53.65
O4 NAG W . 29.99 21.04 55.58
O5 NAG W . 26.88 19.50 54.43
O6 NAG W . 27.74 22.17 56.69
O7 NAG W . 29.06 17.15 50.79
C1 NAG X . -2.68 24.74 31.32
C2 NAG X . -1.49 23.91 31.83
C3 NAG X . -0.44 24.84 32.41
C4 NAG X . -0.02 25.91 31.40
C5 NAG X . -1.27 26.65 30.95
C6 NAG X . -1.02 27.69 29.88
C7 NAG X . -1.70 21.68 32.87
C8 NAG X . -2.27 20.95 34.05
N2 NAG X . -1.93 23.01 32.85
O3 NAG X . 0.66 24.04 32.76
O4 NAG X . 0.89 26.74 32.09
O5 NAG X . -2.20 25.73 30.44
O6 NAG X . -0.51 27.04 28.74
O7 NAG X . -1.07 21.08 32.00
C1 NAG X . 2.09 26.90 31.31
C2 NAG X . 2.74 28.22 31.76
C3 NAG X . 4.03 28.42 30.99
C4 NAG X . 4.95 27.23 31.21
C5 NAG X . 4.22 25.95 30.81
C6 NAG X . 5.01 24.69 31.08
C7 NAG X . 1.28 30.09 32.50
C8 NAG X . 0.34 31.16 31.98
N2 NAG X . 1.82 29.31 31.54
O3 NAG X . 4.62 29.62 31.42
O4 NAG X . 6.09 27.45 30.42
O5 NAG X . 3.00 25.85 31.54
O6 NAG X . 5.01 24.44 32.46
O7 NAG X . 1.48 29.94 33.70
C1 BMA X . 7.28 27.44 31.23
C2 BMA X . 8.47 27.16 30.32
C3 BMA X . 9.76 27.22 31.15
C4 BMA X . 9.86 28.57 31.85
C5 BMA X . 8.61 28.83 32.68
C6 BMA X . 8.60 30.17 33.41
O2 BMA X . 8.47 28.14 29.32
O3 BMA X . 10.82 26.99 30.25
O4 BMA X . 11.04 28.58 32.61
O5 BMA X . 7.45 28.70 31.88
O6 BMA X . 9.91 30.40 33.87
C1 MAN X . 11.78 26.10 30.85
C2 MAN X . 13.08 26.24 30.07
C3 MAN X . 12.88 25.77 28.63
C4 MAN X . 12.33 24.35 28.61
C5 MAN X . 11.06 24.28 29.47
C6 MAN X . 10.57 22.86 29.63
O2 MAN X . 14.04 25.45 30.74
O3 MAN X . 14.12 25.86 27.97
O4 MAN X . 12.07 24.02 27.26
O5 MAN X . 11.32 24.77 30.78
O6 MAN X . 9.41 22.85 30.41
C1 NAG Y . 28.65 -16.86 49.01
C2 NAG Y . 29.47 -18.12 48.78
C3 NAG Y . 30.25 -18.45 50.04
C4 NAG Y . 31.08 -17.25 50.47
C5 NAG Y . 30.16 -16.05 50.68
C6 NAG Y . 30.88 -14.78 51.07
C7 NAG Y . 28.67 -19.96 47.32
C8 NAG Y . 27.61 -21.03 47.26
N2 NAG Y . 28.60 -19.21 48.44
O3 NAG Y . 31.05 -19.58 49.78
O4 NAG Y . 31.76 -17.63 51.65
O5 NAG Y . 29.47 -15.81 49.47
O6 NAG Y . 29.94 -13.76 51.22
O7 NAG Y . 29.48 -19.81 46.44
C1 NAG Z . -2.66 -44.02 28.03
C2 NAG Z . -2.78 -45.55 28.10
C3 NAG Z . -4.18 -45.96 27.71
C4 NAG Z . -5.19 -45.24 28.60
C5 NAG Z . -4.97 -43.72 28.47
C6 NAG Z . -5.89 -42.89 29.33
C7 NAG Z . -0.69 -46.79 27.59
C8 NAG Z . 0.16 -47.31 26.45
N2 NAG Z . -1.81 -46.13 27.21
O3 NAG Z . -4.29 -47.36 27.85
O4 NAG Z . -6.48 -45.63 28.17
O5 NAG Z . -3.64 -43.43 28.83
O6 NAG Z . -5.54 -41.54 29.21
O7 NAG Z . -0.37 -46.97 28.75
C1 NAG AA . -14.94 -32.72 -16.58
C2 NAG AA . -16.02 -31.64 -16.59
C3 NAG AA . -17.38 -32.32 -16.75
C4 NAG AA . -17.37 -33.19 -17.99
C5 NAG AA . -16.23 -34.21 -17.92
C6 NAG AA . -16.09 -35.08 -19.14
C7 NAG AA . -15.99 -29.51 -15.35
C8 NAG AA . -15.91 -28.88 -13.99
N2 NAG AA . -15.96 -30.86 -15.38
O3 NAG AA . -18.37 -31.32 -16.82
O4 NAG AA . -18.64 -33.80 -18.08
O5 NAG AA . -15.01 -33.51 -17.75
O6 NAG AA . -15.01 -35.96 -18.96
O7 NAG AA . -16.05 -28.82 -16.34
C1 NAG BA . 26.97 -38.12 44.03
C2 NAG BA . 27.81 -39.30 44.55
C3 NAG BA . 28.82 -39.75 43.48
C4 NAG BA . 28.11 -39.97 42.15
C5 NAG BA . 27.36 -38.70 41.76
C6 NAG BA . 26.65 -38.83 40.43
C7 NAG BA . 28.17 -39.22 47.07
C8 NAG BA . 26.89 -39.96 47.40
N2 NAG BA . 28.51 -38.98 45.78
O3 NAG BA . 29.45 -40.91 43.94
O4 NAG BA . 29.10 -40.29 41.21
O5 NAG BA . 26.40 -38.41 42.76
O6 NAG BA . 26.76 -37.61 39.72
O7 NAG BA . 28.89 -38.87 47.98
C1 NAG CA . 16.69 -54.92 22.49
C2 NAG CA . 16.48 -54.72 24.00
C3 NAG CA . 17.22 -55.78 24.80
C4 NAG CA . 16.92 -57.17 24.28
C5 NAG CA . 17.19 -57.24 22.78
C6 NAG CA . 16.86 -58.57 22.15
C7 NAG CA . 16.11 -52.37 24.72
C8 NAG CA . 16.82 -51.09 25.04
N2 NAG CA . 16.92 -53.40 24.35
O3 NAG CA . 16.84 -55.64 26.15
O4 NAG CA . 17.74 -58.07 24.99
O5 NAG CA . 16.39 -56.26 22.15
O6 NAG CA . 17.15 -58.51 20.78
O7 NAG CA . 14.89 -52.46 24.80
C1 NAG DA . -5.62 -39.23 18.29
C2 NAG DA . -6.23 -37.88 18.70
C3 NAG DA . -7.72 -38.05 18.92
C4 NAG DA . -8.35 -38.65 17.66
C5 NAG DA . -7.67 -39.98 17.32
C6 NAG DA . -8.15 -40.61 16.04
C7 NAG DA . -4.86 -36.26 20.00
C8 NAG DA . -4.29 -36.01 21.37
N2 NAG DA . -5.57 -37.40 19.89
O3 NAG DA . -8.28 -36.81 19.23
O4 NAG DA . -9.73 -38.81 17.93
O5 NAG DA . -6.28 -39.72 17.16
O6 NAG DA . -7.69 -39.84 14.95
O7 NAG DA . -4.67 -35.47 19.08
C1 NAG EA . 7.21 -40.84 -6.13
C2 NAG EA . 8.47 -41.51 -5.58
C3 NAG EA . 9.62 -40.83 -6.31
C4 NAG EA . 9.43 -41.00 -7.82
C5 NAG EA . 8.00 -40.62 -8.26
C6 NAG EA . 7.70 -40.95 -9.72
C7 NAG EA . 8.63 -42.53 -3.33
C8 NAG EA . 8.82 -42.27 -1.86
N2 NAG EA . 8.65 -41.45 -4.15
O3 NAG EA . 10.84 -41.35 -5.85
O4 NAG EA . 10.37 -40.14 -8.44
O5 NAG EA . 7.06 -41.30 -7.45
O6 NAG EA . 6.39 -40.56 -10.04
O7 NAG EA . 8.44 -43.68 -3.73
C1 NAG FA . 1.75 -32.09 45.26
C2 NAG FA . 0.42 -32.84 45.26
C3 NAG FA . -0.69 -31.88 45.65
C4 NAG FA . -0.37 -31.24 47.00
C5 NAG FA . 0.98 -30.54 46.91
C6 NAG FA . 1.42 -29.91 48.22
C7 NAG FA . 0.24 -34.67 43.61
C8 NAG FA . -0.14 -34.97 42.18
N2 NAG FA . 0.13 -33.38 43.96
O3 NAG FA . -1.89 -32.60 45.69
O4 NAG FA . -1.44 -30.36 47.28
O5 NAG FA . 1.96 -31.49 46.52
O6 NAG FA . 0.48 -28.94 48.59
O7 NAG FA . 0.59 -35.57 44.37
C1 NAG GA . 3.93 -47.35 32.41
C2 NAG GA . 2.98 -46.73 33.44
C3 NAG GA . 3.39 -47.16 34.83
C4 NAG GA . 3.45 -48.68 34.89
C5 NAG GA . 4.41 -49.21 33.81
C6 NAG GA . 4.51 -50.72 33.75
C7 NAG GA . 2.06 -44.52 32.82
C8 NAG GA . 2.41 -43.05 32.77
N2 NAG GA . 3.06 -45.30 33.29
O3 NAG GA . 2.46 -46.65 35.75
O4 NAG GA . 3.85 -49.03 36.20
O5 NAG GA . 3.96 -48.75 32.55
O6 NAG GA . 5.00 -51.19 34.98
O7 NAG GA . 0.98 -44.92 32.46
C1 NAG HA . 4.22 -58.39 15.60
C2 NAG HA . 4.09 -59.66 16.44
C3 NAG HA . 4.67 -60.83 15.67
C4 NAG HA . 4.05 -60.92 14.28
C5 NAG HA . 4.08 -59.56 13.58
C6 NAG HA . 3.32 -59.54 12.26
C7 NAG HA . 4.08 -59.18 18.87
C8 NAG HA . 4.97 -59.09 20.09
N2 NAG HA . 4.72 -59.52 17.73
O3 NAG HA . 4.47 -61.99 16.42
O4 NAG HA . 4.82 -61.86 13.56
O5 NAG HA . 3.50 -58.58 14.41
O6 NAG HA . 4.24 -59.41 11.21
O7 NAG HA . 2.89 -58.94 18.94
C1 NAG IA . 21.88 -47.80 21.04
C2 NAG IA . 22.46 -46.85 22.09
C3 NAG IA . 23.85 -47.32 22.46
C4 NAG IA . 23.77 -48.77 22.94
C5 NAG IA . 23.14 -49.64 21.86
C6 NAG IA . 22.96 -51.09 22.27
C7 NAG IA . 21.60 -44.54 21.89
C8 NAG IA . 21.82 -43.23 21.17
N2 NAG IA . 22.46 -45.52 21.54
O3 NAG IA . 24.36 -46.46 23.45
O4 NAG IA . 25.10 -49.15 23.25
O5 NAG IA . 21.86 -49.12 21.54
O6 NAG IA . 22.43 -51.81 21.18
O7 NAG IA . 20.71 -44.66 22.71
C1 NAG JA . 8.14 -21.95 -27.09
C2 NAG JA . 7.36 -23.20 -27.53
C3 NAG JA . 7.33 -24.09 -26.29
C4 NAG JA . 8.76 -24.49 -25.96
C5 NAG JA . 9.63 -23.24 -25.75
C6 NAG JA . 11.09 -23.56 -25.64
C7 NAG JA . 5.32 -23.85 -28.80
C8 NAG JA . 4.00 -23.38 -29.35
N2 NAG JA . 6.07 -22.95 -28.13
O3 NAG JA . 6.49 -25.21 -26.43
O4 NAG JA . 8.74 -25.26 -24.78
O5 NAG JA . 9.47 -22.35 -26.84
O6 NAG JA . 11.82 -22.35 -25.57
O7 NAG JA . 5.68 -25.01 -28.97
C1 NAG KA . 3.17 -14.54 -38.28
C2 NAG KA . 3.27 -13.32 -39.19
C3 NAG KA . 4.48 -13.42 -40.09
C4 NAG KA . 5.72 -13.65 -39.24
C5 NAG KA . 5.53 -14.94 -38.43
C6 NAG KA . 6.72 -15.25 -37.54
C7 NAG KA . 1.20 -12.13 -39.88
C8 NAG KA . 0.03 -12.20 -40.82
N2 NAG KA . 2.07 -13.15 -39.98
O3 NAG KA . 4.59 -12.25 -40.86
O4 NAG KA . 6.84 -13.72 -40.09
O5 NAG KA . 4.40 -14.79 -37.61
O6 NAG KA . 6.38 -16.29 -36.66
O7 NAG KA . 1.32 -11.19 -39.10
C1 NAG LA . -9.71 -29.10 -37.00
C2 NAG LA . -8.47 -29.77 -36.37
C3 NAG LA . -8.32 -31.25 -36.77
C4 NAG LA . -9.67 -31.96 -36.70
C5 NAG LA . -10.62 -31.21 -37.63
C6 NAG LA . -11.97 -31.87 -37.83
C7 NAG LA . -6.50 -28.34 -35.94
C8 NAG LA . -5.30 -27.72 -36.63
N2 NAG LA . -7.27 -29.07 -36.76
O3 NAG LA . -7.40 -31.85 -35.90
O4 NAG LA . -9.45 -33.31 -37.07
O5 NAG LA . -10.83 -29.94 -37.06
O6 NAG LA . -11.77 -33.12 -38.45
O7 NAG LA . -6.71 -28.19 -34.75
C1 NAG MA . 43.12 -6.04 40.14
C2 NAG MA . 43.98 -4.78 40.23
C3 NAG MA . 45.02 -4.96 41.33
C4 NAG MA . 44.32 -5.31 42.64
C5 NAG MA . 43.50 -6.58 42.43
C6 NAG MA . 42.72 -7.01 43.66
C7 NAG MA . 44.57 -3.46 38.22
C8 NAG MA . 45.39 -3.53 36.96
N2 NAG MA . 44.65 -4.57 38.98
O3 NAG MA . 45.76 -3.78 41.44
O4 NAG MA . 45.34 -5.48 43.61
O5 NAG MA . 42.56 -6.34 41.40
O6 NAG MA . 41.98 -8.17 43.36
O7 NAG MA . 43.92 -2.47 38.50
C1 NAG NA . 52.01 1.65 -4.81
C2 NAG NA . 53.27 2.26 -5.42
C3 NAG NA . 53.36 1.87 -6.88
C4 NAG NA . 53.31 0.34 -7.00
C5 NAG NA . 52.03 -0.17 -6.34
C6 NAG NA . 51.88 -1.68 -6.36
C7 NAG NA . 53.96 4.43 -4.45
C8 NAG NA . 53.68 5.92 -4.50
N2 NAG NA . 53.20 3.70 -5.28
O3 NAG NA . 54.55 2.38 -7.40
O4 NAG NA . 53.36 0.04 -8.38
O5 NAG NA . 52.02 0.25 -5.00
O6 NAG NA . 50.73 -2.03 -5.64
O7 NAG NA . 54.81 3.97 -3.71
C1 NAG OA . 16.04 17.37 -31.78
C2 NAG OA . 15.17 16.20 -32.26
C3 NAG OA . 15.61 15.81 -33.67
C4 NAG OA . 15.55 17.03 -34.57
C5 NAG OA . 16.41 18.16 -33.99
C6 NAG OA . 16.37 19.44 -34.78
C7 NAG OA . 14.22 14.41 -30.86
C8 NAG OA . 14.54 13.28 -29.92
N2 NAG OA . 15.27 15.09 -31.35
O3 NAG OA . 14.76 14.78 -34.13
O4 NAG OA . 15.98 16.62 -35.84
O5 NAG OA . 15.96 18.44 -32.68
O6 NAG OA . 17.19 20.40 -34.16
O7 NAG OA . 13.06 14.67 -31.14
C1 NAG PA . 57.07 6.37 28.67
C2 NAG PA . 58.32 7.10 29.16
C3 NAG PA . 58.04 8.60 29.29
C4 NAG PA . 57.42 9.13 28.02
C5 NAG PA . 56.16 8.32 27.69
C6 NAG PA . 55.46 8.81 26.44
C7 NAG PA . 59.78 5.67 30.68
C8 NAG PA . 60.57 5.05 29.54
N2 NAG PA . 58.81 6.57 30.43
O3 NAG PA . 59.25 9.25 29.59
O4 NAG PA . 57.11 10.49 28.25
O5 NAG PA . 56.53 6.97 27.51
O6 NAG PA . 54.06 8.75 26.63
O7 NAG PA . 60.06 5.35 31.82
C1 NAG QA . 57.44 22.04 4.05
C2 NAG QA . 58.17 20.86 4.69
C3 NAG QA . 59.51 21.29 5.27
C4 NAG QA . 60.31 22.10 4.27
C5 NAG QA . 59.45 23.27 3.75
C6 NAG QA . 60.14 24.11 2.70
C7 NAG QA . 56.75 19.04 5.58
C8 NAG QA . 55.92 18.65 6.78
N2 NAG QA . 57.34 20.25 5.69
O3 NAG QA . 60.21 20.13 5.66
O4 NAG QA . 61.45 22.58 4.94
O5 NAG QA . 58.29 22.73 3.17
O6 NAG QA . 59.27 25.14 2.30
O7 NAG QA . 56.86 18.31 4.62
C1 NAG RA . 42.29 3.79 -10.06
C2 NAG RA . 41.47 2.52 -9.87
C3 NAG RA . 41.73 1.56 -11.02
C4 NAG RA . 41.45 2.27 -12.35
C5 NAG RA . 42.30 3.55 -12.44
C6 NAG RA . 42.03 4.38 -13.67
C7 NAG RA . 40.97 1.73 -7.57
C8 NAG RA . 41.59 1.08 -6.36
N2 NAG RA . 41.81 1.92 -8.61
O3 NAG RA . 40.93 0.43 -10.87
O4 NAG RA . 41.73 1.35 -13.38
O5 NAG RA . 42.01 4.35 -11.32
O6 NAG RA . 40.77 4.98 -13.55
O7 NAG RA . 39.79 2.05 -7.57
C1 NAG SA . 28.91 27.88 -12.05
C2 NAG SA . 29.77 28.61 -11.01
C3 NAG SA . 28.79 29.44 -10.19
C4 NAG SA . 28.02 30.36 -11.13
C5 NAG SA . 27.44 29.61 -12.34
C6 NAG SA . 26.83 30.51 -13.41
C7 NAG SA . 31.95 27.76 -10.19
C8 NAG SA . 32.62 26.80 -9.24
N2 NAG SA . 30.58 27.77 -10.16
O3 NAG SA . 29.50 30.12 -9.19
O4 NAG SA . 26.97 30.91 -10.36
O5 NAG SA . 28.47 28.85 -12.95
O6 NAG SA . 26.31 29.74 -14.47
O7 NAG SA . 32.61 28.45 -10.94
C1 NAG TA . 52.89 -12.45 11.29
C2 NAG TA . 53.49 -12.89 9.95
C3 NAG TA . 52.96 -14.28 9.60
C4 NAG TA . 53.27 -15.26 10.73
C5 NAG TA . 52.65 -14.72 12.02
C6 NAG TA . 52.94 -15.60 13.23
C7 NAG TA . 53.96 -11.07 8.35
C8 NAG TA . 53.34 -10.24 7.26
N2 NAG TA . 53.14 -11.98 8.90
O3 NAG TA . 53.56 -14.68 8.39
O4 NAG TA . 52.73 -16.50 10.33
O5 NAG TA . 53.18 -13.43 12.27
O6 NAG TA . 52.40 -16.87 13.01
O7 NAG TA . 55.13 -10.92 8.67
C1 NAG UA . 57.33 4.41 1.34
C2 NAG UA . 57.45 2.88 1.30
C3 NAG UA . 58.64 2.44 2.13
C4 NAG UA . 59.89 3.17 1.65
C5 NAG UA . 59.66 4.68 1.71
C6 NAG UA . 60.83 5.50 1.21
C7 NAG UA . 55.31 1.66 1.08
C8 NAG UA . 54.11 1.19 1.86
N2 NAG UA . 56.23 2.33 1.81
O3 NAG UA . 58.78 1.05 2.01
O4 NAG UA . 60.95 2.72 2.47
O5 NAG UA . 58.54 5.00 0.92
O6 NAG UA . 61.96 5.25 2.02
O7 NAG UA . 55.41 1.43 -0.12
C1 NAG VA . 56.00 20.62 -10.47
C2 NAG VA . 57.52 20.62 -10.64
C3 NAG VA . 57.98 22.03 -10.96
C4 NAG VA . 57.21 22.58 -12.15
C5 NAG VA . 55.70 22.39 -11.97
C6 NAG VA . 54.90 22.78 -13.20
C7 NAG VA . 58.59 18.84 -9.30
C8 NAG VA . 59.27 18.55 -7.99
N2 NAG VA . 58.18 20.10 -9.47
O3 NAG VA . 59.36 21.98 -11.19
O4 NAG VA . 57.54 23.96 -12.23
O5 NAG VA . 55.42 21.04 -11.68
O6 NAG VA . 54.15 23.94 -12.91
O7 NAG VA . 58.45 17.96 -10.14
C1 NAG WA . 50.91 22.66 10.11
C2 NAG WA . 50.77 21.87 11.42
C3 NAG WA . 51.38 22.70 12.54
C4 NAG WA . 52.82 23.04 12.18
C5 NAG WA . 52.87 23.78 10.84
C6 NAG WA . 54.26 24.10 10.37
C7 NAG WA . 48.81 20.39 11.48
C8 NAG WA . 47.33 20.34 11.79
N2 NAG WA . 49.38 21.59 11.65
O3 NAG WA . 51.30 21.96 13.73
O4 NAG WA . 53.33 23.83 13.25
O5 NAG WA . 52.25 22.96 9.86
O6 NAG WA . 54.18 24.83 9.16
O7 NAG WA . 49.40 19.39 11.11
C1 NAG XA . 1.19 32.76 -14.40
C2 NAG XA . 1.92 33.17 -15.70
C3 NAG XA . 3.38 32.78 -15.45
C4 NAG XA . 3.91 33.63 -14.30
C5 NAG XA . 3.04 33.41 -13.05
C6 NAG XA . 3.36 34.38 -11.94
C7 NAG XA . 1.68 33.07 -18.18
C8 NAG XA . 0.96 32.39 -19.32
N2 NAG XA . 1.36 32.66 -16.93
O3 NAG XA . 4.18 32.91 -16.60
O4 NAG XA . 5.24 33.22 -14.03
O5 NAG XA . 1.67 33.59 -13.37
O6 NAG XA . 2.44 34.19 -10.89
O7 NAG XA . 2.49 33.95 -18.39
C1 NAG YA . -11.48 33.36 -21.02
C2 NAG YA . -13.01 33.41 -20.93
C3 NAG YA . -13.47 34.78 -20.42
C4 NAG YA . -12.76 35.08 -19.11
C5 NAG YA . -11.25 35.07 -19.34
C6 NAG YA . -10.47 35.36 -18.08
C7 NAG YA . -14.38 32.04 -22.48
C8 NAG YA . -14.89 31.97 -23.89
N2 NAG YA . -13.62 33.13 -22.20
O3 NAG YA . -14.86 34.76 -20.28
O4 NAG YA . -13.22 36.33 -18.64
O5 NAG YA . -10.88 33.79 -19.80
O6 NAG YA . -9.11 35.09 -18.31
O7 NAG YA . -14.64 31.17 -21.67
C1 NAG ZA . 0.85 31.81 -36.02
C2 NAG ZA . 1.78 32.48 -34.97
C3 NAG ZA . 2.71 33.53 -35.58
C4 NAG ZA . 3.31 33.02 -36.88
C5 NAG ZA . 2.15 32.69 -37.81
C6 NAG ZA . 2.55 32.32 -39.23
C7 NAG ZA . 0.90 32.70 -32.66
C8 NAG ZA . -0.01 33.56 -31.81
N2 NAG ZA . 0.98 33.11 -33.95
O3 NAG ZA . 3.72 33.82 -34.64
O4 NAG ZA . 4.16 34.05 -37.37
O5 NAG ZA . 1.49 31.58 -37.25
O6 NAG ZA . 3.18 33.44 -39.82
O7 NAG ZA . 1.50 31.73 -32.21
C1 NAG AB . 29.19 3.12 51.43
C2 NAG AB . 28.25 2.98 52.62
C3 NAG AB . 29.06 2.98 53.91
C4 NAG AB . 30.12 1.90 53.85
C5 NAG AB . 31.01 2.13 52.62
C6 NAG AB . 32.09 1.09 52.43
C7 NAG AB . 25.99 3.99 52.61
C8 NAG AB . 25.29 5.31 52.64
N2 NAG AB . 27.32 4.07 52.63
O3 NAG AB . 28.18 2.79 54.99
O4 NAG AB . 30.85 1.97 55.06
O5 NAG AB . 30.19 2.13 51.48
O6 NAG AB . 32.83 1.41 51.28
O7 NAG AB . 25.37 2.94 52.59
C1 NAG BB . -4.02 33.50 39.91
C2 NAG BB . -4.88 34.35 40.85
C3 NAG BB . -5.43 35.54 40.08
C4 NAG BB . -4.29 36.31 39.43
C5 NAG BB . -3.49 35.36 38.53
C6 NAG BB . -2.30 36.01 37.86
C7 NAG BB . -6.02 33.10 42.65
C8 NAG BB . -7.23 32.26 42.95
N2 NAG BB . -5.93 33.53 41.38
O3 NAG BB . -6.16 36.33 40.97
O4 NAG BB . -4.88 37.37 38.70
O5 NAG BB . -3.01 34.30 39.31
O6 NAG BB . -1.59 35.02 37.14
O7 NAG BB . -5.20 33.36 43.52
C1 NAG CB . -32.96 21.61 4.01
C2 NAG CB . -32.33 21.94 2.66
C3 NAG CB . -32.86 23.29 2.19
C4 NAG CB . -34.38 23.24 2.16
C5 NAG CB . -34.92 22.86 3.53
C6 NAG CB . -36.42 22.72 3.59
C7 NAG CB . -30.05 21.34 1.90
C8 NAG CB . -28.58 21.47 2.19
N2 NAG CB . -30.89 21.96 2.77
O3 NAG CB . -32.32 23.58 0.93
O4 NAG CB . -34.81 24.52 1.74
O5 NAG CB . -34.37 21.61 3.90
O6 NAG CB . -36.80 22.35 4.89
O7 NAG CB . -30.43 20.70 0.94
C1 NAG DB . 12.44 12.86 61.63
C2 NAG DB . 12.14 12.94 63.15
C3 NAG DB . 11.03 11.98 63.53
C4 NAG DB . 9.84 12.15 62.61
C5 NAG DB . 10.28 12.00 61.16
C6 NAG DB . 9.13 12.15 60.18
C7 NAG DB . 14.22 13.54 64.51
C8 NAG DB . 14.03 15.04 64.37
N2 NAG DB . 13.33 12.68 63.95
O3 NAG DB . 10.70 12.20 64.87
O4 NAG DB . 8.89 11.17 62.97
O5 NAG DB . 11.25 12.99 60.87
O6 NAG DB . 9.30 11.23 59.13
O7 NAG DB . 15.16 13.13 65.16
C1 NAG EB . -14.91 21.29 55.91
C2 NAG EB . -13.59 21.89 56.37
C3 NAG EB . -13.57 22.12 57.88
C4 NAG EB . -14.83 22.85 58.34
C5 NAG EB . -16.07 22.10 57.82
C6 NAG EB . -17.37 22.78 58.18
C7 NAG EB . -11.60 21.34 54.99
C8 NAG EB . -10.57 20.27 54.75
N2 NAG EB . -12.51 21.04 55.95
O3 NAG EB . -12.41 22.84 58.20
O4 NAG EB . -14.80 22.86 59.74
O5 NAG EB . -15.99 22.04 56.42
O6 NAG EB . -18.44 22.02 57.66
O7 NAG EB . -11.60 22.37 54.35
C1 NAG FB . -8.93 30.00 30.41
C2 NAG FB . -7.81 29.99 29.38
C3 NAG FB . -7.74 31.34 28.69
C4 NAG FB . -9.11 31.68 28.09
C5 NAG FB . -10.17 31.64 29.19
C6 NAG FB . -11.58 31.86 28.69
C7 NAG FB . -5.79 28.60 29.79
C8 NAG FB . -4.54 28.52 30.63
N2 NAG FB . -6.56 29.67 30.03
O3 NAG FB . -6.74 31.30 27.70
O4 NAG FB . -8.99 32.95 27.50
O5 NAG FB . -10.13 30.36 29.79
O6 NAG FB . -11.99 30.73 27.96
O7 NAG FB . -6.05 27.73 28.96
C1 NAG GB . -29.39 11.65 27.54
C2 NAG GB . -29.34 11.15 28.98
C3 NAG GB . -29.52 9.64 28.90
C4 NAG GB . -30.82 9.34 28.17
C5 NAG GB . -30.96 10.12 26.85
C6 NAG GB . -32.32 10.00 26.19
C7 NAG GB . -28.17 12.34 30.81
C8 NAG GB . -26.82 12.60 31.46
N2 NAG GB . -28.16 11.51 29.73
O3 NAG GB . -29.45 9.11 30.19
O4 NAG GB . -30.80 7.95 27.90
O5 NAG GB . -30.72 11.50 27.11
O6 NAG GB . -32.36 10.74 24.99
O7 NAG GB . -29.17 12.90 31.24
C1 NAG HB . 16.95 30.52 43.15
C2 NAG HB . 16.50 31.94 42.83
C3 NAG HB . 17.38 32.51 41.73
C4 NAG HB . 18.84 32.44 42.16
C5 NAG HB . 19.19 31.00 42.48
C6 NAG HB . 20.62 30.82 42.97
C7 NAG HB . 14.07 32.38 43.11
C8 NAG HB . 12.74 32.29 42.39
N2 NAG HB . 15.12 31.96 42.38
O3 NAG HB . 16.97 33.83 41.49
O4 NAG HB . 19.59 32.98 41.09
O5 NAG HB . 18.31 30.53 43.50
O6 NAG HB . 21.50 31.24 41.96
O7 NAG HB . 14.15 32.80 44.25
C1 NAG IB . -2.48 31.43 48.10
C2 NAG IB . -1.29 32.27 47.62
C3 NAG IB . -0.43 32.66 48.81
C4 NAG IB . -1.30 33.37 49.84
C5 NAG IB . -2.47 32.46 50.24
C6 NAG IB . -3.43 33.09 51.24
C7 NAG IB . -0.46 31.72 45.36
C8 NAG IB . 0.38 30.71 44.60
N2 NAG IB . -0.55 31.47 46.68
O3 NAG IB . 0.60 33.49 48.36
O4 NAG IB . -0.46 33.70 50.93
O5 NAG IB . -3.21 32.14 49.08
O6 NAG IB . -2.73 33.37 52.43
O7 NAG IB . -1.00 32.65 44.79
C1 NAG JB . -22.55 30.39 47.31
C2 NAG JB . -22.64 31.41 48.45
C3 NAG JB . -23.96 31.22 49.18
C4 NAG JB . -25.13 31.24 48.20
C5 NAG JB . -24.87 30.32 47.00
C6 NAG JB . -25.92 30.44 45.92
C7 NAG JB . -20.41 32.06 49.29
C8 NAG JB . -19.38 31.77 50.36
N2 NAG JB . -21.52 31.31 49.35
O3 NAG JB . -24.06 32.22 50.16
O4 NAG JB . -26.26 30.83 48.92
O5 NAG JB . -23.62 30.62 46.43
O6 NAG JB . -26.67 29.26 45.88
O7 NAG JB . -20.21 32.93 48.45
C1 NAG KB . -11.78 13.20 53.80
C2 NAG KB . -10.36 12.66 54.03
C3 NAG KB . -10.34 11.91 55.35
C4 NAG KB . -10.83 12.84 56.46
C5 NAG KB . -12.22 13.37 56.12
C6 NAG KB . -12.76 14.36 57.13
C7 NAG KB . -9.15 12.15 51.95
C8 NAG KB . -8.93 11.10 50.89
N2 NAG KB . -10.00 11.82 52.92
O3 NAG KB . -9.03 11.46 55.58
O4 NAG KB . -10.81 12.08 57.65
O5 NAG KB . -12.17 14.03 54.86
O6 NAG KB . -14.07 14.73 56.76
O7 NAG KB . -8.57 13.23 51.88
C1 NAG LB . -34.81 -5.82 6.03
C2 NAG LB . -35.92 -4.76 6.14
C3 NAG LB . -35.45 -3.85 7.28
C4 NAG LB . -35.43 -4.67 8.57
C5 NAG LB . -34.51 -5.89 8.39
C6 NAG LB . -34.61 -6.87 9.53
C7 NAG LB . -37.34 -3.28 4.73
C8 NAG LB . -37.49 -2.65 3.36
N2 NAG LB . -36.25 -4.06 4.92
O3 NAG LB . -36.25 -2.70 7.42
O4 NAG LB . -34.95 -3.86 9.61
O5 NAG LB . -34.85 -6.59 7.21
O6 NAG LB . -33.83 -8.00 9.22
O7 NAG LB . -38.17 -3.07 5.60
C1 NAG MB . -39.33 -9.49 -7.04
C2 NAG MB . -39.32 -10.49 -8.21
C3 NAG MB . -40.11 -11.74 -7.83
C4 NAG MB . -39.55 -12.30 -6.54
C5 NAG MB . -39.68 -11.25 -5.44
C6 NAG MB . -39.15 -11.72 -4.11
C7 NAG MB . -39.17 -9.67 -10.54
C8 NAG MB . -39.97 -9.03 -11.65
N2 NAG MB . -39.86 -9.90 -9.41
O3 NAG MB . -40.01 -12.66 -8.89
O4 NAG MB . -40.27 -13.48 -6.23
O5 NAG MB . -38.94 -10.11 -5.83
O6 NAG MB . -39.07 -10.62 -3.23
O7 NAG MB . -37.98 -9.92 -10.69
C1 NAG NB . -47.10 8.25 -4.90
C2 NAG NB . -47.00 7.80 -3.42
C3 NAG NB . -48.20 8.26 -2.58
C4 NAG NB . -48.57 9.69 -2.90
C5 NAG NB . -48.87 9.76 -4.40
C6 NAG NB . -49.44 11.07 -4.89
C7 NAG NB . -45.78 5.71 -2.94
C8 NAG NB . -45.95 4.20 -2.94
N2 NAG NB . -46.88 6.37 -3.33
O3 NAG NB . -47.85 8.12 -1.22
O4 NAG NB . -49.67 10.02 -2.09
O5 NAG NB . -47.65 9.53 -5.06
O6 NAG NB . -50.68 11.30 -4.26
O7 NAG NB . -44.73 6.24 -2.60
#